data_8X27
#
_entry.id   8X27
#
_cell.length_a   72.826
_cell.length_b   263.929
_cell.length_c   131.199
_cell.angle_alpha   90.000
_cell.angle_beta   101.080
_cell.angle_gamma   90.000
#
_symmetry.space_group_name_H-M   'P 1 21 1'
#
loop_
_entity.id
_entity.type
_entity.pdbx_description
1 polymer Hemagglutinin
2 branched 'N-acetyl-alpha-neuraminic acid-(2-6)-beta-D-galactopyranose-(1-4)-2-acetamido-2-deoxy-beta-D-glucopyranose'
3 branched 'N-acetyl-alpha-neuraminic acid-(2-6)-beta-D-galactopyranose-(1-4)-2-acetamido-2-deoxy-beta-D-glucopyranose-(1-3)-beta-D-galactopyranose'
4 branched 'N-acetyl-alpha-neuraminic acid-(2-6)-beta-D-galactopyranose-(1-3)-2-acetamido-2-deoxy-beta-D-glucopyranose-(1-3)-beta-D-galactopyranose'
5 branched 2-acetamido-2-deoxy-beta-D-glucopyranose-(1-4)-2-acetamido-2-deoxy-beta-D-glucopyranose
6 non-polymer 2-acetamido-2-deoxy-beta-D-glucopyranose
#
_entity_poly.entity_id   1
_entity_poly.type   'polypeptide(L)'
_entity_poly.pdbx_seq_one_letter_code
;DQICIGYHANNSTEQVDTIMEKNVTVTHAQDILEKTHNGKLCDLNGVKPLILKDCSVAGWLLGNPMCDEFIRVPEWSYIV
ERANPANDLCYPGSLNDYEELKHLLSRINHFEKILIIPKSSWPNHETSLGVSAACPYQGAPSFFRNVVWLIKKNDAYPTI
KISYNNTNREDLLILWGIHHSNNAEEQTNLYKNPTTYISVGTSTLNQRLVPKIATRSQVNGQRGRMDFFWTILKPDDAIH
FESNGNFIAPEYAYKIVKKGDSTIMKSGVEYGHCNTKCQTPVGAINSSMPFHNIHPLTIGECPKYVKSNKLVLATGLRNS
PLREKRRKRGLFGAIAGFIEGGWQGMVDGWYGYHHSNEQGSGYAADKESTQKAIDGVTNKVNSIIDKMNTQFEAVGREFN
NLERRIENLNKKMEDGFLDVWTYNAELLVLMENERTLDFHDSNVKNLYDKVRLQLRDNAKELGNGCFEFYHKCDNECMES
VRNGTYDYPQYSEEARLKREEISGVK
;
_entity_poly.pdbx_strand_id   A,C,D,B,E,F
#
# COMPACT_ATOMS: atom_id res chain seq x y z
N ASP A 1 -35.32 -67.96 -50.43
CA ASP A 1 -35.46 -68.41 -49.05
C ASP A 1 -35.13 -67.30 -48.04
N GLN A 2 -34.46 -66.23 -48.50
CA GLN A 2 -34.01 -65.16 -47.62
C GLN A 2 -34.23 -63.79 -48.23
N ILE A 3 -34.62 -62.83 -47.37
CA ILE A 3 -34.68 -61.40 -47.65
C ILE A 3 -33.79 -60.70 -46.62
N CYS A 4 -33.08 -59.67 -47.06
CA CYS A 4 -32.13 -58.95 -46.21
C CYS A 4 -32.36 -57.45 -46.30
N ILE A 5 -32.06 -56.76 -45.20
CA ILE A 5 -32.13 -55.30 -45.12
C ILE A 5 -30.71 -54.77 -45.00
N GLY A 6 -30.29 -53.94 -45.95
CA GLY A 6 -28.93 -53.47 -46.03
C GLY A 6 -28.87 -52.04 -46.50
N TYR A 7 -27.65 -51.50 -46.54
CA TYR A 7 -27.43 -50.10 -46.92
C TYR A 7 -26.43 -50.01 -48.07
N HIS A 8 -26.31 -48.79 -48.61
CA HIS A 8 -25.54 -48.51 -49.81
C HIS A 8 -24.03 -48.54 -49.51
N ALA A 9 -23.26 -48.81 -50.57
CA ALA A 9 -21.81 -48.72 -50.52
C ALA A 9 -21.33 -48.24 -51.89
N ASN A 10 -20.28 -47.43 -51.89
CA ASN A 10 -19.73 -46.87 -53.13
C ASN A 10 -18.22 -47.07 -53.12
N ASN A 11 -17.52 -46.30 -53.96
CA ASN A 11 -16.06 -46.39 -54.07
C ASN A 11 -15.39 -45.14 -53.52
N SER A 12 -16.10 -44.37 -52.69
CA SER A 12 -15.57 -43.14 -52.13
C SER A 12 -14.38 -43.41 -51.24
N THR A 13 -13.38 -42.56 -51.36
CA THR A 13 -12.21 -42.63 -50.51
C THR A 13 -12.22 -41.56 -49.43
N GLU A 14 -13.31 -40.78 -49.34
CA GLU A 14 -13.40 -39.68 -48.40
C GLU A 14 -13.66 -40.20 -46.98
N GLN A 15 -12.81 -39.80 -46.06
CA GLN A 15 -12.94 -40.06 -44.62
C GLN A 15 -13.37 -38.79 -43.91
N VAL A 16 -14.21 -38.95 -42.88
CA VAL A 16 -14.54 -37.90 -41.92
C VAL A 16 -14.26 -38.43 -40.52
N ASP A 17 -13.98 -37.51 -39.60
CA ASP A 17 -13.82 -37.85 -38.19
C ASP A 17 -15.07 -37.48 -37.41
N THR A 18 -15.21 -38.10 -36.24
CA THR A 18 -16.35 -37.89 -35.37
C THR A 18 -15.85 -37.74 -33.94
N ILE A 19 -16.78 -37.49 -33.03
CA ILE A 19 -16.36 -37.21 -31.67
C ILE A 19 -15.80 -38.47 -31.02
N MET A 20 -16.29 -39.65 -31.44
CA MET A 20 -15.85 -40.91 -30.85
C MET A 20 -15.07 -41.78 -31.81
N GLU A 21 -14.93 -41.37 -33.07
CA GLU A 21 -14.35 -42.24 -34.09
C GLU A 21 -13.62 -41.38 -35.10
N LYS A 22 -12.43 -41.80 -35.48
CA LYS A 22 -11.59 -41.01 -36.36
C LYS A 22 -11.37 -41.80 -37.65
N ASN A 23 -11.18 -41.07 -38.74
CA ASN A 23 -10.93 -41.62 -40.08
C ASN A 23 -11.99 -42.66 -40.46
N VAL A 24 -13.23 -42.20 -40.53
CA VAL A 24 -14.38 -43.02 -40.92
C VAL A 24 -14.68 -42.77 -42.39
N THR A 25 -14.34 -43.74 -43.25
CA THR A 25 -14.62 -43.59 -44.67
C THR A 25 -16.13 -43.62 -44.92
N VAL A 26 -16.63 -42.60 -45.61
CA VAL A 26 -18.06 -42.43 -45.82
C VAL A 26 -18.31 -42.42 -47.33
N THR A 27 -19.60 -42.41 -47.70
CA THR A 27 -20.02 -42.46 -49.10
C THR A 27 -20.14 -41.06 -49.70
N HIS A 28 -20.71 -40.11 -48.95
CA HIS A 28 -20.89 -38.75 -49.42
C HIS A 28 -20.53 -37.78 -48.31
N ALA A 29 -20.00 -36.64 -48.71
CA ALA A 29 -19.54 -35.67 -47.72
C ALA A 29 -19.57 -34.27 -48.33
N GLN A 30 -19.43 -33.27 -47.47
CA GLN A 30 -19.39 -31.89 -47.91
C GLN A 30 -18.42 -31.12 -46.99
N ASP A 31 -17.41 -30.48 -47.58
CA ASP A 31 -16.52 -29.60 -46.83
C ASP A 31 -17.13 -28.21 -46.74
N ILE A 32 -17.36 -27.74 -45.52
CA ILE A 32 -17.94 -26.43 -45.31
C ILE A 32 -16.87 -25.36 -45.08
N LEU A 33 -15.66 -25.60 -45.54
CA LEU A 33 -14.56 -24.66 -45.43
C LEU A 33 -14.07 -24.28 -46.81
N GLU A 34 -14.12 -22.98 -47.12
CA GLU A 34 -13.63 -22.46 -48.41
C GLU A 34 -12.13 -22.21 -48.34
N LYS A 35 -11.41 -22.63 -49.39
CA LYS A 35 -9.97 -22.57 -49.45
C LYS A 35 -9.43 -21.98 -50.76
N THR A 36 -10.30 -21.57 -51.69
CA THR A 36 -9.92 -21.16 -53.03
C THR A 36 -10.28 -19.70 -53.28
N HIS A 37 -9.39 -18.98 -53.98
CA HIS A 37 -9.54 -17.56 -54.25
C HIS A 37 -9.02 -17.28 -55.66
N ASN A 38 -9.62 -16.29 -56.32
CA ASN A 38 -9.25 -16.09 -57.72
C ASN A 38 -7.88 -15.45 -57.92
N GLY A 39 -7.25 -14.95 -56.85
CA GLY A 39 -5.92 -14.42 -57.01
C GLY A 39 -5.86 -13.03 -57.58
N LYS A 40 -6.99 -12.32 -57.61
CA LYS A 40 -7.02 -10.96 -58.13
C LYS A 40 -7.74 -10.05 -57.14
N LEU A 41 -7.38 -8.77 -57.15
CA LEU A 41 -8.16 -7.75 -56.46
C LEU A 41 -9.37 -7.38 -57.29
N CYS A 42 -10.57 -7.48 -56.73
CA CYS A 42 -11.81 -7.28 -57.49
C CYS A 42 -12.65 -6.12 -56.96
N ASP A 43 -13.65 -5.73 -57.73
CA ASP A 43 -14.58 -4.72 -57.23
C ASP A 43 -15.37 -5.28 -56.07
N LEU A 44 -15.80 -4.39 -55.21
CA LEU A 44 -16.58 -4.76 -54.04
C LEU A 44 -18.00 -4.27 -54.24
N ASN A 45 -18.94 -5.19 -54.49
CA ASN A 45 -20.35 -4.82 -54.70
C ASN A 45 -20.50 -3.80 -55.82
N GLY A 46 -19.72 -3.96 -56.87
CA GLY A 46 -19.88 -3.11 -58.03
C GLY A 46 -19.13 -1.81 -57.96
N VAL A 47 -18.32 -1.59 -56.94
CA VAL A 47 -17.51 -0.39 -56.77
C VAL A 47 -16.03 -0.74 -56.86
N LYS A 48 -15.31 0.04 -57.62
CA LYS A 48 -13.93 -0.24 -57.89
C LYS A 48 -13.09 0.13 -56.68
N PRO A 49 -11.99 -0.57 -56.44
CA PRO A 49 -11.04 -0.14 -55.41
C PRO A 49 -10.24 1.05 -55.94
N LEU A 50 -9.57 1.73 -55.03
CA LEU A 50 -8.65 2.81 -55.38
C LEU A 50 -7.24 2.24 -55.25
N ILE A 51 -6.63 1.85 -56.37
CA ILE A 51 -5.33 1.16 -56.37
C ILE A 51 -4.24 2.21 -56.54
N LEU A 52 -3.87 2.85 -55.44
CA LEU A 52 -2.61 3.60 -55.40
C LEU A 52 -1.44 2.62 -55.63
N LYS A 53 -0.55 2.94 -56.54
CA LYS A 53 0.54 2.02 -56.84
C LYS A 53 1.86 2.68 -56.49
N ASP A 54 2.55 2.14 -55.49
CA ASP A 54 3.82 2.74 -55.04
C ASP A 54 3.64 4.18 -54.59
N CYS A 55 2.42 4.59 -54.26
CA CYS A 55 2.15 5.93 -53.73
C CYS A 55 1.35 5.78 -52.46
N SER A 56 1.56 6.71 -51.56
CA SER A 56 0.86 6.70 -50.30
C SER A 56 -0.45 7.50 -50.43
N VAL A 57 -1.25 7.48 -49.36
CA VAL A 57 -2.45 8.30 -49.40
C VAL A 57 -2.07 9.77 -49.29
N ALA A 58 -0.91 10.05 -48.69
CA ALA A 58 -0.49 11.44 -48.55
C ALA A 58 0.12 11.95 -49.85
N GLY A 59 0.96 11.14 -50.50
CA GLY A 59 1.47 11.52 -51.80
C GLY A 59 0.38 11.80 -52.81
N TRP A 60 -0.61 10.90 -52.88
CA TRP A 60 -1.69 11.08 -53.85
C TRP A 60 -2.47 12.34 -53.50
N LEU A 61 -2.78 12.51 -52.22
CA LEU A 61 -3.60 13.61 -51.75
C LEU A 61 -2.88 14.94 -51.90
N LEU A 62 -1.62 14.99 -51.48
CA LEU A 62 -0.99 16.28 -51.57
C LEU A 62 -0.43 16.54 -52.95
N GLY A 63 -0.39 15.55 -53.84
CA GLY A 63 0.03 15.86 -55.19
C GLY A 63 1.51 15.68 -55.47
N ASN A 64 2.08 14.61 -54.92
CA ASN A 64 3.47 14.29 -55.15
C ASN A 64 3.75 14.24 -56.66
N PRO A 65 4.67 15.06 -57.17
CA PRO A 65 5.03 14.95 -58.61
C PRO A 65 5.29 13.54 -59.09
N MET A 66 5.88 12.68 -58.25
CA MET A 66 6.24 11.35 -58.74
C MET A 66 5.05 10.41 -58.82
N CYS A 67 3.99 10.72 -58.08
CA CYS A 67 2.78 9.91 -58.13
C CYS A 67 2.18 9.92 -59.54
N ASP A 68 1.84 8.73 -60.06
CA ASP A 68 1.70 8.55 -61.52
C ASP A 68 0.58 9.38 -62.14
N GLU A 69 -0.54 9.53 -61.43
CA GLU A 69 -1.71 10.16 -62.01
C GLU A 69 -2.36 11.03 -60.95
N PHE A 70 -3.08 12.07 -61.41
CA PHE A 70 -3.92 12.88 -60.55
C PHE A 70 -5.19 12.11 -60.24
N ILE A 71 -6.18 12.80 -59.65
CA ILE A 71 -7.40 12.13 -59.25
C ILE A 71 -8.12 11.55 -60.47
N ARG A 72 -8.42 10.26 -60.41
CA ARG A 72 -9.00 9.56 -61.54
C ARG A 72 -10.23 8.74 -61.18
N VAL A 73 -10.39 8.32 -59.94
CA VAL A 73 -11.50 7.50 -59.50
C VAL A 73 -12.45 8.42 -58.71
N PRO A 74 -13.72 8.54 -59.12
CA PRO A 74 -14.67 9.44 -58.46
C PRO A 74 -15.32 8.83 -57.23
N GLU A 75 -15.36 7.49 -57.17
CA GLU A 75 -15.84 6.70 -56.04
C GLU A 75 -15.02 5.43 -55.91
N TRP A 76 -14.75 5.01 -54.67
CA TRP A 76 -14.09 3.74 -54.41
C TRP A 76 -14.74 3.04 -53.23
N SER A 77 -14.45 1.75 -53.10
CA SER A 77 -14.94 0.89 -52.02
C SER A 77 -13.87 0.57 -51.00
N TYR A 78 -12.63 0.43 -51.44
CA TYR A 78 -11.50 0.30 -50.54
C TYR A 78 -10.29 0.86 -51.25
N ILE A 79 -9.26 1.16 -50.46
CA ILE A 79 -7.96 1.61 -50.95
C ILE A 79 -6.99 0.42 -50.92
N VAL A 80 -6.07 0.39 -51.89
CA VAL A 80 -4.97 -0.57 -51.98
C VAL A 80 -3.65 0.21 -52.03
N GLU A 81 -2.90 0.12 -50.94
CA GLU A 81 -1.54 0.62 -50.84
C GLU A 81 -0.59 -0.56 -50.89
N ARG A 82 0.60 -0.30 -51.40
CA ARG A 82 1.67 -1.29 -51.27
C ARG A 82 2.20 -1.19 -49.84
N ALA A 83 2.78 -2.30 -49.36
CA ALA A 83 3.27 -2.35 -47.99
C ALA A 83 4.14 -1.14 -47.66
N ASN A 84 5.14 -0.89 -48.50
CA ASN A 84 6.03 0.26 -48.30
C ASN A 84 5.99 1.15 -49.55
N PRO A 85 5.03 2.06 -49.65
CA PRO A 85 4.93 2.89 -50.85
C PRO A 85 6.21 3.65 -51.05
N ALA A 86 6.65 3.72 -52.31
CA ALA A 86 7.93 4.33 -52.63
C ALA A 86 7.90 5.84 -52.58
N ASN A 87 6.74 6.45 -52.81
CA ASN A 87 6.67 7.91 -53.02
C ASN A 87 6.36 8.72 -51.78
N ASP A 88 5.09 8.69 -51.31
CA ASP A 88 4.74 9.30 -50.00
C ASP A 88 5.06 10.80 -49.99
N LEU A 89 5.86 11.29 -49.06
CA LEU A 89 6.08 12.72 -48.90
C LEU A 89 7.47 13.06 -49.40
N CYS A 90 7.59 13.40 -50.69
CA CYS A 90 8.93 13.57 -51.28
C CYS A 90 9.77 14.56 -50.48
N TYR A 91 9.16 15.64 -50.04
CA TYR A 91 9.86 16.49 -49.06
C TYR A 91 9.59 15.92 -47.68
N PRO A 92 10.59 15.90 -46.82
CA PRO A 92 10.43 15.24 -45.52
C PRO A 92 9.47 16.00 -44.63
N GLY A 93 8.76 15.27 -43.79
CA GLY A 93 7.86 15.90 -42.83
C GLY A 93 6.85 14.90 -42.30
N SER A 94 5.61 15.36 -42.20
CA SER A 94 4.55 14.55 -41.61
C SER A 94 3.20 15.14 -42.01
N LEU A 95 2.17 14.35 -41.79
CA LEU A 95 0.80 14.78 -42.03
C LEU A 95 -0.04 14.46 -40.81
N ASN A 96 -0.61 15.48 -40.19
CA ASN A 96 -1.32 15.28 -38.93
C ASN A 96 -2.47 14.31 -39.07
N ASP A 97 -2.64 13.49 -38.04
CA ASP A 97 -3.77 12.56 -37.99
C ASP A 97 -3.89 11.79 -39.29
N TYR A 98 -2.75 11.30 -39.78
CA TYR A 98 -2.73 10.63 -41.07
C TYR A 98 -3.56 9.34 -41.05
N GLU A 99 -3.53 8.61 -39.94
CA GLU A 99 -4.26 7.35 -39.90
C GLU A 99 -5.77 7.56 -39.78
N GLU A 100 -6.19 8.65 -39.11
CA GLU A 100 -7.60 9.02 -39.13
C GLU A 100 -8.02 9.54 -40.50
N LEU A 101 -7.12 10.24 -41.20
CA LEU A 101 -7.45 10.62 -42.57
C LEU A 101 -7.59 9.41 -43.47
N LYS A 102 -6.69 8.45 -43.35
CA LYS A 102 -6.78 7.26 -44.18
C LYS A 102 -8.05 6.48 -43.87
N HIS A 103 -8.58 6.59 -42.64
CA HIS A 103 -9.84 5.89 -42.36
C HIS A 103 -11.01 6.55 -43.05
N LEU A 104 -11.11 7.86 -42.92
CA LEU A 104 -12.18 8.59 -43.58
C LEU A 104 -12.15 8.31 -45.07
N LEU A 105 -10.96 8.40 -45.69
CA LEU A 105 -10.80 8.29 -47.13
C LEU A 105 -10.92 6.89 -47.64
N SER A 106 -11.04 5.91 -46.74
CA SER A 106 -11.05 4.51 -47.13
C SER A 106 -12.23 4.17 -48.02
N ARG A 107 -13.43 4.69 -47.72
CA ARG A 107 -14.58 4.47 -48.59
C ARG A 107 -15.32 5.79 -48.81
N ILE A 108 -15.24 6.32 -50.02
CA ILE A 108 -15.76 7.64 -50.34
C ILE A 108 -16.76 7.54 -51.48
N ASN A 109 -17.94 8.16 -51.30
CA ASN A 109 -18.96 8.09 -52.33
C ASN A 109 -18.67 9.07 -53.45
N HIS A 110 -18.27 10.30 -53.11
CA HIS A 110 -17.97 11.32 -54.11
C HIS A 110 -16.68 12.00 -53.74
N PHE A 111 -15.83 12.22 -54.72
CA PHE A 111 -14.52 12.82 -54.56
C PHE A 111 -14.22 13.60 -55.83
N GLU A 112 -13.89 14.87 -55.68
CA GLU A 112 -13.61 15.74 -56.81
C GLU A 112 -12.65 16.83 -56.38
N LYS A 113 -11.51 16.91 -57.05
CA LYS A 113 -10.56 17.97 -56.76
C LYS A 113 -11.10 19.25 -57.38
N ILE A 114 -11.03 20.37 -56.63
CA ILE A 114 -11.44 21.68 -57.12
C ILE A 114 -10.40 22.73 -56.73
N LEU A 115 -10.25 23.74 -57.57
CA LEU A 115 -9.30 24.82 -57.34
C LEU A 115 -9.95 25.89 -56.45
N ILE A 116 -9.51 25.98 -55.20
CA ILE A 116 -10.15 26.91 -54.27
C ILE A 116 -9.39 28.22 -54.15
N ILE A 117 -8.06 28.20 -54.05
CA ILE A 117 -7.28 29.42 -53.97
C ILE A 117 -6.31 29.47 -55.16
N PRO A 118 -6.68 30.16 -56.25
CA PRO A 118 -5.82 30.26 -57.43
C PRO A 118 -4.56 31.06 -57.14
N LYS A 119 -3.52 30.80 -57.95
CA LYS A 119 -2.25 31.51 -57.80
C LYS A 119 -2.40 33.00 -58.08
N SER A 120 -3.47 33.39 -58.76
CA SER A 120 -3.75 34.79 -58.99
C SER A 120 -4.03 35.54 -57.72
N SER A 121 -4.18 34.84 -56.62
CA SER A 121 -4.58 35.41 -55.35
C SER A 121 -3.40 35.80 -54.48
N TRP A 122 -2.18 35.66 -54.98
CA TRP A 122 -0.98 35.90 -54.20
C TRP A 122 -0.10 36.92 -54.92
N PRO A 123 -0.60 38.14 -55.06
CA PRO A 123 0.09 39.11 -55.92
C PRO A 123 1.42 39.56 -55.36
N ASN A 124 1.51 39.73 -54.04
CA ASN A 124 2.70 40.24 -53.39
C ASN A 124 3.58 39.12 -52.84
N HIS A 125 3.49 37.92 -53.40
CA HIS A 125 4.32 36.78 -53.05
C HIS A 125 4.75 36.06 -54.31
N GLU A 126 5.78 35.22 -54.19
CA GLU A 126 6.30 34.48 -55.32
C GLU A 126 5.85 33.02 -55.24
N THR A 127 5.02 32.61 -56.18
CA THR A 127 4.47 31.27 -56.25
C THR A 127 5.25 30.32 -57.18
N SER A 128 6.34 30.80 -57.78
CA SER A 128 7.12 30.04 -58.75
C SER A 128 8.44 29.50 -58.20
N LEU A 129 8.93 29.98 -57.07
CA LEU A 129 10.23 29.54 -56.58
C LEU A 129 10.12 28.42 -55.58
N GLY A 130 8.88 28.07 -55.20
CA GLY A 130 8.62 27.03 -54.23
C GLY A 130 8.80 25.60 -54.72
N VAL A 131 10.05 25.24 -55.06
CA VAL A 131 10.41 23.91 -55.52
C VAL A 131 11.59 23.41 -54.71
N SER A 132 11.86 22.12 -54.88
CA SER A 132 12.88 21.38 -54.13
C SER A 132 13.38 20.22 -54.96
N ALA A 133 14.65 19.85 -54.76
CA ALA A 133 15.15 18.69 -55.48
C ALA A 133 14.59 17.39 -54.92
N ALA A 134 14.11 17.41 -53.67
CA ALA A 134 13.49 16.24 -53.06
C ALA A 134 12.27 15.79 -53.87
N CYS A 135 11.48 16.73 -54.36
CA CYS A 135 10.34 16.44 -55.23
C CYS A 135 10.75 16.61 -56.68
N PRO A 136 11.14 15.57 -57.37
CA PRO A 136 12.01 15.76 -58.52
C PRO A 136 11.33 15.76 -59.89
N TYR A 137 10.08 15.30 -60.03
CA TYR A 137 9.45 15.21 -61.34
C TYR A 137 10.38 14.62 -62.40
N GLN A 138 10.67 15.36 -63.47
CA GLN A 138 11.47 14.83 -64.58
C GLN A 138 12.84 15.48 -64.56
N GLY A 139 13.68 15.03 -63.63
CA GLY A 139 15.02 15.56 -63.49
C GLY A 139 15.04 17.07 -63.34
N ALA A 140 14.24 17.59 -62.40
CA ALA A 140 14.17 19.03 -62.19
C ALA A 140 13.50 19.32 -60.87
N PRO A 141 13.93 20.36 -60.15
CA PRO A 141 13.27 20.71 -58.88
C PRO A 141 11.79 20.98 -59.09
N SER A 142 10.96 20.32 -58.28
CA SER A 142 9.51 20.42 -58.35
C SER A 142 8.97 20.41 -56.93
N PHE A 143 7.70 20.06 -56.77
CA PHE A 143 7.04 20.12 -55.47
C PHE A 143 5.63 19.55 -55.60
N PHE A 144 4.99 19.38 -54.44
CA PHE A 144 3.60 18.93 -54.38
C PHE A 144 2.72 19.81 -55.25
N ARG A 145 1.81 19.18 -55.98
CA ARG A 145 1.05 19.97 -56.95
C ARG A 145 -0.25 20.55 -56.36
N ASN A 146 -0.82 19.96 -55.32
CA ASN A 146 -2.08 20.46 -54.77
C ASN A 146 -1.91 21.56 -53.73
N VAL A 147 -0.69 22.02 -53.51
CA VAL A 147 -0.37 22.97 -52.46
C VAL A 147 0.76 23.84 -53.01
N VAL A 148 0.84 25.08 -52.56
CA VAL A 148 1.77 26.04 -53.12
C VAL A 148 2.74 26.46 -52.03
N TRP A 149 4.02 26.49 -52.36
CA TRP A 149 5.05 26.93 -51.43
C TRP A 149 5.35 28.42 -51.68
N LEU A 150 4.89 29.29 -50.77
CA LEU A 150 5.01 30.72 -50.97
C LEU A 150 6.33 31.26 -50.41
N ILE A 151 6.91 32.19 -51.16
CA ILE A 151 8.25 32.75 -50.96
C ILE A 151 8.19 34.26 -51.11
N LYS A 152 9.16 34.96 -50.53
CA LYS A 152 9.14 36.40 -50.51
C LYS A 152 9.23 36.95 -51.92
N LYS A 153 8.70 38.16 -52.10
CA LYS A 153 8.76 38.92 -53.35
C LYS A 153 9.36 40.29 -53.09
N ASN A 154 10.45 40.61 -53.78
CA ASN A 154 11.14 41.89 -53.63
C ASN A 154 11.63 42.06 -52.20
N ASP A 155 12.18 40.97 -51.64
CA ASP A 155 12.67 40.92 -50.26
C ASP A 155 11.60 41.38 -49.29
N ALA A 156 10.41 40.83 -49.42
CA ALA A 156 9.30 41.20 -48.57
C ALA A 156 8.31 40.05 -48.59
N TYR A 157 7.64 39.84 -47.46
CA TYR A 157 6.65 38.78 -47.28
C TYR A 157 5.51 39.37 -46.48
N PRO A 158 4.65 40.15 -47.13
CA PRO A 158 3.56 40.80 -46.43
C PRO A 158 2.59 39.77 -45.85
N THR A 159 2.07 40.07 -44.65
CA THR A 159 1.21 39.12 -43.98
C THR A 159 0.03 38.76 -44.88
N ILE A 160 -0.27 37.45 -44.93
CA ILE A 160 -1.40 36.92 -45.68
C ILE A 160 -2.60 36.87 -44.75
N LYS A 161 -3.70 37.44 -45.19
CA LYS A 161 -4.98 37.27 -44.52
C LYS A 161 -5.95 36.94 -45.65
N ILE A 162 -6.45 35.70 -45.70
CA ILE A 162 -7.28 35.19 -46.79
C ILE A 162 -8.39 34.32 -46.20
N SER A 163 -9.56 34.38 -46.83
CA SER A 163 -10.69 33.58 -46.39
C SER A 163 -11.32 32.87 -47.57
N TYR A 164 -11.58 31.59 -47.41
CA TYR A 164 -12.36 30.86 -48.41
C TYR A 164 -13.66 30.42 -47.74
N ASN A 165 -14.79 30.92 -48.25
CA ASN A 165 -16.14 30.43 -47.93
C ASN A 165 -16.46 29.23 -48.82
N ASN A 166 -16.87 28.12 -48.21
CA ASN A 166 -17.35 26.96 -48.95
C ASN A 166 -18.70 27.22 -49.61
N THR A 167 -18.70 27.47 -50.92
CA THR A 167 -19.95 27.73 -51.62
C THR A 167 -20.60 26.45 -52.13
N ASN A 168 -19.90 25.32 -52.07
CA ASN A 168 -20.47 24.05 -52.46
C ASN A 168 -21.42 23.51 -51.41
N ARG A 169 -22.28 22.59 -51.83
CA ARG A 169 -23.14 21.92 -50.88
C ARG A 169 -22.55 20.63 -50.36
N GLU A 170 -21.40 20.21 -50.89
CA GLU A 170 -20.64 19.07 -50.43
C GLU A 170 -19.53 19.54 -49.49
N ASP A 171 -19.10 18.67 -48.57
CA ASP A 171 -18.02 19.11 -47.67
C ASP A 171 -16.70 19.11 -48.41
N LEU A 172 -15.76 19.84 -47.87
CA LEU A 172 -14.52 20.11 -48.57
C LEU A 172 -13.39 19.70 -47.65
N LEU A 173 -12.50 18.82 -48.12
CA LEU A 173 -11.25 18.46 -47.43
C LEU A 173 -10.15 19.41 -47.91
N ILE A 174 -9.66 20.27 -47.01
CA ILE A 174 -8.61 21.25 -47.26
C ILE A 174 -7.34 20.89 -46.50
N LEU A 175 -6.18 20.89 -47.18
CA LEU A 175 -4.86 20.60 -46.61
C LEU A 175 -3.93 21.81 -46.69
N TRP A 176 -3.30 22.17 -45.58
CA TRP A 176 -2.26 23.21 -45.60
C TRP A 176 -1.02 22.70 -44.89
N GLY A 177 0.03 23.51 -44.86
CA GLY A 177 1.25 22.99 -44.27
C GLY A 177 2.16 24.10 -43.82
N ILE A 178 3.18 23.74 -43.06
CA ILE A 178 4.15 24.69 -42.55
C ILE A 178 5.56 24.18 -42.79
N HIS A 179 6.48 25.08 -43.15
CA HIS A 179 7.87 24.72 -43.46
C HIS A 179 8.79 25.09 -42.29
N HIS A 180 9.55 24.11 -41.79
CA HIS A 180 10.54 24.33 -40.75
C HIS A 180 11.87 24.47 -41.49
N SER A 181 12.39 25.71 -41.54
CA SER A 181 13.70 26.07 -42.06
C SER A 181 14.80 25.61 -41.10
N ASN A 182 16.07 25.69 -41.53
CA ASN A 182 17.17 25.05 -40.80
C ASN A 182 18.03 26.00 -39.98
N ASN A 183 18.16 27.24 -40.37
CA ASN A 183 18.96 28.20 -39.63
C ASN A 183 18.36 29.56 -39.88
N ALA A 184 18.74 30.53 -39.05
CA ALA A 184 18.16 31.86 -39.19
C ALA A 184 18.44 32.51 -40.53
N GLU A 185 19.47 32.09 -41.28
CA GLU A 185 19.74 32.72 -42.58
C GLU A 185 18.76 32.21 -43.62
N GLU A 186 18.66 30.88 -43.75
CA GLU A 186 17.64 30.30 -44.59
C GLU A 186 16.25 30.88 -44.37
N GLN A 187 15.87 31.13 -43.12
CA GLN A 187 14.58 31.77 -42.88
C GLN A 187 14.50 33.13 -43.56
N THR A 188 15.52 33.98 -43.40
CA THR A 188 15.41 35.31 -44.01
C THR A 188 15.53 35.20 -45.53
N ASN A 189 16.46 34.36 -46.02
CA ASN A 189 16.67 34.24 -47.46
C ASN A 189 15.52 33.60 -48.19
N LEU A 190 14.48 33.18 -47.49
CA LEU A 190 13.28 32.60 -48.09
C LEU A 190 12.03 33.36 -47.71
N TYR A 191 11.93 33.87 -46.47
CA TYR A 191 10.72 34.50 -46.02
C TYR A 191 10.92 35.90 -45.46
N LYS A 192 12.16 36.40 -45.41
CA LYS A 192 12.50 37.76 -44.95
C LYS A 192 11.72 38.18 -43.71
N ASN A 193 11.67 37.31 -42.72
CA ASN A 193 10.81 37.51 -41.56
C ASN A 193 11.27 36.47 -40.53
N PRO A 194 11.97 36.92 -39.49
CA PRO A 194 12.63 35.97 -38.59
C PRO A 194 11.67 35.23 -37.66
N THR A 195 10.70 35.90 -37.09
CA THR A 195 9.67 35.26 -36.28
C THR A 195 8.37 35.22 -37.09
N THR A 196 7.86 34.02 -37.38
CA THR A 196 6.71 33.81 -38.26
C THR A 196 5.65 32.91 -37.62
N TYR A 197 4.42 33.00 -38.12
CA TYR A 197 3.34 32.23 -37.56
C TYR A 197 2.36 31.85 -38.66
N ILE A 198 1.46 30.94 -38.33
CA ILE A 198 0.38 30.55 -39.21
C ILE A 198 -0.81 30.34 -38.31
N SER A 199 -1.87 31.11 -38.53
CA SER A 199 -3.12 30.89 -37.81
C SER A 199 -4.13 30.35 -38.82
N VAL A 200 -4.89 29.32 -38.44
CA VAL A 200 -5.94 28.79 -39.27
C VAL A 200 -7.20 28.71 -38.43
N GLY A 201 -8.26 29.36 -38.89
CA GLY A 201 -9.54 29.40 -38.15
C GLY A 201 -10.78 29.05 -38.96
N THR A 202 -11.61 28.16 -38.45
CA THR A 202 -12.89 27.78 -39.05
C THR A 202 -13.99 28.00 -38.01
N SER A 203 -15.16 27.36 -38.23
CA SER A 203 -16.15 27.35 -37.16
C SER A 203 -15.73 26.45 -36.02
N THR A 204 -14.81 25.50 -36.25
CA THR A 204 -14.42 24.55 -35.22
C THR A 204 -12.91 24.47 -34.98
N LEU A 205 -12.12 25.11 -35.82
CA LEU A 205 -10.67 24.99 -35.84
C LEU A 205 -10.05 26.30 -35.43
N ASN A 206 -8.97 26.21 -34.66
CA ASN A 206 -8.35 27.36 -34.01
C ASN A 206 -6.89 26.97 -33.79
N GLN A 207 -6.09 27.12 -34.84
CA GLN A 207 -4.73 26.62 -34.92
C GLN A 207 -3.74 27.76 -34.89
N ARG A 208 -2.58 27.48 -34.30
CA ARG A 208 -1.44 28.38 -34.41
C ARG A 208 -0.20 27.54 -34.63
N LEU A 209 0.49 27.79 -35.72
CA LEU A 209 1.67 27.04 -36.08
C LEU A 209 2.85 28.00 -36.08
N VAL A 210 3.95 27.54 -35.50
CA VAL A 210 5.18 28.32 -35.40
C VAL A 210 6.31 27.42 -35.85
N PRO A 211 7.21 27.91 -36.71
CA PRO A 211 8.28 27.06 -37.21
C PRO A 211 9.26 26.74 -36.09
N LYS A 212 9.90 25.57 -36.23
CA LYS A 212 11.00 25.09 -35.40
C LYS A 212 12.31 25.16 -36.20
N ILE A 213 13.10 26.20 -35.96
CA ILE A 213 14.39 26.36 -36.63
C ILE A 213 15.42 25.61 -35.82
N ALA A 214 15.82 24.43 -36.29
CA ALA A 214 16.60 23.55 -35.45
C ALA A 214 17.35 22.55 -36.33
N THR A 215 18.48 22.08 -35.82
CA THR A 215 19.27 21.10 -36.54
C THR A 215 18.56 19.76 -36.55
N ARG A 216 18.40 19.19 -37.74
CA ARG A 216 17.78 17.89 -37.93
C ARG A 216 18.68 17.07 -38.84
N SER A 217 18.30 15.81 -39.03
CA SER A 217 19.03 14.91 -39.90
C SER A 217 18.53 15.05 -41.32
N GLN A 218 19.40 14.68 -42.25
CA GLN A 218 19.06 14.77 -43.66
C GLN A 218 18.12 13.63 -44.03
N VAL A 219 16.96 13.96 -44.59
CA VAL A 219 16.11 12.98 -45.25
C VAL A 219 15.85 13.47 -46.68
N ASN A 220 16.04 12.56 -47.67
CA ASN A 220 16.00 12.93 -49.10
C ASN A 220 16.81 14.19 -49.38
N GLY A 221 17.91 14.38 -48.65
CA GLY A 221 18.79 15.50 -48.89
C GLY A 221 18.39 16.80 -48.22
N GLN A 222 17.26 16.82 -47.52
CA GLN A 222 16.77 18.01 -46.84
C GLN A 222 16.79 17.80 -45.33
N ARG A 223 17.47 18.71 -44.62
CA ARG A 223 17.34 18.76 -43.17
C ARG A 223 16.09 19.52 -42.76
N GLY A 224 15.43 20.22 -43.72
CA GLY A 224 14.17 20.89 -43.44
C GLY A 224 13.00 19.92 -43.38
N ARG A 225 11.85 20.44 -42.96
CA ARG A 225 10.69 19.57 -42.84
C ARG A 225 9.42 20.34 -43.17
N MET A 226 8.41 19.62 -43.62
CA MET A 226 7.11 20.23 -43.84
C MET A 226 6.03 19.39 -43.15
N ASP A 227 5.38 19.99 -42.17
CA ASP A 227 4.28 19.36 -41.45
C ASP A 227 2.98 19.89 -42.01
N PHE A 228 2.18 18.99 -42.58
CA PHE A 228 0.89 19.31 -43.19
C PHE A 228 -0.26 18.96 -42.24
N PHE A 229 -1.39 19.64 -42.47
CA PHE A 229 -2.56 19.56 -41.63
C PHE A 229 -3.80 19.59 -42.52
N TRP A 230 -4.86 18.93 -42.06
CA TRP A 230 -6.06 18.93 -42.85
C TRP A 230 -7.27 19.25 -42.00
N THR A 231 -8.33 19.72 -42.65
CA THR A 231 -9.62 19.86 -42.00
C THR A 231 -10.76 19.72 -43.02
N ILE A 232 -11.95 19.49 -42.49
CA ILE A 232 -13.14 19.31 -43.33
C ILE A 232 -14.01 20.56 -43.18
N LEU A 233 -14.04 21.42 -44.20
CA LEU A 233 -14.89 22.62 -44.18
C LEU A 233 -16.33 22.24 -44.49
N LYS A 234 -17.24 22.51 -43.53
CA LYS A 234 -18.64 22.15 -43.75
C LYS A 234 -19.29 23.13 -44.75
N PRO A 235 -20.48 22.80 -45.27
CA PRO A 235 -20.93 23.43 -46.50
C PRO A 235 -21.09 24.94 -46.46
N ASP A 236 -21.35 25.59 -45.31
CA ASP A 236 -21.44 27.04 -45.40
C ASP A 236 -20.43 27.76 -44.51
N ASP A 237 -19.41 27.07 -44.03
CA ASP A 237 -18.40 27.63 -43.14
C ASP A 237 -17.29 28.20 -44.00
N ALA A 238 -16.41 28.99 -43.40
CA ALA A 238 -15.28 29.52 -44.13
C ALA A 238 -14.03 29.35 -43.29
N ILE A 239 -12.93 29.08 -43.96
CA ILE A 239 -11.62 28.92 -43.35
C ILE A 239 -10.88 30.25 -43.50
N HIS A 240 -10.12 30.63 -42.48
CA HIS A 240 -9.39 31.89 -42.50
C HIS A 240 -7.93 31.62 -42.17
N PHE A 241 -7.03 31.94 -43.11
CA PHE A 241 -5.59 31.81 -42.90
C PHE A 241 -4.99 33.19 -42.63
N GLU A 242 -3.96 33.22 -41.76
CA GLU A 242 -3.12 34.38 -41.56
C GLU A 242 -1.71 33.91 -41.29
N SER A 243 -0.72 34.60 -41.88
CA SER A 243 0.62 34.03 -41.85
C SER A 243 1.68 35.06 -42.18
N ASN A 244 2.71 35.07 -41.33
CA ASN A 244 3.89 35.90 -41.45
C ASN A 244 4.93 35.29 -42.38
N GLY A 245 4.85 33.99 -42.64
CA GLY A 245 5.86 33.27 -43.41
C GLY A 245 5.81 31.78 -43.12
N ASN A 246 6.51 31.02 -43.96
CA ASN A 246 6.61 29.58 -43.82
C ASN A 246 5.31 28.87 -44.14
N PHE A 247 4.47 29.49 -44.97
CA PHE A 247 3.14 28.97 -45.27
C PHE A 247 3.21 28.09 -46.52
N ILE A 248 2.84 26.82 -46.37
CA ILE A 248 2.52 25.97 -47.52
C ILE A 248 1.00 26.01 -47.70
N ALA A 249 0.54 26.87 -48.67
CA ALA A 249 -0.84 27.29 -48.69
C ALA A 249 -1.69 26.41 -49.62
N PRO A 250 -2.96 26.17 -49.30
CA PRO A 250 -3.81 25.37 -50.19
C PRO A 250 -3.97 26.04 -51.55
N GLU A 251 -3.77 25.27 -52.61
CA GLU A 251 -4.27 25.70 -53.92
C GLU A 251 -5.48 24.91 -54.36
N TYR A 252 -5.45 23.59 -54.14
CA TYR A 252 -6.58 22.73 -54.50
C TYR A 252 -7.14 22.10 -53.23
N ALA A 253 -8.42 21.75 -53.30
CA ALA A 253 -9.13 21.02 -52.24
C ALA A 253 -10.03 19.99 -52.90
N TYR A 254 -10.60 19.11 -52.08
CA TYR A 254 -11.35 17.97 -52.58
C TYR A 254 -12.79 18.03 -52.04
N LYS A 255 -13.77 17.92 -52.93
CA LYS A 255 -15.14 17.70 -52.48
C LYS A 255 -15.28 16.27 -51.98
N ILE A 256 -15.74 16.12 -50.74
CA ILE A 256 -15.92 14.83 -50.10
C ILE A 256 -17.40 14.59 -49.85
N VAL A 257 -17.84 13.37 -50.11
CA VAL A 257 -19.15 12.93 -49.67
C VAL A 257 -18.93 11.51 -49.19
N LYS A 258 -19.07 11.28 -47.90
CA LYS A 258 -18.73 10.01 -47.30
C LYS A 258 -19.97 9.38 -46.72
N LYS A 259 -20.27 8.15 -47.14
CA LYS A 259 -21.48 7.55 -46.60
C LYS A 259 -21.29 6.14 -46.04
N GLY A 260 -20.06 5.65 -45.94
CA GLY A 260 -19.81 4.34 -45.36
C GLY A 260 -18.32 4.20 -45.13
N ASP A 261 -17.94 3.09 -44.53
CA ASP A 261 -16.56 2.93 -44.08
C ASP A 261 -15.97 1.60 -44.55
N SER A 262 -14.66 1.61 -44.70
CA SER A 262 -13.87 0.48 -45.13
C SER A 262 -12.50 0.60 -44.47
N THR A 263 -11.48 0.03 -45.11
CA THR A 263 -10.14 0.11 -44.57
C THR A 263 -9.17 0.10 -45.73
N ILE A 264 -7.90 0.24 -45.40
CA ILE A 264 -6.86 0.26 -46.42
C ILE A 264 -6.19 -1.11 -46.46
N MET A 265 -6.09 -1.67 -47.66
CA MET A 265 -5.53 -2.98 -47.89
C MET A 265 -4.09 -2.88 -48.36
N LYS A 266 -3.26 -3.77 -47.87
CA LYS A 266 -1.86 -3.81 -48.27
C LYS A 266 -1.76 -5.04 -49.15
N SER A 267 -1.55 -4.83 -50.45
CA SER A 267 -1.45 -5.91 -51.43
C SER A 267 -0.70 -5.42 -52.67
N GLY A 268 -0.20 -6.39 -53.43
CA GLY A 268 0.58 -6.15 -54.61
C GLY A 268 -0.06 -6.88 -55.80
N VAL A 269 -1.05 -7.73 -55.52
CA VAL A 269 -1.75 -8.33 -56.65
C VAL A 269 -2.56 -7.26 -57.37
N GLU A 270 -2.93 -7.55 -58.61
CA GLU A 270 -3.50 -6.48 -59.39
C GLU A 270 -4.98 -6.71 -59.69
N TYR A 271 -5.60 -5.64 -60.18
CA TYR A 271 -7.00 -5.63 -60.57
C TYR A 271 -7.26 -6.76 -61.56
N GLY A 272 -8.32 -7.52 -61.35
CA GLY A 272 -8.69 -8.58 -62.25
C GLY A 272 -9.88 -8.22 -63.08
N HIS A 273 -10.48 -7.06 -62.81
CA HIS A 273 -11.68 -6.62 -63.50
C HIS A 273 -12.80 -7.64 -63.27
N CYS A 274 -13.14 -7.78 -61.98
CA CYS A 274 -14.11 -8.73 -61.49
C CYS A 274 -14.88 -8.04 -60.38
N ASN A 275 -15.95 -8.69 -59.92
CA ASN A 275 -16.75 -8.18 -58.82
C ASN A 275 -16.85 -9.28 -57.77
N THR A 276 -16.87 -8.88 -56.49
CA THR A 276 -16.99 -9.82 -55.38
C THR A 276 -17.63 -9.12 -54.20
N LYS A 277 -18.18 -9.92 -53.28
CA LYS A 277 -18.65 -9.43 -51.99
C LYS A 277 -17.59 -9.51 -50.91
N CYS A 278 -16.49 -10.23 -51.14
CA CYS A 278 -15.47 -10.54 -50.13
C CYS A 278 -14.09 -10.44 -50.76
N GLN A 279 -13.20 -9.65 -50.17
CA GLN A 279 -11.87 -9.43 -50.74
C GLN A 279 -10.80 -9.70 -49.70
N THR A 280 -9.82 -10.54 -50.04
CA THR A 280 -8.62 -10.71 -49.24
C THR A 280 -7.43 -10.10 -49.96
N PRO A 281 -6.30 -9.91 -49.27
CA PRO A 281 -5.14 -9.39 -49.97
C PRO A 281 -4.52 -10.37 -50.95
N VAL A 282 -4.91 -11.64 -50.94
CA VAL A 282 -4.36 -12.54 -51.92
C VAL A 282 -5.36 -12.89 -52.99
N GLY A 283 -6.57 -12.37 -52.92
CA GLY A 283 -7.57 -12.78 -53.90
C GLY A 283 -8.98 -12.53 -53.39
N ALA A 284 -9.95 -13.07 -54.10
CA ALA A 284 -11.35 -12.84 -53.81
C ALA A 284 -12.07 -14.16 -53.56
N ILE A 285 -13.05 -14.12 -52.65
CA ILE A 285 -13.83 -15.28 -52.26
C ILE A 285 -15.28 -15.08 -52.66
N ASN A 286 -15.76 -15.90 -53.59
CA ASN A 286 -17.16 -15.96 -54.02
C ASN A 286 -17.66 -17.32 -53.52
N SER A 287 -18.21 -17.33 -52.31
CA SER A 287 -18.60 -18.56 -51.65
C SER A 287 -19.75 -18.31 -50.70
N SER A 288 -20.57 -19.35 -50.51
CA SER A 288 -21.59 -19.32 -49.47
C SER A 288 -21.18 -20.11 -48.24
N MET A 289 -19.99 -20.73 -48.26
CA MET A 289 -19.59 -21.52 -47.12
C MET A 289 -19.50 -20.65 -45.88
N PRO A 290 -19.74 -21.20 -44.68
CA PRO A 290 -19.63 -20.39 -43.46
C PRO A 290 -18.23 -20.11 -42.98
N PHE A 291 -17.21 -20.86 -43.39
CA PHE A 291 -15.87 -20.71 -42.81
C PHE A 291 -14.83 -20.71 -43.90
N HIS A 292 -13.71 -20.04 -43.66
CA HIS A 292 -12.64 -19.96 -44.67
C HIS A 292 -11.29 -19.90 -43.97
N ASN A 293 -10.23 -20.24 -44.72
CA ASN A 293 -8.89 -20.31 -44.14
C ASN A 293 -7.88 -19.61 -45.02
N ILE A 294 -8.28 -18.52 -45.65
CA ILE A 294 -7.43 -17.96 -46.71
C ILE A 294 -6.55 -16.86 -46.16
N HIS A 295 -7.16 -15.79 -45.70
CA HIS A 295 -6.40 -14.67 -45.17
C HIS A 295 -7.17 -14.05 -44.02
N PRO A 296 -6.48 -13.53 -43.01
CA PRO A 296 -7.20 -12.95 -41.86
C PRO A 296 -7.81 -11.61 -42.20
N LEU A 297 -7.19 -10.85 -43.12
CA LEU A 297 -7.55 -9.44 -43.36
C LEU A 297 -8.49 -9.28 -44.55
N THR A 298 -9.77 -9.57 -44.33
CA THR A 298 -10.74 -9.52 -45.39
C THR A 298 -11.59 -8.26 -45.29
N ILE A 299 -12.00 -7.76 -46.45
CA ILE A 299 -12.94 -6.65 -46.57
C ILE A 299 -14.19 -7.14 -47.27
N GLY A 300 -15.35 -6.96 -46.65
CA GLY A 300 -16.61 -7.35 -47.22
C GLY A 300 -17.50 -8.27 -46.38
N GLU A 301 -18.45 -8.93 -47.04
CA GLU A 301 -19.38 -9.92 -46.50
C GLU A 301 -18.67 -11.26 -46.58
N CYS A 302 -17.89 -11.57 -45.57
CA CYS A 302 -16.99 -12.72 -45.64
C CYS A 302 -17.41 -13.84 -44.71
N PRO A 303 -16.88 -15.03 -44.93
CA PRO A 303 -17.07 -16.11 -43.96
C PRO A 303 -16.16 -15.84 -42.78
N LYS A 304 -16.34 -16.62 -41.73
CA LYS A 304 -15.50 -16.53 -40.56
C LYS A 304 -14.17 -17.22 -40.84
N TYR A 305 -13.07 -16.53 -40.52
CA TYR A 305 -11.73 -17.10 -40.64
C TYR A 305 -11.52 -18.14 -39.54
N VAL A 306 -10.96 -19.29 -39.90
CA VAL A 306 -10.59 -20.30 -38.93
C VAL A 306 -9.23 -20.88 -39.27
N LYS A 307 -8.64 -21.55 -38.28
CA LYS A 307 -7.30 -22.11 -38.44
C LYS A 307 -7.32 -23.50 -39.07
N SER A 308 -8.50 -24.11 -39.23
CA SER A 308 -8.55 -25.49 -39.72
C SER A 308 -8.29 -25.61 -41.22
N ASN A 309 -7.88 -26.82 -41.61
CA ASN A 309 -7.62 -27.14 -43.01
C ASN A 309 -8.67 -28.03 -43.65
N LYS A 310 -9.51 -28.69 -42.88
CA LYS A 310 -10.59 -29.51 -43.42
C LYS A 310 -11.73 -29.41 -42.42
N LEU A 311 -12.92 -29.10 -42.89
CA LEU A 311 -14.12 -29.28 -42.05
C LEU A 311 -15.13 -30.09 -42.84
N VAL A 312 -14.95 -31.41 -42.86
CA VAL A 312 -15.71 -32.29 -43.74
C VAL A 312 -16.94 -32.84 -43.01
N LEU A 313 -18.13 -32.40 -43.43
CA LEU A 313 -19.37 -32.94 -42.90
C LEU A 313 -19.76 -34.20 -43.66
N ALA A 314 -20.31 -35.18 -42.93
CA ALA A 314 -20.69 -36.45 -43.53
C ALA A 314 -22.19 -36.46 -43.82
N THR A 315 -22.54 -36.77 -45.08
CA THR A 315 -23.93 -36.83 -45.55
C THR A 315 -24.42 -38.23 -45.90
N GLY A 316 -23.56 -39.26 -45.86
CA GLY A 316 -24.01 -40.59 -46.24
C GLY A 316 -23.86 -41.69 -45.21
N LEU A 317 -23.02 -42.68 -45.51
CA LEU A 317 -22.90 -43.88 -44.70
C LEU A 317 -21.49 -44.44 -44.79
N ARG A 318 -21.17 -45.33 -43.86
CA ARG A 318 -19.84 -45.94 -43.84
C ARG A 318 -19.66 -46.84 -45.05
N ASN A 319 -18.40 -46.96 -45.49
CA ASN A 319 -18.10 -47.62 -46.75
C ASN A 319 -17.13 -48.79 -46.51
N SER A 320 -17.43 -49.93 -47.12
CA SER A 320 -16.49 -51.07 -47.08
C SER A 320 -15.22 -50.88 -47.89
N GLY A 337 -30.53 -53.53 -40.51
CA GLY A 337 -29.24 -53.36 -39.88
C GLY A 337 -28.31 -54.51 -40.19
N PHE A 338 -27.90 -54.61 -41.45
CA PHE A 338 -26.98 -55.68 -41.85
C PHE A 338 -25.63 -55.51 -41.16
N ILE A 339 -25.18 -56.58 -40.47
CA ILE A 339 -23.95 -56.49 -39.70
C ILE A 339 -22.78 -56.16 -40.60
N GLU A 340 -22.64 -56.90 -41.69
CA GLU A 340 -21.64 -56.53 -42.68
C GLU A 340 -22.04 -55.25 -43.40
N GLY A 341 -23.32 -55.11 -43.75
CA GLY A 341 -23.73 -53.97 -44.55
C GLY A 341 -23.06 -54.00 -45.91
N GLY A 342 -22.48 -52.87 -46.30
CA GLY A 342 -21.66 -52.80 -47.50
C GLY A 342 -22.18 -53.45 -48.77
N TRP A 343 -23.41 -53.14 -49.17
CA TRP A 343 -23.92 -53.63 -50.45
C TRP A 343 -23.43 -52.68 -51.53
N GLN A 344 -22.33 -53.08 -52.18
CA GLN A 344 -21.83 -52.31 -53.31
C GLN A 344 -22.76 -52.40 -54.51
N GLY A 345 -23.68 -53.38 -54.53
CA GLY A 345 -24.57 -53.56 -55.66
C GLY A 345 -25.61 -52.46 -55.76
N MET A 346 -26.24 -52.12 -54.64
CA MET A 346 -27.28 -51.10 -54.66
C MET A 346 -26.73 -49.78 -55.20
N VAL A 347 -27.42 -49.22 -56.17
CA VAL A 347 -26.93 -48.01 -56.81
C VAL A 347 -27.95 -46.89 -56.80
N ASP A 348 -29.24 -47.17 -56.63
CA ASP A 348 -30.30 -46.18 -56.75
C ASP A 348 -30.90 -45.78 -55.42
N GLY A 349 -30.22 -46.05 -54.32
CA GLY A 349 -30.72 -45.60 -53.04
C GLY A 349 -29.68 -45.81 -51.97
N TRP A 350 -30.05 -45.44 -50.76
CA TRP A 350 -29.26 -45.65 -49.56
C TRP A 350 -29.72 -46.83 -48.71
N TYR A 351 -31.04 -46.96 -48.51
CA TYR A 351 -31.65 -48.06 -47.78
C TYR A 351 -32.41 -48.93 -48.77
N GLY A 352 -32.34 -50.24 -48.59
CA GLY A 352 -33.01 -51.12 -49.51
C GLY A 352 -32.98 -52.55 -49.02
N TYR A 353 -33.59 -53.43 -49.82
CA TYR A 353 -33.79 -54.85 -49.54
C TYR A 353 -33.00 -55.71 -50.53
N HIS A 354 -32.99 -57.03 -50.29
CA HIS A 354 -32.42 -57.98 -51.24
C HIS A 354 -33.23 -59.27 -51.20
N HIS A 355 -33.64 -59.78 -52.36
CA HIS A 355 -34.55 -60.91 -52.46
C HIS A 355 -33.83 -62.17 -52.90
N SER A 356 -34.38 -63.31 -52.50
CA SER A 356 -33.81 -64.61 -52.83
C SER A 356 -34.94 -65.63 -52.95
N ASN A 357 -35.14 -66.19 -54.15
CA ASN A 357 -36.20 -67.14 -54.43
C ASN A 357 -35.76 -68.00 -55.60
N GLU A 358 -36.73 -68.70 -56.22
CA GLU A 358 -36.44 -69.55 -57.37
C GLU A 358 -36.21 -68.73 -58.63
N GLN A 359 -36.88 -67.58 -58.76
CA GLN A 359 -36.70 -66.73 -59.94
C GLN A 359 -35.26 -66.21 -60.03
N GLY A 360 -34.71 -65.73 -58.92
CA GLY A 360 -33.37 -65.21 -58.92
C GLY A 360 -33.13 -64.40 -57.68
N SER A 361 -32.06 -63.60 -57.71
CA SER A 361 -31.63 -62.78 -56.60
C SER A 361 -31.17 -61.42 -57.12
N GLY A 362 -31.54 -60.35 -56.41
CA GLY A 362 -31.19 -59.02 -56.85
C GLY A 362 -31.42 -58.04 -55.74
N TYR A 363 -30.89 -56.83 -55.92
CA TYR A 363 -30.96 -55.75 -54.93
C TYR A 363 -32.12 -54.80 -55.27
N ALA A 364 -32.80 -54.31 -54.24
CA ALA A 364 -33.87 -53.32 -54.40
C ALA A 364 -33.67 -52.22 -53.37
N ALA A 365 -34.36 -51.10 -53.55
CA ALA A 365 -34.19 -49.95 -52.66
C ALA A 365 -35.55 -49.42 -52.23
N ASP A 366 -35.54 -48.77 -51.06
CA ASP A 366 -36.74 -48.16 -50.48
C ASP A 366 -36.73 -46.67 -50.81
N LYS A 367 -37.68 -46.25 -51.66
CA LYS A 367 -37.70 -44.87 -52.13
C LYS A 367 -38.07 -43.91 -51.01
N GLU A 368 -39.12 -44.23 -50.25
CA GLU A 368 -39.64 -43.29 -49.24
C GLU A 368 -38.62 -43.09 -48.13
N SER A 369 -38.00 -44.17 -47.66
CA SER A 369 -37.03 -44.07 -46.58
C SER A 369 -35.76 -43.35 -47.03
N THR A 370 -35.26 -43.69 -48.22
CA THR A 370 -34.01 -43.11 -48.67
C THR A 370 -34.17 -41.61 -48.87
N GLN A 371 -35.29 -41.19 -49.48
CA GLN A 371 -35.45 -39.78 -49.80
C GLN A 371 -35.53 -38.93 -48.55
N LYS A 372 -36.21 -39.40 -47.50
CA LYS A 372 -36.29 -38.62 -46.27
C LYS A 372 -34.92 -38.48 -45.60
N ALA A 373 -34.04 -39.47 -45.79
CA ALA A 373 -32.66 -39.36 -45.34
C ALA A 373 -31.93 -38.29 -46.13
N ILE A 374 -32.03 -38.31 -47.47
CA ILE A 374 -31.35 -37.29 -48.27
C ILE A 374 -31.91 -35.91 -47.94
N ASP A 375 -33.22 -35.81 -47.77
CA ASP A 375 -33.81 -34.54 -47.35
C ASP A 375 -33.25 -34.10 -46.01
N GLY A 376 -33.07 -35.05 -45.09
CA GLY A 376 -32.61 -34.72 -43.76
C GLY A 376 -31.18 -34.26 -43.72
N VAL A 377 -30.26 -35.03 -44.31
CA VAL A 377 -28.84 -34.66 -44.21
C VAL A 377 -28.54 -33.39 -44.98
N THR A 378 -29.20 -33.20 -46.12
CA THR A 378 -28.94 -31.99 -46.87
C THR A 378 -29.55 -30.78 -46.16
N ASN A 379 -30.70 -30.97 -45.53
CA ASN A 379 -31.27 -29.89 -44.73
C ASN A 379 -30.38 -29.55 -43.53
N LYS A 380 -29.68 -30.55 -43.00
CA LYS A 380 -28.73 -30.27 -41.93
C LYS A 380 -27.54 -29.48 -42.49
N VAL A 381 -26.95 -29.97 -43.58
CA VAL A 381 -25.83 -29.26 -44.20
C VAL A 381 -26.24 -27.84 -44.56
N ASN A 382 -27.44 -27.67 -45.13
CA ASN A 382 -27.89 -26.32 -45.46
C ASN A 382 -28.12 -25.49 -44.21
N SER A 383 -28.63 -26.11 -43.14
CA SER A 383 -28.89 -25.34 -41.93
C SER A 383 -27.59 -24.82 -41.35
N ILE A 384 -26.51 -25.62 -41.44
CA ILE A 384 -25.23 -25.20 -40.87
C ILE A 384 -24.67 -24.07 -41.71
N ILE A 385 -24.86 -24.15 -43.01
CA ILE A 385 -24.37 -23.11 -43.89
C ILE A 385 -25.21 -21.87 -43.76
N ASP A 386 -26.53 -22.04 -43.73
CA ASP A 386 -27.46 -20.95 -43.88
C ASP A 386 -27.63 -20.11 -42.61
N LYS A 387 -27.35 -20.67 -41.42
CA LYS A 387 -27.63 -19.95 -40.18
C LYS A 387 -26.53 -18.94 -39.82
N MET A 388 -25.40 -19.00 -40.50
CA MET A 388 -24.37 -18.00 -40.33
C MET A 388 -24.85 -16.60 -40.78
N ASN A 389 -24.62 -15.60 -39.93
CA ASN A 389 -24.96 -14.20 -40.22
C ASN A 389 -23.67 -13.47 -40.61
N THR A 390 -23.66 -12.89 -41.80
CA THR A 390 -22.51 -12.17 -42.32
C THR A 390 -22.82 -10.69 -42.29
N GLN A 391 -21.96 -9.94 -41.63
CA GLN A 391 -21.98 -8.50 -41.66
C GLN A 391 -20.84 -8.03 -42.55
N PHE A 392 -21.05 -6.91 -43.24
CA PHE A 392 -19.93 -6.19 -43.87
C PHE A 392 -18.90 -5.80 -42.82
N GLU A 393 -17.63 -6.19 -43.03
CA GLU A 393 -16.56 -5.83 -42.12
C GLU A 393 -15.28 -5.51 -42.89
N ALA A 394 -14.37 -4.78 -42.24
CA ALA A 394 -13.09 -4.40 -42.85
C ALA A 394 -11.99 -4.63 -41.83
N VAL A 395 -11.26 -5.70 -42.03
CA VAL A 395 -10.17 -6.07 -41.16
C VAL A 395 -8.91 -5.44 -41.76
N GLY A 396 -8.30 -4.52 -41.02
CA GLY A 396 -7.10 -3.85 -41.46
C GLY A 396 -6.37 -3.34 -40.23
N ARG A 397 -5.09 -3.09 -40.42
CA ARG A 397 -4.24 -2.48 -39.40
C ARG A 397 -4.14 -0.98 -39.68
N GLU A 398 -4.65 -0.17 -38.75
CA GLU A 398 -4.73 1.27 -38.97
C GLU A 398 -4.00 2.07 -37.89
N PHE A 399 -3.05 1.47 -37.19
CA PHE A 399 -2.41 2.09 -36.03
C PHE A 399 -0.94 2.33 -36.32
N ASN A 400 -0.37 3.39 -35.75
CA ASN A 400 1.04 3.77 -35.88
C ASN A 400 1.90 3.20 -34.75
N ASN A 401 3.16 3.65 -34.66
CA ASN A 401 4.14 3.08 -33.72
C ASN A 401 3.84 3.41 -32.27
N LEU A 402 3.31 4.58 -32.00
CA LEU A 402 2.89 4.95 -30.67
C LEU A 402 1.47 4.54 -30.39
N GLU A 403 0.97 3.50 -31.07
CA GLU A 403 -0.38 3.00 -30.89
C GLU A 403 -0.38 1.49 -30.67
N ARG A 404 0.77 0.90 -30.39
CA ARG A 404 0.90 -0.53 -30.37
C ARG A 404 0.08 -1.20 -29.27
N ARG A 405 -0.33 -0.47 -28.21
CA ARG A 405 -1.26 -1.07 -27.24
C ARG A 405 -2.65 -1.28 -27.84
N ILE A 406 -3.16 -0.30 -28.59
CA ILE A 406 -4.40 -0.48 -29.32
C ILE A 406 -4.26 -1.61 -30.33
N GLU A 407 -3.15 -1.67 -31.08
CA GLU A 407 -2.95 -2.76 -32.03
C GLU A 407 -3.10 -4.11 -31.34
N ASN A 408 -2.58 -4.23 -30.13
CA ASN A 408 -2.66 -5.48 -29.37
C ASN A 408 -4.10 -5.81 -29.02
N LEU A 409 -4.85 -4.82 -28.55
CA LEU A 409 -6.28 -5.01 -28.37
C LEU A 409 -6.92 -5.57 -29.65
N ASN A 410 -6.64 -4.95 -30.81
CA ASN A 410 -7.14 -5.50 -32.06
C ASN A 410 -6.68 -6.93 -32.22
N LYS A 411 -5.39 -7.21 -31.98
CA LYS A 411 -4.89 -8.56 -32.21
C LYS A 411 -5.57 -9.53 -31.27
N LYS A 412 -5.67 -9.17 -30.00
CA LYS A 412 -6.35 -10.05 -29.05
C LYS A 412 -7.79 -10.31 -29.51
N MET A 413 -8.44 -9.31 -30.07
CA MET A 413 -9.83 -9.50 -30.49
C MET A 413 -9.94 -10.47 -31.66
N GLU A 414 -9.25 -10.16 -32.76
CA GLU A 414 -9.08 -11.09 -33.87
C GLU A 414 -8.72 -12.48 -33.37
N ASP A 415 -7.55 -12.62 -32.73
CA ASP A 415 -7.14 -13.96 -32.29
C ASP A 415 -8.17 -14.60 -31.38
N GLY A 416 -8.86 -13.81 -30.55
CA GLY A 416 -9.86 -14.38 -29.68
C GLY A 416 -11.01 -14.97 -30.47
N PHE A 417 -11.44 -14.28 -31.51
CA PHE A 417 -12.54 -14.79 -32.31
C PHE A 417 -12.09 -16.01 -33.12
N LEU A 418 -10.88 -15.98 -33.69
CA LEU A 418 -10.37 -17.13 -34.43
C LEU A 418 -10.47 -18.39 -33.59
N ASP A 419 -10.02 -18.29 -32.33
CA ASP A 419 -10.09 -19.43 -31.42
C ASP A 419 -11.54 -19.81 -31.14
N VAL A 420 -12.46 -18.84 -31.14
CA VAL A 420 -13.85 -19.19 -30.86
C VAL A 420 -14.43 -19.97 -32.02
N TRP A 421 -14.28 -19.44 -33.24
CA TRP A 421 -14.94 -20.07 -34.37
C TRP A 421 -14.30 -21.40 -34.72
N THR A 422 -12.97 -21.52 -34.51
CA THR A 422 -12.28 -22.77 -34.84
C THR A 422 -12.77 -23.89 -33.94
N TYR A 423 -12.85 -23.63 -32.63
CA TYR A 423 -13.29 -24.69 -31.73
C TYR A 423 -14.74 -25.06 -32.00
N ASN A 424 -15.63 -24.07 -32.03
CA ASN A 424 -17.05 -24.38 -32.19
C ASN A 424 -17.32 -25.07 -33.52
N ALA A 425 -16.69 -24.60 -34.60
CA ALA A 425 -16.87 -25.24 -35.90
C ALA A 425 -16.31 -26.64 -35.91
N GLU A 426 -15.15 -26.84 -35.27
CA GLU A 426 -14.59 -28.19 -35.23
C GLU A 426 -15.50 -29.14 -34.44
N LEU A 427 -15.99 -28.70 -33.28
CA LEU A 427 -16.85 -29.58 -32.49
C LEU A 427 -18.18 -29.83 -33.19
N LEU A 428 -18.73 -28.81 -33.83
CA LEU A 428 -19.94 -28.95 -34.64
C LEU A 428 -19.84 -30.04 -35.69
N VAL A 429 -18.77 -29.98 -36.49
CA VAL A 429 -18.53 -31.04 -37.46
C VAL A 429 -18.47 -32.38 -36.77
N LEU A 430 -17.65 -32.49 -35.72
CA LEU A 430 -17.47 -33.75 -35.02
C LEU A 430 -18.77 -34.28 -34.42
N MET A 431 -19.49 -33.43 -33.68
CA MET A 431 -20.71 -33.86 -32.99
C MET A 431 -21.81 -34.24 -33.98
N GLU A 432 -22.03 -33.41 -34.98
CA GLU A 432 -23.12 -33.66 -35.91
C GLU A 432 -22.76 -34.75 -36.92
N ASN A 433 -21.47 -34.99 -37.13
CA ASN A 433 -21.12 -36.12 -37.99
C ASN A 433 -21.44 -37.42 -37.29
N GLU A 434 -21.14 -37.51 -36.01
CA GLU A 434 -21.39 -38.78 -35.36
C GLU A 434 -22.89 -39.02 -35.19
N ARG A 435 -23.66 -37.95 -34.98
CA ARG A 435 -25.10 -38.14 -34.77
C ARG A 435 -25.80 -38.55 -36.06
N THR A 436 -25.28 -38.08 -37.20
CA THR A 436 -25.85 -38.39 -38.49
C THR A 436 -25.60 -39.84 -38.89
N LEU A 437 -24.37 -40.35 -38.64
CA LEU A 437 -24.10 -41.74 -38.95
C LEU A 437 -24.96 -42.69 -38.13
N ASP A 438 -25.24 -42.31 -36.88
CA ASP A 438 -26.03 -43.13 -35.97
C ASP A 438 -27.52 -43.03 -36.27
N PHE A 439 -27.98 -41.87 -36.74
CA PHE A 439 -29.37 -41.73 -37.16
C PHE A 439 -29.68 -42.54 -38.41
N HIS A 440 -28.68 -42.76 -39.26
CA HIS A 440 -28.87 -43.64 -40.41
C HIS A 440 -28.99 -45.09 -39.94
N ASP A 441 -28.20 -45.45 -38.92
CA ASP A 441 -28.35 -46.76 -38.30
C ASP A 441 -29.74 -46.97 -37.72
N SER A 442 -30.35 -45.93 -37.18
CA SER A 442 -31.73 -46.05 -36.71
C SER A 442 -32.71 -46.25 -37.86
N ASN A 443 -32.36 -45.75 -39.05
CA ASN A 443 -33.28 -45.81 -40.18
C ASN A 443 -33.28 -47.20 -40.80
N VAL A 444 -32.11 -47.85 -40.91
CA VAL A 444 -32.07 -49.23 -41.38
C VAL A 444 -32.70 -50.17 -40.37
N LYS A 445 -32.64 -49.83 -39.08
CA LYS A 445 -33.30 -50.62 -38.04
C LYS A 445 -34.82 -50.44 -38.10
N ASN A 446 -35.28 -49.27 -38.53
CA ASN A 446 -36.71 -49.07 -38.77
C ASN A 446 -37.23 -49.92 -39.91
N LEU A 447 -36.42 -50.15 -40.94
CA LEU A 447 -36.83 -51.01 -42.05
C LEU A 447 -36.85 -52.48 -41.64
N TYR A 448 -35.84 -52.92 -40.89
CA TYR A 448 -35.83 -54.30 -40.42
C TYR A 448 -36.99 -54.57 -39.49
N ASP A 449 -37.30 -53.62 -38.58
CA ASP A 449 -38.39 -53.86 -37.64
C ASP A 449 -39.74 -53.93 -38.37
N LYS A 450 -39.92 -53.10 -39.41
CA LYS A 450 -41.16 -53.16 -40.18
C LYS A 450 -41.33 -54.51 -40.87
N VAL A 451 -40.25 -55.04 -41.43
CA VAL A 451 -40.31 -56.35 -42.08
C VAL A 451 -40.54 -57.46 -41.06
N ARG A 452 -39.84 -57.39 -39.92
CA ARG A 452 -39.94 -58.45 -38.92
C ARG A 452 -41.33 -58.50 -38.31
N LEU A 453 -41.97 -57.35 -38.11
CA LEU A 453 -43.30 -57.32 -37.51
C LEU A 453 -44.35 -57.94 -38.42
N GLN A 454 -44.29 -57.68 -39.73
CA GLN A 454 -45.26 -58.24 -40.68
C GLN A 454 -45.15 -59.77 -40.79
N LEU A 455 -43.93 -60.29 -40.81
CA LEU A 455 -43.67 -61.73 -40.87
C LEU A 455 -43.75 -62.32 -39.47
N ARG A 456 -44.97 -62.24 -38.90
CA ARG A 456 -45.13 -62.51 -37.48
C ARG A 456 -44.62 -63.91 -37.11
N ASP A 457 -45.13 -64.93 -37.79
CA ASP A 457 -44.79 -66.31 -37.47
C ASP A 457 -44.26 -67.13 -38.65
N ASN A 458 -44.51 -66.72 -39.89
CA ASN A 458 -44.15 -67.54 -41.04
C ASN A 458 -42.66 -67.46 -41.40
N ALA A 459 -41.85 -66.73 -40.63
CA ALA A 459 -40.46 -66.47 -40.98
C ALA A 459 -39.57 -66.44 -39.75
N LYS A 460 -38.31 -66.83 -39.95
CA LYS A 460 -37.26 -66.84 -38.94
C LYS A 460 -36.25 -65.74 -39.23
N GLU A 461 -35.67 -65.18 -38.18
CA GLU A 461 -34.60 -64.20 -38.32
C GLU A 461 -33.26 -64.93 -38.19
N LEU A 462 -32.38 -64.71 -39.16
CA LEU A 462 -31.09 -65.41 -39.16
C LEU A 462 -30.09 -64.75 -38.23
N GLY A 463 -30.20 -63.44 -38.01
CA GLY A 463 -29.31 -62.69 -37.14
C GLY A 463 -28.45 -61.67 -37.86
N ASN A 464 -28.18 -61.86 -39.16
CA ASN A 464 -27.38 -60.94 -39.96
C ASN A 464 -28.23 -59.92 -40.70
N GLY A 465 -29.39 -59.56 -40.14
CA GLY A 465 -30.30 -58.65 -40.80
C GLY A 465 -31.18 -59.31 -41.84
N CYS A 466 -31.11 -60.63 -41.96
CA CYS A 466 -31.82 -61.40 -42.98
C CYS A 466 -32.93 -62.22 -42.33
N PHE A 467 -33.86 -62.70 -43.18
CA PHE A 467 -35.03 -63.45 -42.74
C PHE A 467 -35.12 -64.72 -43.58
N GLU A 468 -35.29 -65.88 -42.93
CA GLU A 468 -35.50 -67.15 -43.64
C GLU A 468 -36.99 -67.44 -43.74
N PHE A 469 -37.55 -67.34 -44.95
CA PHE A 469 -38.92 -67.80 -45.21
C PHE A 469 -38.95 -69.31 -45.18
N TYR A 470 -39.49 -69.87 -44.10
CA TYR A 470 -39.82 -71.29 -44.10
C TYR A 470 -40.69 -71.62 -45.32
N HIS A 471 -41.74 -70.84 -45.51
CA HIS A 471 -42.61 -70.93 -46.69
C HIS A 471 -42.04 -70.01 -47.75
N LYS A 472 -41.28 -70.58 -48.68
CA LYS A 472 -40.50 -69.79 -49.63
C LYS A 472 -41.39 -68.84 -50.41
N CYS A 473 -41.00 -67.57 -50.44
CA CYS A 473 -41.76 -66.51 -51.07
C CYS A 473 -41.03 -66.07 -52.34
N ASP A 474 -41.79 -65.85 -53.41
CA ASP A 474 -41.27 -65.51 -54.73
C ASP A 474 -41.26 -64.00 -54.99
N ASN A 475 -41.07 -63.61 -56.25
CA ASN A 475 -40.94 -62.20 -56.59
C ASN A 475 -42.21 -61.41 -56.27
N GLU A 476 -43.37 -62.06 -56.37
CA GLU A 476 -44.63 -61.35 -56.25
C GLU A 476 -44.90 -60.91 -54.80
N CYS A 477 -44.58 -61.76 -53.82
CA CYS A 477 -44.83 -61.39 -52.43
C CYS A 477 -43.70 -60.56 -51.84
N MET A 478 -42.53 -60.51 -52.49
CA MET A 478 -41.46 -59.61 -52.03
C MET A 478 -41.92 -58.16 -52.10
N GLU A 479 -42.63 -57.80 -53.15
CA GLU A 479 -43.14 -56.44 -53.27
C GLU A 479 -44.20 -56.15 -52.23
N SER A 480 -44.97 -57.16 -51.81
CA SER A 480 -46.01 -56.91 -50.81
C SER A 480 -45.41 -56.55 -49.45
N VAL A 481 -44.39 -57.29 -49.00
CA VAL A 481 -43.74 -56.95 -47.74
C VAL A 481 -43.01 -55.62 -47.85
N ARG A 482 -42.33 -55.39 -48.99
CA ARG A 482 -41.68 -54.11 -49.22
C ARG A 482 -42.68 -52.97 -49.15
N ASN A 483 -43.79 -53.08 -49.91
CA ASN A 483 -44.81 -52.04 -49.97
C ASN A 483 -45.59 -51.93 -48.67
N GLY A 484 -45.43 -52.87 -47.74
CA GLY A 484 -46.26 -52.91 -46.55
C GLY A 484 -47.66 -53.44 -46.79
N THR A 485 -47.92 -54.03 -47.96
CA THR A 485 -49.21 -54.59 -48.33
C THR A 485 -49.23 -56.11 -48.19
N TYR A 486 -48.37 -56.66 -47.34
CA TYR A 486 -48.27 -58.11 -47.16
C TYR A 486 -49.54 -58.66 -46.54
N ASP A 487 -50.16 -59.65 -47.19
CA ASP A 487 -51.39 -60.29 -46.73
C ASP A 487 -51.02 -61.53 -45.93
N TYR A 488 -51.02 -61.38 -44.59
CA TYR A 488 -50.66 -62.42 -43.62
C TYR A 488 -51.64 -63.60 -43.63
N PRO A 489 -52.95 -63.38 -43.66
CA PRO A 489 -53.86 -64.53 -43.76
C PRO A 489 -53.82 -65.23 -45.11
N GLN A 490 -53.33 -64.58 -46.16
CA GLN A 490 -53.40 -65.15 -47.51
C GLN A 490 -52.59 -66.44 -47.61
N TYR A 491 -51.32 -66.38 -47.24
CA TYR A 491 -50.48 -67.56 -47.10
C TYR A 491 -49.84 -67.50 -45.72
N SER A 492 -50.00 -68.58 -44.95
CA SER A 492 -49.53 -68.62 -43.58
C SER A 492 -49.37 -70.07 -43.14
N GLU A 493 -48.38 -70.31 -42.28
CA GLU A 493 -48.05 -71.63 -41.73
C GLU A 493 -48.19 -72.75 -42.76
N GLU A 494 -47.71 -72.51 -43.99
CA GLU A 494 -47.79 -73.54 -45.03
C GLU A 494 -46.96 -74.76 -44.64
N ALA A 495 -45.77 -74.53 -44.12
CA ALA A 495 -44.83 -75.58 -43.76
C ALA A 495 -44.25 -75.25 -42.37
N ARG A 496 -45.05 -75.52 -41.33
CA ARG A 496 -44.52 -75.59 -39.98
C ARG A 496 -43.51 -76.72 -39.86
N LEU A 497 -43.70 -77.79 -40.62
CA LEU A 497 -42.78 -78.92 -40.68
C LEU A 497 -41.45 -78.60 -41.37
N LYS A 498 -41.35 -77.45 -42.06
CA LYS A 498 -40.07 -77.04 -42.63
C LYS A 498 -39.05 -76.77 -41.54
N ARG A 499 -39.50 -76.25 -40.41
CA ARG A 499 -38.66 -76.18 -39.22
C ARG A 499 -38.53 -77.53 -38.52
N GLU A 500 -39.46 -78.45 -38.75
CA GLU A 500 -39.52 -79.75 -38.07
C GLU A 500 -39.69 -79.55 -36.57
N ASP B 1 -32.16 -72.04 -14.08
CA ASP B 1 -31.05 -71.66 -14.96
C ASP B 1 -31.34 -70.39 -15.75
N GLN B 2 -30.54 -69.34 -15.57
CA GLN B 2 -30.81 -68.08 -16.25
C GLN B 2 -29.51 -67.44 -16.75
N ILE B 3 -29.66 -66.51 -17.71
CA ILE B 3 -28.58 -65.63 -18.17
C ILE B 3 -29.07 -64.18 -18.12
N CYS B 4 -28.17 -63.26 -17.80
CA CYS B 4 -28.53 -61.86 -17.64
C CYS B 4 -27.51 -60.96 -18.34
N ILE B 5 -27.88 -59.69 -18.53
CA ILE B 5 -26.92 -58.68 -18.98
C ILE B 5 -27.00 -57.49 -18.02
N GLY B 6 -25.85 -56.83 -17.85
CA GLY B 6 -25.71 -55.80 -16.82
C GLY B 6 -24.44 -54.98 -17.01
N TYR B 7 -24.46 -53.78 -16.45
CA TYR B 7 -23.36 -52.85 -16.61
C TYR B 7 -22.57 -52.74 -15.31
N HIS B 8 -21.34 -52.26 -15.42
CA HIS B 8 -20.42 -52.24 -14.28
C HIS B 8 -20.82 -51.21 -13.22
N ALA B 9 -20.49 -51.50 -11.96
CA ALA B 9 -20.69 -50.56 -10.84
C ALA B 9 -19.45 -50.51 -9.94
N ASN B 10 -19.16 -49.31 -9.45
CA ASN B 10 -17.92 -48.96 -8.72
C ASN B 10 -18.29 -48.41 -7.35
N ASN B 11 -17.28 -48.06 -6.55
CA ASN B 11 -17.51 -47.26 -5.35
C ASN B 11 -17.37 -45.76 -5.61
N SER B 12 -17.57 -45.31 -6.86
CA SER B 12 -17.34 -43.91 -7.19
C SER B 12 -18.48 -43.04 -6.68
N THR B 13 -18.14 -41.87 -6.16
CA THR B 13 -19.11 -40.88 -5.76
C THR B 13 -19.14 -39.68 -6.69
N GLU B 14 -18.39 -39.72 -7.81
CA GLU B 14 -18.37 -38.59 -8.74
C GLU B 14 -19.74 -38.38 -9.39
N GLN B 15 -20.18 -37.14 -9.44
CA GLN B 15 -21.47 -36.77 -9.98
C GLN B 15 -21.29 -35.86 -11.19
N VAL B 16 -21.99 -36.19 -12.29
CA VAL B 16 -22.05 -35.36 -13.48
C VAL B 16 -23.50 -34.95 -13.70
N ASP B 17 -23.67 -33.86 -14.45
CA ASP B 17 -24.98 -33.38 -14.88
C ASP B 17 -25.15 -33.52 -16.38
N THR B 18 -26.38 -33.76 -16.81
CA THR B 18 -26.69 -33.78 -18.24
C THR B 18 -27.68 -32.66 -18.56
N ILE B 19 -28.06 -32.59 -19.82
CA ILE B 19 -28.95 -31.50 -20.22
C ILE B 19 -30.35 -31.75 -19.68
N MET B 20 -30.75 -33.01 -19.53
CA MET B 20 -32.08 -33.32 -19.07
C MET B 20 -32.11 -33.88 -17.67
N GLU B 21 -30.95 -34.10 -17.05
CA GLU B 21 -30.86 -34.82 -15.79
C GLU B 21 -29.68 -34.31 -15.01
N LYS B 22 -29.85 -34.12 -13.71
CA LYS B 22 -28.81 -33.54 -12.87
C LYS B 22 -28.43 -34.50 -11.75
N ASN B 23 -27.18 -34.39 -11.28
CA ASN B 23 -26.67 -35.19 -10.15
C ASN B 23 -26.75 -36.69 -10.44
N VAL B 24 -26.02 -37.12 -11.46
CA VAL B 24 -26.00 -38.50 -11.92
C VAL B 24 -24.64 -39.10 -11.58
N THR B 25 -24.61 -40.04 -10.64
CA THR B 25 -23.35 -40.66 -10.24
C THR B 25 -22.84 -41.58 -11.33
N VAL B 26 -21.53 -41.53 -11.58
CA VAL B 26 -20.91 -42.31 -12.63
C VAL B 26 -19.73 -43.08 -12.06
N THR B 27 -19.32 -44.14 -12.78
CA THR B 27 -18.18 -44.96 -12.36
C THR B 27 -16.84 -44.29 -12.67
N HIS B 28 -16.80 -43.45 -13.71
CA HIS B 28 -15.60 -42.79 -14.18
C HIS B 28 -16.01 -41.45 -14.76
N ALA B 29 -15.08 -40.49 -14.71
CA ALA B 29 -15.32 -39.14 -15.22
C ALA B 29 -13.98 -38.47 -15.44
N GLN B 30 -14.01 -37.30 -16.07
CA GLN B 30 -12.81 -36.47 -16.21
C GLN B 30 -13.21 -35.01 -16.15
N ASP B 31 -12.39 -34.19 -15.49
CA ASP B 31 -12.57 -32.76 -15.41
C ASP B 31 -11.69 -32.10 -16.47
N ILE B 32 -12.29 -31.28 -17.33
CA ILE B 32 -11.54 -30.67 -18.41
C ILE B 32 -11.21 -29.24 -18.04
N LEU B 33 -11.37 -28.92 -16.76
CA LEU B 33 -11.09 -27.61 -16.21
C LEU B 33 -9.81 -27.68 -15.39
N GLU B 34 -8.79 -26.92 -15.80
CA GLU B 34 -7.58 -26.81 -15.00
C GLU B 34 -7.83 -25.84 -13.85
N LYS B 35 -7.58 -26.32 -12.63
CA LYS B 35 -7.75 -25.52 -11.41
C LYS B 35 -6.46 -25.34 -10.60
N THR B 36 -5.31 -25.80 -11.07
CA THR B 36 -4.10 -25.75 -10.27
C THR B 36 -3.00 -24.99 -10.98
N HIS B 37 -2.20 -24.27 -10.18
CA HIS B 37 -1.04 -23.54 -10.65
C HIS B 37 0.09 -23.75 -9.66
N ASN B 38 1.32 -23.57 -10.15
CA ASN B 38 2.50 -23.93 -9.37
C ASN B 38 2.89 -22.92 -8.32
N GLY B 39 2.18 -21.78 -8.22
CA GLY B 39 2.44 -20.85 -7.14
C GLY B 39 3.72 -20.04 -7.28
N LYS B 40 4.44 -20.19 -8.39
CA LYS B 40 5.68 -19.46 -8.63
C LYS B 40 5.60 -18.66 -9.92
N LEU B 41 6.60 -17.78 -10.11
CA LEU B 41 6.84 -17.10 -11.39
C LEU B 41 7.99 -17.78 -12.13
N CYS B 42 7.80 -18.06 -13.41
CA CYS B 42 8.71 -18.91 -14.15
C CYS B 42 9.16 -18.28 -15.47
N ASP B 43 10.19 -18.90 -16.05
CA ASP B 43 10.60 -18.58 -17.41
C ASP B 43 9.53 -18.99 -18.40
N LEU B 44 9.27 -18.11 -19.36
CA LEU B 44 8.27 -18.35 -20.39
C LEU B 44 8.99 -18.84 -21.65
N ASN B 45 8.80 -20.11 -21.99
CA ASN B 45 9.41 -20.69 -23.18
C ASN B 45 10.92 -20.49 -23.15
N GLY B 46 11.48 -20.50 -21.96
CA GLY B 46 12.91 -20.58 -21.79
C GLY B 46 13.59 -19.29 -21.43
N VAL B 47 12.84 -18.20 -21.38
CA VAL B 47 13.38 -16.88 -21.15
C VAL B 47 12.92 -16.34 -19.82
N LYS B 48 13.87 -15.97 -18.99
CA LYS B 48 13.61 -15.51 -17.66
C LYS B 48 12.92 -14.14 -17.72
N PRO B 49 11.97 -13.89 -16.81
CA PRO B 49 11.40 -12.54 -16.73
C PRO B 49 12.41 -11.55 -16.12
N LEU B 50 12.12 -10.29 -16.35
CA LEU B 50 12.83 -9.19 -15.73
C LEU B 50 12.02 -8.80 -14.49
N ILE B 51 12.57 -9.07 -13.31
CA ILE B 51 11.87 -8.78 -12.06
C ILE B 51 12.45 -7.48 -11.54
N LEU B 52 11.80 -6.35 -11.87
CA LEU B 52 12.08 -5.07 -11.23
C LEU B 52 11.45 -5.12 -9.84
N LYS B 53 12.24 -4.99 -8.81
CA LYS B 53 11.72 -5.28 -7.50
C LYS B 53 11.49 -3.94 -6.81
N ASP B 54 10.22 -3.61 -6.58
CA ASP B 54 9.87 -2.29 -6.00
C ASP B 54 10.44 -1.10 -6.76
N CYS B 55 10.77 -1.30 -8.04
CA CYS B 55 11.10 -0.23 -8.94
C CYS B 55 10.10 -0.25 -10.08
N SER B 56 9.82 0.90 -10.66
CA SER B 56 8.97 1.00 -11.84
C SER B 56 9.85 0.96 -13.10
N VAL B 57 9.22 0.80 -14.29
CA VAL B 57 10.02 0.85 -15.52
C VAL B 57 10.71 2.20 -15.65
N ALA B 58 10.02 3.28 -15.26
CA ALA B 58 10.60 4.62 -15.35
C ALA B 58 11.88 4.74 -14.54
N GLY B 59 11.84 4.35 -13.25
CA GLY B 59 13.03 4.46 -12.41
C GLY B 59 14.13 3.47 -12.74
N TRP B 60 13.80 2.37 -13.40
CA TRP B 60 14.87 1.47 -13.81
C TRP B 60 15.56 2.00 -15.05
N LEU B 61 14.82 2.59 -16.02
CA LEU B 61 15.38 3.10 -17.27
C LEU B 61 16.23 4.33 -17.03
N LEU B 62 15.61 5.36 -16.47
CA LEU B 62 16.40 6.44 -15.90
C LEU B 62 17.18 5.85 -14.73
N GLY B 63 18.29 6.45 -14.38
CA GLY B 63 18.93 5.74 -13.28
C GLY B 63 18.53 5.99 -11.82
N ASN B 64 17.33 5.64 -11.36
CA ASN B 64 16.98 5.93 -9.95
C ASN B 64 18.06 5.38 -9.02
N PRO B 65 18.52 6.13 -8.02
CA PRO B 65 19.65 5.61 -7.21
C PRO B 65 19.28 4.37 -6.42
N MET B 66 17.99 4.07 -6.29
CA MET B 66 17.57 2.98 -5.43
C MET B 66 17.21 1.74 -6.22
N CYS B 67 17.40 1.76 -7.53
CA CYS B 67 17.12 0.69 -8.44
C CYS B 67 18.43 0.03 -8.86
N ASP B 68 18.32 -1.08 -9.59
CA ASP B 68 19.50 -1.85 -9.95
C ASP B 68 20.26 -1.19 -11.09
N GLU B 69 21.56 -0.94 -10.86
CA GLU B 69 22.38 -0.28 -11.88
C GLU B 69 22.53 -1.13 -13.13
N PHE B 70 22.80 -2.41 -12.95
CA PHE B 70 23.21 -3.25 -14.06
C PHE B 70 22.04 -4.07 -14.57
N ILE B 71 22.03 -4.33 -15.87
CA ILE B 71 21.05 -5.22 -16.48
C ILE B 71 21.72 -6.59 -16.46
N ARG B 72 21.30 -7.43 -15.51
CA ARG B 72 21.92 -8.75 -15.39
C ARG B 72 21.69 -9.60 -16.64
N VAL B 73 20.51 -9.50 -17.22
CA VAL B 73 20.07 -10.37 -18.31
C VAL B 73 19.80 -9.53 -19.55
N PRO B 74 20.26 -9.94 -20.74
CA PRO B 74 20.06 -9.11 -21.94
C PRO B 74 18.73 -9.34 -22.63
N GLU B 75 17.91 -10.27 -22.16
CA GLU B 75 16.68 -10.64 -22.83
C GLU B 75 15.66 -10.97 -21.76
N TRP B 76 14.40 -10.69 -22.04
CA TRP B 76 13.41 -11.16 -21.10
C TRP B 76 12.11 -11.44 -21.81
N SER B 77 11.29 -12.27 -21.20
CA SER B 77 10.02 -12.61 -21.84
C SER B 77 8.89 -11.69 -21.40
N TYR B 78 8.89 -11.29 -20.13
CA TYR B 78 7.91 -10.35 -19.59
C TYR B 78 8.58 -9.59 -18.47
N ILE B 79 7.94 -8.50 -18.08
CA ILE B 79 8.38 -7.67 -16.98
C ILE B 79 7.45 -7.94 -15.82
N VAL B 80 8.02 -8.12 -14.63
CA VAL B 80 7.25 -8.21 -13.40
C VAL B 80 7.53 -6.99 -12.56
N GLU B 81 6.44 -6.34 -12.15
CA GLU B 81 6.41 -5.07 -11.45
C GLU B 81 5.46 -5.24 -10.27
N ARG B 82 5.74 -4.57 -9.15
CA ARG B 82 4.78 -4.66 -8.06
C ARG B 82 3.61 -3.71 -8.31
N ALA B 83 2.54 -3.91 -7.52
CA ALA B 83 1.31 -3.16 -7.73
C ALA B 83 1.57 -1.66 -7.67
N ASN B 84 2.20 -1.19 -6.59
CA ASN B 84 2.53 0.23 -6.46
C ASN B 84 4.03 0.40 -6.22
N PRO B 85 4.85 0.31 -7.27
CA PRO B 85 6.30 0.31 -7.07
C PRO B 85 6.77 1.53 -6.30
N ALA B 86 7.74 1.28 -5.42
CA ALA B 86 8.11 2.30 -4.46
C ALA B 86 9.13 3.26 -5.05
N ASN B 87 9.99 2.79 -5.93
CA ASN B 87 11.05 3.60 -6.49
C ASN B 87 10.70 3.81 -7.96
N ASP B 88 10.28 5.02 -8.24
CA ASP B 88 9.86 5.51 -9.52
C ASP B 88 10.39 6.94 -9.46
N LEU B 89 10.35 7.65 -10.58
CA LEU B 89 10.69 9.07 -10.64
C LEU B 89 10.82 9.78 -9.28
N CYS B 90 12.01 9.66 -8.68
CA CYS B 90 12.22 10.27 -7.36
C CYS B 90 12.10 11.78 -7.44
N TYR B 91 12.68 12.40 -8.49
CA TYR B 91 12.37 13.83 -8.71
C TYR B 91 11.02 13.90 -9.41
N PRO B 92 10.10 14.76 -8.97
CA PRO B 92 8.72 14.71 -9.49
C PRO B 92 8.64 15.18 -10.94
N GLY B 93 7.78 14.54 -11.69
CA GLY B 93 7.81 14.74 -13.13
C GLY B 93 7.03 13.65 -13.82
N SER B 94 7.51 13.27 -14.99
CA SER B 94 6.69 12.47 -15.92
C SER B 94 7.57 11.90 -17.01
N LEU B 95 7.15 10.77 -17.57
CA LEU B 95 7.89 10.16 -18.66
C LEU B 95 6.98 9.95 -19.87
N ASN B 96 7.28 10.67 -20.97
CA ASN B 96 6.36 10.70 -22.10
C ASN B 96 6.10 9.32 -22.70
N ASP B 97 4.83 9.10 -23.06
CA ASP B 97 4.41 7.85 -23.66
C ASP B 97 4.80 6.65 -22.83
N TYR B 98 4.59 6.75 -21.49
CA TYR B 98 5.20 5.76 -20.63
C TYR B 98 4.60 4.38 -20.92
N GLU B 99 3.28 4.31 -21.11
CA GLU B 99 2.63 3.01 -21.38
C GLU B 99 3.16 2.40 -22.67
N GLU B 100 3.44 3.22 -23.69
CA GLU B 100 3.97 2.69 -24.93
C GLU B 100 5.42 2.27 -24.77
N LEU B 101 6.21 3.07 -24.03
CA LEU B 101 7.55 2.60 -23.66
C LEU B 101 7.49 1.24 -22.93
N LYS B 102 6.58 1.12 -21.96
CA LYS B 102 6.49 -0.11 -21.20
C LYS B 102 6.16 -1.25 -22.13
N HIS B 103 5.19 -1.04 -23.03
CA HIS B 103 4.83 -2.08 -23.97
C HIS B 103 6.01 -2.42 -24.88
N LEU B 104 6.76 -1.41 -25.30
CA LEU B 104 7.91 -1.67 -26.14
C LEU B 104 8.91 -2.54 -25.41
N LEU B 105 9.21 -2.20 -24.15
CA LEU B 105 10.20 -2.88 -23.31
C LEU B 105 9.71 -4.17 -22.69
N SER B 106 8.46 -4.54 -22.93
CA SER B 106 7.85 -5.66 -22.24
C SER B 106 8.52 -6.98 -22.59
N ARG B 107 8.94 -7.16 -23.85
CA ARG B 107 9.72 -8.33 -24.30
C ARG B 107 10.80 -7.86 -25.26
N ILE B 108 12.06 -8.11 -24.89
CA ILE B 108 13.23 -7.58 -25.57
C ILE B 108 14.19 -8.72 -25.78
N ASN B 109 14.69 -8.84 -27.01
CA ASN B 109 15.67 -9.84 -27.38
C ASN B 109 17.08 -9.43 -26.97
N HIS B 110 17.39 -8.14 -27.00
CA HIS B 110 18.70 -7.69 -26.56
C HIS B 110 18.53 -6.30 -25.96
N PHE B 111 19.03 -6.13 -24.75
CA PHE B 111 19.10 -4.85 -24.07
C PHE B 111 20.52 -4.72 -23.54
N GLU B 112 21.16 -3.59 -23.83
CA GLU B 112 22.55 -3.38 -23.41
C GLU B 112 22.76 -1.88 -23.19
N LYS B 113 23.15 -1.49 -21.98
CA LYS B 113 23.45 -0.09 -21.73
C LYS B 113 24.78 0.26 -22.37
N ILE B 114 24.87 1.49 -22.89
CA ILE B 114 26.10 2.01 -23.46
C ILE B 114 26.19 3.50 -23.15
N LEU B 115 27.42 3.98 -23.03
CA LEU B 115 27.67 5.38 -22.82
C LEU B 115 27.70 6.04 -24.20
N ILE B 116 26.81 7.00 -24.43
CA ILE B 116 26.74 7.71 -25.71
C ILE B 116 27.35 9.10 -25.60
N ILE B 117 27.08 9.81 -24.52
CA ILE B 117 27.62 11.15 -24.36
C ILE B 117 28.35 11.23 -23.03
N PRO B 118 29.67 11.05 -23.05
CA PRO B 118 30.48 11.16 -21.84
C PRO B 118 30.28 12.51 -21.17
N LYS B 119 30.38 12.51 -19.84
CA LYS B 119 30.42 13.75 -19.05
C LYS B 119 31.60 14.65 -19.40
N SER B 120 32.68 14.12 -19.98
CA SER B 120 33.71 14.98 -20.51
C SER B 120 33.20 15.87 -21.65
N SER B 121 32.13 15.48 -22.32
CA SER B 121 31.61 16.19 -23.48
C SER B 121 31.07 17.59 -23.14
N TRP B 122 31.07 18.00 -21.87
CA TRP B 122 30.42 19.22 -21.41
C TRP B 122 31.42 20.13 -20.69
N PRO B 123 32.39 20.67 -21.43
CA PRO B 123 33.49 21.41 -20.79
C PRO B 123 33.09 22.70 -20.13
N ASN B 124 32.18 23.48 -20.72
CA ASN B 124 31.85 24.79 -20.18
C ASN B 124 30.56 24.77 -19.36
N HIS B 125 30.22 23.62 -18.79
CA HIS B 125 29.01 23.44 -18.01
C HIS B 125 29.36 22.63 -16.78
N GLU B 126 28.50 22.72 -15.77
CA GLU B 126 28.74 22.01 -14.53
C GLU B 126 28.04 20.66 -14.58
N THR B 127 28.80 19.61 -14.29
CA THR B 127 28.36 18.22 -14.38
C THR B 127 28.17 17.55 -13.03
N SER B 128 28.45 18.24 -11.93
CA SER B 128 28.55 17.61 -10.63
C SER B 128 27.61 18.18 -9.59
N LEU B 129 26.87 19.24 -9.90
CA LEU B 129 26.00 19.86 -8.92
C LEU B 129 24.56 19.44 -9.06
N GLY B 130 24.28 18.50 -9.94
CA GLY B 130 22.92 18.33 -10.34
C GLY B 130 22.22 17.25 -9.56
N VAL B 131 22.07 17.46 -8.26
CA VAL B 131 21.52 16.48 -7.35
C VAL B 131 20.32 17.09 -6.66
N SER B 132 19.74 16.30 -5.79
CA SER B 132 18.55 16.71 -5.08
C SER B 132 18.32 15.73 -3.95
N ALA B 133 17.88 16.26 -2.79
CA ALA B 133 17.33 15.40 -1.76
C ALA B 133 16.26 14.45 -2.27
N ALA B 134 15.43 14.86 -3.23
CA ALA B 134 14.36 13.98 -3.67
C ALA B 134 14.91 12.68 -4.22
N CYS B 135 16.14 12.68 -4.74
CA CYS B 135 16.84 11.49 -5.23
C CYS B 135 18.02 11.19 -4.34
N PRO B 136 17.83 10.56 -3.24
CA PRO B 136 18.93 10.34 -2.31
C PRO B 136 19.69 9.03 -2.53
N TYR B 137 20.96 8.97 -2.13
CA TYR B 137 21.76 7.75 -2.23
C TYR B 137 22.73 7.67 -1.07
N GLN B 138 22.60 6.65 -0.21
CA GLN B 138 23.50 6.44 0.94
C GLN B 138 23.62 7.68 1.83
N GLY B 139 22.48 8.28 2.14
CA GLY B 139 22.48 9.42 3.02
C GLY B 139 22.78 10.75 2.38
N ALA B 140 22.96 10.80 1.08
CA ALA B 140 23.35 12.04 0.43
C ALA B 140 22.49 12.30 -0.80
N PRO B 141 22.28 13.56 -1.13
CA PRO B 141 21.52 13.87 -2.34
C PRO B 141 22.25 13.39 -3.56
N SER B 142 21.48 12.82 -4.49
CA SER B 142 21.94 12.22 -5.74
C SER B 142 20.95 12.57 -6.84
N PHE B 143 20.87 11.72 -7.85
CA PHE B 143 20.02 11.97 -9.01
C PHE B 143 20.06 10.73 -9.88
N PHE B 144 19.27 10.74 -10.94
CA PHE B 144 19.20 9.63 -11.86
C PHE B 144 20.57 9.38 -12.49
N ARG B 145 20.99 8.11 -12.56
CA ARG B 145 22.34 7.79 -12.99
C ARG B 145 22.52 7.83 -14.49
N ASN B 146 21.46 7.68 -15.27
CA ASN B 146 21.66 7.58 -16.70
C ASN B 146 21.50 8.88 -17.45
N VAL B 147 21.24 10.00 -16.76
CA VAL B 147 21.19 11.30 -17.41
C VAL B 147 21.96 12.26 -16.52
N VAL B 148 22.21 13.46 -17.04
CA VAL B 148 23.01 14.49 -16.39
C VAL B 148 22.14 15.75 -16.29
N TRP B 149 22.08 16.35 -15.11
CA TRP B 149 21.40 17.62 -14.90
C TRP B 149 22.45 18.73 -14.96
N LEU B 150 22.71 19.27 -16.16
CA LEU B 150 23.71 20.33 -16.33
C LEU B 150 23.25 21.65 -15.71
N ILE B 151 24.20 22.34 -15.07
CA ILE B 151 24.00 23.60 -14.35
C ILE B 151 25.01 24.62 -14.87
N LYS B 152 24.80 25.88 -14.51
CA LYS B 152 25.65 26.94 -15.04
C LYS B 152 27.07 26.77 -14.50
N LYS B 153 28.05 27.25 -15.27
CA LYS B 153 29.46 27.25 -14.88
C LYS B 153 30.00 28.68 -15.02
N ASN B 154 30.58 29.19 -13.94
CA ASN B 154 31.04 30.58 -13.89
C ASN B 154 29.92 31.54 -14.26
N ASP B 155 28.73 31.35 -13.68
CA ASP B 155 27.57 32.22 -13.98
C ASP B 155 27.33 32.39 -15.46
N ALA B 156 27.50 31.32 -16.23
CA ALA B 156 27.23 31.36 -17.66
C ALA B 156 26.88 29.95 -18.11
N TYR B 157 25.92 29.87 -19.03
CA TYR B 157 25.41 28.63 -19.61
C TYR B 157 25.45 28.76 -21.12
N PRO B 158 26.57 28.40 -21.72
CA PRO B 158 26.70 28.53 -23.17
C PRO B 158 25.74 27.59 -23.86
N THR B 159 25.20 28.07 -24.98
CA THR B 159 24.22 27.30 -25.71
C THR B 159 24.84 26.01 -26.21
N ILE B 160 24.25 24.90 -25.82
CA ILE B 160 24.74 23.57 -26.12
C ILE B 160 24.31 23.21 -27.52
N LYS B 161 25.24 22.61 -28.29
CA LYS B 161 24.92 22.00 -29.59
C LYS B 161 25.77 20.74 -29.70
N ILE B 162 25.13 19.56 -29.51
CA ILE B 162 25.78 18.25 -29.53
C ILE B 162 25.03 17.29 -30.47
N SER B 163 25.77 16.40 -31.15
CA SER B 163 25.14 15.40 -32.01
C SER B 163 25.68 14.02 -31.65
N TYR B 164 24.82 12.99 -31.76
CA TYR B 164 25.24 11.60 -31.61
C TYR B 164 24.75 10.79 -32.81
N ASN B 165 25.68 10.24 -33.58
CA ASN B 165 25.39 9.34 -34.71
C ASN B 165 25.42 7.91 -34.17
N ASN B 166 24.32 7.19 -34.36
CA ASN B 166 24.22 5.76 -34.05
C ASN B 166 25.03 4.91 -34.98
N THR B 167 26.15 4.42 -34.48
CA THR B 167 27.03 3.56 -35.24
C THR B 167 27.00 2.14 -34.67
N ASN B 168 25.94 1.79 -33.96
CA ASN B 168 25.84 0.51 -33.27
C ASN B 168 25.10 -0.59 -34.02
N ARG B 169 24.62 -0.34 -35.23
CA ARG B 169 23.98 -1.38 -36.04
C ARG B 169 22.67 -1.92 -35.43
N GLU B 170 22.32 -1.46 -34.22
CA GLU B 170 21.05 -1.76 -33.54
C GLU B 170 20.39 -0.49 -33.04
N ASP B 171 19.06 -0.52 -32.92
CA ASP B 171 18.38 0.68 -32.47
C ASP B 171 18.82 1.07 -31.08
N LEU B 172 18.72 2.36 -30.78
CA LEU B 172 19.14 2.92 -29.50
C LEU B 172 17.93 3.57 -28.87
N LEU B 173 17.67 3.26 -27.61
CA LEU B 173 16.70 4.02 -26.84
C LEU B 173 17.44 5.15 -26.12
N ILE B 174 17.15 6.40 -26.48
CA ILE B 174 17.78 7.59 -25.88
C ILE B 174 16.72 8.37 -25.08
N LEU B 175 17.07 8.79 -23.86
CA LEU B 175 16.17 9.57 -23.01
C LEU B 175 16.83 10.91 -22.65
N TRP B 176 16.04 11.98 -22.62
CA TRP B 176 16.48 13.32 -22.17
C TRP B 176 15.38 13.89 -21.28
N GLY B 177 15.51 15.12 -20.85
CA GLY B 177 14.40 15.70 -20.15
C GLY B 177 14.54 17.19 -20.02
N ILE B 178 13.49 17.81 -19.54
CA ILE B 178 13.37 19.24 -19.33
C ILE B 178 13.08 19.47 -17.85
N HIS B 179 13.79 20.44 -17.24
CA HIS B 179 13.57 20.83 -15.85
C HIS B 179 12.70 22.09 -15.77
N HIS B 180 11.58 22.00 -15.05
CA HIS B 180 10.69 23.14 -14.85
C HIS B 180 11.10 23.84 -13.56
N SER B 181 11.78 25.00 -13.70
CA SER B 181 12.11 25.94 -12.63
C SER B 181 10.84 26.39 -11.90
N ASN B 182 11.04 26.98 -10.72
CA ASN B 182 9.92 27.41 -9.88
C ASN B 182 9.68 28.91 -9.92
N ASN B 183 10.69 29.70 -10.26
CA ASN B 183 10.50 31.12 -10.28
C ASN B 183 11.71 31.67 -11.03
N ALA B 184 11.61 32.94 -11.41
CA ALA B 184 12.64 33.53 -12.26
C ALA B 184 13.98 33.58 -11.56
N GLU B 185 13.99 33.66 -10.21
CA GLU B 185 15.25 33.61 -9.46
C GLU B 185 15.88 32.23 -9.49
N GLU B 186 15.08 31.18 -9.26
CA GLU B 186 15.63 29.82 -9.36
C GLU B 186 16.23 29.63 -10.73
N GLN B 187 15.52 30.07 -11.77
CA GLN B 187 15.97 29.86 -13.14
C GLN B 187 17.35 30.46 -13.35
N THR B 188 17.56 31.74 -13.01
CA THR B 188 18.88 32.32 -13.26
C THR B 188 19.93 31.69 -12.34
N ASN B 189 19.50 31.17 -11.17
CA ASN B 189 20.46 30.57 -10.24
C ASN B 189 21.03 29.29 -10.82
N LEU B 190 20.19 28.47 -11.46
CA LEU B 190 20.70 27.22 -12.02
C LEU B 190 21.26 27.38 -13.44
N TYR B 191 20.61 28.22 -14.26
CA TYR B 191 20.98 28.48 -15.66
C TYR B 191 20.90 29.99 -15.82
N LYS B 192 22.03 30.70 -15.98
CA LYS B 192 21.94 32.18 -16.01
C LYS B 192 20.80 32.70 -16.90
N ASN B 193 20.47 32.01 -18.03
CA ASN B 193 19.54 32.50 -19.03
C ASN B 193 18.09 32.41 -18.55
N PRO B 194 17.32 33.53 -18.57
CA PRO B 194 15.94 33.51 -18.07
C PRO B 194 14.90 32.87 -19.00
N THR B 195 15.11 32.94 -20.32
CA THR B 195 14.21 32.31 -21.29
C THR B 195 15.01 31.29 -22.08
N THR B 196 14.62 30.02 -21.97
CA THR B 196 15.42 28.88 -22.42
C THR B 196 14.62 27.93 -23.32
N TYR B 197 15.33 27.01 -23.96
CA TYR B 197 14.70 26.10 -24.91
C TYR B 197 15.51 24.81 -25.02
N ILE B 198 14.85 23.79 -25.57
CA ILE B 198 15.48 22.53 -25.91
C ILE B 198 14.97 22.12 -27.27
N SER B 199 15.90 21.84 -28.18
CA SER B 199 15.58 21.45 -29.55
C SER B 199 16.19 20.08 -29.79
N VAL B 200 15.34 19.09 -29.99
CA VAL B 200 15.79 17.76 -30.32
C VAL B 200 15.35 17.42 -31.74
N GLY B 201 16.31 17.02 -32.57
CA GLY B 201 15.97 16.58 -33.92
C GLY B 201 16.68 15.33 -34.44
N THR B 202 15.92 14.39 -34.97
CA THR B 202 16.50 13.25 -35.68
C THR B 202 16.07 13.22 -37.14
N SER B 203 16.12 12.06 -37.78
CA SER B 203 15.47 11.98 -39.08
C SER B 203 13.95 12.02 -38.94
N THR B 204 13.40 11.62 -37.78
CA THR B 204 11.95 11.66 -37.64
C THR B 204 11.50 12.60 -36.55
N LEU B 205 12.38 13.18 -35.77
CA LEU B 205 11.96 13.89 -34.58
C LEU B 205 12.15 15.37 -34.83
N ASN B 206 11.18 16.17 -34.38
CA ASN B 206 11.34 17.62 -34.45
C ASN B 206 10.66 18.22 -33.23
N GLN B 207 11.42 18.37 -32.15
CA GLN B 207 10.90 18.67 -30.83
C GLN B 207 11.45 19.98 -30.29
N ARG B 208 10.58 20.76 -29.66
CA ARG B 208 11.01 21.98 -28.99
C ARG B 208 10.36 22.04 -27.62
N LEU B 209 11.18 22.09 -26.58
CA LEU B 209 10.67 22.05 -25.24
C LEU B 209 10.98 23.37 -24.58
N VAL B 210 10.03 23.89 -23.80
CA VAL B 210 10.25 25.16 -23.13
C VAL B 210 9.80 25.00 -21.69
N PRO B 211 10.59 25.46 -20.73
CA PRO B 211 10.21 25.27 -19.32
C PRO B 211 8.92 26.01 -18.99
N LYS B 212 8.26 25.52 -17.94
CA LYS B 212 7.02 26.09 -17.43
C LYS B 212 7.30 26.57 -16.01
N ILE B 213 7.81 27.80 -15.89
CA ILE B 213 8.10 28.41 -14.59
C ILE B 213 6.78 28.83 -13.93
N ALA B 214 6.34 28.09 -12.90
CA ALA B 214 5.01 28.29 -12.32
C ALA B 214 4.93 27.65 -10.93
N THR B 215 3.97 28.12 -10.14
CA THR B 215 3.77 27.58 -8.79
C THR B 215 3.08 26.22 -8.80
N ARG B 216 3.78 25.21 -8.29
CA ARG B 216 3.21 23.86 -8.21
C ARG B 216 3.22 23.37 -6.76
N SER B 217 2.58 22.23 -6.54
CA SER B 217 2.53 21.67 -5.20
C SER B 217 3.72 20.76 -4.97
N GLN B 218 4.20 20.77 -3.72
CA GLN B 218 5.35 19.98 -3.32
C GLN B 218 5.04 18.50 -3.46
N VAL B 219 5.91 17.80 -4.19
CA VAL B 219 5.97 16.35 -4.28
C VAL B 219 7.37 15.92 -3.94
N ASN B 220 7.50 14.89 -3.10
CA ASN B 220 8.82 14.48 -2.57
C ASN B 220 9.63 15.72 -2.14
N GLY B 221 8.94 16.74 -1.60
CA GLY B 221 9.55 17.97 -1.16
C GLY B 221 10.07 18.91 -2.23
N GLN B 222 9.70 18.72 -3.49
CA GLN B 222 10.10 19.61 -4.57
C GLN B 222 8.85 20.21 -5.20
N ARG B 223 8.94 21.47 -5.59
CA ARG B 223 7.88 22.03 -6.41
C ARG B 223 8.29 22.05 -7.86
N GLY B 224 9.55 21.80 -8.15
CA GLY B 224 9.98 21.61 -9.51
C GLY B 224 9.54 20.28 -10.08
N ARG B 225 9.56 20.22 -11.41
CA ARG B 225 9.12 19.05 -12.15
C ARG B 225 10.16 18.72 -13.21
N MET B 226 10.24 17.44 -13.54
CA MET B 226 11.14 17.04 -14.59
C MET B 226 10.36 16.12 -15.53
N ASP B 227 10.14 16.61 -16.76
CA ASP B 227 9.49 15.84 -17.82
C ASP B 227 10.57 15.20 -18.70
N PHE B 228 10.53 13.86 -18.79
CA PHE B 228 11.48 13.07 -19.58
C PHE B 228 10.84 12.59 -20.88
N PHE B 229 11.67 12.51 -21.93
CA PHE B 229 11.21 12.07 -23.24
C PHE B 229 12.15 11.00 -23.80
N TRP B 230 11.67 10.30 -24.83
CA TRP B 230 12.50 9.26 -25.40
C TRP B 230 12.29 9.11 -26.90
N THR B 231 13.11 8.25 -27.46
CA THR B 231 13.11 8.06 -28.90
C THR B 231 13.98 6.84 -29.20
N ILE B 232 13.83 6.36 -30.43
CA ILE B 232 14.54 5.18 -30.91
C ILE B 232 15.32 5.62 -32.14
N LEU B 233 16.61 5.89 -31.94
CA LEU B 233 17.52 6.29 -33.02
C LEU B 233 17.90 5.11 -33.89
N LYS B 234 17.55 5.17 -35.17
CA LYS B 234 17.79 4.02 -36.07
C LYS B 234 19.28 3.83 -36.37
N PRO B 235 19.69 2.63 -36.81
CA PRO B 235 21.12 2.32 -36.89
C PRO B 235 22.05 3.17 -37.76
N ASP B 236 21.59 4.23 -38.42
CA ASP B 236 22.56 5.16 -39.04
C ASP B 236 22.06 6.59 -39.04
N ASP B 237 21.31 6.94 -38.01
CA ASP B 237 20.75 8.27 -37.91
C ASP B 237 21.45 8.99 -36.76
N ALA B 238 21.31 10.30 -36.69
CA ALA B 238 21.96 11.05 -35.62
C ALA B 238 20.90 11.85 -34.88
N ILE B 239 21.14 12.07 -33.59
CA ILE B 239 20.27 12.89 -32.76
C ILE B 239 21.03 14.15 -32.46
N HIS B 240 20.35 15.29 -32.62
CA HIS B 240 20.95 16.61 -32.50
C HIS B 240 20.22 17.33 -31.38
N PHE B 241 20.96 17.69 -30.32
CA PHE B 241 20.45 18.45 -29.19
C PHE B 241 20.97 19.88 -29.27
N GLU B 242 20.13 20.82 -28.84
CA GLU B 242 20.50 22.22 -28.72
C GLU B 242 19.73 22.83 -27.57
N SER B 243 20.42 23.49 -26.64
CA SER B 243 19.72 24.03 -25.49
C SER B 243 20.53 25.14 -24.89
N ASN B 244 19.85 26.01 -24.16
CA ASN B 244 20.56 27.05 -23.43
C ASN B 244 20.07 27.09 -21.99
N GLY B 245 19.41 26.04 -21.53
CA GLY B 245 19.14 25.84 -20.13
C GLY B 245 18.11 24.76 -19.90
N ASN B 246 17.96 24.38 -18.63
CA ASN B 246 16.92 23.44 -18.27
C ASN B 246 17.08 22.08 -18.93
N PHE B 247 18.30 21.76 -19.38
CA PHE B 247 18.55 20.54 -20.14
C PHE B 247 19.03 19.44 -19.19
N ILE B 248 18.21 18.39 -19.03
CA ILE B 248 18.61 17.08 -18.47
C ILE B 248 19.12 16.25 -19.64
N ALA B 249 20.45 16.17 -19.78
CA ALA B 249 21.06 15.62 -20.99
C ALA B 249 21.19 14.10 -20.90
N PRO B 250 21.26 13.39 -22.03
CA PRO B 250 21.47 11.95 -21.94
C PRO B 250 22.95 11.67 -21.72
N GLU B 251 23.23 10.71 -20.83
CA GLU B 251 24.56 10.16 -20.63
C GLU B 251 24.66 8.72 -21.12
N TYR B 252 23.78 7.85 -20.64
CA TYR B 252 23.72 6.46 -21.10
C TYR B 252 22.48 6.27 -21.96
N ALA B 253 22.54 5.30 -22.86
CA ALA B 253 21.39 4.89 -23.65
C ALA B 253 21.30 3.36 -23.65
N TYR B 254 20.32 2.81 -24.34
CA TYR B 254 20.20 1.36 -24.37
C TYR B 254 20.11 0.90 -25.82
N LYS B 255 20.91 -0.11 -26.18
CA LYS B 255 20.76 -0.81 -27.45
C LYS B 255 19.62 -1.80 -27.33
N ILE B 256 18.57 -1.61 -28.14
CA ILE B 256 17.38 -2.45 -28.10
C ILE B 256 17.33 -3.32 -29.35
N VAL B 257 16.96 -4.56 -29.17
CA VAL B 257 16.58 -5.42 -30.28
C VAL B 257 15.24 -6.03 -29.93
N LYS B 258 14.20 -5.69 -30.70
CA LYS B 258 12.86 -6.13 -30.36
C LYS B 258 12.30 -7.03 -31.44
N LYS B 259 11.77 -8.20 -31.02
CA LYS B 259 11.16 -9.16 -31.95
C LYS B 259 9.81 -9.69 -31.48
N GLY B 260 9.32 -9.33 -30.29
CA GLY B 260 8.04 -9.81 -29.77
C GLY B 260 7.52 -8.87 -28.72
N ASP B 261 6.25 -9.09 -28.31
CA ASP B 261 5.58 -8.29 -27.30
C ASP B 261 4.95 -9.21 -26.26
N SER B 262 4.60 -8.65 -25.10
CA SER B 262 4.19 -9.43 -23.92
C SER B 262 4.14 -8.51 -22.75
N THR B 263 2.95 -8.12 -22.38
CA THR B 263 2.71 -7.03 -21.43
C THR B 263 3.50 -7.20 -20.08
N ILE B 264 3.47 -6.12 -19.30
CA ILE B 264 4.00 -6.04 -17.94
C ILE B 264 3.08 -6.77 -16.96
N MET B 265 3.61 -7.77 -16.24
CA MET B 265 2.81 -8.45 -15.22
C MET B 265 2.97 -7.74 -13.89
N LYS B 266 1.88 -7.66 -13.12
CA LYS B 266 1.94 -7.05 -11.77
C LYS B 266 1.68 -8.21 -10.84
N SER B 267 2.74 -8.64 -10.15
CA SER B 267 2.69 -9.73 -9.20
C SER B 267 3.69 -9.47 -8.09
N GLY B 268 3.49 -10.15 -6.97
CA GLY B 268 4.52 -10.14 -5.95
C GLY B 268 5.03 -11.54 -5.64
N VAL B 269 4.67 -12.50 -6.51
CA VAL B 269 5.13 -13.87 -6.30
C VAL B 269 6.61 -13.95 -6.60
N GLU B 270 7.29 -14.86 -5.93
CA GLU B 270 8.72 -15.00 -6.07
C GLU B 270 9.03 -15.83 -7.31
N TYR B 271 10.25 -15.70 -7.81
CA TYR B 271 10.63 -16.39 -9.05
C TYR B 271 11.16 -17.78 -8.70
N GLY B 272 10.37 -18.84 -8.91
CA GLY B 272 10.90 -20.19 -8.83
C GLY B 272 11.68 -20.50 -10.09
N HIS B 273 12.62 -21.43 -10.02
CA HIS B 273 13.48 -21.59 -11.18
C HIS B 273 12.89 -22.66 -12.10
N CYS B 274 11.83 -22.24 -12.79
CA CYS B 274 10.98 -23.14 -13.57
C CYS B 274 10.76 -22.55 -14.93
N ASN B 275 10.22 -23.38 -15.82
CA ASN B 275 9.84 -22.98 -17.17
C ASN B 275 8.35 -23.23 -17.36
N THR B 276 7.72 -22.41 -18.19
CA THR B 276 6.32 -22.61 -18.44
C THR B 276 5.95 -22.04 -19.78
N LYS B 277 4.95 -22.65 -20.41
CA LYS B 277 4.36 -22.05 -21.58
C LYS B 277 3.23 -21.08 -21.23
N CYS B 278 2.80 -21.06 -19.96
CA CYS B 278 1.65 -20.26 -19.53
C CYS B 278 1.90 -19.72 -18.14
N GLN B 279 1.86 -18.38 -17.98
CA GLN B 279 2.17 -17.73 -16.70
C GLN B 279 1.05 -16.80 -16.29
N THR B 280 0.63 -16.90 -15.02
CA THR B 280 -0.36 -16.02 -14.43
C THR B 280 0.29 -15.25 -13.28
N PRO B 281 -0.38 -14.23 -12.73
CA PRO B 281 0.25 -13.45 -11.64
C PRO B 281 0.24 -14.21 -10.33
N VAL B 282 -0.55 -15.28 -10.23
CA VAL B 282 -0.56 -16.10 -9.03
C VAL B 282 0.35 -17.31 -9.18
N GLY B 283 0.44 -17.87 -10.39
CA GLY B 283 1.35 -18.98 -10.60
C GLY B 283 1.43 -19.32 -12.07
N ALA B 284 2.10 -20.41 -12.36
CA ALA B 284 2.24 -20.89 -13.72
C ALA B 284 1.34 -22.11 -13.92
N ILE B 285 0.90 -22.33 -15.15
CA ILE B 285 -0.01 -23.43 -15.51
C ILE B 285 0.74 -24.43 -16.38
N ASN B 286 0.71 -25.71 -15.98
CA ASN B 286 1.34 -26.79 -16.76
C ASN B 286 0.20 -27.74 -17.03
N SER B 287 -0.47 -27.51 -18.17
CA SER B 287 -1.71 -28.20 -18.46
C SER B 287 -1.91 -28.27 -19.97
N SER B 288 -2.75 -29.23 -20.37
CA SER B 288 -3.21 -29.38 -21.75
C SER B 288 -4.72 -29.28 -21.85
N MET B 289 -5.39 -28.92 -20.76
CA MET B 289 -6.84 -28.86 -20.77
C MET B 289 -7.30 -27.61 -21.51
N PRO B 290 -8.52 -27.62 -22.06
CA PRO B 290 -8.99 -26.44 -22.80
C PRO B 290 -9.29 -25.21 -21.93
N PHE B 291 -9.70 -25.40 -20.68
CA PHE B 291 -10.26 -24.31 -19.88
C PHE B 291 -9.63 -24.26 -18.50
N HIS B 292 -9.67 -23.07 -17.92
CA HIS B 292 -9.05 -22.86 -16.62
C HIS B 292 -9.81 -21.76 -15.90
N ASN B 293 -9.56 -21.65 -14.57
CA ASN B 293 -10.14 -20.57 -13.79
C ASN B 293 -9.13 -20.01 -12.81
N ILE B 294 -7.85 -19.98 -13.20
CA ILE B 294 -6.82 -19.52 -12.28
C ILE B 294 -6.85 -18.01 -12.16
N HIS B 295 -6.63 -17.31 -13.28
CA HIS B 295 -6.49 -15.86 -13.25
C HIS B 295 -6.83 -15.34 -14.64
N PRO B 296 -7.44 -14.17 -14.73
CA PRO B 296 -7.71 -13.56 -16.04
C PRO B 296 -6.45 -13.21 -16.81
N LEU B 297 -5.44 -12.66 -16.14
CA LEU B 297 -4.36 -11.94 -16.80
C LEU B 297 -3.18 -12.86 -17.04
N THR B 298 -3.36 -13.78 -17.97
CA THR B 298 -2.31 -14.72 -18.29
C THR B 298 -1.37 -14.13 -19.36
N ILE B 299 -0.28 -14.87 -19.62
CA ILE B 299 0.72 -14.63 -20.66
C ILE B 299 1.19 -15.99 -21.18
N GLY B 300 1.11 -16.21 -22.50
CA GLY B 300 1.53 -17.47 -23.12
C GLY B 300 0.37 -18.21 -23.78
N GLU B 301 0.69 -19.43 -24.22
CA GLU B 301 -0.24 -20.40 -24.79
C GLU B 301 -1.04 -21.00 -23.64
N CYS B 302 -2.11 -20.32 -23.23
CA CYS B 302 -2.89 -20.67 -22.06
C CYS B 302 -4.27 -21.25 -22.41
N PRO B 303 -4.85 -22.03 -21.50
CA PRO B 303 -6.27 -22.43 -21.62
C PRO B 303 -7.20 -21.22 -21.60
N LYS B 304 -8.47 -21.46 -21.96
CA LYS B 304 -9.45 -20.38 -22.00
C LYS B 304 -10.00 -20.20 -20.59
N TYR B 305 -9.98 -18.95 -20.11
CA TYR B 305 -10.51 -18.61 -18.79
C TYR B 305 -12.03 -18.61 -18.83
N VAL B 306 -12.64 -19.28 -17.85
CA VAL B 306 -14.09 -19.38 -17.76
C VAL B 306 -14.49 -19.17 -16.32
N LYS B 307 -15.76 -18.85 -16.14
CA LYS B 307 -16.36 -18.68 -14.81
C LYS B 307 -17.08 -19.96 -14.39
N SER B 308 -16.28 -21.02 -14.19
CA SER B 308 -16.81 -22.32 -13.80
C SER B 308 -15.98 -22.92 -12.69
N ASN B 309 -16.65 -23.59 -11.74
CA ASN B 309 -15.93 -24.24 -10.66
C ASN B 309 -15.44 -25.63 -11.03
N LYS B 310 -16.06 -26.23 -12.04
CA LYS B 310 -15.79 -27.59 -12.49
C LYS B 310 -16.51 -27.79 -13.82
N LEU B 311 -15.84 -28.54 -14.70
CA LEU B 311 -16.36 -28.95 -16.01
C LEU B 311 -16.09 -30.45 -16.10
N VAL B 312 -16.98 -31.28 -15.55
CA VAL B 312 -16.73 -32.71 -15.45
C VAL B 312 -17.46 -33.44 -16.58
N LEU B 313 -16.73 -34.29 -17.28
CA LEU B 313 -17.22 -35.06 -18.41
C LEU B 313 -17.37 -36.51 -17.97
N ALA B 314 -18.59 -37.03 -18.08
CA ALA B 314 -18.85 -38.42 -17.76
C ALA B 314 -18.16 -39.33 -18.77
N THR B 315 -17.34 -40.26 -18.30
CA THR B 315 -16.73 -41.24 -19.21
C THR B 315 -17.11 -42.66 -18.86
N GLY B 316 -18.00 -42.87 -17.89
CA GLY B 316 -18.35 -44.21 -17.44
C GLY B 316 -19.85 -44.46 -17.40
N LEU B 317 -20.30 -45.49 -16.69
CA LEU B 317 -21.72 -45.83 -16.63
C LEU B 317 -22.37 -45.25 -15.38
N ARG B 318 -23.70 -45.24 -15.38
CA ARG B 318 -24.44 -44.75 -14.22
C ARG B 318 -24.25 -45.72 -13.05
N ASN B 319 -24.01 -45.17 -11.87
CA ASN B 319 -23.61 -45.99 -10.74
C ASN B 319 -24.80 -46.30 -9.83
N SER B 320 -24.78 -47.47 -9.22
CA SER B 320 -25.83 -47.86 -8.27
C SER B 320 -25.32 -47.91 -6.82
N GLY B 337 -34.82 -50.52 -12.36
CA GLY B 337 -34.93 -50.25 -13.78
C GLY B 337 -35.11 -51.51 -14.61
N PHE B 338 -35.01 -51.36 -15.94
CA PHE B 338 -35.15 -52.50 -16.83
C PHE B 338 -33.99 -53.50 -16.64
N ILE B 339 -32.75 -53.00 -16.60
CA ILE B 339 -31.62 -53.83 -16.20
C ILE B 339 -31.54 -53.97 -14.68
N GLU B 340 -32.45 -53.35 -13.94
CA GLU B 340 -32.53 -53.43 -12.47
C GLU B 340 -31.27 -52.87 -11.78
N GLY B 341 -30.49 -52.05 -12.47
CA GLY B 341 -29.31 -51.42 -11.92
C GLY B 341 -28.03 -52.01 -12.47
N GLY B 342 -26.92 -51.60 -11.84
CA GLY B 342 -25.60 -52.09 -12.21
C GLY B 342 -25.07 -53.19 -11.31
N TRP B 343 -24.07 -53.90 -11.83
CA TRP B 343 -23.45 -55.03 -11.12
C TRP B 343 -22.17 -54.56 -10.44
N GLN B 344 -22.22 -54.42 -9.12
CA GLN B 344 -21.00 -54.10 -8.37
C GLN B 344 -20.05 -55.30 -8.33
N GLY B 345 -20.57 -56.53 -8.59
CA GLY B 345 -19.81 -57.76 -8.70
C GLY B 345 -19.00 -57.91 -9.97
N MET B 346 -19.29 -57.08 -10.98
CA MET B 346 -18.52 -57.07 -12.20
C MET B 346 -17.20 -56.32 -11.99
N VAL B 347 -16.10 -56.99 -12.33
CA VAL B 347 -14.78 -56.45 -12.04
C VAL B 347 -13.92 -56.26 -13.29
N ASP B 348 -14.22 -56.94 -14.40
CA ASP B 348 -13.29 -57.00 -15.53
C ASP B 348 -13.88 -56.43 -16.81
N GLY B 349 -14.78 -55.48 -16.70
CA GLY B 349 -15.28 -54.81 -17.89
C GLY B 349 -16.45 -53.91 -17.53
N TRP B 350 -16.94 -53.22 -18.55
CA TRP B 350 -18.07 -52.32 -18.42
C TRP B 350 -19.41 -52.94 -18.80
N TYR B 351 -19.42 -53.84 -19.78
CA TYR B 351 -20.60 -54.59 -20.17
C TYR B 351 -20.35 -56.06 -19.90
N GLY B 352 -21.35 -56.75 -19.32
CA GLY B 352 -21.12 -58.14 -18.97
C GLY B 352 -22.38 -58.98 -18.92
N TYR B 353 -22.15 -60.29 -18.69
CA TYR B 353 -23.17 -61.33 -18.60
C TYR B 353 -23.15 -61.95 -17.21
N HIS B 354 -24.17 -62.78 -16.92
CA HIS B 354 -24.28 -63.48 -15.64
C HIS B 354 -24.63 -64.93 -15.91
N HIS B 355 -23.75 -65.86 -15.53
CA HIS B 355 -24.04 -67.28 -15.59
C HIS B 355 -24.72 -67.66 -14.29
N SER B 356 -25.90 -68.23 -14.39
CA SER B 356 -26.61 -68.79 -13.23
C SER B 356 -26.94 -70.24 -13.59
N ASN B 357 -26.02 -71.14 -13.26
CA ASN B 357 -26.12 -72.54 -13.65
C ASN B 357 -25.88 -73.42 -12.43
N GLU B 358 -26.46 -74.62 -12.47
CA GLU B 358 -26.18 -75.61 -11.43
C GLU B 358 -24.72 -76.02 -11.44
N GLN B 359 -24.09 -75.98 -12.62
CA GLN B 359 -22.66 -76.27 -12.71
C GLN B 359 -21.81 -75.19 -12.04
N GLY B 360 -22.18 -73.92 -12.23
CA GLY B 360 -21.44 -72.82 -11.62
C GLY B 360 -22.13 -71.50 -11.88
N SER B 361 -21.84 -70.52 -11.01
CA SER B 361 -22.38 -69.17 -11.16
C SER B 361 -21.28 -68.12 -11.08
N GLY B 362 -21.36 -67.11 -11.94
CA GLY B 362 -20.32 -66.10 -11.94
C GLY B 362 -20.62 -65.00 -12.93
N TYR B 363 -19.69 -64.06 -13.01
CA TYR B 363 -19.76 -62.89 -13.89
C TYR B 363 -18.72 -63.01 -15.00
N ALA B 364 -19.10 -62.54 -16.19
CA ALA B 364 -18.20 -62.47 -17.34
C ALA B 364 -18.43 -61.15 -18.09
N ALA B 365 -17.38 -60.70 -18.78
CA ALA B 365 -17.37 -59.39 -19.40
C ALA B 365 -17.21 -59.53 -20.91
N ASP B 366 -17.89 -58.65 -21.66
CA ASP B 366 -17.73 -58.64 -23.11
C ASP B 366 -16.46 -57.86 -23.45
N LYS B 367 -15.43 -58.57 -23.92
CA LYS B 367 -14.12 -57.96 -24.10
C LYS B 367 -14.13 -56.90 -25.20
N GLU B 368 -14.78 -57.19 -26.33
CA GLU B 368 -14.75 -56.27 -27.45
C GLU B 368 -15.73 -55.13 -27.25
N SER B 369 -16.93 -55.44 -26.73
CA SER B 369 -17.95 -54.40 -26.56
C SER B 369 -17.46 -53.35 -25.57
N THR B 370 -16.79 -53.77 -24.50
CA THR B 370 -16.25 -52.83 -23.52
C THR B 370 -15.14 -51.99 -24.14
N GLN B 371 -14.18 -52.63 -24.81
CA GLN B 371 -13.05 -51.88 -25.34
C GLN B 371 -13.46 -50.91 -26.44
N LYS B 372 -14.51 -51.25 -27.22
CA LYS B 372 -15.02 -50.32 -28.21
C LYS B 372 -15.57 -49.06 -27.57
N ALA B 373 -16.15 -49.19 -26.37
CA ALA B 373 -16.69 -48.05 -25.65
C ALA B 373 -15.61 -47.23 -24.96
N ILE B 374 -14.68 -47.87 -24.24
CA ILE B 374 -13.61 -47.10 -23.59
C ILE B 374 -12.75 -46.38 -24.63
N ASP B 375 -12.63 -46.92 -25.84
CA ASP B 375 -11.91 -46.22 -26.88
C ASP B 375 -12.69 -45.01 -27.38
N GLY B 376 -14.02 -45.11 -27.39
CA GLY B 376 -14.83 -44.03 -27.93
C GLY B 376 -14.95 -42.88 -26.95
N VAL B 377 -15.27 -43.18 -25.69
CA VAL B 377 -15.34 -42.11 -24.71
C VAL B 377 -13.97 -41.49 -24.51
N THR B 378 -12.91 -42.28 -24.62
CA THR B 378 -11.57 -41.69 -24.61
C THR B 378 -11.38 -40.78 -25.81
N ASN B 379 -11.86 -41.19 -26.99
CA ASN B 379 -11.79 -40.30 -28.14
C ASN B 379 -12.67 -39.07 -27.97
N LYS B 380 -13.76 -39.20 -27.22
CA LYS B 380 -14.64 -38.05 -26.99
C LYS B 380 -13.95 -37.01 -26.12
N VAL B 381 -13.29 -37.46 -25.05
CA VAL B 381 -12.59 -36.52 -24.17
C VAL B 381 -11.38 -35.94 -24.89
N ASN B 382 -10.62 -36.80 -25.57
CA ASN B 382 -9.43 -36.32 -26.28
C ASN B 382 -9.80 -35.35 -27.39
N SER B 383 -10.91 -35.59 -28.10
CA SER B 383 -11.36 -34.63 -29.11
C SER B 383 -11.64 -33.26 -28.50
N ILE B 384 -12.33 -33.21 -27.37
CA ILE B 384 -12.64 -31.91 -26.79
C ILE B 384 -11.37 -31.20 -26.36
N ILE B 385 -10.38 -31.96 -25.94
CA ILE B 385 -9.14 -31.34 -25.50
C ILE B 385 -8.31 -30.90 -26.69
N ASP B 386 -8.18 -31.77 -27.70
CA ASP B 386 -7.25 -31.52 -28.78
C ASP B 386 -7.73 -30.48 -29.79
N LYS B 387 -9.03 -30.17 -29.83
CA LYS B 387 -9.53 -29.22 -30.83
C LYS B 387 -9.38 -27.76 -30.40
N MET B 388 -8.90 -27.50 -29.17
CA MET B 388 -8.68 -26.16 -28.66
C MET B 388 -7.37 -25.59 -29.25
N ASN B 389 -7.49 -24.41 -29.87
CA ASN B 389 -6.36 -23.63 -30.39
C ASN B 389 -5.85 -22.71 -29.30
N THR B 390 -4.55 -22.77 -29.04
CA THR B 390 -3.92 -21.91 -28.05
C THR B 390 -3.00 -20.96 -28.79
N GLN B 391 -3.34 -19.69 -28.74
CA GLN B 391 -2.52 -18.66 -29.33
C GLN B 391 -1.78 -17.90 -28.24
N PHE B 392 -0.53 -17.54 -28.52
CA PHE B 392 0.19 -16.70 -27.56
C PHE B 392 -0.54 -15.38 -27.40
N GLU B 393 -0.95 -15.09 -26.17
CA GLU B 393 -1.64 -13.84 -25.85
C GLU B 393 -1.15 -13.36 -24.50
N ALA B 394 -0.81 -12.06 -24.42
CA ALA B 394 -0.41 -11.39 -23.18
C ALA B 394 -1.50 -10.43 -22.76
N VAL B 395 -2.20 -10.80 -21.70
CA VAL B 395 -3.33 -10.04 -21.19
C VAL B 395 -2.80 -9.13 -20.07
N GLY B 396 -2.89 -7.83 -20.28
CA GLY B 396 -2.42 -6.89 -19.28
C GLY B 396 -3.18 -5.60 -19.46
N ARG B 397 -3.14 -4.79 -18.42
CA ARG B 397 -3.83 -3.51 -18.34
C ARG B 397 -2.81 -2.36 -18.52
N GLU B 398 -2.80 -1.75 -19.69
CA GLU B 398 -1.77 -0.78 -20.08
C GLU B 398 -2.35 0.61 -20.39
N PHE B 399 -3.39 1.05 -19.66
CA PHE B 399 -4.03 2.33 -19.96
C PHE B 399 -4.13 3.21 -18.71
N ASN B 400 -3.76 4.48 -18.83
CA ASN B 400 -3.74 5.45 -17.73
C ASN B 400 -5.11 6.04 -17.46
N ASN B 401 -5.17 7.01 -16.54
CA ASN B 401 -6.42 7.54 -15.99
C ASN B 401 -7.24 8.32 -17.03
N LEU B 402 -6.58 8.92 -18.01
CA LEU B 402 -7.29 9.58 -19.09
C LEU B 402 -7.44 8.67 -20.28
N GLU B 403 -7.35 7.35 -20.09
CA GLU B 403 -7.53 6.34 -21.13
C GLU B 403 -8.52 5.28 -20.69
N ARG B 404 -9.52 5.70 -19.90
CA ARG B 404 -10.48 4.79 -19.27
C ARG B 404 -11.53 4.28 -20.24
N ARG B 405 -11.83 5.03 -21.30
CA ARG B 405 -12.70 4.50 -22.34
C ARG B 405 -12.08 3.29 -23.04
N ILE B 406 -10.83 3.39 -23.49
CA ILE B 406 -10.15 2.25 -24.12
C ILE B 406 -10.04 1.07 -23.15
N GLU B 407 -9.86 1.33 -21.86
CA GLU B 407 -9.88 0.28 -20.85
C GLU B 407 -11.24 -0.41 -20.78
N ASN B 408 -12.32 0.37 -20.91
CA ASN B 408 -13.65 -0.22 -20.95
C ASN B 408 -13.81 -1.14 -22.14
N LEU B 409 -13.25 -0.76 -23.29
CA LEU B 409 -13.33 -1.61 -24.48
C LEU B 409 -12.66 -2.95 -24.21
N ASN B 410 -11.40 -2.91 -23.75
CA ASN B 410 -10.71 -4.13 -23.35
C ASN B 410 -11.53 -4.93 -22.34
N LYS B 411 -12.18 -4.27 -21.38
CA LYS B 411 -12.99 -5.03 -20.42
C LYS B 411 -14.14 -5.74 -21.12
N LYS B 412 -14.91 -5.01 -21.93
CA LYS B 412 -15.99 -5.61 -22.70
C LYS B 412 -15.47 -6.80 -23.51
N MET B 413 -14.30 -6.67 -24.13
CA MET B 413 -13.76 -7.79 -24.89
C MET B 413 -13.46 -8.98 -23.99
N GLU B 414 -12.67 -8.77 -22.92
CA GLU B 414 -12.38 -9.85 -21.97
C GLU B 414 -13.67 -10.47 -21.44
N ASP B 415 -14.64 -9.64 -21.07
CA ASP B 415 -15.86 -10.14 -20.49
C ASP B 415 -16.71 -10.89 -21.51
N GLY B 416 -16.69 -10.49 -22.78
CA GLY B 416 -17.49 -11.19 -23.76
C GLY B 416 -16.97 -12.58 -24.03
N PHE B 417 -15.65 -12.68 -24.26
CA PHE B 417 -15.04 -13.98 -24.48
C PHE B 417 -15.22 -14.86 -23.24
N LEU B 418 -15.17 -14.28 -22.04
CA LEU B 418 -15.44 -15.07 -20.86
C LEU B 418 -16.84 -15.67 -20.95
N ASP B 419 -17.82 -14.86 -21.36
CA ASP B 419 -19.20 -15.32 -21.35
C ASP B 419 -19.43 -16.35 -22.46
N VAL B 420 -18.71 -16.21 -23.59
CA VAL B 420 -18.81 -17.20 -24.67
C VAL B 420 -18.19 -18.52 -24.22
N TRP B 421 -16.95 -18.49 -23.72
CA TRP B 421 -16.25 -19.74 -23.39
C TRP B 421 -16.94 -20.47 -22.24
N THR B 422 -17.48 -19.73 -21.27
CA THR B 422 -18.21 -20.38 -20.19
C THR B 422 -19.51 -20.99 -20.69
N TYR B 423 -20.27 -20.28 -21.52
CA TYR B 423 -21.57 -20.82 -21.94
C TYR B 423 -21.37 -22.07 -22.81
N ASN B 424 -20.45 -21.99 -23.76
CA ASN B 424 -20.17 -23.12 -24.62
C ASN B 424 -19.67 -24.31 -23.80
N ALA B 425 -18.64 -24.10 -22.96
CA ALA B 425 -18.04 -25.20 -22.19
C ALA B 425 -19.04 -25.83 -21.23
N GLU B 426 -19.87 -25.02 -20.58
CA GLU B 426 -20.90 -25.59 -19.73
C GLU B 426 -21.93 -26.39 -20.55
N LEU B 427 -22.38 -25.85 -21.70
CA LEU B 427 -23.41 -26.56 -22.47
C LEU B 427 -22.86 -27.74 -23.26
N LEU B 428 -21.63 -27.62 -23.76
CA LEU B 428 -20.96 -28.76 -24.38
C LEU B 428 -20.91 -29.93 -23.42
N VAL B 429 -20.64 -29.65 -22.14
CA VAL B 429 -20.50 -30.72 -21.15
C VAL B 429 -21.84 -31.38 -20.87
N LEU B 430 -22.85 -30.59 -20.53
CA LEU B 430 -24.21 -31.11 -20.35
C LEU B 430 -24.66 -31.92 -21.54
N MET B 431 -24.39 -31.41 -22.75
CA MET B 431 -24.94 -32.06 -23.95
C MET B 431 -24.25 -33.39 -24.20
N GLU B 432 -22.91 -33.39 -24.18
CA GLU B 432 -22.18 -34.61 -24.48
C GLU B 432 -22.35 -35.66 -23.39
N ASN B 433 -22.66 -35.24 -22.17
CA ASN B 433 -22.91 -36.20 -21.10
C ASN B 433 -24.25 -36.91 -21.27
N GLU B 434 -25.26 -36.21 -21.80
CA GLU B 434 -26.51 -36.91 -22.10
C GLU B 434 -26.27 -37.96 -23.16
N ARG B 435 -25.42 -37.63 -24.12
CA ARG B 435 -25.11 -38.57 -25.19
C ARG B 435 -24.26 -39.72 -24.67
N THR B 436 -23.32 -39.44 -23.77
CA THR B 436 -22.48 -40.50 -23.24
C THR B 436 -23.28 -41.52 -22.44
N LEU B 437 -24.26 -41.07 -21.66
CA LEU B 437 -25.05 -42.03 -20.89
C LEU B 437 -25.96 -42.87 -21.79
N ASP B 438 -26.50 -42.30 -22.88
CA ASP B 438 -27.34 -43.06 -23.80
C ASP B 438 -26.51 -43.99 -24.68
N PHE B 439 -25.23 -43.64 -24.86
CA PHE B 439 -24.35 -44.50 -25.62
C PHE B 439 -24.03 -45.77 -24.86
N HIS B 440 -23.95 -45.67 -23.54
CA HIS B 440 -23.76 -46.88 -22.74
C HIS B 440 -25.03 -47.71 -22.73
N ASP B 441 -26.19 -47.05 -22.68
CA ASP B 441 -27.46 -47.77 -22.66
C ASP B 441 -27.68 -48.52 -23.96
N SER B 442 -27.35 -47.90 -25.10
CA SER B 442 -27.54 -48.56 -26.39
C SER B 442 -26.60 -49.75 -26.54
N ASN B 443 -25.37 -49.63 -26.06
CA ASN B 443 -24.44 -50.74 -26.19
C ASN B 443 -24.85 -51.92 -25.34
N VAL B 444 -25.47 -51.65 -24.19
CA VAL B 444 -25.99 -52.72 -23.33
C VAL B 444 -27.17 -53.43 -24.01
N LYS B 445 -28.12 -52.66 -24.52
CA LYS B 445 -29.32 -53.21 -25.16
C LYS B 445 -28.99 -54.00 -26.40
N ASN B 446 -27.89 -53.65 -27.08
CA ASN B 446 -27.42 -54.47 -28.21
C ASN B 446 -26.97 -55.85 -27.75
N LEU B 447 -26.43 -55.96 -26.53
CA LEU B 447 -26.05 -57.27 -26.00
C LEU B 447 -27.28 -58.09 -25.63
N TYR B 448 -28.30 -57.44 -25.07
CA TYR B 448 -29.57 -58.10 -24.84
C TYR B 448 -30.16 -58.61 -26.15
N ASP B 449 -30.00 -57.84 -27.24
CA ASP B 449 -30.58 -58.24 -28.52
C ASP B 449 -29.85 -59.44 -29.10
N LYS B 450 -28.53 -59.52 -28.90
CA LYS B 450 -27.78 -60.65 -29.42
C LYS B 450 -28.23 -61.95 -28.79
N VAL B 451 -28.44 -61.96 -27.49
CA VAL B 451 -28.90 -63.15 -26.80
C VAL B 451 -30.35 -63.45 -27.15
N ARG B 452 -31.18 -62.42 -27.30
CA ARG B 452 -32.60 -62.61 -27.61
C ARG B 452 -32.79 -63.22 -28.99
N LEU B 453 -31.98 -62.81 -29.97
CA LEU B 453 -32.12 -63.36 -31.32
C LEU B 453 -31.66 -64.81 -31.40
N GLN B 454 -30.60 -65.16 -30.67
CA GLN B 454 -30.09 -66.52 -30.66
C GLN B 454 -31.00 -67.53 -29.98
N LEU B 455 -31.84 -67.09 -29.05
CA LEU B 455 -32.72 -67.97 -28.28
C LEU B 455 -34.09 -67.31 -28.24
N ARG B 456 -35.01 -67.77 -29.09
CA ARG B 456 -36.36 -67.17 -29.16
C ARG B 456 -37.32 -67.92 -28.24
N ASP B 457 -37.63 -69.17 -28.58
CA ASP B 457 -38.45 -70.01 -27.71
C ASP B 457 -37.62 -70.92 -26.83
N ASN B 458 -36.33 -71.04 -27.09
CA ASN B 458 -35.48 -71.84 -26.21
C ASN B 458 -35.29 -71.16 -24.85
N ALA B 459 -35.41 -69.83 -24.81
CA ALA B 459 -35.30 -69.07 -23.58
C ALA B 459 -36.58 -68.31 -23.31
N LYS B 460 -36.72 -67.79 -22.10
CA LYS B 460 -37.89 -67.02 -21.68
C LYS B 460 -37.50 -65.57 -21.39
N GLU B 461 -38.36 -64.64 -21.82
CA GLU B 461 -38.13 -63.21 -21.63
C GLU B 461 -38.64 -62.82 -20.25
N LEU B 462 -37.75 -62.87 -19.26
CA LEU B 462 -38.16 -62.52 -17.90
C LEU B 462 -38.53 -61.05 -17.80
N GLY B 463 -37.90 -60.20 -18.62
CA GLY B 463 -38.18 -58.78 -18.63
C GLY B 463 -37.32 -57.93 -17.73
N ASN B 464 -36.66 -58.53 -16.72
CA ASN B 464 -35.76 -57.80 -15.84
C ASN B 464 -34.32 -57.81 -16.33
N GLY B 465 -34.12 -57.83 -17.65
CA GLY B 465 -32.80 -57.94 -18.23
C GLY B 465 -32.23 -59.34 -18.22
N CYS B 466 -33.01 -60.34 -17.80
CA CYS B 466 -32.56 -61.72 -17.70
C CYS B 466 -33.36 -62.63 -18.61
N PHE B 467 -32.76 -63.77 -18.93
CA PHE B 467 -33.37 -64.84 -19.72
C PHE B 467 -33.54 -66.08 -18.85
N GLU B 468 -34.63 -66.81 -19.06
CA GLU B 468 -34.89 -68.05 -18.32
C GLU B 468 -34.69 -69.25 -19.26
N PHE B 469 -33.63 -70.01 -19.02
CA PHE B 469 -33.32 -71.20 -19.82
C PHE B 469 -34.32 -72.33 -19.56
N TYR B 470 -35.08 -72.70 -20.59
CA TYR B 470 -35.82 -73.97 -20.51
C TYR B 470 -34.86 -75.15 -20.54
N HIS B 471 -33.78 -75.02 -21.33
CA HIS B 471 -32.72 -76.00 -21.46
C HIS B 471 -31.70 -75.81 -20.35
N LYS B 472 -30.96 -76.87 -20.04
CA LYS B 472 -29.89 -76.84 -19.04
C LYS B 472 -28.57 -76.65 -19.76
N CYS B 473 -27.96 -75.47 -19.62
CA CYS B 473 -26.76 -75.10 -20.37
C CYS B 473 -25.51 -75.34 -19.55
N ASP B 474 -24.62 -76.18 -20.08
CA ASP B 474 -23.28 -76.32 -19.56
C ASP B 474 -22.61 -74.96 -19.47
N ASN B 475 -21.61 -74.86 -18.58
CA ASN B 475 -20.73 -73.70 -18.60
C ASN B 475 -20.05 -73.55 -19.96
N GLU B 476 -19.95 -74.65 -20.73
CA GLU B 476 -19.49 -74.56 -22.10
C GLU B 476 -20.57 -73.95 -23.00
N CYS B 477 -21.83 -74.28 -22.75
CA CYS B 477 -22.92 -73.62 -23.48
C CYS B 477 -22.92 -72.12 -23.24
N MET B 478 -22.81 -71.71 -21.96
CA MET B 478 -22.90 -70.31 -21.61
C MET B 478 -21.91 -69.47 -22.41
N GLU B 479 -20.67 -69.96 -22.56
CA GLU B 479 -19.69 -69.23 -23.35
C GLU B 479 -20.10 -69.16 -24.82
N SER B 480 -20.76 -70.20 -25.32
CA SER B 480 -21.17 -70.21 -26.72
C SER B 480 -22.22 -69.15 -27.00
N VAL B 481 -23.14 -68.93 -26.06
CA VAL B 481 -24.13 -67.86 -26.21
C VAL B 481 -23.44 -66.51 -26.29
N ARG B 482 -22.45 -66.27 -25.42
CA ARG B 482 -21.63 -65.07 -25.50
C ARG B 482 -20.78 -65.07 -26.76
N ASN B 483 -20.23 -66.23 -27.14
CA ASN B 483 -19.50 -66.38 -28.40
C ASN B 483 -20.43 -66.29 -29.61
N GLY B 484 -21.75 -66.20 -29.40
CA GLY B 484 -22.67 -66.13 -30.51
C GLY B 484 -22.75 -67.40 -31.33
N THR B 485 -22.62 -68.56 -30.68
CA THR B 485 -22.60 -69.87 -31.33
C THR B 485 -23.54 -70.84 -30.63
N TYR B 486 -24.72 -70.36 -30.20
CA TYR B 486 -25.73 -71.27 -29.66
C TYR B 486 -26.53 -71.89 -30.81
N ASP B 487 -26.81 -73.20 -30.69
CA ASP B 487 -27.58 -73.97 -31.68
C ASP B 487 -28.96 -74.27 -31.10
N TYR B 488 -29.95 -73.51 -31.56
CA TYR B 488 -31.34 -73.79 -31.22
C TYR B 488 -31.76 -75.22 -31.55
N PRO B 489 -31.29 -75.85 -32.65
CA PRO B 489 -31.65 -77.27 -32.87
C PRO B 489 -31.11 -78.24 -31.82
N GLN B 490 -30.16 -77.82 -30.98
CA GLN B 490 -29.57 -78.75 -30.02
C GLN B 490 -30.62 -79.32 -29.07
N TYR B 491 -31.41 -78.46 -28.44
CA TYR B 491 -32.46 -78.93 -27.57
C TYR B 491 -33.65 -77.98 -27.64
N SER B 492 -34.21 -77.83 -28.84
CA SER B 492 -35.50 -77.16 -28.98
C SER B 492 -36.65 -78.06 -28.53
N GLU B 493 -36.47 -79.38 -28.56
CA GLU B 493 -37.48 -80.29 -28.02
C GLU B 493 -37.61 -80.14 -26.51
N GLU B 494 -36.50 -79.89 -25.81
CA GLU B 494 -36.56 -79.72 -24.36
C GLU B 494 -37.53 -78.62 -23.97
N ALA B 495 -37.51 -77.50 -24.70
CA ALA B 495 -38.41 -76.39 -24.39
C ALA B 495 -39.84 -76.72 -24.76
N ARG B 496 -40.06 -77.48 -25.83
CA ARG B 496 -41.42 -77.79 -26.25
C ARG B 496 -42.16 -78.57 -25.16
N LEU B 497 -41.51 -79.58 -24.57
CA LEU B 497 -42.07 -80.33 -23.44
C LEU B 497 -41.94 -79.61 -22.10
N LYS B 498 -41.06 -78.60 -22.01
CA LYS B 498 -40.95 -77.82 -20.77
C LYS B 498 -42.10 -76.84 -20.61
N ARG B 499 -42.70 -76.39 -21.71
CA ARG B 499 -43.77 -75.41 -21.66
C ARG B 499 -45.08 -76.13 -21.30
N GLU B 500 -45.31 -76.28 -20.00
CA GLU B 500 -46.55 -76.87 -19.50
C GLU B 500 -47.00 -76.17 -18.23
N ASP C 1 -60.92 -56.72 -29.27
CA ASP C 1 -60.20 -56.45 -28.02
C ASP C 1 -58.72 -56.10 -28.23
N GLN C 2 -58.33 -54.85 -27.95
CA GLN C 2 -56.95 -54.45 -28.20
C GLN C 2 -56.57 -53.31 -27.27
N ILE C 3 -55.27 -53.20 -27.00
CA ILE C 3 -54.66 -52.13 -26.21
C ILE C 3 -53.70 -51.34 -27.08
N CYS C 4 -53.66 -50.01 -26.90
CA CYS C 4 -52.93 -49.12 -27.79
C CYS C 4 -52.08 -48.11 -27.02
N ILE C 5 -50.95 -47.72 -27.60
CA ILE C 5 -50.03 -46.78 -26.98
C ILE C 5 -49.71 -45.68 -27.98
N GLY C 6 -50.01 -44.44 -27.61
CA GLY C 6 -49.77 -43.33 -28.51
C GLY C 6 -49.43 -42.08 -27.71
N TYR C 7 -49.18 -41.00 -28.43
CA TYR C 7 -48.79 -39.73 -27.84
C TYR C 7 -49.91 -38.71 -27.97
N HIS C 8 -49.71 -37.55 -27.36
CA HIS C 8 -50.73 -36.53 -27.20
C HIS C 8 -50.82 -35.58 -28.40
N ALA C 9 -52.02 -35.04 -28.64
CA ALA C 9 -52.26 -34.03 -29.66
C ALA C 9 -53.24 -32.98 -29.16
N ASN C 10 -52.97 -31.72 -29.49
CA ASN C 10 -53.77 -30.60 -29.00
C ASN C 10 -54.08 -29.71 -30.20
N ASN C 11 -54.43 -28.44 -29.94
CA ASN C 11 -54.82 -27.53 -31.00
C ASN C 11 -53.75 -26.47 -31.30
N SER C 12 -52.49 -26.71 -30.91
CA SER C 12 -51.48 -25.66 -31.04
C SER C 12 -51.06 -25.50 -32.49
N THR C 13 -50.77 -24.27 -32.85
CA THR C 13 -50.27 -23.97 -34.17
C THR C 13 -48.77 -23.68 -34.17
N GLU C 14 -48.12 -23.76 -33.00
CA GLU C 14 -46.71 -23.42 -32.90
C GLU C 14 -45.84 -24.45 -33.60
N GLN C 15 -44.92 -23.96 -34.43
CA GLN C 15 -43.98 -24.79 -35.17
C GLN C 15 -42.56 -24.50 -34.72
N VAL C 16 -41.74 -25.54 -34.81
CA VAL C 16 -40.33 -25.47 -34.44
C VAL C 16 -39.53 -26.07 -35.58
N ASP C 17 -38.31 -25.58 -35.75
CA ASP C 17 -37.38 -26.09 -36.74
C ASP C 17 -36.32 -26.93 -36.02
N THR C 18 -36.01 -28.09 -36.60
CA THR C 18 -34.89 -28.91 -36.13
C THR C 18 -33.77 -28.88 -37.17
N ILE C 19 -32.66 -29.53 -36.80
CA ILE C 19 -31.48 -29.51 -37.64
C ILE C 19 -31.75 -30.26 -38.96
N MET C 20 -32.57 -31.31 -38.93
CA MET C 20 -32.88 -32.04 -40.15
C MET C 20 -34.25 -31.75 -40.74
N GLU C 21 -35.20 -31.26 -39.95
CA GLU C 21 -36.56 -31.01 -40.39
C GLU C 21 -36.94 -29.58 -40.07
N LYS C 22 -37.82 -28.99 -40.90
CA LYS C 22 -38.24 -27.60 -40.72
C LYS C 22 -39.75 -27.52 -40.64
N ASN C 23 -40.24 -26.51 -39.89
CA ASN C 23 -41.68 -26.25 -39.73
C ASN C 23 -42.41 -27.50 -39.23
N VAL C 24 -42.03 -27.94 -38.04
CA VAL C 24 -42.61 -29.11 -37.39
C VAL C 24 -43.56 -28.63 -36.30
N THR C 25 -44.87 -28.75 -36.52
CA THR C 25 -45.83 -28.29 -35.54
C THR C 25 -45.76 -29.16 -34.28
N VAL C 26 -45.60 -28.53 -33.11
CA VAL C 26 -45.50 -29.25 -31.84
C VAL C 26 -46.63 -28.81 -30.91
N THR C 27 -46.86 -29.62 -29.86
CA THR C 27 -47.91 -29.34 -28.89
C THR C 27 -47.51 -28.23 -27.92
N HIS C 28 -46.24 -28.19 -27.50
CA HIS C 28 -45.76 -27.22 -26.52
C HIS C 28 -44.40 -26.70 -26.94
N ALA C 29 -44.15 -25.42 -26.64
CA ALA C 29 -42.89 -24.76 -27.02
C ALA C 29 -42.56 -23.68 -25.99
N GLN C 30 -41.32 -23.22 -26.04
CA GLN C 30 -40.83 -22.15 -25.17
C GLN C 30 -39.84 -21.29 -25.95
N ASP C 31 -40.14 -19.99 -26.08
CA ASP C 31 -39.23 -19.05 -26.71
C ASP C 31 -38.20 -18.57 -25.70
N ILE C 32 -36.92 -18.71 -26.04
CA ILE C 32 -35.85 -18.27 -25.14
C ILE C 32 -35.26 -16.93 -25.63
N LEU C 33 -36.04 -16.15 -26.35
CA LEU C 33 -35.67 -14.81 -26.79
C LEU C 33 -36.65 -13.80 -26.23
N GLU C 34 -36.12 -12.76 -25.57
CA GLU C 34 -36.97 -11.75 -24.97
C GLU C 34 -37.12 -10.57 -25.94
N LYS C 35 -38.37 -10.18 -26.19
CA LYS C 35 -38.69 -9.08 -27.10
C LYS C 35 -39.57 -8.04 -26.44
N THR C 36 -39.67 -8.05 -25.12
CA THR C 36 -40.56 -7.16 -24.40
C THR C 36 -39.74 -6.15 -23.61
N HIS C 37 -40.15 -4.88 -23.71
CA HIS C 37 -39.50 -3.85 -22.94
C HIS C 37 -40.55 -2.94 -22.32
N ASN C 38 -40.10 -2.12 -21.37
CA ASN C 38 -40.99 -1.25 -20.62
C ASN C 38 -41.41 -0.01 -21.39
N GLY C 39 -40.65 0.39 -22.41
CA GLY C 39 -40.93 1.65 -23.05
C GLY C 39 -40.60 2.86 -22.21
N LYS C 40 -39.98 2.67 -21.05
CA LYS C 40 -39.59 3.77 -20.17
C LYS C 40 -38.16 3.55 -19.71
N LEU C 41 -37.53 4.65 -19.27
CA LEU C 41 -36.21 4.63 -18.66
C LEU C 41 -36.37 4.51 -17.15
N CYS C 42 -35.85 3.43 -16.56
CA CYS C 42 -36.02 3.10 -15.15
C CYS C 42 -34.74 3.31 -14.36
N ASP C 43 -34.85 3.21 -13.04
CA ASP C 43 -33.68 3.14 -12.16
C ASP C 43 -32.89 1.87 -12.43
N LEU C 44 -31.58 1.97 -12.32
CA LEU C 44 -30.72 0.83 -12.55
C LEU C 44 -30.28 0.34 -11.19
N ASN C 45 -30.82 -0.80 -10.78
CA ASN C 45 -30.40 -1.44 -9.54
C ASN C 45 -30.57 -0.46 -8.37
N GLY C 46 -31.72 0.22 -8.34
CA GLY C 46 -32.12 1.05 -7.22
C GLY C 46 -31.76 2.51 -7.34
N VAL C 47 -30.80 2.87 -8.18
CA VAL C 47 -30.33 4.24 -8.33
C VAL C 47 -30.97 4.86 -9.56
N LYS C 48 -31.48 6.12 -9.41
CA LYS C 48 -32.15 6.88 -10.46
C LYS C 48 -31.13 7.44 -11.44
N PRO C 49 -31.39 7.41 -12.73
CA PRO C 49 -30.43 7.97 -13.70
C PRO C 49 -30.39 9.49 -13.56
N LEU C 50 -29.40 10.10 -14.21
CA LEU C 50 -29.34 11.55 -14.36
C LEU C 50 -29.89 11.90 -15.73
N ILE C 51 -31.08 12.45 -15.78
CA ILE C 51 -31.71 12.79 -17.04
C ILE C 51 -31.48 14.27 -17.32
N LEU C 52 -30.51 14.57 -18.18
CA LEU C 52 -30.34 15.94 -18.66
C LEU C 52 -31.33 16.18 -19.81
N LYS C 53 -32.04 17.30 -19.78
CA LYS C 53 -33.09 17.59 -20.76
C LYS C 53 -32.61 18.66 -21.75
N ASP C 54 -32.28 18.24 -22.97
CA ASP C 54 -31.84 19.15 -24.04
C ASP C 54 -30.68 20.01 -23.55
N CYS C 55 -29.87 19.46 -22.66
CA CYS C 55 -28.60 20.06 -22.29
C CYS C 55 -27.55 18.96 -22.24
N SER C 56 -26.31 19.32 -22.49
CA SER C 56 -25.25 18.34 -22.47
C SER C 56 -24.56 18.33 -21.11
N VAL C 57 -23.66 17.35 -20.94
CA VAL C 57 -22.90 17.26 -19.70
C VAL C 57 -22.06 18.51 -19.52
N ALA C 58 -21.52 19.06 -20.61
CA ALA C 58 -20.72 20.27 -20.47
C ALA C 58 -21.59 21.43 -20.02
N GLY C 59 -22.69 21.70 -20.76
CA GLY C 59 -23.62 22.74 -20.34
C GLY C 59 -24.02 22.62 -18.88
N TRP C 60 -24.38 21.42 -18.45
CA TRP C 60 -24.86 21.27 -17.07
C TRP C 60 -23.73 21.57 -16.10
N LEU C 61 -22.50 21.10 -16.40
CA LEU C 61 -21.37 21.23 -15.47
C LEU C 61 -20.86 22.66 -15.40
N LEU C 62 -20.59 23.26 -16.56
CA LEU C 62 -20.12 24.63 -16.61
C LEU C 62 -21.22 25.61 -16.22
N GLY C 63 -22.48 25.19 -16.19
CA GLY C 63 -23.54 26.12 -15.83
C GLY C 63 -24.05 27.04 -16.92
N ASN C 64 -24.41 26.48 -18.08
CA ASN C 64 -25.20 27.20 -19.07
C ASN C 64 -26.43 27.86 -18.44
N PRO C 65 -26.70 29.13 -18.70
CA PRO C 65 -27.86 29.79 -18.08
C PRO C 65 -29.17 29.09 -18.38
N MET C 66 -29.21 28.33 -19.47
CA MET C 66 -30.42 27.64 -19.89
C MET C 66 -30.54 26.24 -19.29
N CYS C 67 -29.83 25.95 -18.18
CA CYS C 67 -29.81 24.63 -17.57
C CYS C 67 -30.08 24.70 -16.07
N ASP C 68 -30.65 23.63 -15.54
CA ASP C 68 -31.05 23.57 -14.13
C ASP C 68 -29.86 23.86 -13.24
N GLU C 69 -29.95 24.98 -12.53
CA GLU C 69 -28.84 25.48 -11.73
C GLU C 69 -28.31 24.38 -10.81
N PHE C 70 -29.21 23.71 -10.11
CA PHE C 70 -28.87 22.57 -9.27
C PHE C 70 -29.82 21.44 -9.61
N ILE C 71 -29.27 20.33 -10.11
CA ILE C 71 -30.05 19.09 -10.16
C ILE C 71 -30.21 18.52 -8.74
N ARG C 72 -29.18 18.71 -7.89
CA ARG C 72 -29.23 18.29 -6.47
C ARG C 72 -29.69 16.84 -6.34
N VAL C 73 -29.28 16.03 -7.31
CA VAL C 73 -29.36 14.57 -7.26
C VAL C 73 -27.95 14.10 -6.94
N PRO C 74 -27.68 13.60 -5.74
CA PRO C 74 -26.27 13.38 -5.36
C PRO C 74 -25.69 12.15 -6.00
N GLU C 75 -26.53 11.23 -6.46
CA GLU C 75 -26.10 9.91 -6.91
C GLU C 75 -26.88 9.61 -8.17
N TRP C 76 -26.25 8.91 -9.12
CA TRP C 76 -26.94 8.43 -10.32
C TRP C 76 -26.23 7.18 -10.84
N SER C 77 -26.98 6.29 -11.48
CA SER C 77 -26.45 5.09 -12.14
C SER C 77 -25.95 5.32 -13.57
N TYR C 78 -26.70 6.07 -14.40
CA TYR C 78 -26.28 6.41 -15.76
C TYR C 78 -26.77 7.82 -16.08
N ILE C 79 -26.16 8.42 -17.11
CA ILE C 79 -26.53 9.75 -17.60
C ILE C 79 -27.36 9.57 -18.85
N VAL C 80 -28.53 10.21 -18.89
CA VAL C 80 -29.41 10.20 -20.07
C VAL C 80 -29.31 11.54 -20.75
N GLU C 81 -28.86 11.53 -22.00
CA GLU C 81 -28.63 12.72 -22.80
C GLU C 81 -29.43 12.57 -24.08
N ARG C 82 -29.95 13.67 -24.62
CA ARG C 82 -30.65 13.49 -25.90
C ARG C 82 -29.63 13.40 -27.03
N ALA C 83 -30.08 12.89 -28.17
CA ALA C 83 -29.14 12.57 -29.24
C ALA C 83 -28.33 13.79 -29.63
N ASN C 84 -29.01 14.88 -29.99
CA ASN C 84 -28.40 16.15 -30.36
C ASN C 84 -28.84 17.17 -29.31
N PRO C 85 -28.06 17.37 -28.24
CA PRO C 85 -28.55 18.21 -27.14
C PRO C 85 -28.43 19.68 -27.51
N ALA C 86 -29.41 20.44 -27.04
CA ALA C 86 -29.68 21.79 -27.54
C ALA C 86 -28.71 22.83 -27.00
N ASN C 87 -28.76 23.08 -25.69
CA ASN C 87 -28.07 24.23 -25.11
C ASN C 87 -26.55 24.09 -25.17
N ASP C 88 -25.99 23.04 -24.55
CA ASP C 88 -24.52 22.75 -24.72
C ASP C 88 -23.67 23.95 -24.33
N LEU C 89 -22.62 24.28 -25.08
CA LEU C 89 -21.64 25.31 -24.71
C LEU C 89 -22.04 26.65 -25.35
N CYS C 90 -22.81 27.47 -24.63
CA CYS C 90 -23.38 28.66 -25.24
C CYS C 90 -22.31 29.53 -25.88
N TYR C 91 -21.21 29.83 -25.15
CA TYR C 91 -20.09 30.52 -25.79
C TYR C 91 -19.23 29.47 -26.51
N PRO C 92 -18.93 29.68 -27.79
CA PRO C 92 -18.24 28.66 -28.60
C PRO C 92 -16.87 28.32 -28.04
N GLY C 93 -16.47 27.07 -28.21
CA GLY C 93 -15.21 26.65 -27.61
C GLY C 93 -15.15 25.14 -27.52
N SER C 94 -14.63 24.65 -26.40
CA SER C 94 -14.26 23.26 -26.28
C SER C 94 -13.95 22.97 -24.83
N LEU C 95 -14.15 21.72 -24.45
CA LEU C 95 -13.82 21.22 -23.13
C LEU C 95 -12.86 20.05 -23.29
N ASN C 96 -11.69 20.12 -22.65
CA ASN C 96 -10.67 19.09 -22.89
C ASN C 96 -11.06 17.72 -22.37
N ASP C 97 -10.65 16.69 -23.09
CA ASP C 97 -10.96 15.34 -22.65
C ASP C 97 -12.42 15.18 -22.29
N TYR C 98 -13.32 15.77 -23.09
CA TYR C 98 -14.73 15.76 -22.76
C TYR C 98 -15.22 14.33 -22.62
N GLU C 99 -14.99 13.51 -23.67
CA GLU C 99 -15.40 12.12 -23.67
C GLU C 99 -14.89 11.32 -22.47
N GLU C 100 -13.65 11.57 -22.00
CA GLU C 100 -13.17 10.95 -20.74
C GLU C 100 -13.91 11.46 -19.50
N LEU C 101 -14.04 12.78 -19.34
CA LEU C 101 -14.85 13.33 -18.26
C LEU C 101 -16.26 12.76 -18.23
N LYS C 102 -16.88 12.54 -19.39
CA LYS C 102 -18.22 11.97 -19.41
C LYS C 102 -18.22 10.56 -18.88
N HIS C 103 -17.25 9.74 -19.33
CA HIS C 103 -17.05 8.42 -18.74
C HIS C 103 -16.86 8.50 -17.23
N LEU C 104 -16.12 9.52 -16.73
CA LEU C 104 -15.92 9.65 -15.29
C LEU C 104 -17.24 9.91 -14.59
N LEU C 105 -18.09 10.73 -15.19
CA LEU C 105 -19.32 11.19 -14.58
C LEU C 105 -20.52 10.31 -14.91
N SER C 106 -20.32 9.19 -15.61
CA SER C 106 -21.44 8.32 -15.99
C SER C 106 -22.13 7.70 -14.77
N ARG C 107 -21.37 7.30 -13.74
CA ARG C 107 -21.91 6.82 -12.46
C ARG C 107 -21.17 7.46 -11.29
N ILE C 108 -21.89 8.23 -10.47
CA ILE C 108 -21.30 8.94 -9.33
C ILE C 108 -22.08 8.65 -8.06
N ASN C 109 -21.35 8.44 -6.96
CA ASN C 109 -21.98 8.12 -5.68
C ASN C 109 -22.13 9.32 -4.79
N HIS C 110 -21.34 10.36 -5.05
CA HIS C 110 -21.61 11.64 -4.43
C HIS C 110 -21.24 12.78 -5.38
N PHE C 111 -22.15 13.73 -5.53
CA PHE C 111 -21.94 14.97 -6.29
C PHE C 111 -22.51 16.14 -5.51
N GLU C 112 -21.66 17.10 -5.17
CA GLU C 112 -22.13 18.23 -4.38
C GLU C 112 -21.39 19.46 -4.89
N LYS C 113 -22.12 20.50 -5.31
CA LYS C 113 -21.44 21.72 -5.74
C LYS C 113 -20.93 22.45 -4.51
N ILE C 114 -19.72 22.99 -4.57
CA ILE C 114 -19.23 23.80 -3.46
C ILE C 114 -18.60 25.07 -4.01
N LEU C 115 -18.63 26.14 -3.22
CA LEU C 115 -18.03 27.43 -3.60
C LEU C 115 -16.58 27.49 -3.12
N ILE C 116 -15.62 27.37 -4.04
CA ILE C 116 -14.21 27.30 -3.67
C ILE C 116 -13.49 28.65 -3.81
N ILE C 117 -13.89 29.49 -4.76
CA ILE C 117 -13.31 30.82 -4.92
C ILE C 117 -14.40 31.87 -5.05
N PRO C 118 -14.79 32.50 -3.94
CA PRO C 118 -15.81 33.56 -3.99
C PRO C 118 -15.34 34.76 -4.77
N LYS C 119 -16.32 35.43 -5.39
CA LYS C 119 -16.06 36.66 -6.14
C LYS C 119 -15.42 37.76 -5.29
N SER C 120 -15.65 37.76 -3.98
CA SER C 120 -14.91 38.66 -3.12
C SER C 120 -13.39 38.46 -3.25
N SER C 121 -12.92 37.29 -3.68
CA SER C 121 -11.48 37.07 -3.80
C SER C 121 -10.83 37.87 -4.92
N TRP C 122 -11.59 38.66 -5.68
CA TRP C 122 -11.08 39.35 -6.86
C TRP C 122 -11.23 40.85 -6.65
N PRO C 123 -10.41 41.44 -5.78
CA PRO C 123 -10.68 42.82 -5.36
C PRO C 123 -10.25 43.83 -6.39
N ASN C 124 -9.30 43.46 -7.26
CA ASN C 124 -8.75 44.36 -8.26
C ASN C 124 -9.08 43.96 -9.66
N HIS C 125 -10.17 43.22 -9.84
CA HIS C 125 -10.66 42.77 -11.15
C HIS C 125 -12.17 42.91 -11.17
N GLU C 126 -12.71 42.97 -12.39
CA GLU C 126 -14.15 43.16 -12.56
C GLU C 126 -14.81 41.80 -12.72
N THR C 127 -15.78 41.52 -11.85
CA THR C 127 -16.49 40.25 -11.81
C THR C 127 -17.90 40.34 -12.38
N SER C 128 -18.33 41.53 -12.80
CA SER C 128 -19.72 41.77 -13.17
C SER C 128 -19.93 42.04 -14.64
N LEU C 129 -18.87 42.30 -15.39
CA LEU C 129 -18.95 42.62 -16.81
C LEU C 129 -18.71 41.42 -17.73
N GLY C 130 -18.38 40.26 -17.19
CA GLY C 130 -18.06 39.13 -18.05
C GLY C 130 -19.26 38.35 -18.55
N VAL C 131 -19.99 38.92 -19.52
CA VAL C 131 -21.22 38.34 -20.05
C VAL C 131 -21.24 38.48 -21.56
N SER C 132 -22.10 37.67 -22.17
CA SER C 132 -22.17 37.64 -23.61
C SER C 132 -23.61 37.43 -24.04
N ALA C 133 -23.85 37.72 -25.32
CA ALA C 133 -25.12 37.44 -25.98
C ALA C 133 -25.27 35.96 -26.31
N ALA C 134 -24.16 35.25 -26.52
CA ALA C 134 -24.28 33.83 -26.81
C ALA C 134 -24.78 33.01 -25.62
N CYS C 135 -24.69 33.56 -24.40
CA CYS C 135 -25.11 32.93 -23.16
C CYS C 135 -26.25 33.73 -22.58
N PRO C 136 -27.44 33.43 -22.89
CA PRO C 136 -28.54 34.29 -22.46
C PRO C 136 -29.40 33.70 -21.35
N TYR C 137 -29.85 34.59 -20.46
CA TYR C 137 -30.86 34.29 -19.46
C TYR C 137 -31.99 35.28 -19.71
N GLN C 138 -33.16 34.79 -20.06
CA GLN C 138 -34.32 35.64 -20.30
C GLN C 138 -34.03 36.78 -21.27
N GLY C 139 -33.33 36.46 -22.36
CA GLY C 139 -32.96 37.47 -23.34
C GLY C 139 -31.78 38.32 -22.94
N ALA C 140 -31.39 38.32 -21.69
CA ALA C 140 -30.36 39.19 -21.19
C ALA C 140 -28.99 38.54 -21.36
N PRO C 141 -27.96 39.32 -21.69
CA PRO C 141 -26.62 38.75 -21.71
C PRO C 141 -26.29 38.12 -20.36
N SER C 142 -25.70 36.93 -20.39
CA SER C 142 -25.29 36.25 -19.16
C SER C 142 -24.02 35.46 -19.47
N PHE C 143 -23.72 34.47 -18.63
CA PHE C 143 -22.53 33.66 -18.79
C PHE C 143 -22.72 32.38 -18.01
N PHE C 144 -21.79 31.45 -18.19
CA PHE C 144 -21.79 30.22 -17.40
C PHE C 144 -21.85 30.55 -15.91
N ARG C 145 -22.64 29.77 -15.18
CA ARG C 145 -22.88 30.10 -13.78
C ARG C 145 -21.74 29.69 -12.88
N ASN C 146 -21.03 28.61 -13.20
CA ASN C 146 -20.00 28.07 -12.31
C ASN C 146 -18.60 28.57 -12.58
N VAL C 147 -18.41 29.50 -13.51
CA VAL C 147 -17.09 30.06 -13.74
C VAL C 147 -17.28 31.57 -13.76
N VAL C 148 -16.17 32.29 -13.70
CA VAL C 148 -16.16 33.76 -13.68
C VAL C 148 -15.22 34.23 -14.76
N TRP C 149 -15.76 34.99 -15.72
CA TRP C 149 -14.98 35.63 -16.77
C TRP C 149 -14.47 36.97 -16.21
N LEU C 150 -13.20 37.05 -15.86
CA LEU C 150 -12.65 38.26 -15.26
C LEU C 150 -12.18 39.19 -16.36
N ILE C 151 -12.50 40.48 -16.23
CA ILE C 151 -11.98 41.50 -17.15
C ILE C 151 -11.31 42.62 -16.32
N LYS C 152 -10.60 43.50 -17.03
CA LYS C 152 -9.77 44.53 -16.43
C LYS C 152 -10.62 45.39 -15.50
N LYS C 153 -9.96 46.16 -14.65
CA LYS C 153 -10.63 47.16 -13.80
C LYS C 153 -9.69 48.34 -13.73
N ASN C 154 -10.24 49.54 -13.98
CA ASN C 154 -9.43 50.75 -13.99
C ASN C 154 -8.30 50.64 -15.01
N ASP C 155 -8.66 50.18 -16.22
CA ASP C 155 -7.71 49.99 -17.32
C ASP C 155 -6.45 49.25 -16.90
N ALA C 156 -6.61 48.31 -15.96
CA ALA C 156 -5.48 47.62 -15.35
C ALA C 156 -5.92 46.21 -14.96
N TYR C 157 -5.09 45.23 -15.28
CA TYR C 157 -5.33 43.83 -14.96
C TYR C 157 -4.13 43.26 -14.22
N PRO C 158 -4.10 43.43 -12.90
CA PRO C 158 -2.95 42.97 -12.12
C PRO C 158 -2.87 41.45 -12.13
N THR C 159 -1.64 40.95 -12.14
CA THR C 159 -1.43 39.50 -12.23
C THR C 159 -2.06 38.75 -11.06
N ILE C 160 -2.93 37.77 -11.38
CA ILE C 160 -3.63 36.97 -10.39
C ILE C 160 -2.73 35.85 -9.89
N LYS C 161 -2.81 35.56 -8.59
CA LYS C 161 -2.10 34.45 -7.93
C LYS C 161 -2.96 33.96 -6.78
N ILE C 162 -3.75 32.92 -7.04
CA ILE C 162 -4.74 32.42 -6.11
C ILE C 162 -4.52 30.91 -6.01
N SER C 163 -4.71 30.36 -4.80
CA SER C 163 -4.55 28.94 -4.59
C SER C 163 -5.73 28.42 -3.79
N TYR C 164 -6.14 27.19 -4.04
CA TYR C 164 -7.21 26.55 -3.28
C TYR C 164 -6.71 25.20 -2.80
N ASN C 165 -6.77 24.99 -1.47
CA ASN C 165 -6.39 23.76 -0.77
C ASN C 165 -7.67 22.98 -0.51
N ASN C 166 -7.76 21.79 -1.10
CA ASN C 166 -8.92 20.91 -0.96
C ASN C 166 -8.97 20.32 0.43
N THR C 167 -9.61 21.02 1.35
CA THR C 167 -9.67 20.52 2.72
C THR C 167 -10.65 19.37 2.86
N ASN C 168 -11.56 19.19 1.91
CA ASN C 168 -12.55 18.14 2.01
C ASN C 168 -11.92 16.75 1.97
N ARG C 169 -12.66 15.75 2.46
CA ARG C 169 -12.21 14.36 2.37
C ARG C 169 -12.54 13.73 1.04
N GLU C 170 -13.08 14.52 0.12
CA GLU C 170 -13.54 14.02 -1.17
C GLU C 170 -12.70 14.65 -2.28
N ASP C 171 -12.56 13.93 -3.40
CA ASP C 171 -11.95 14.58 -4.55
C ASP C 171 -12.80 15.74 -5.04
N LEU C 172 -12.13 16.76 -5.58
CA LEU C 172 -12.80 17.89 -6.22
C LEU C 172 -12.61 17.84 -7.72
N LEU C 173 -13.70 18.01 -8.46
CA LEU C 173 -13.63 18.31 -9.88
C LEU C 173 -13.62 19.82 -10.01
N ILE C 174 -12.56 20.37 -10.63
CA ILE C 174 -12.35 21.79 -10.81
C ILE C 174 -12.24 22.08 -12.30
N LEU C 175 -13.07 23.01 -12.80
CA LEU C 175 -13.09 23.44 -14.19
C LEU C 175 -12.67 24.91 -14.28
N TRP C 176 -11.88 25.26 -15.31
CA TRP C 176 -11.43 26.63 -15.60
C TRP C 176 -11.29 26.80 -17.12
N GLY C 177 -11.08 28.03 -17.61
CA GLY C 177 -10.95 28.21 -19.05
C GLY C 177 -10.12 29.37 -19.54
N ILE C 178 -9.78 29.33 -20.83
CA ILE C 178 -9.03 30.41 -21.46
C ILE C 178 -9.90 31.02 -22.55
N HIS C 179 -9.96 32.36 -22.59
CA HIS C 179 -10.68 33.10 -23.63
C HIS C 179 -9.70 33.52 -24.71
N HIS C 180 -10.00 33.10 -25.93
CA HIS C 180 -9.26 33.51 -27.12
C HIS C 180 -9.90 34.78 -27.67
N SER C 181 -9.09 35.83 -27.82
CA SER C 181 -9.56 37.10 -28.30
C SER C 181 -9.66 37.05 -29.82
N ASN C 182 -10.14 38.14 -30.39
CA ASN C 182 -10.30 38.17 -31.85
C ASN C 182 -9.32 39.07 -32.56
N ASN C 183 -8.95 40.17 -31.93
CA ASN C 183 -7.96 41.06 -32.52
C ASN C 183 -7.19 41.65 -31.36
N ALA C 184 -6.19 42.47 -31.69
CA ALA C 184 -5.37 43.10 -30.66
C ALA C 184 -6.14 44.15 -29.88
N GLU C 185 -7.05 44.88 -30.56
CA GLU C 185 -7.88 45.87 -29.86
C GLU C 185 -8.77 45.19 -28.83
N GLU C 186 -9.47 44.13 -29.23
CA GLU C 186 -10.35 43.43 -28.30
C GLU C 186 -9.55 42.94 -27.08
N GLN C 187 -8.33 42.45 -27.33
CA GLN C 187 -7.49 41.97 -26.23
C GLN C 187 -7.26 43.05 -25.19
N THR C 188 -6.76 44.21 -25.61
CA THR C 188 -6.47 45.23 -24.61
C THR C 188 -7.76 45.75 -23.96
N ASN C 189 -8.88 45.77 -24.71
CA ASN C 189 -10.14 46.32 -24.19
C ASN C 189 -10.72 45.49 -23.06
N LEU C 190 -10.62 44.16 -23.15
CA LEU C 190 -11.05 43.33 -22.02
C LEU C 190 -9.92 43.16 -21.01
N TYR C 191 -8.71 42.86 -21.45
CA TYR C 191 -7.60 42.66 -20.52
C TYR C 191 -6.47 43.59 -20.90
N LYS C 192 -6.18 44.60 -20.08
CA LYS C 192 -5.30 45.68 -20.54
C LYS C 192 -4.05 45.13 -21.21
N ASN C 193 -3.58 43.96 -20.77
CA ASN C 193 -2.28 43.45 -21.16
C ASN C 193 -2.33 42.76 -22.53
N PRO C 194 -1.38 43.06 -23.42
CA PRO C 194 -1.41 42.47 -24.76
C PRO C 194 -0.94 41.02 -24.83
N THR C 195 0.07 40.62 -24.07
CA THR C 195 0.53 39.23 -24.06
C THR C 195 0.20 38.54 -22.75
N THR C 196 -0.59 37.47 -22.82
CA THR C 196 -1.20 36.88 -21.64
C THR C 196 -0.94 35.37 -21.57
N TYR C 197 -1.20 34.82 -20.39
CA TYR C 197 -0.92 33.44 -20.07
C TYR C 197 -1.78 33.04 -18.89
N ILE C 198 -2.04 31.75 -18.79
CA ILE C 198 -2.64 31.13 -17.63
C ILE C 198 -1.77 29.95 -17.27
N SER C 199 -1.30 29.89 -16.02
CA SER C 199 -0.52 28.78 -15.49
C SER C 199 -1.35 28.05 -14.45
N VAL C 200 -1.50 26.73 -14.58
CA VAL C 200 -2.21 25.94 -13.58
C VAL C 200 -1.31 24.80 -13.07
N GLY C 201 -1.21 24.71 -11.74
CA GLY C 201 -0.35 23.79 -11.01
C GLY C 201 -1.00 23.07 -9.83
N THR C 202 -0.94 21.74 -9.87
CA THR C 202 -1.23 20.93 -8.71
C THR C 202 -0.05 20.00 -8.51
N SER C 203 -0.17 19.01 -7.62
CA SER C 203 0.89 18.01 -7.50
C SER C 203 1.12 17.19 -8.78
N THR C 204 0.18 17.18 -9.72
CA THR C 204 0.33 16.40 -10.94
C THR C 204 0.14 17.23 -12.19
N LEU C 205 -0.38 18.44 -12.06
CA LEU C 205 -0.78 19.26 -13.18
C LEU C 205 0.23 20.40 -13.32
N ASN C 206 0.56 20.70 -14.57
CA ASN C 206 1.53 21.73 -14.93
C ASN C 206 1.12 22.26 -16.30
N GLN C 207 0.37 23.34 -16.32
CA GLN C 207 -0.27 23.81 -17.54
C GLN C 207 0.13 25.23 -17.85
N ARG C 208 0.41 25.49 -19.11
CA ARG C 208 0.62 26.86 -19.58
C ARG C 208 -0.31 27.11 -20.76
N LEU C 209 -1.36 27.90 -20.57
CA LEU C 209 -2.29 28.21 -21.64
C LEU C 209 -1.98 29.60 -22.17
N VAL C 210 -1.97 29.75 -23.50
CA VAL C 210 -1.75 31.06 -24.11
C VAL C 210 -2.82 31.33 -25.17
N PRO C 211 -3.44 32.52 -25.20
CA PRO C 211 -4.59 32.74 -26.08
C PRO C 211 -4.17 32.81 -27.55
N LYS C 212 -5.05 32.34 -28.44
CA LYS C 212 -4.81 32.38 -29.87
C LYS C 212 -5.66 33.49 -30.49
N ILE C 213 -5.04 34.60 -30.84
CA ILE C 213 -5.77 35.76 -31.34
C ILE C 213 -5.78 35.68 -32.87
N ALA C 214 -6.88 35.19 -33.45
CA ALA C 214 -6.95 35.06 -34.89
C ALA C 214 -8.37 35.29 -35.40
N THR C 215 -8.50 35.39 -36.72
CA THR C 215 -9.81 35.52 -37.30
C THR C 215 -10.43 34.11 -37.41
N ARG C 216 -11.66 33.96 -36.91
CA ARG C 216 -12.39 32.70 -36.93
C ARG C 216 -13.82 32.95 -37.38
N SER C 217 -14.50 31.88 -37.79
CA SER C 217 -15.90 31.98 -38.20
C SER C 217 -16.79 32.34 -37.02
N GLN C 218 -18.00 32.79 -37.33
CA GLN C 218 -18.93 33.19 -36.29
C GLN C 218 -19.73 31.96 -35.88
N VAL C 219 -19.77 31.67 -34.59
CA VAL C 219 -20.65 30.65 -34.04
C VAL C 219 -21.41 31.30 -32.89
N ASN C 220 -22.73 31.11 -32.87
CA ASN C 220 -23.58 31.83 -31.91
C ASN C 220 -23.21 33.31 -31.86
N GLY C 221 -22.96 33.91 -33.03
CA GLY C 221 -22.73 35.34 -33.11
C GLY C 221 -21.39 35.83 -32.60
N GLN C 222 -20.52 34.92 -32.17
CA GLN C 222 -19.21 35.24 -31.61
C GLN C 222 -18.13 34.60 -32.47
N ARG C 223 -17.12 35.39 -32.84
CA ARG C 223 -15.98 34.84 -33.56
C ARG C 223 -14.88 34.35 -32.59
N GLY C 224 -14.92 34.74 -31.34
CA GLY C 224 -13.96 34.21 -30.40
C GLY C 224 -14.39 32.86 -29.84
N ARG C 225 -13.47 32.24 -29.14
CA ARG C 225 -13.72 30.93 -28.56
C ARG C 225 -13.32 30.96 -27.10
N MET C 226 -13.85 29.99 -26.36
CA MET C 226 -13.42 29.75 -24.98
C MET C 226 -13.20 28.26 -24.79
N ASP C 227 -11.93 27.87 -24.60
CA ASP C 227 -11.54 26.49 -24.30
C ASP C 227 -11.50 26.31 -22.78
N PHE C 228 -12.13 25.23 -22.31
CA PHE C 228 -12.19 24.90 -20.89
C PHE C 228 -11.40 23.62 -20.60
N PHE C 229 -10.99 23.49 -19.35
CA PHE C 229 -10.13 22.42 -18.87
C PHE C 229 -10.57 22.02 -17.48
N TRP C 230 -10.36 20.75 -17.16
CA TRP C 230 -10.69 20.22 -15.86
C TRP C 230 -9.56 19.41 -15.25
N THR C 231 -9.60 19.29 -13.93
CA THR C 231 -8.73 18.40 -13.17
C THR C 231 -9.47 17.88 -11.95
N ILE C 232 -8.94 16.81 -11.35
CA ILE C 232 -9.49 16.23 -10.13
C ILE C 232 -8.48 16.43 -9.00
N LEU C 233 -8.76 17.41 -8.11
CA LEU C 233 -7.86 17.73 -7.00
C LEU C 233 -8.09 16.78 -5.82
N LYS C 234 -7.05 16.02 -5.48
CA LYS C 234 -7.15 15.01 -4.43
C LYS C 234 -7.15 15.70 -3.06
N PRO C 235 -7.83 15.12 -2.07
CA PRO C 235 -7.77 15.69 -0.72
C PRO C 235 -6.37 16.08 -0.31
N ASP C 236 -6.27 17.30 0.23
CA ASP C 236 -5.04 17.84 0.81
C ASP C 236 -4.02 18.23 -0.24
N ASP C 237 -4.43 18.34 -1.48
CA ASP C 237 -3.58 18.94 -2.50
C ASP C 237 -4.13 20.35 -2.79
N ALA C 238 -3.36 21.15 -3.51
CA ALA C 238 -3.80 22.51 -3.77
C ALA C 238 -3.60 22.83 -5.24
N ILE C 239 -4.54 23.60 -5.81
CA ILE C 239 -4.43 24.08 -7.18
C ILE C 239 -3.94 25.51 -7.14
N HIS C 240 -3.04 25.85 -8.07
CA HIS C 240 -2.41 27.16 -8.07
C HIS C 240 -2.62 27.80 -9.42
N PHE C 241 -3.35 28.92 -9.46
CA PHE C 241 -3.58 29.66 -10.69
C PHE C 241 -2.72 30.91 -10.69
N GLU C 242 -2.22 31.27 -11.87
CA GLU C 242 -1.61 32.57 -12.10
C GLU C 242 -1.93 33.01 -13.52
N SER C 243 -2.38 34.27 -13.69
CA SER C 243 -2.65 34.76 -15.04
C SER C 243 -2.58 36.27 -15.05
N ASN C 244 -2.34 36.86 -16.23
CA ASN C 244 -2.47 38.31 -16.40
C ASN C 244 -3.56 38.67 -17.42
N GLY C 245 -4.40 37.73 -17.83
CA GLY C 245 -5.54 38.02 -18.68
C GLY C 245 -6.04 36.80 -19.43
N ASN C 246 -7.30 36.90 -19.88
CA ASN C 246 -7.99 35.86 -20.65
C ASN C 246 -8.38 34.66 -19.78
N PHE C 247 -8.56 34.89 -18.49
CA PHE C 247 -8.75 33.80 -17.54
C PHE C 247 -10.22 33.65 -17.24
N ILE C 248 -10.76 32.45 -17.45
CA ILE C 248 -12.06 32.06 -16.96
C ILE C 248 -11.82 31.26 -15.68
N ALA C 249 -11.98 31.94 -14.53
CA ALA C 249 -11.59 31.40 -13.23
C ALA C 249 -12.68 30.52 -12.65
N PRO C 250 -12.32 29.48 -11.89
CA PRO C 250 -13.35 28.67 -11.23
C PRO C 250 -13.97 29.45 -10.09
N GLU C 251 -15.27 29.33 -9.97
CA GLU C 251 -15.99 29.78 -8.79
C GLU C 251 -16.62 28.64 -8.00
N TYR C 252 -17.23 27.68 -8.69
CA TYR C 252 -17.77 26.51 -8.02
C TYR C 252 -16.97 25.32 -8.50
N ALA C 253 -16.98 24.28 -7.68
CA ALA C 253 -16.36 23.01 -8.03
C ALA C 253 -17.28 21.93 -7.52
N TYR C 254 -16.95 20.69 -7.84
CA TYR C 254 -17.81 19.57 -7.52
C TYR C 254 -17.04 18.54 -6.70
N LYS C 255 -17.62 18.14 -5.56
CA LYS C 255 -17.13 17.01 -4.77
C LYS C 255 -17.59 15.69 -5.38
N ILE C 256 -16.64 14.93 -5.91
CA ILE C 256 -16.93 13.65 -6.54
C ILE C 256 -16.50 12.53 -5.60
N VAL C 257 -17.34 11.52 -5.46
CA VAL C 257 -16.96 10.22 -4.91
C VAL C 257 -17.39 9.22 -5.96
N LYS C 258 -16.43 8.54 -6.57
CA LYS C 258 -16.73 7.68 -7.69
C LYS C 258 -16.31 6.27 -7.34
N LYS C 259 -17.28 5.34 -7.35
CA LYS C 259 -17.03 3.93 -7.08
C LYS C 259 -17.29 3.02 -8.28
N GLY C 260 -17.94 3.51 -9.34
CA GLY C 260 -18.34 2.63 -10.42
C GLY C 260 -18.34 3.34 -11.75
N ASP C 261 -18.46 2.54 -12.81
CA ASP C 261 -18.43 3.10 -14.15
C ASP C 261 -19.67 2.66 -14.93
N SER C 262 -20.20 3.57 -15.74
CA SER C 262 -21.37 3.26 -16.55
C SER C 262 -21.17 3.83 -17.95
N THR C 263 -22.19 4.47 -18.52
CA THR C 263 -22.02 5.20 -19.76
C THR C 263 -23.10 6.27 -19.88
N ILE C 264 -22.95 7.08 -20.93
CA ILE C 264 -23.94 8.08 -21.30
C ILE C 264 -24.89 7.46 -22.30
N MET C 265 -26.14 7.29 -21.88
CA MET C 265 -27.17 6.74 -22.74
C MET C 265 -27.91 7.86 -23.45
N LYS C 266 -28.07 7.72 -24.77
CA LYS C 266 -28.74 8.74 -25.59
C LYS C 266 -30.12 8.24 -25.93
N SER C 267 -31.12 8.89 -25.36
CA SER C 267 -32.48 8.40 -25.44
C SER C 267 -33.45 9.54 -25.19
N GLY C 268 -34.69 9.31 -25.63
CA GLY C 268 -35.72 10.28 -25.44
C GLY C 268 -36.92 9.75 -24.68
N VAL C 269 -36.92 8.46 -24.34
CA VAL C 269 -37.99 7.92 -23.51
C VAL C 269 -37.96 8.61 -22.15
N GLU C 270 -39.12 8.64 -21.50
CA GLU C 270 -39.30 9.34 -20.23
C GLU C 270 -39.06 8.43 -19.03
N TYR C 271 -38.77 9.06 -17.90
CA TYR C 271 -38.56 8.31 -16.66
C TYR C 271 -39.90 7.71 -16.23
N GLY C 272 -39.91 6.41 -15.97
CA GLY C 272 -41.13 5.68 -15.70
C GLY C 272 -41.36 5.33 -14.24
N HIS C 273 -40.54 5.84 -13.33
CA HIS C 273 -40.64 5.51 -11.91
C HIS C 273 -40.69 4.00 -11.71
N CYS C 274 -39.66 3.33 -12.23
CA CYS C 274 -39.54 1.88 -12.17
C CYS C 274 -38.11 1.54 -11.80
N ASN C 275 -37.82 0.24 -11.72
CA ASN C 275 -36.47 -0.24 -11.50
C ASN C 275 -36.21 -1.39 -12.47
N THR C 276 -34.97 -1.54 -12.89
CA THR C 276 -34.62 -2.60 -13.83
C THR C 276 -33.15 -3.00 -13.67
N LYS C 277 -32.85 -4.24 -14.03
CA LYS C 277 -31.47 -4.71 -14.14
C LYS C 277 -30.86 -4.38 -15.49
N CYS C 278 -31.70 -4.17 -16.50
CA CYS C 278 -31.23 -3.98 -17.85
C CYS C 278 -32.01 -2.80 -18.43
N GLN C 279 -31.29 -1.80 -18.91
CA GLN C 279 -31.91 -0.65 -19.55
C GLN C 279 -31.41 -0.56 -20.98
N THR C 280 -32.33 -0.39 -21.91
CA THR C 280 -31.99 -0.04 -23.28
C THR C 280 -32.59 1.33 -23.58
N PRO C 281 -32.10 2.03 -24.61
CA PRO C 281 -32.58 3.39 -24.82
C PRO C 281 -34.04 3.41 -25.16
N VAL C 282 -34.59 2.27 -25.59
CA VAL C 282 -35.99 2.24 -25.97
C VAL C 282 -36.90 1.78 -24.84
N GLY C 283 -36.36 1.13 -23.81
CA GLY C 283 -37.19 0.60 -22.75
C GLY C 283 -36.37 -0.35 -21.93
N ALA C 284 -36.96 -0.85 -20.87
CA ALA C 284 -36.24 -1.64 -19.91
C ALA C 284 -36.62 -3.11 -20.09
N ILE C 285 -35.64 -3.99 -19.93
CA ILE C 285 -35.83 -5.43 -20.02
C ILE C 285 -35.79 -6.02 -18.61
N ASN C 286 -36.90 -6.56 -18.18
CA ASN C 286 -36.97 -7.41 -17.00
C ASN C 286 -37.22 -8.83 -17.47
N SER C 287 -36.14 -9.61 -17.59
CA SER C 287 -36.25 -10.95 -18.14
C SER C 287 -35.15 -11.83 -17.55
N SER C 288 -35.35 -13.13 -17.68
CA SER C 288 -34.32 -14.09 -17.35
C SER C 288 -33.85 -14.89 -18.55
N MET C 289 -34.32 -14.54 -19.75
CA MET C 289 -34.01 -15.32 -20.93
C MET C 289 -32.56 -15.06 -21.36
N PRO C 290 -31.89 -16.07 -21.90
CA PRO C 290 -30.50 -15.89 -22.31
C PRO C 290 -30.27 -14.84 -23.39
N PHE C 291 -31.21 -14.64 -24.32
CA PHE C 291 -30.94 -13.81 -25.50
C PHE C 291 -32.07 -12.83 -25.73
N HIS C 292 -31.71 -11.70 -26.33
CA HIS C 292 -32.67 -10.66 -26.67
C HIS C 292 -32.32 -10.04 -28.00
N ASN C 293 -33.32 -9.37 -28.61
CA ASN C 293 -33.11 -8.65 -29.86
C ASN C 293 -33.58 -7.19 -29.80
N ILE C 294 -33.68 -6.58 -28.61
CA ILE C 294 -34.34 -5.28 -28.51
C ILE C 294 -33.45 -4.13 -28.99
N HIS C 295 -32.26 -4.01 -28.43
CA HIS C 295 -31.40 -2.88 -28.76
C HIS C 295 -29.98 -3.24 -28.35
N PRO C 296 -28.99 -2.79 -29.13
CA PRO C 296 -27.61 -3.23 -28.88
C PRO C 296 -27.00 -2.55 -27.67
N LEU C 297 -27.35 -1.28 -27.45
CA LEU C 297 -26.69 -0.42 -26.47
C LEU C 297 -27.41 -0.49 -25.12
N THR C 298 -27.26 -1.65 -24.45
CA THR C 298 -27.85 -1.88 -23.14
C THR C 298 -26.89 -1.45 -22.02
N ILE C 299 -27.45 -1.18 -20.84
CA ILE C 299 -26.69 -0.96 -19.61
C ILE C 299 -27.22 -1.88 -18.51
N GLY C 300 -26.32 -2.66 -17.90
CA GLY C 300 -26.65 -3.53 -16.79
C GLY C 300 -26.49 -5.00 -17.14
N GLU C 301 -27.05 -5.84 -16.27
CA GLU C 301 -26.99 -7.30 -16.44
C GLU C 301 -28.07 -7.68 -17.45
N CYS C 302 -27.66 -7.97 -18.67
CA CYS C 302 -28.56 -8.11 -19.79
C CYS C 302 -28.42 -9.46 -20.49
N PRO C 303 -29.44 -9.88 -21.22
CA PRO C 303 -29.31 -11.05 -22.09
C PRO C 303 -28.36 -10.74 -23.22
N LYS C 304 -27.93 -11.77 -23.94
CA LYS C 304 -27.03 -11.54 -25.06
C LYS C 304 -27.85 -11.09 -26.28
N TYR C 305 -27.35 -10.04 -26.93
CA TYR C 305 -28.02 -9.50 -28.12
C TYR C 305 -27.72 -10.40 -29.31
N VAL C 306 -28.78 -10.79 -30.03
CA VAL C 306 -28.69 -11.65 -31.20
C VAL C 306 -29.54 -11.04 -32.30
N LYS C 307 -29.24 -11.44 -33.53
CA LYS C 307 -29.99 -11.05 -34.72
C LYS C 307 -30.99 -12.13 -35.09
N SER C 308 -32.04 -12.25 -34.27
CA SER C 308 -33.00 -13.34 -34.42
C SER C 308 -34.41 -12.87 -34.06
N ASN C 309 -35.38 -13.22 -34.90
CA ASN C 309 -36.77 -12.86 -34.62
C ASN C 309 -37.45 -13.83 -33.66
N LYS C 310 -37.01 -15.08 -33.65
CA LYS C 310 -37.59 -16.09 -32.79
C LYS C 310 -36.51 -17.14 -32.53
N LEU C 311 -36.52 -17.66 -31.28
CA LEU C 311 -35.66 -18.77 -30.83
C LEU C 311 -36.53 -19.71 -29.97
N VAL C 312 -37.31 -20.58 -30.63
CA VAL C 312 -38.31 -21.43 -29.98
C VAL C 312 -37.77 -22.85 -29.78
N LEU C 313 -37.71 -23.27 -28.51
CA LEU C 313 -37.33 -24.62 -28.09
C LEU C 313 -38.57 -25.47 -27.93
N ALA C 314 -38.57 -26.65 -28.54
CA ALA C 314 -39.69 -27.59 -28.40
C ALA C 314 -39.74 -28.13 -26.99
N THR C 315 -40.90 -28.00 -26.35
CA THR C 315 -41.10 -28.54 -25.00
C THR C 315 -42.24 -29.55 -24.98
N GLY C 316 -42.51 -30.19 -26.11
CA GLY C 316 -43.72 -30.98 -26.29
C GLY C 316 -43.58 -32.07 -27.34
N LEU C 317 -44.68 -32.35 -28.04
CA LEU C 317 -44.80 -33.50 -28.92
C LEU C 317 -45.26 -33.07 -30.31
N ARG C 318 -44.92 -33.87 -31.31
CA ARG C 318 -45.38 -33.59 -32.67
C ARG C 318 -46.90 -33.60 -32.75
N ASN C 319 -47.48 -32.46 -33.14
CA ASN C 319 -48.92 -32.38 -33.26
C ASN C 319 -49.38 -33.05 -34.55
N SER C 320 -50.64 -33.46 -34.55
CA SER C 320 -51.22 -34.20 -35.66
C SER C 320 -52.50 -33.51 -36.08
N PRO C 321 -52.94 -33.70 -37.34
CA PRO C 321 -54.21 -33.16 -37.81
C PRO C 321 -55.40 -33.45 -36.89
N GLY C 337 -43.08 -45.79 -39.22
CA GLY C 337 -43.71 -45.38 -37.97
C GLY C 337 -44.93 -46.19 -37.57
N PHE C 338 -44.79 -47.02 -36.53
CA PHE C 338 -45.89 -47.89 -36.09
C PHE C 338 -47.08 -47.07 -35.59
N ILE C 339 -46.85 -46.23 -34.58
CA ILE C 339 -47.86 -45.26 -34.14
C ILE C 339 -48.06 -44.24 -35.26
N GLU C 340 -49.17 -44.35 -35.99
CA GLU C 340 -49.43 -43.48 -37.15
C GLU C 340 -49.48 -42.00 -36.77
N GLY C 341 -50.17 -41.67 -35.69
CA GLY C 341 -50.19 -40.30 -35.20
C GLY C 341 -50.43 -40.22 -33.69
N GLY C 342 -50.68 -38.98 -33.22
CA GLY C 342 -51.07 -38.75 -31.84
C GLY C 342 -52.58 -38.70 -31.63
N TRP C 343 -53.01 -38.89 -30.38
CA TRP C 343 -54.42 -38.87 -30.03
C TRP C 343 -54.83 -37.50 -29.52
N GLN C 344 -55.78 -36.87 -30.21
CA GLN C 344 -56.36 -35.64 -29.72
C GLN C 344 -57.28 -35.88 -28.52
N GLY C 345 -57.84 -37.09 -28.40
CA GLY C 345 -58.72 -37.40 -27.28
C GLY C 345 -58.02 -37.63 -25.95
N MET C 346 -56.72 -37.91 -25.95
CA MET C 346 -56.00 -38.13 -24.70
C MET C 346 -55.61 -36.78 -24.09
N VAL C 347 -56.64 -36.08 -23.59
CA VAL C 347 -56.46 -34.74 -23.06
C VAL C 347 -55.78 -34.72 -21.70
N ASP C 348 -55.56 -35.88 -21.08
CA ASP C 348 -55.09 -35.97 -19.70
C ASP C 348 -53.74 -36.64 -19.60
N GLY C 349 -52.88 -36.50 -20.61
CA GLY C 349 -51.54 -37.04 -20.50
C GLY C 349 -50.67 -36.64 -21.68
N TRP C 350 -49.41 -37.09 -21.61
CA TRP C 350 -48.45 -36.98 -22.70
C TRP C 350 -48.23 -38.33 -23.38
N TYR C 351 -47.87 -39.34 -22.60
CA TYR C 351 -47.85 -40.73 -23.04
C TYR C 351 -48.98 -41.47 -22.32
N GLY C 352 -49.61 -42.40 -23.00
CA GLY C 352 -50.68 -43.11 -22.35
C GLY C 352 -51.16 -44.29 -23.16
N TYR C 353 -52.28 -44.86 -22.70
CA TYR C 353 -52.84 -46.07 -23.27
C TYR C 353 -54.26 -45.82 -23.78
N HIS C 354 -54.70 -46.70 -24.68
CA HIS C 354 -56.08 -46.71 -25.14
C HIS C 354 -56.61 -48.14 -25.08
N HIS C 355 -57.87 -48.27 -24.66
CA HIS C 355 -58.53 -49.57 -24.58
C HIS C 355 -59.89 -49.48 -25.25
N SER C 356 -60.36 -50.62 -25.77
CA SER C 356 -61.66 -50.77 -26.43
C SER C 356 -62.14 -52.20 -26.19
N ASN C 357 -62.37 -52.53 -24.92
CA ASN C 357 -62.76 -53.88 -24.55
C ASN C 357 -64.27 -54.06 -24.73
N GLU C 358 -64.78 -55.22 -24.31
CA GLU C 358 -66.20 -55.50 -24.50
C GLU C 358 -67.07 -54.50 -23.75
N GLN C 359 -66.59 -53.99 -22.62
CA GLN C 359 -67.43 -53.11 -21.80
C GLN C 359 -67.43 -51.68 -22.33
N GLY C 360 -66.26 -51.11 -22.53
CA GLY C 360 -66.25 -49.74 -23.00
C GLY C 360 -64.95 -49.43 -23.68
N SER C 361 -64.86 -48.22 -24.19
CA SER C 361 -63.65 -47.74 -24.85
C SER C 361 -63.22 -46.46 -24.14
N GLY C 362 -61.95 -46.39 -23.76
CA GLY C 362 -61.47 -45.24 -23.00
C GLY C 362 -60.02 -44.91 -23.27
N TYR C 363 -59.66 -43.69 -22.90
CA TYR C 363 -58.30 -43.16 -23.03
C TYR C 363 -57.68 -43.09 -21.65
N ALA C 364 -56.44 -43.58 -21.54
CA ALA C 364 -55.70 -43.59 -20.29
C ALA C 364 -54.35 -42.92 -20.50
N ALA C 365 -53.76 -42.40 -19.43
CA ALA C 365 -52.48 -41.74 -19.52
C ALA C 365 -51.49 -42.43 -18.59
N ASP C 366 -50.23 -42.55 -19.02
CA ASP C 366 -49.18 -43.12 -18.19
C ASP C 366 -48.54 -42.00 -17.37
N LYS C 367 -48.94 -41.90 -16.09
CA LYS C 367 -48.46 -40.78 -15.28
C LYS C 367 -46.95 -40.81 -15.12
N GLU C 368 -46.37 -41.98 -14.82
CA GLU C 368 -44.94 -42.05 -14.53
C GLU C 368 -44.11 -41.64 -15.75
N SER C 369 -44.37 -42.27 -16.90
CA SER C 369 -43.63 -41.93 -18.10
C SER C 369 -43.83 -40.46 -18.46
N THR C 370 -45.05 -39.94 -18.25
CA THR C 370 -45.31 -38.55 -18.60
C THR C 370 -44.49 -37.59 -17.74
N GLN C 371 -44.58 -37.74 -16.41
CA GLN C 371 -43.84 -36.83 -15.53
C GLN C 371 -42.33 -36.95 -15.76
N LYS C 372 -41.85 -38.15 -16.06
CA LYS C 372 -40.41 -38.32 -16.25
C LYS C 372 -39.93 -37.47 -17.41
N ALA C 373 -40.75 -37.34 -18.45
CA ALA C 373 -40.39 -36.52 -19.60
C ALA C 373 -40.61 -35.03 -19.33
N ILE C 374 -41.74 -34.66 -18.73
CA ILE C 374 -41.98 -33.26 -18.37
C ILE C 374 -40.85 -32.72 -17.51
N ASP C 375 -40.35 -33.53 -16.57
CA ASP C 375 -39.25 -33.08 -15.73
C ASP C 375 -37.99 -32.90 -16.57
N GLY C 376 -37.71 -33.83 -17.48
CA GLY C 376 -36.49 -33.76 -18.25
C GLY C 376 -36.50 -32.63 -19.28
N VAL C 377 -37.63 -32.41 -19.92
CA VAL C 377 -37.71 -31.36 -20.93
C VAL C 377 -37.62 -29.99 -20.29
N THR C 378 -38.28 -29.80 -19.14
CA THR C 378 -38.14 -28.54 -18.41
C THR C 378 -36.71 -28.38 -17.88
N ASN C 379 -36.08 -29.47 -17.49
CA ASN C 379 -34.66 -29.39 -17.16
C ASN C 379 -33.81 -29.02 -18.36
N LYS C 380 -34.23 -29.39 -19.57
CA LYS C 380 -33.50 -28.98 -20.77
C LYS C 380 -33.57 -27.49 -20.96
N VAL C 381 -34.77 -26.92 -20.76
CA VAL C 381 -34.96 -25.49 -20.98
C VAL C 381 -34.22 -24.70 -19.90
N ASN C 382 -34.40 -25.12 -18.65
CA ASN C 382 -33.76 -24.45 -17.53
C ASN C 382 -32.24 -24.51 -17.62
N SER C 383 -31.69 -25.62 -18.14
CA SER C 383 -30.24 -25.69 -18.30
C SER C 383 -29.76 -24.63 -19.28
N ILE C 384 -30.39 -24.58 -20.45
CA ILE C 384 -29.94 -23.61 -21.44
C ILE C 384 -30.16 -22.20 -20.94
N ILE C 385 -31.26 -21.99 -20.22
CA ILE C 385 -31.54 -20.67 -19.66
C ILE C 385 -30.52 -20.29 -18.59
N ASP C 386 -30.27 -21.18 -17.62
CA ASP C 386 -29.55 -20.84 -16.40
C ASP C 386 -28.03 -20.94 -16.52
N LYS C 387 -27.51 -21.69 -17.49
CA LYS C 387 -26.07 -21.74 -17.71
C LYS C 387 -25.51 -20.43 -18.21
N MET C 388 -26.35 -19.60 -18.81
CA MET C 388 -25.96 -18.22 -19.09
C MET C 388 -26.09 -17.33 -17.84
N ASN C 389 -25.57 -17.82 -16.72
CA ASN C 389 -25.47 -16.99 -15.50
C ASN C 389 -24.41 -15.92 -15.67
N THR C 390 -23.70 -15.96 -16.78
CA THR C 390 -22.65 -14.99 -17.05
C THR C 390 -23.31 -13.71 -17.53
N GLN C 391 -23.61 -12.85 -16.57
CA GLN C 391 -24.21 -11.57 -16.87
C GLN C 391 -23.44 -10.50 -16.08
N PHE C 392 -22.70 -9.65 -16.79
CA PHE C 392 -21.99 -8.53 -16.16
C PHE C 392 -22.58 -7.17 -16.54
N GLU C 393 -21.80 -6.11 -16.41
CA GLU C 393 -22.20 -4.76 -16.81
C GLU C 393 -21.81 -4.39 -18.26
N ALA C 394 -22.47 -3.35 -18.79
CA ALA C 394 -22.29 -3.05 -20.20
C ALA C 394 -22.22 -1.54 -20.46
N VAL C 395 -22.03 -1.18 -21.73
CA VAL C 395 -21.81 0.20 -22.16
C VAL C 395 -22.40 0.40 -23.59
N GLY C 396 -22.56 1.69 -23.97
CA GLY C 396 -22.81 2.24 -25.31
C GLY C 396 -21.66 2.93 -26.08
N ARG C 397 -21.88 4.14 -26.63
CA ARG C 397 -20.98 4.81 -27.61
C ARG C 397 -20.32 6.04 -27.00
N GLU C 398 -19.00 6.17 -27.18
CA GLU C 398 -18.22 7.14 -26.40
C GLU C 398 -17.02 7.70 -27.14
N PHE C 399 -16.98 7.62 -28.47
CA PHE C 399 -15.80 8.05 -29.23
C PHE C 399 -16.12 9.22 -30.18
N ASN C 400 -15.14 10.11 -30.36
CA ASN C 400 -15.34 11.30 -31.14
C ASN C 400 -14.86 11.13 -32.60
N ASN C 401 -14.90 12.26 -33.33
CA ASN C 401 -14.76 12.27 -34.79
C ASN C 401 -13.34 11.95 -35.25
N LEU C 402 -12.35 12.21 -34.40
CA LEU C 402 -10.98 11.83 -34.68
C LEU C 402 -10.60 10.56 -33.97
N GLU C 403 -11.59 9.77 -33.57
CA GLU C 403 -11.37 8.49 -32.92
C GLU C 403 -12.13 7.41 -33.67
N ARG C 404 -12.33 7.61 -34.96
CA ARG C 404 -13.14 6.68 -35.74
C ARG C 404 -12.48 5.31 -35.83
N ARG C 405 -11.15 5.24 -35.70
CA ARG C 405 -10.50 3.94 -35.79
C ARG C 405 -10.81 3.10 -34.58
N ILE C 406 -10.79 3.70 -33.38
CA ILE C 406 -11.24 3.00 -32.18
C ILE C 406 -12.73 2.69 -32.21
N GLU C 407 -13.54 3.60 -32.74
CA GLU C 407 -14.96 3.33 -32.91
C GLU C 407 -15.20 2.07 -33.76
N ASN C 408 -14.56 2.00 -34.94
CA ASN C 408 -14.63 0.79 -35.75
C ASN C 408 -14.14 -0.42 -34.98
N LEU C 409 -13.11 -0.27 -34.10
CA LEU C 409 -12.73 -1.37 -33.21
C LEU C 409 -13.93 -1.85 -32.38
N ASN C 410 -14.57 -0.96 -31.61
CA ASN C 410 -15.75 -1.36 -30.84
C ASN C 410 -16.80 -2.04 -31.74
N LYS C 411 -17.02 -1.51 -32.96
CA LYS C 411 -18.02 -2.10 -33.85
C LYS C 411 -17.63 -3.50 -34.32
N LYS C 412 -16.35 -3.72 -34.64
CA LYS C 412 -15.92 -5.07 -34.98
C LYS C 412 -16.23 -6.02 -33.82
N MET C 413 -16.02 -5.56 -32.59
CA MET C 413 -16.20 -6.41 -31.42
C MET C 413 -17.67 -6.74 -31.25
N GLU C 414 -18.53 -5.72 -31.24
CA GLU C 414 -19.97 -5.93 -31.06
C GLU C 414 -20.52 -6.83 -32.13
N ASP C 415 -20.08 -6.63 -33.38
CA ASP C 415 -20.57 -7.44 -34.50
C ASP C 415 -20.05 -8.86 -34.41
N GLY C 416 -18.78 -9.04 -34.07
CA GLY C 416 -18.25 -10.38 -33.90
C GLY C 416 -18.95 -11.14 -32.78
N PHE C 417 -19.25 -10.46 -31.68
CA PHE C 417 -20.02 -11.11 -30.64
C PHE C 417 -21.45 -11.36 -31.09
N LEU C 418 -22.03 -10.43 -31.85
CA LEU C 418 -23.34 -10.66 -32.45
C LEU C 418 -23.36 -11.93 -33.28
N ASP C 419 -22.32 -12.14 -34.09
CA ASP C 419 -22.31 -13.31 -34.95
C ASP C 419 -22.08 -14.58 -34.14
N VAL C 420 -21.30 -14.50 -33.07
CA VAL C 420 -21.00 -15.71 -32.31
C VAL C 420 -22.23 -16.18 -31.56
N TRP C 421 -22.94 -15.24 -30.93
CA TRP C 421 -24.11 -15.64 -30.16
C TRP C 421 -25.23 -16.11 -31.08
N THR C 422 -25.42 -15.44 -32.21
CA THR C 422 -26.57 -15.78 -33.05
C THR C 422 -26.38 -17.15 -33.68
N TYR C 423 -25.18 -17.44 -34.18
CA TYR C 423 -24.93 -18.76 -34.75
C TYR C 423 -25.09 -19.83 -33.70
N ASN C 424 -24.41 -19.66 -32.57
CA ASN C 424 -24.47 -20.63 -31.49
C ASN C 424 -25.88 -20.78 -30.92
N ALA C 425 -26.64 -19.69 -30.77
CA ALA C 425 -27.98 -19.90 -30.26
C ALA C 425 -28.87 -20.57 -31.30
N GLU C 426 -28.84 -20.12 -32.58
CA GLU C 426 -29.76 -20.71 -33.56
C GLU C 426 -29.47 -22.19 -33.79
N LEU C 427 -28.21 -22.58 -33.69
CA LEU C 427 -27.81 -23.96 -33.91
C LEU C 427 -28.14 -24.82 -32.70
N LEU C 428 -27.89 -24.29 -31.51
CA LEU C 428 -28.22 -25.04 -30.31
C LEU C 428 -29.70 -25.41 -30.32
N VAL C 429 -30.58 -24.45 -30.63
CA VAL C 429 -32.01 -24.74 -30.62
C VAL C 429 -32.32 -25.82 -31.66
N LEU C 430 -31.66 -25.75 -32.81
CA LEU C 430 -31.90 -26.75 -33.86
C LEU C 430 -31.40 -28.11 -33.42
N MET C 431 -30.21 -28.17 -32.84
CA MET C 431 -29.69 -29.47 -32.44
C MET C 431 -30.50 -30.06 -31.30
N GLU C 432 -30.86 -29.23 -30.33
CA GLU C 432 -31.56 -29.80 -29.18
C GLU C 432 -33.00 -30.14 -29.51
N ASN C 433 -33.65 -29.39 -30.39
CA ASN C 433 -35.03 -29.75 -30.72
C ASN C 433 -35.10 -31.08 -31.43
N GLU C 434 -34.08 -31.43 -32.22
CA GLU C 434 -34.05 -32.75 -32.85
C GLU C 434 -33.94 -33.83 -31.78
N ARG C 435 -33.10 -33.58 -30.78
CA ARG C 435 -32.95 -34.55 -29.70
C ARG C 435 -34.24 -34.67 -28.88
N THR C 436 -34.92 -33.54 -28.62
CA THR C 436 -36.16 -33.59 -27.83
C THR C 436 -37.22 -34.44 -28.51
N LEU C 437 -37.42 -34.22 -29.81
CA LEU C 437 -38.43 -35.00 -30.53
C LEU C 437 -38.02 -36.47 -30.58
N ASP C 438 -36.73 -36.75 -30.71
CA ASP C 438 -36.26 -38.13 -30.67
C ASP C 438 -36.50 -38.73 -29.28
N PHE C 439 -36.17 -37.96 -28.24
CA PHE C 439 -36.38 -38.40 -26.87
C PHE C 439 -37.84 -38.77 -26.65
N HIS C 440 -38.78 -38.01 -27.23
CA HIS C 440 -40.19 -38.36 -27.14
C HIS C 440 -40.50 -39.65 -27.89
N ASP C 441 -39.82 -39.89 -29.03
CA ASP C 441 -40.08 -41.13 -29.78
C ASP C 441 -39.57 -42.34 -29.02
N SER C 442 -38.40 -42.22 -28.41
CA SER C 442 -37.83 -43.37 -27.72
C SER C 442 -38.67 -43.75 -26.51
N ASN C 443 -39.29 -42.75 -25.87
CA ASN C 443 -40.10 -43.01 -24.68
C ASN C 443 -41.31 -43.88 -25.03
N VAL C 444 -41.94 -43.59 -26.17
CA VAL C 444 -43.10 -44.37 -26.58
C VAL C 444 -42.68 -45.79 -26.93
N LYS C 445 -41.54 -45.95 -27.59
CA LYS C 445 -41.12 -47.28 -28.03
C LYS C 445 -40.79 -48.18 -26.83
N ASN C 446 -40.23 -47.60 -25.76
CA ASN C 446 -39.94 -48.38 -24.56
C ASN C 446 -41.23 -48.80 -23.85
N LEU C 447 -42.25 -47.94 -23.88
CA LEU C 447 -43.55 -48.31 -23.33
C LEU C 447 -44.16 -49.45 -24.13
N TYR C 448 -44.08 -49.36 -25.46
CA TYR C 448 -44.59 -50.42 -26.32
C TYR C 448 -43.83 -51.73 -26.09
N ASP C 449 -42.52 -51.65 -25.80
CA ASP C 449 -41.78 -52.86 -25.45
C ASP C 449 -42.12 -53.37 -24.07
N LYS C 450 -42.66 -52.52 -23.20
CA LYS C 450 -43.07 -52.96 -21.88
C LYS C 450 -44.23 -53.93 -21.97
N VAL C 451 -45.23 -53.60 -22.80
CA VAL C 451 -46.38 -54.46 -23.01
C VAL C 451 -46.04 -55.61 -23.95
N ARG C 452 -45.01 -55.45 -24.79
CA ARG C 452 -44.49 -56.59 -25.54
C ARG C 452 -44.12 -57.73 -24.61
N LEU C 453 -43.32 -57.43 -23.58
CA LEU C 453 -42.82 -58.47 -22.69
C LEU C 453 -43.91 -58.97 -21.76
N GLN C 454 -44.93 -58.15 -21.48
CA GLN C 454 -46.00 -58.56 -20.59
C GLN C 454 -46.97 -59.53 -21.25
N LEU C 455 -47.17 -59.41 -22.56
CA LEU C 455 -48.12 -60.22 -23.32
C LEU C 455 -47.34 -60.87 -24.45
N ARG C 456 -46.58 -61.91 -24.14
CA ARG C 456 -45.73 -62.52 -25.15
C ARG C 456 -46.55 -63.14 -26.28
N ASP C 457 -47.22 -64.25 -26.01
CA ASP C 457 -48.03 -64.93 -27.03
C ASP C 457 -49.52 -64.80 -26.77
N ASN C 458 -49.92 -64.12 -25.70
CA ASN C 458 -51.31 -63.82 -25.40
C ASN C 458 -51.85 -62.66 -26.24
N ALA C 459 -51.02 -62.06 -27.11
CA ALA C 459 -51.47 -61.00 -28.01
C ALA C 459 -50.60 -61.02 -29.26
N LYS C 460 -51.14 -60.49 -30.35
CA LYS C 460 -50.50 -60.49 -31.66
C LYS C 460 -49.99 -59.10 -31.99
N GLU C 461 -48.88 -59.03 -32.71
CA GLU C 461 -48.28 -57.74 -33.09
C GLU C 461 -49.07 -57.19 -34.27
N LEU C 462 -49.98 -56.25 -33.99
CA LEU C 462 -50.77 -55.66 -35.07
C LEU C 462 -49.90 -54.76 -35.94
N GLY C 463 -48.96 -54.05 -35.32
CA GLY C 463 -47.99 -53.23 -36.03
C GLY C 463 -48.27 -51.73 -36.02
N ASN C 464 -49.43 -51.29 -35.52
CA ASN C 464 -49.78 -49.86 -35.51
C ASN C 464 -49.59 -49.21 -34.14
N GLY C 465 -48.72 -49.77 -33.30
CA GLY C 465 -48.72 -49.43 -31.90
C GLY C 465 -49.81 -50.08 -31.07
N CYS C 466 -50.67 -50.92 -31.67
CA CYS C 466 -51.73 -51.61 -30.95
C CYS C 466 -51.48 -53.11 -30.89
N PHE C 467 -52.09 -53.77 -29.91
CA PHE C 467 -51.83 -55.17 -29.65
C PHE C 467 -53.15 -55.95 -29.71
N GLU C 468 -53.18 -57.04 -30.50
CA GLU C 468 -54.38 -57.84 -30.73
C GLU C 468 -54.53 -58.86 -29.60
N PHE C 469 -55.44 -58.59 -28.65
CA PHE C 469 -55.70 -59.48 -27.52
C PHE C 469 -56.43 -60.75 -27.99
N TYR C 470 -55.72 -61.89 -28.00
CA TYR C 470 -56.38 -63.17 -28.27
C TYR C 470 -57.48 -63.44 -27.25
N HIS C 471 -57.16 -63.28 -25.97
CA HIS C 471 -58.06 -63.49 -24.85
C HIS C 471 -58.75 -62.17 -24.46
N LYS C 472 -59.81 -62.28 -23.69
CA LYS C 472 -60.58 -61.10 -23.28
C LYS C 472 -59.97 -60.43 -22.06
N CYS C 473 -59.83 -59.10 -22.09
CA CYS C 473 -59.52 -58.30 -20.91
C CYS C 473 -60.64 -57.32 -20.59
N ASP C 474 -61.12 -57.38 -19.34
CA ASP C 474 -62.05 -56.41 -18.80
C ASP C 474 -61.37 -55.04 -18.71
N ASN C 475 -62.17 -54.02 -18.38
CA ASN C 475 -61.60 -52.72 -18.04
C ASN C 475 -60.60 -52.83 -16.90
N GLU C 476 -60.81 -53.83 -16.03
CA GLU C 476 -59.87 -54.08 -14.95
C GLU C 476 -58.63 -54.83 -15.42
N CYS C 477 -58.76 -55.73 -16.40
CA CYS C 477 -57.56 -56.32 -16.97
C CYS C 477 -56.76 -55.31 -17.79
N MET C 478 -57.45 -54.30 -18.35
CA MET C 478 -56.76 -53.25 -19.10
C MET C 478 -55.90 -52.41 -18.17
N GLU C 479 -56.43 -52.09 -17.00
CA GLU C 479 -55.61 -51.53 -15.95
C GLU C 479 -54.60 -52.52 -15.39
N SER C 480 -54.67 -53.80 -15.78
CA SER C 480 -53.70 -54.81 -15.38
C SER C 480 -52.49 -54.80 -16.29
N VAL C 481 -52.71 -54.65 -17.60
CA VAL C 481 -51.61 -54.38 -18.53
C VAL C 481 -50.97 -53.05 -18.18
N ARG C 482 -51.79 -52.02 -17.96
CA ARG C 482 -51.33 -50.82 -17.31
C ARG C 482 -50.99 -51.15 -15.86
N ASN C 483 -50.35 -50.22 -15.17
CA ASN C 483 -49.98 -50.42 -13.77
C ASN C 483 -49.01 -51.58 -13.60
N GLY C 484 -48.66 -52.26 -14.70
CA GLY C 484 -47.73 -53.38 -14.64
C GLY C 484 -48.17 -54.48 -13.70
N THR C 485 -49.47 -54.78 -13.67
CA THR C 485 -50.03 -55.76 -12.74
C THR C 485 -50.87 -56.79 -13.51
N TYR C 486 -50.25 -57.55 -14.41
CA TYR C 486 -50.96 -58.50 -15.26
C TYR C 486 -50.33 -59.88 -15.16
N ASP C 487 -51.16 -60.91 -15.05
CA ASP C 487 -50.72 -62.30 -14.98
C ASP C 487 -50.87 -62.96 -16.35
N TYR C 488 -49.73 -63.40 -16.93
CA TYR C 488 -49.68 -64.02 -18.25
C TYR C 488 -50.18 -65.47 -18.22
N PRO C 489 -49.81 -66.29 -17.22
CA PRO C 489 -50.33 -67.67 -17.18
C PRO C 489 -51.80 -67.76 -16.81
N GLN C 490 -52.41 -66.71 -16.28
CA GLN C 490 -53.83 -66.75 -15.95
C GLN C 490 -54.69 -67.00 -17.20
N TYR C 491 -54.31 -66.42 -18.34
CA TYR C 491 -55.06 -66.53 -19.58
C TYR C 491 -54.28 -67.26 -20.66
N SER C 492 -53.23 -67.99 -20.29
CA SER C 492 -52.34 -68.56 -21.29
C SER C 492 -53.02 -69.67 -22.09
N GLU C 493 -53.81 -70.51 -21.42
CA GLU C 493 -54.47 -71.62 -22.11
C GLU C 493 -55.56 -71.12 -23.06
N GLU C 494 -56.22 -70.01 -22.72
CA GLU C 494 -57.22 -69.45 -23.62
C GLU C 494 -56.59 -69.03 -24.94
N ALA C 495 -55.43 -68.37 -24.88
CA ALA C 495 -54.69 -68.03 -26.09
C ALA C 495 -54.25 -69.28 -26.83
N ARG C 496 -53.87 -70.34 -26.11
CA ARG C 496 -53.43 -71.57 -26.76
C ARG C 496 -54.54 -72.14 -27.63
N LEU C 497 -55.78 -72.06 -27.17
CA LEU C 497 -56.89 -72.56 -27.98
C LEU C 497 -57.30 -71.57 -29.07
N LYS C 498 -57.05 -70.27 -28.88
CA LYS C 498 -57.45 -69.27 -29.86
C LYS C 498 -56.64 -69.36 -31.16
N ARG C 499 -55.50 -70.05 -31.15
CA ARG C 499 -54.79 -70.30 -32.40
C ARG C 499 -55.61 -71.21 -33.29
N GLU C 500 -56.06 -70.69 -34.45
CA GLU C 500 -56.95 -71.42 -35.36
C GLU C 500 -56.63 -71.07 -36.79
N ASP D 1 71.57 40.31 41.91
CA ASP D 1 70.33 40.15 42.65
C ASP D 1 69.29 39.62 41.70
N GLN D 2 68.72 38.46 42.07
CA GLN D 2 67.74 37.74 41.26
C GLN D 2 66.47 37.55 42.08
N ILE D 3 65.34 37.94 41.49
CA ILE D 3 64.02 37.71 42.05
C ILE D 3 63.27 36.81 41.06
N CYS D 4 62.68 35.73 41.57
CA CYS D 4 62.00 34.73 40.76
C CYS D 4 60.55 34.61 41.18
N ILE D 5 59.74 34.00 40.30
CA ILE D 5 58.35 33.68 40.58
C ILE D 5 58.07 32.24 40.16
N GLY D 6 57.30 31.53 40.97
CA GLY D 6 57.02 30.13 40.72
C GLY D 6 55.74 29.72 41.39
N TYR D 7 55.47 28.41 41.37
CA TYR D 7 54.23 27.89 41.91
C TYR D 7 54.51 26.68 42.80
N HIS D 8 53.45 26.20 43.46
CA HIS D 8 53.55 25.15 44.44
C HIS D 8 53.83 23.78 43.80
N ALA D 9 54.51 22.91 44.55
CA ALA D 9 54.78 21.53 44.16
C ALA D 9 54.47 20.59 45.31
N ASN D 10 54.20 19.33 44.98
CA ASN D 10 53.71 18.33 45.92
C ASN D 10 54.25 16.96 45.54
N ASN D 11 54.18 16.03 46.51
CA ASN D 11 54.47 14.63 46.23
C ASN D 11 53.22 13.89 45.73
N SER D 12 52.28 14.61 45.10
CA SER D 12 51.03 14.00 44.66
C SER D 12 51.26 13.20 43.39
N THR D 13 50.83 11.95 43.41
CA THR D 13 50.82 11.10 42.23
C THR D 13 49.48 11.15 41.50
N GLU D 14 48.53 11.96 41.98
CA GLU D 14 47.21 12.00 41.36
C GLU D 14 47.28 12.66 39.99
N GLN D 15 46.68 12.01 38.99
CA GLN D 15 46.65 12.48 37.62
C GLN D 15 45.22 12.85 37.23
N VAL D 16 45.08 13.96 36.50
CA VAL D 16 43.80 14.33 35.91
C VAL D 16 43.99 14.40 34.42
N ASP D 17 42.90 14.19 33.69
CA ASP D 17 42.88 14.31 32.25
C ASP D 17 42.14 15.58 31.86
N THR D 18 42.39 16.07 30.65
CA THR D 18 41.72 17.27 30.19
C THR D 18 41.37 17.10 28.71
N ILE D 19 40.87 18.16 28.07
CA ILE D 19 40.40 18.07 26.69
C ILE D 19 41.56 17.88 25.73
N MET D 20 42.62 18.67 25.89
CA MET D 20 43.73 18.65 24.94
C MET D 20 44.93 17.86 25.46
N GLU D 21 44.89 17.36 26.70
CA GLU D 21 46.00 16.59 27.26
C GLU D 21 45.46 15.56 28.25
N LYS D 22 46.20 14.47 28.42
CA LYS D 22 45.81 13.38 29.31
C LYS D 22 46.95 13.01 30.24
N ASN D 23 46.60 12.50 31.42
CA ASN D 23 47.56 12.03 32.43
C ASN D 23 48.49 13.18 32.87
N VAL D 24 47.87 14.28 33.29
CA VAL D 24 48.55 15.48 33.79
C VAL D 24 48.50 15.45 35.31
N THR D 25 49.67 15.23 35.93
CA THR D 25 49.77 15.15 37.38
C THR D 25 49.54 16.52 38.01
N VAL D 26 48.69 16.55 39.04
CA VAL D 26 48.32 17.79 39.71
C VAL D 26 48.64 17.68 41.20
N THR D 27 48.70 18.85 41.85
CA THR D 27 49.00 18.90 43.28
C THR D 27 47.76 18.64 44.13
N HIS D 28 46.58 19.06 43.66
CA HIS D 28 45.33 18.83 44.37
C HIS D 28 44.23 18.50 43.38
N ALA D 29 43.29 17.66 43.81
CA ALA D 29 42.20 17.20 42.95
C ALA D 29 41.03 16.77 43.81
N GLN D 30 39.84 16.80 43.24
CA GLN D 30 38.62 16.39 43.93
C GLN D 30 37.76 15.54 43.01
N ASP D 31 37.48 14.32 43.46
CA ASP D 31 36.66 13.39 42.70
C ASP D 31 35.21 13.63 43.08
N ILE D 32 34.39 13.97 42.09
CA ILE D 32 32.97 14.21 42.30
C ILE D 32 32.12 12.97 42.00
N LEU D 33 32.71 11.78 42.05
CA LEU D 33 32.00 10.52 41.82
C LEU D 33 32.06 9.65 43.07
N GLU D 34 30.91 9.12 43.51
CA GLU D 34 30.86 8.34 44.74
C GLU D 34 30.84 6.85 44.44
N LYS D 35 31.82 6.12 44.99
CA LYS D 35 31.95 4.69 44.75
C LYS D 35 31.85 3.84 46.02
N THR D 36 31.52 4.41 47.18
CA THR D 36 31.46 3.65 48.43
C THR D 36 30.03 3.56 48.93
N HIS D 37 29.70 2.42 49.53
CA HIS D 37 28.37 2.21 50.07
C HIS D 37 28.43 1.59 51.45
N ASN D 38 27.29 1.62 52.11
CA ASN D 38 27.12 1.02 53.42
C ASN D 38 27.28 -0.50 53.39
N GLY D 39 26.86 -1.16 52.31
CA GLY D 39 26.85 -2.60 52.26
C GLY D 39 25.75 -3.25 53.08
N LYS D 40 24.93 -2.45 53.75
CA LYS D 40 23.80 -2.94 54.51
C LYS D 40 22.56 -2.17 54.07
N LEU D 41 21.40 -2.75 54.34
CA LEU D 41 20.15 -2.08 54.08
C LEU D 41 19.81 -1.15 55.24
N CYS D 42 19.50 0.10 54.93
CA CYS D 42 19.19 1.09 55.95
C CYS D 42 17.73 1.56 55.86
N ASP D 43 17.33 2.38 56.83
CA ASP D 43 16.05 3.08 56.78
C ASP D 43 16.10 4.18 55.75
N LEU D 44 15.01 4.37 55.01
CA LEU D 44 14.90 5.46 54.04
C LEU D 44 14.23 6.66 54.70
N ASN D 45 15.01 7.71 54.92
CA ASN D 45 14.64 8.82 55.81
C ASN D 45 14.33 8.22 57.16
N GLY D 46 13.13 8.39 57.70
CA GLY D 46 12.90 7.98 59.08
C GLY D 46 12.25 6.62 59.21
N VAL D 47 11.60 6.17 58.13
CA VAL D 47 10.80 4.96 58.11
C VAL D 47 11.68 3.78 57.73
N LYS D 48 11.28 2.61 58.20
CA LYS D 48 12.03 1.38 58.12
C LYS D 48 11.48 0.55 56.98
N PRO D 49 12.36 -0.17 56.31
CA PRO D 49 11.92 -1.05 55.23
C PRO D 49 11.11 -2.23 55.76
N LEU D 50 10.16 -2.67 54.94
CA LEU D 50 9.47 -3.93 55.22
C LEU D 50 10.30 -5.05 54.60
N ILE D 51 11.04 -5.80 55.43
CA ILE D 51 11.92 -6.86 54.92
C ILE D 51 11.23 -8.20 55.04
N LEU D 52 10.82 -8.76 53.90
CA LEU D 52 10.20 -10.07 53.84
C LEU D 52 11.26 -11.08 53.38
N LYS D 53 11.47 -12.13 54.14
CA LYS D 53 12.46 -13.14 53.77
C LYS D 53 11.74 -14.44 53.44
N ASP D 54 12.02 -14.99 52.26
CA ASP D 54 11.43 -16.26 51.81
C ASP D 54 9.91 -16.23 51.72
N CYS D 55 9.30 -15.04 51.66
CA CYS D 55 7.87 -14.91 51.47
C CYS D 55 7.62 -13.74 50.55
N SER D 56 6.72 -13.94 49.60
CA SER D 56 6.29 -12.96 48.64
C SER D 56 5.21 -12.04 49.21
N VAL D 57 4.93 -10.96 48.47
CA VAL D 57 3.91 -10.00 48.90
C VAL D 57 2.54 -10.68 48.93
N ALA D 58 2.31 -11.58 47.99
CA ALA D 58 1.05 -12.31 47.96
C ALA D 58 0.90 -13.16 49.21
N GLY D 59 1.92 -13.98 49.51
CA GLY D 59 1.87 -14.80 50.70
C GLY D 59 1.75 -13.99 51.98
N TRP D 60 2.45 -12.86 52.05
CA TRP D 60 2.35 -12.04 53.25
C TRP D 60 0.94 -11.46 53.39
N LEU D 61 0.29 -11.10 52.29
CA LEU D 61 -1.08 -10.61 52.36
C LEU D 61 -2.08 -11.71 52.66
N LEU D 62 -2.01 -12.81 51.93
CA LEU D 62 -3.00 -13.86 52.03
C LEU D 62 -2.76 -14.78 53.22
N GLY D 63 -1.63 -14.66 53.90
CA GLY D 63 -1.44 -15.50 55.07
C GLY D 63 -1.00 -16.91 54.75
N ASN D 64 0.01 -17.04 53.91
CA ASN D 64 0.56 -18.35 53.60
C ASN D 64 1.09 -19.02 54.86
N PRO D 65 0.65 -20.25 55.17
CA PRO D 65 1.04 -20.89 56.44
C PRO D 65 2.53 -20.95 56.69
N MET D 66 3.34 -20.86 55.63
CA MET D 66 4.78 -21.07 55.78
C MET D 66 5.56 -19.79 56.11
N CYS D 67 4.90 -18.64 56.28
CA CYS D 67 5.64 -17.42 56.60
C CYS D 67 4.69 -16.46 57.31
N ASP D 68 4.87 -16.31 58.62
CA ASP D 68 4.26 -15.30 59.48
C ASP D 68 5.22 -14.88 60.57
N GLU D 69 6.50 -15.13 60.35
CA GLU D 69 7.51 -14.77 61.35
C GLU D 69 7.59 -13.25 61.53
N PHE D 70 7.27 -12.49 60.48
CA PHE D 70 7.28 -11.04 60.53
C PHE D 70 6.12 -10.51 61.38
N ILE D 71 6.45 -9.70 62.38
CA ILE D 71 5.42 -8.99 63.14
C ILE D 71 4.67 -8.04 62.20
N ARG D 72 3.40 -7.83 62.50
CA ARG D 72 2.61 -6.86 61.74
C ARG D 72 3.11 -5.45 62.10
N VAL D 73 3.75 -4.77 61.13
CA VAL D 73 4.33 -3.44 61.32
C VAL D 73 3.40 -2.40 60.71
N PRO D 74 3.36 -1.17 61.25
CA PRO D 74 2.39 -0.18 60.76
C PRO D 74 2.83 0.57 59.50
N GLU D 75 4.10 0.98 59.44
CA GLU D 75 4.59 1.83 58.36
C GLU D 75 5.88 1.28 57.78
N TRP D 76 6.10 1.54 56.49
CA TRP D 76 7.35 1.17 55.85
C TRP D 76 7.60 2.16 54.71
N SER D 77 8.87 2.28 54.33
CA SER D 77 9.23 3.16 53.22
C SER D 77 9.57 2.42 51.93
N TYR D 78 10.10 1.21 52.00
CA TYR D 78 10.26 0.39 50.80
C TYR D 78 10.23 -1.09 51.18
N ILE D 79 9.75 -1.93 50.26
CA ILE D 79 9.64 -3.37 50.47
C ILE D 79 10.89 -4.06 49.93
N VAL D 80 11.53 -4.87 50.76
CA VAL D 80 12.65 -5.70 50.32
C VAL D 80 12.16 -7.13 50.17
N GLU D 81 12.34 -7.68 49.00
CA GLU D 81 11.90 -9.02 48.71
C GLU D 81 13.12 -9.76 48.20
N ARG D 82 13.30 -11.01 48.61
CA ARG D 82 14.41 -11.77 48.06
C ARG D 82 14.17 -12.03 46.57
N ALA D 83 15.26 -12.36 45.86
CA ALA D 83 15.21 -12.52 44.41
C ALA D 83 14.15 -13.53 43.99
N ASN D 84 14.15 -14.70 44.62
CA ASN D 84 13.19 -15.77 44.33
C ASN D 84 12.60 -16.25 45.64
N PRO D 85 11.61 -15.54 46.17
CA PRO D 85 10.95 -15.97 47.41
C PRO D 85 10.37 -17.37 47.29
N ALA D 86 10.68 -18.22 48.27
CA ALA D 86 10.40 -19.64 48.16
C ALA D 86 8.99 -20.02 48.58
N ASN D 87 8.30 -19.14 49.32
CA ASN D 87 6.91 -19.30 49.74
C ASN D 87 6.07 -18.15 49.20
N ASP D 88 5.19 -18.45 48.26
CA ASP D 88 4.40 -17.44 47.58
C ASP D 88 2.96 -17.87 47.76
N LEU D 89 2.45 -18.61 46.78
CA LEU D 89 1.09 -19.12 46.75
C LEU D 89 1.19 -20.64 46.86
N CYS D 90 1.17 -21.15 48.10
CA CYS D 90 1.39 -22.58 48.30
C CYS D 90 0.36 -23.39 47.52
N TYR D 91 -0.89 -23.03 47.59
CA TYR D 91 -1.85 -23.58 46.66
C TYR D 91 -1.75 -22.86 45.33
N PRO D 92 -1.62 -23.58 44.22
CA PRO D 92 -1.27 -22.90 42.98
C PRO D 92 -2.41 -21.98 42.57
N GLY D 93 -2.09 -21.02 41.72
CA GLY D 93 -3.08 -20.06 41.34
C GLY D 93 -2.50 -18.75 40.85
N SER D 94 -3.12 -17.65 41.24
CA SER D 94 -2.67 -16.34 40.85
C SER D 94 -3.38 -15.30 41.70
N LEU D 95 -2.80 -14.10 41.73
CA LEU D 95 -3.45 -12.96 42.37
C LEU D 95 -3.57 -11.83 41.35
N ASN D 96 -4.81 -11.41 41.05
CA ASN D 96 -5.06 -10.43 40.00
C ASN D 96 -4.35 -9.11 40.27
N ASP D 97 -3.80 -8.52 39.22
CA ASP D 97 -3.10 -7.22 39.29
C ASP D 97 -2.06 -7.23 40.40
N TYR D 98 -1.26 -8.29 40.42
CA TYR D 98 -0.30 -8.45 41.49
C TYR D 98 0.68 -7.30 41.48
N GLU D 99 1.19 -6.96 40.30
CA GLU D 99 2.24 -5.95 40.25
C GLU D 99 1.72 -4.56 40.55
N GLU D 100 0.44 -4.31 40.28
CA GLU D 100 -0.14 -3.02 40.61
C GLU D 100 -0.45 -2.95 42.11
N LEU D 101 -0.82 -4.08 42.71
CA LEU D 101 -1.00 -4.12 44.15
C LEU D 101 0.34 -3.88 44.83
N LYS D 102 1.41 -4.52 44.33
CA LYS D 102 2.72 -4.38 44.94
C LYS D 102 3.18 -2.93 44.90
N HIS D 103 2.91 -2.22 43.80
CA HIS D 103 3.22 -0.79 43.76
C HIS D 103 2.36 -0.03 44.76
N LEU D 104 1.09 -0.43 44.93
CA LEU D 104 0.22 0.26 45.88
C LEU D 104 0.74 0.10 47.29
N LEU D 105 1.12 -1.13 47.65
CA LEU D 105 1.65 -1.52 48.95
C LEU D 105 3.14 -1.27 49.11
N SER D 106 3.72 -0.43 48.27
CA SER D 106 5.15 -0.11 48.31
C SER D 106 5.56 0.87 49.42
N ARG D 107 4.70 1.83 49.78
CA ARG D 107 5.00 2.81 50.82
C ARG D 107 3.69 3.18 51.47
N ILE D 108 3.49 2.74 52.72
CA ILE D 108 2.22 2.90 53.41
C ILE D 108 2.49 3.57 54.75
N ASN D 109 1.65 4.56 55.12
CA ASN D 109 1.80 5.16 56.44
C ASN D 109 1.18 4.32 57.52
N HIS D 110 0.03 3.70 57.23
CA HIS D 110 -0.69 2.95 58.26
C HIS D 110 -1.24 1.66 57.67
N PHE D 111 -0.89 0.54 58.30
CA PHE D 111 -1.33 -0.80 57.92
C PHE D 111 -1.74 -1.53 59.19
N GLU D 112 -2.90 -2.16 59.17
CA GLU D 112 -3.39 -2.85 60.36
C GLU D 112 -4.35 -3.94 59.91
N LYS D 113 -4.02 -5.18 60.20
CA LYS D 113 -4.95 -6.26 59.90
C LYS D 113 -6.17 -6.11 60.80
N ILE D 114 -7.34 -6.32 60.23
CA ILE D 114 -8.62 -6.17 60.91
C ILE D 114 -9.48 -7.39 60.59
N LEU D 115 -10.19 -7.88 61.60
CA LEU D 115 -11.16 -8.96 61.40
C LEU D 115 -12.44 -8.35 60.84
N ILE D 116 -12.75 -8.64 59.59
CA ILE D 116 -13.94 -8.09 58.93
C ILE D 116 -15.12 -9.03 59.03
N ILE D 117 -14.95 -10.27 58.60
CA ILE D 117 -16.00 -11.29 58.63
C ILE D 117 -15.54 -12.48 59.48
N PRO D 118 -16.14 -12.66 60.66
CA PRO D 118 -15.79 -13.82 61.51
C PRO D 118 -16.31 -15.11 60.91
N LYS D 119 -15.69 -16.21 61.35
CA LYS D 119 -16.20 -17.53 60.97
C LYS D 119 -17.61 -17.79 61.51
N SER D 120 -18.09 -16.97 62.44
CA SER D 120 -19.44 -17.14 62.95
C SER D 120 -20.48 -16.88 61.86
N SER D 121 -20.21 -15.98 60.94
CA SER D 121 -21.18 -15.63 59.91
C SER D 121 -21.33 -16.68 58.83
N TRP D 122 -20.79 -17.88 59.03
CA TRP D 122 -20.93 -19.00 58.09
C TRP D 122 -21.47 -20.22 58.85
N PRO D 123 -22.74 -20.17 59.26
CA PRO D 123 -23.27 -21.22 60.14
C PRO D 123 -23.53 -22.54 59.43
N ASN D 124 -24.13 -22.46 58.25
CA ASN D 124 -24.53 -23.66 57.49
C ASN D 124 -23.47 -24.12 56.49
N HIS D 125 -22.31 -23.49 56.45
CA HIS D 125 -21.18 -23.91 55.62
C HIS D 125 -20.01 -24.29 56.50
N GLU D 126 -19.33 -25.37 56.13
CA GLU D 126 -18.20 -25.84 56.93
C GLU D 126 -16.99 -24.92 56.81
N THR D 127 -16.50 -24.44 57.94
CA THR D 127 -15.35 -23.55 57.95
C THR D 127 -14.07 -24.28 58.34
N SER D 128 -14.14 -25.59 58.56
CA SER D 128 -13.09 -26.35 59.24
C SER D 128 -12.37 -27.36 58.37
N LEU D 129 -12.94 -27.74 57.23
CA LEU D 129 -12.38 -28.74 56.33
C LEU D 129 -11.83 -28.14 55.05
N GLY D 130 -11.76 -26.81 54.96
CA GLY D 130 -11.20 -26.11 53.81
C GLY D 130 -9.70 -25.90 53.90
N VAL D 131 -8.98 -26.99 53.65
CA VAL D 131 -7.58 -27.13 54.01
C VAL D 131 -6.91 -28.06 52.98
N SER D 132 -5.60 -27.85 52.76
CA SER D 132 -4.86 -28.56 51.71
C SER D 132 -3.46 -28.95 52.20
N ALA D 133 -2.96 -30.09 51.71
CA ALA D 133 -1.58 -30.49 51.92
C ALA D 133 -0.59 -29.73 51.04
N ALA D 134 -1.06 -28.94 50.06
CA ALA D 134 -0.14 -28.02 49.37
C ALA D 134 0.33 -26.90 50.27
N CYS D 135 -0.35 -26.64 51.38
CA CYS D 135 0.01 -25.58 52.33
C CYS D 135 0.27 -26.17 53.70
N PRO D 136 1.36 -26.93 53.88
CA PRO D 136 1.58 -27.66 55.15
C PRO D 136 1.93 -26.71 56.30
N TYR D 137 1.24 -26.88 57.42
CA TYR D 137 1.61 -26.21 58.67
C TYR D 137 1.77 -27.26 59.77
N GLN D 138 2.93 -27.30 60.40
CA GLN D 138 3.23 -28.31 61.42
C GLN D 138 3.01 -29.71 60.85
N GLY D 139 3.44 -29.90 59.59
CA GLY D 139 3.45 -31.18 58.92
C GLY D 139 2.09 -31.75 58.61
N ALA D 140 1.05 -30.95 58.74
CA ALA D 140 -0.33 -31.33 58.51
C ALA D 140 -0.89 -30.46 57.41
N PRO D 141 -2.00 -30.85 56.81
CA PRO D 141 -2.65 -29.97 55.82
C PRO D 141 -3.09 -28.68 56.49
N SER D 142 -2.79 -27.54 55.86
CA SER D 142 -3.22 -26.24 56.33
C SER D 142 -3.58 -25.39 55.10
N PHE D 143 -4.02 -24.15 55.34
CA PHE D 143 -4.46 -23.27 54.28
C PHE D 143 -4.16 -21.83 54.70
N PHE D 144 -4.25 -20.92 53.73
CA PHE D 144 -4.08 -19.50 54.02
C PHE D 144 -4.93 -19.10 55.20
N ARG D 145 -4.40 -18.22 56.06
CA ARG D 145 -5.10 -17.90 57.31
C ARG D 145 -5.92 -16.61 57.26
N ASN D 146 -5.87 -15.86 56.15
CA ASN D 146 -6.65 -14.63 56.04
C ASN D 146 -7.89 -14.74 55.16
N VAL D 147 -8.17 -15.91 54.59
CA VAL D 147 -9.38 -16.17 53.82
C VAL D 147 -9.89 -17.57 54.13
N VAL D 148 -11.21 -17.76 54.15
CA VAL D 148 -11.81 -19.02 54.55
C VAL D 148 -12.29 -19.81 53.34
N TRP D 149 -11.87 -21.07 53.26
CA TRP D 149 -12.26 -21.97 52.17
C TRP D 149 -13.51 -22.73 52.62
N LEU D 150 -14.67 -22.13 52.37
CA LEU D 150 -15.94 -22.72 52.79
C LEU D 150 -16.26 -23.96 51.94
N ILE D 151 -16.76 -24.99 52.62
CA ILE D 151 -17.15 -26.27 52.03
C ILE D 151 -18.56 -26.59 52.51
N LYS D 152 -19.21 -27.53 51.82
CA LYS D 152 -20.58 -27.92 52.15
C LYS D 152 -20.69 -28.57 53.53
N LYS D 153 -21.88 -28.45 54.15
CA LYS D 153 -22.19 -29.07 55.43
C LYS D 153 -23.35 -30.02 55.23
N ASN D 154 -23.16 -31.27 55.66
CA ASN D 154 -24.16 -32.33 55.55
C ASN D 154 -24.67 -32.44 54.12
N ASP D 155 -23.75 -32.37 53.15
CA ASP D 155 -24.03 -32.51 51.72
C ASP D 155 -25.02 -31.46 51.20
N ALA D 156 -24.87 -30.23 51.69
CA ALA D 156 -25.75 -29.13 51.31
C ALA D 156 -24.99 -27.82 51.37
N TYR D 157 -25.09 -27.03 50.31
CA TYR D 157 -24.43 -25.73 50.18
C TYR D 157 -25.44 -24.65 49.88
N PRO D 158 -25.84 -23.85 50.86
CA PRO D 158 -26.79 -22.77 50.59
C PRO D 158 -26.09 -21.64 49.88
N THR D 159 -26.88 -20.84 49.18
CA THR D 159 -26.34 -19.62 48.58
C THR D 159 -25.89 -18.67 49.70
N ILE D 160 -24.75 -18.03 49.49
CA ILE D 160 -24.14 -17.16 50.49
C ILE D 160 -24.36 -15.72 50.07
N LYS D 161 -24.89 -14.89 50.97
CA LYS D 161 -25.04 -13.46 50.69
C LYS D 161 -24.61 -12.68 51.93
N ILE D 162 -23.46 -12.02 51.85
CA ILE D 162 -22.88 -11.28 52.98
C ILE D 162 -22.57 -9.85 52.52
N SER D 163 -22.55 -8.95 53.50
CA SER D 163 -22.27 -7.54 53.24
C SER D 163 -21.44 -7.00 54.40
N TYR D 164 -20.44 -6.17 54.09
CA TYR D 164 -19.69 -5.43 55.10
C TYR D 164 -19.57 -3.96 54.69
N ASN D 165 -19.93 -3.06 55.61
CA ASN D 165 -19.84 -1.61 55.40
C ASN D 165 -18.59 -1.08 56.10
N ASN D 166 -17.69 -0.46 55.33
CA ASN D 166 -16.51 0.17 55.91
C ASN D 166 -16.92 1.33 56.79
N THR D 167 -16.50 1.28 58.04
CA THR D 167 -16.78 2.33 58.98
C THR D 167 -15.52 2.92 59.58
N ASN D 168 -14.36 2.40 59.20
CA ASN D 168 -13.14 2.69 59.94
C ASN D 168 -12.54 4.03 59.60
N ARG D 169 -13.17 4.81 58.73
CA ARG D 169 -12.65 6.08 58.25
C ARG D 169 -11.29 5.93 57.59
N GLU D 170 -10.82 4.71 57.39
CA GLU D 170 -9.63 4.43 56.61
C GLU D 170 -10.00 3.44 55.50
N ASP D 171 -9.31 3.53 54.37
CA ASP D 171 -9.59 2.62 53.28
C ASP D 171 -9.14 1.20 53.64
N LEU D 172 -9.97 0.21 53.31
CA LEU D 172 -9.71 -1.20 53.60
C LEU D 172 -9.31 -1.95 52.34
N LEU D 173 -8.35 -2.86 52.47
CA LEU D 173 -7.97 -3.73 51.38
C LEU D 173 -8.62 -5.09 51.65
N ILE D 174 -9.55 -5.48 50.79
CA ILE D 174 -10.24 -6.77 50.94
C ILE D 174 -9.66 -7.71 49.90
N LEU D 175 -9.57 -9.00 50.22
CA LEU D 175 -9.07 -10.01 49.29
C LEU D 175 -9.96 -11.24 49.35
N TRP D 176 -10.57 -11.60 48.22
CA TRP D 176 -11.38 -12.81 48.05
C TRP D 176 -10.80 -13.68 46.94
N GLY D 177 -11.34 -14.90 46.81
CA GLY D 177 -10.81 -15.80 45.80
C GLY D 177 -11.86 -16.73 45.22
N ILE D 178 -11.43 -17.55 44.25
CA ILE D 178 -12.29 -18.56 43.64
C ILE D 178 -11.47 -19.82 43.41
N HIS D 179 -12.10 -20.98 43.59
CA HIS D 179 -11.43 -22.27 43.43
C HIS D 179 -11.81 -22.86 42.08
N HIS D 180 -10.86 -23.60 41.45
CA HIS D 180 -11.08 -24.32 40.19
C HIS D 180 -10.92 -25.82 40.44
N SER D 181 -12.02 -26.57 40.38
CA SER D 181 -12.07 -28.02 40.57
C SER D 181 -11.60 -28.78 39.32
N ASN D 182 -10.95 -29.92 39.53
CA ASN D 182 -10.39 -30.68 38.42
C ASN D 182 -11.47 -31.46 37.68
N ASN D 183 -12.19 -32.32 38.40
CA ASN D 183 -13.21 -33.19 37.83
C ASN D 183 -14.59 -32.75 38.26
N ALA D 184 -15.58 -33.06 37.43
CA ALA D 184 -16.95 -32.84 37.85
C ALA D 184 -17.30 -33.65 39.11
N GLU D 185 -16.62 -34.80 39.31
CA GLU D 185 -16.84 -35.57 40.54
C GLU D 185 -16.23 -34.85 41.73
N GLU D 186 -15.01 -34.34 41.58
CA GLU D 186 -14.39 -33.57 42.66
C GLU D 186 -15.23 -32.36 43.03
N GLN D 187 -15.86 -31.73 42.03
CA GLN D 187 -16.67 -30.56 42.30
C GLN D 187 -17.84 -30.91 43.20
N THR D 188 -18.59 -31.97 42.85
CA THR D 188 -19.76 -32.39 43.63
C THR D 188 -19.39 -32.86 45.03
N ASN D 189 -18.23 -33.49 45.18
CA ASN D 189 -17.74 -33.88 46.50
C ASN D 189 -17.51 -32.65 47.37
N LEU D 190 -16.86 -31.60 46.83
CA LEU D 190 -16.64 -30.34 47.55
C LEU D 190 -17.94 -29.58 47.79
N TYR D 191 -18.74 -29.37 46.75
CA TYR D 191 -20.03 -28.67 46.85
C TYR D 191 -20.97 -29.37 45.89
N LYS D 192 -22.07 -29.95 46.38
CA LYS D 192 -22.93 -30.75 45.50
C LYS D 192 -23.33 -29.99 44.24
N ASN D 193 -23.46 -28.65 44.32
CA ASN D 193 -23.93 -27.82 43.22
C ASN D 193 -22.99 -27.88 42.02
N PRO D 194 -23.43 -28.41 40.86
CA PRO D 194 -22.49 -28.59 39.75
C PRO D 194 -22.15 -27.29 39.06
N THR D 195 -23.13 -26.42 38.87
CA THR D 195 -22.87 -25.08 38.34
C THR D 195 -22.78 -24.10 39.50
N THR D 196 -21.78 -23.21 39.44
CA THR D 196 -21.52 -22.28 40.54
C THR D 196 -21.11 -20.94 39.97
N TYR D 197 -21.07 -19.94 40.84
CA TYR D 197 -20.78 -18.57 40.43
C TYR D 197 -20.43 -17.77 41.68
N ILE D 198 -19.63 -16.73 41.50
CA ILE D 198 -19.29 -15.79 42.56
C ILE D 198 -19.67 -14.41 42.08
N SER D 199 -20.12 -13.54 42.98
CA SER D 199 -20.49 -12.20 42.55
C SER D 199 -20.09 -11.20 43.62
N VAL D 200 -19.18 -10.29 43.26
CA VAL D 200 -18.67 -9.31 44.20
C VAL D 200 -19.04 -7.92 43.72
N GLY D 201 -19.68 -7.14 44.59
CA GLY D 201 -20.18 -5.83 44.19
C GLY D 201 -19.95 -4.71 45.19
N THR D 202 -19.31 -3.63 44.74
CA THR D 202 -19.12 -2.43 45.56
C THR D 202 -19.77 -1.25 44.86
N SER D 203 -19.41 -0.03 45.25
CA SER D 203 -19.90 1.13 44.51
C SER D 203 -19.24 1.25 43.13
N THR D 204 -17.97 0.87 43.02
CA THR D 204 -17.27 0.96 41.76
C THR D 204 -16.95 -0.38 41.15
N LEU D 205 -17.13 -1.47 41.87
CA LEU D 205 -16.72 -2.79 41.38
C LEU D 205 -17.97 -3.63 41.13
N ASN D 206 -18.08 -4.16 39.92
CA ASN D 206 -19.06 -5.19 39.62
C ASN D 206 -18.27 -6.35 39.04
N GLN D 207 -18.35 -7.52 39.68
CA GLN D 207 -17.54 -8.67 39.30
C GLN D 207 -18.37 -9.93 39.35
N ARG D 208 -18.06 -10.86 38.45
CA ARG D 208 -18.68 -12.18 38.49
C ARG D 208 -17.61 -13.19 38.09
N LEU D 209 -17.42 -14.19 38.93
CA LEU D 209 -16.43 -15.22 38.70
C LEU D 209 -17.16 -16.54 38.47
N VAL D 210 -16.65 -17.34 37.54
CA VAL D 210 -17.15 -18.69 37.32
C VAL D 210 -15.96 -19.63 37.34
N PRO D 211 -16.09 -20.80 37.96
CA PRO D 211 -14.97 -21.75 38.01
C PRO D 211 -14.74 -22.36 36.63
N LYS D 212 -13.48 -22.74 36.38
CA LYS D 212 -13.09 -23.43 35.15
C LYS D 212 -12.67 -24.86 35.51
N ILE D 213 -13.56 -25.81 35.25
CA ILE D 213 -13.29 -27.21 35.54
C ILE D 213 -12.57 -27.78 34.32
N ALA D 214 -11.28 -28.04 34.48
CA ALA D 214 -10.50 -28.56 33.37
C ALA D 214 -9.31 -29.34 33.92
N THR D 215 -8.80 -30.24 33.09
CA THR D 215 -7.57 -30.98 33.38
C THR D 215 -6.37 -30.05 33.24
N ARG D 216 -5.72 -29.73 34.37
CA ARG D 216 -4.49 -28.95 34.42
C ARG D 216 -3.34 -29.82 34.91
N SER D 217 -2.12 -29.33 34.74
CA SER D 217 -0.97 -30.02 35.29
C SER D 217 -0.94 -29.87 36.81
N GLN D 218 -0.22 -30.77 37.46
CA GLN D 218 -0.10 -30.71 38.91
C GLN D 218 1.07 -29.82 39.32
N VAL D 219 0.79 -28.80 40.13
CA VAL D 219 1.81 -27.98 40.75
C VAL D 219 1.69 -28.10 42.26
N ASN D 220 2.84 -28.22 42.95
CA ASN D 220 2.84 -28.49 44.39
C ASN D 220 1.90 -29.64 44.72
N GLY D 221 1.81 -30.62 43.81
CA GLY D 221 0.99 -31.76 44.07
C GLY D 221 -0.49 -31.48 44.05
N GLN D 222 -0.91 -30.45 43.33
CA GLN D 222 -2.31 -30.08 43.20
C GLN D 222 -2.61 -29.69 41.76
N ARG D 223 -3.63 -30.33 41.15
CA ARG D 223 -4.07 -29.96 39.81
C ARG D 223 -5.12 -28.86 39.81
N GLY D 224 -5.63 -28.47 40.95
CA GLY D 224 -6.57 -27.38 40.99
C GLY D 224 -5.85 -26.06 41.03
N ARG D 225 -6.64 -25.01 40.97
CA ARG D 225 -6.09 -23.67 41.02
C ARG D 225 -7.05 -22.77 41.78
N MET D 226 -6.49 -21.70 42.34
CA MET D 226 -7.22 -20.72 43.12
C MET D 226 -6.74 -19.33 42.74
N ASP D 227 -7.66 -18.52 42.25
CA ASP D 227 -7.38 -17.17 41.74
C ASP D 227 -8.02 -16.16 42.69
N PHE D 228 -7.19 -15.25 43.22
CA PHE D 228 -7.57 -14.21 44.20
C PHE D 228 -7.63 -12.83 43.56
N PHE D 229 -8.46 -11.97 44.14
CA PHE D 229 -8.67 -10.62 43.64
C PHE D 229 -8.76 -9.69 44.85
N TRP D 230 -8.63 -8.39 44.58
CA TRP D 230 -8.59 -7.39 45.63
C TRP D 230 -9.28 -6.13 45.14
N THR D 231 -9.81 -5.38 46.10
CA THR D 231 -10.38 -4.06 45.89
C THR D 231 -10.07 -3.19 47.09
N ILE D 232 -10.33 -1.90 46.94
CA ILE D 232 -10.11 -0.92 48.00
C ILE D 232 -11.48 -0.36 48.36
N LEU D 233 -11.93 -0.63 49.59
CA LEU D 233 -13.20 -0.11 50.06
C LEU D 233 -13.01 1.29 50.61
N LYS D 234 -13.69 2.27 50.03
CA LYS D 234 -13.53 3.64 50.47
C LYS D 234 -14.15 3.82 51.86
N PRO D 235 -13.78 4.89 52.57
CA PRO D 235 -14.10 4.98 54.01
C PRO D 235 -15.54 4.70 54.41
N ASP D 236 -16.55 4.95 53.56
CA ASP D 236 -17.93 4.59 53.92
C ASP D 236 -18.67 3.95 52.74
N ASP D 237 -18.11 2.86 52.24
CA ASP D 237 -18.74 2.09 51.18
C ASP D 237 -18.78 0.63 51.59
N ALA D 238 -19.83 -0.07 51.16
CA ALA D 238 -20.03 -1.47 51.47
C ALA D 238 -19.72 -2.36 50.27
N ILE D 239 -19.26 -3.57 50.57
CA ILE D 239 -19.00 -4.61 49.58
C ILE D 239 -19.99 -5.74 49.81
N HIS D 240 -20.60 -6.24 48.74
CA HIS D 240 -21.65 -7.25 48.85
C HIS D 240 -21.23 -8.48 48.05
N PHE D 241 -21.25 -9.62 48.71
CA PHE D 241 -20.84 -10.88 48.10
C PHE D 241 -22.06 -11.75 47.90
N GLU D 242 -22.01 -12.58 46.86
CA GLU D 242 -23.03 -13.59 46.58
C GLU D 242 -22.36 -14.74 45.88
N SER D 243 -22.58 -15.95 46.37
CA SER D 243 -21.93 -17.10 45.76
C SER D 243 -22.67 -18.38 46.07
N ASN D 244 -22.57 -19.33 45.16
CA ASN D 244 -23.14 -20.66 45.27
C ASN D 244 -22.11 -21.73 45.56
N GLY D 245 -20.87 -21.55 45.12
CA GLY D 245 -19.80 -22.47 45.44
C GLY D 245 -18.47 -21.91 45.00
N ASN D 246 -17.41 -22.58 45.45
CA ASN D 246 -16.03 -22.28 45.06
C ASN D 246 -15.58 -20.92 45.59
N PHE D 247 -16.24 -20.46 46.65
CA PHE D 247 -15.95 -19.17 47.26
C PHE D 247 -14.82 -19.32 48.29
N ILE D 248 -13.78 -18.52 48.13
CA ILE D 248 -12.75 -18.32 49.14
C ILE D 248 -13.02 -16.97 49.76
N ALA D 249 -13.70 -16.96 50.91
CA ALA D 249 -14.27 -15.76 51.51
C ALA D 249 -13.24 -15.02 52.37
N PRO D 250 -13.31 -13.70 52.40
CA PRO D 250 -12.34 -12.92 53.19
C PRO D 250 -12.70 -12.94 54.67
N GLU D 251 -11.84 -13.59 55.46
CA GLU D 251 -11.96 -13.49 56.91
C GLU D 251 -11.32 -12.20 57.42
N TYR D 252 -10.05 -11.97 57.08
CA TYR D 252 -9.32 -10.80 57.51
C TYR D 252 -9.09 -9.86 56.33
N ALA D 253 -8.91 -8.58 56.65
CA ALA D 253 -8.65 -7.53 55.67
C ALA D 253 -7.54 -6.64 56.21
N TYR D 254 -7.29 -5.53 55.52
CA TYR D 254 -6.22 -4.62 55.88
C TYR D 254 -6.70 -3.18 55.76
N LYS D 255 -6.25 -2.34 56.69
CA LYS D 255 -6.55 -0.92 56.67
C LYS D 255 -5.32 -0.20 56.14
N ILE D 256 -5.48 0.55 55.07
CA ILE D 256 -4.36 1.15 54.35
C ILE D 256 -4.48 2.66 54.42
N VAL D 257 -3.37 3.33 54.68
CA VAL D 257 -3.28 4.77 54.48
C VAL D 257 -2.02 5.03 53.67
N LYS D 258 -2.19 5.59 52.48
CA LYS D 258 -1.07 5.75 51.55
C LYS D 258 -0.87 7.22 51.22
N LYS D 259 0.37 7.69 51.36
CA LYS D 259 0.72 9.06 51.03
C LYS D 259 1.96 9.15 50.12
N GLY D 260 2.48 8.03 49.64
CA GLY D 260 3.54 8.09 48.65
C GLY D 260 3.71 6.72 48.03
N ASP D 261 4.55 6.70 46.99
CA ASP D 261 4.87 5.47 46.26
C ASP D 261 6.38 5.34 46.19
N SER D 262 6.88 4.11 46.28
CA SER D 262 8.31 3.82 46.26
C SER D 262 8.47 2.33 46.02
N THR D 263 9.00 1.98 44.86
CA THR D 263 9.09 0.61 44.41
C THR D 263 9.62 -0.44 45.39
N ILE D 264 9.39 -1.70 45.03
CA ILE D 264 9.90 -2.85 45.77
C ILE D 264 11.32 -3.12 45.33
N MET D 265 12.19 -3.42 46.29
CA MET D 265 13.60 -3.67 46.05
C MET D 265 13.92 -5.14 46.22
N LYS D 266 14.77 -5.67 45.34
CA LYS D 266 15.24 -7.07 45.45
C LYS D 266 16.71 -7.04 45.83
N SER D 267 17.01 -7.42 47.08
CA SER D 267 18.37 -7.45 47.63
C SER D 267 18.54 -8.61 48.60
N GLY D 268 19.79 -9.02 48.78
CA GLY D 268 20.17 -10.01 49.77
C GLY D 268 20.97 -9.50 50.95
N VAL D 269 21.17 -8.19 51.08
CA VAL D 269 21.90 -7.66 52.23
C VAL D 269 20.98 -7.63 53.44
N GLU D 270 21.52 -7.24 54.58
CA GLU D 270 20.82 -7.25 55.85
C GLU D 270 20.50 -5.84 56.31
N TYR D 271 19.55 -5.77 57.23
CA TYR D 271 19.24 -4.48 57.84
C TYR D 271 20.38 -4.06 58.78
N GLY D 272 20.86 -2.82 58.63
CA GLY D 272 22.03 -2.32 59.33
C GLY D 272 21.74 -1.31 60.42
N HIS D 273 20.47 -1.11 60.79
CA HIS D 273 20.05 -0.18 61.85
C HIS D 273 20.55 1.25 61.61
N CYS D 274 20.47 1.70 60.35
CA CYS D 274 21.01 2.98 59.91
C CYS D 274 19.89 3.73 59.18
N ASN D 275 20.11 5.03 58.93
CA ASN D 275 19.21 5.81 58.08
C ASN D 275 19.98 6.34 56.88
N THR D 276 19.31 6.46 55.75
CA THR D 276 19.97 6.95 54.55
C THR D 276 18.95 7.68 53.69
N LYS D 277 19.44 8.59 52.87
CA LYS D 277 18.59 9.29 51.92
C LYS D 277 18.54 8.58 50.58
N CYS D 278 19.32 7.52 50.42
CA CYS D 278 19.53 6.86 49.15
C CYS D 278 19.94 5.43 49.43
N GLN D 279 19.19 4.47 48.89
CA GLN D 279 19.42 3.05 49.13
C GLN D 279 19.51 2.32 47.79
N THR D 280 20.55 1.53 47.63
CA THR D 280 20.76 0.61 46.51
C THR D 280 20.64 -0.83 46.99
N PRO D 281 20.53 -1.77 46.07
CA PRO D 281 20.47 -3.18 46.48
C PRO D 281 21.77 -3.74 47.04
N VAL D 282 22.92 -3.11 46.78
CA VAL D 282 24.16 -3.57 47.39
C VAL D 282 24.55 -2.78 48.63
N GLY D 283 23.92 -1.63 48.87
CA GLY D 283 24.21 -0.86 50.07
C GLY D 283 23.41 0.43 50.10
N ALA D 284 23.94 1.42 50.82
CA ALA D 284 23.30 2.72 51.01
C ALA D 284 24.33 3.82 50.81
N ILE D 285 23.87 4.97 50.27
CA ILE D 285 24.74 6.07 49.88
C ILE D 285 24.51 7.28 50.77
N ASN D 286 25.62 7.86 51.28
CA ASN D 286 25.58 9.09 52.08
C ASN D 286 26.52 10.07 51.39
N SER D 287 26.06 10.68 50.31
CA SER D 287 26.90 11.51 49.46
C SER D 287 26.16 12.78 49.06
N SER D 288 26.88 13.89 49.09
CA SER D 288 26.41 15.09 48.43
C SER D 288 26.99 15.22 47.03
N MET D 289 27.76 14.24 46.58
CA MET D 289 28.32 14.29 45.24
C MET D 289 27.21 14.17 44.20
N PRO D 290 27.42 14.71 43.01
CA PRO D 290 26.38 14.67 42.00
C PRO D 290 26.22 13.31 41.31
N PHE D 291 27.29 12.52 41.20
CA PHE D 291 27.27 11.30 40.39
C PHE D 291 27.75 10.10 41.20
N HIS D 292 27.33 8.92 40.76
CA HIS D 292 27.68 7.69 41.45
C HIS D 292 27.73 6.56 40.42
N ASN D 293 28.34 5.44 40.82
CA ASN D 293 28.47 4.30 39.92
C ASN D 293 28.16 2.99 40.64
N ILE D 294 27.32 3.01 41.67
CA ILE D 294 27.19 1.84 42.54
C ILE D 294 26.21 0.81 41.98
N HIS D 295 24.96 1.22 41.79
CA HIS D 295 23.93 0.33 41.30
C HIS D 295 22.89 1.15 40.55
N PRO D 296 22.35 0.59 39.46
CA PRO D 296 21.33 1.30 38.68
C PRO D 296 20.03 1.51 39.43
N LEU D 297 19.60 0.53 40.22
CA LEU D 297 18.27 0.53 40.85
C LEU D 297 18.32 1.08 42.27
N THR D 298 18.06 2.38 42.42
CA THR D 298 18.18 3.07 43.70
C THR D 298 16.83 3.60 44.16
N ILE D 299 16.66 3.69 45.47
CA ILE D 299 15.45 4.27 46.06
C ILE D 299 15.86 5.46 46.91
N GLY D 300 15.34 6.65 46.55
CA GLY D 300 15.53 7.88 47.31
C GLY D 300 16.17 9.00 46.49
N GLU D 301 16.66 10.01 47.22
CA GLU D 301 17.31 11.17 46.62
C GLU D 301 18.75 10.78 46.37
N CYS D 302 19.08 10.41 45.15
CA CYS D 302 20.37 9.82 44.83
C CYS D 302 21.15 10.62 43.81
N PRO D 303 22.44 10.34 43.67
CA PRO D 303 23.20 10.91 42.56
C PRO D 303 22.75 10.30 41.25
N LYS D 304 23.30 10.84 40.18
CA LYS D 304 23.01 10.35 38.85
C LYS D 304 23.94 9.17 38.56
N TYR D 305 23.36 8.02 38.23
CA TYR D 305 24.13 6.83 37.88
C TYR D 305 24.82 7.02 36.53
N VAL D 306 26.15 6.92 36.52
CA VAL D 306 26.92 7.03 35.28
C VAL D 306 27.77 5.78 35.09
N LYS D 307 28.41 5.71 33.92
CA LYS D 307 29.29 4.61 33.57
C LYS D 307 30.77 4.97 33.71
N SER D 308 31.10 6.08 34.37
CA SER D 308 32.50 6.47 34.58
C SER D 308 33.07 5.79 35.80
N ASN D 309 34.35 5.42 35.71
CA ASN D 309 35.04 4.86 36.87
C ASN D 309 35.67 5.93 37.77
N LYS D 310 36.00 7.10 37.21
CA LYS D 310 36.54 8.25 37.94
C LYS D 310 36.15 9.54 37.23
N LEU D 311 35.69 10.52 38.01
CA LEU D 311 35.38 11.88 37.55
C LEU D 311 36.19 12.83 38.45
N VAL D 312 37.46 13.03 38.12
CA VAL D 312 38.37 13.78 38.98
C VAL D 312 38.51 15.19 38.41
N LEU D 313 38.19 16.18 39.23
CA LEU D 313 38.36 17.59 38.88
C LEU D 313 39.69 18.07 39.43
N ALA D 314 40.53 18.64 38.57
CA ALA D 314 41.77 19.26 39.00
C ALA D 314 41.47 20.54 39.78
N THR D 315 41.84 20.55 41.06
CA THR D 315 41.69 21.73 41.91
C THR D 315 42.98 22.48 42.16
N GLY D 316 44.13 21.84 42.05
CA GLY D 316 45.44 22.42 42.32
C GLY D 316 46.15 22.89 41.07
N LEU D 317 47.47 22.75 41.06
CA LEU D 317 48.33 23.18 39.96
C LEU D 317 49.07 21.97 39.37
N ARG D 318 49.89 22.24 38.35
CA ARG D 318 50.71 21.19 37.78
C ARG D 318 51.88 20.85 38.70
N ASN D 319 52.31 19.60 38.63
CA ASN D 319 53.31 19.07 39.54
C ASN D 319 54.53 18.57 38.77
N SER D 320 55.72 18.71 39.37
CA SER D 320 56.95 18.27 38.74
C SER D 320 57.59 17.09 39.48
N ALA D 336 50.61 27.01 28.51
CA ALA D 336 52.04 27.16 28.74
C ALA D 336 52.40 28.42 29.56
N GLY D 337 53.33 28.30 30.49
CA GLY D 337 53.79 29.45 31.28
C GLY D 337 55.28 29.73 31.14
N PHE D 338 55.72 30.96 31.49
CA PHE D 338 57.12 31.34 31.37
C PHE D 338 58.01 30.58 32.36
N ILE D 339 57.49 30.34 33.57
CA ILE D 339 58.27 29.67 34.61
C ILE D 339 58.50 28.22 34.20
N GLU D 340 59.73 27.74 34.35
CA GLU D 340 60.06 26.39 33.87
C GLU D 340 59.29 25.32 34.64
N GLY D 341 59.17 25.45 35.96
CA GLY D 341 58.44 24.49 36.74
C GLY D 341 58.20 25.00 38.14
N GLY D 342 57.35 24.27 38.89
CA GLY D 342 57.06 24.66 40.26
C GLY D 342 58.16 24.27 41.22
N TRP D 343 58.20 24.97 42.36
CA TRP D 343 59.23 24.75 43.37
C TRP D 343 58.69 23.82 44.46
N GLN D 344 59.49 22.82 44.82
CA GLN D 344 59.12 21.85 45.86
C GLN D 344 59.24 22.41 47.28
N GLY D 345 60.06 23.45 47.49
CA GLY D 345 60.25 23.98 48.84
C GLY D 345 59.18 24.95 49.32
N MET D 346 58.46 25.59 48.39
CA MET D 346 57.38 26.51 48.75
C MET D 346 56.20 25.75 49.35
N VAL D 347 55.77 26.16 50.54
CA VAL D 347 54.71 25.42 51.22
C VAL D 347 53.57 26.35 51.62
N ASP D 348 53.87 27.65 51.80
CA ASP D 348 52.92 28.57 52.42
C ASP D 348 51.83 29.01 51.44
N GLY D 349 52.14 29.13 50.15
CA GLY D 349 51.15 29.52 49.19
C GLY D 349 51.27 28.73 47.89
N TRP D 350 50.21 28.81 47.09
CA TRP D 350 50.26 28.20 45.77
C TRP D 350 51.25 28.93 44.87
N TYR D 351 51.26 30.25 44.94
CA TYR D 351 52.19 31.09 44.19
C TYR D 351 53.23 31.68 45.13
N GLY D 352 54.45 31.85 44.63
CA GLY D 352 55.52 32.29 45.50
C GLY D 352 56.59 33.04 44.74
N TYR D 353 57.47 33.66 45.52
CA TYR D 353 58.65 34.37 45.05
C TYR D 353 59.90 33.59 45.42
N HIS D 354 61.06 34.08 44.95
CA HIS D 354 62.33 33.47 45.30
C HIS D 354 63.42 34.54 45.31
N HIS D 355 64.35 34.42 46.25
CA HIS D 355 65.49 35.33 46.38
C HIS D 355 66.73 34.55 46.79
N SER D 356 67.90 35.11 46.46
CA SER D 356 69.14 34.43 46.83
C SER D 356 70.22 35.50 47.01
N ASN D 357 70.13 36.20 48.14
CA ASN D 357 71.03 37.29 48.46
C ASN D 357 71.85 36.95 49.72
N GLU D 358 72.83 37.81 50.00
CA GLU D 358 73.69 37.59 51.16
C GLU D 358 72.91 37.69 52.47
N GLN D 359 72.09 38.74 52.62
CA GLN D 359 71.30 38.92 53.83
C GLN D 359 70.06 38.03 53.87
N GLY D 360 69.66 37.42 52.75
CA GLY D 360 68.50 36.54 52.73
C GLY D 360 68.42 35.68 51.48
N SER D 361 68.05 34.41 51.63
CA SER D 361 67.96 33.50 50.49
C SER D 361 66.91 32.44 50.77
N GLY D 362 66.01 32.20 49.83
CA GLY D 362 64.98 31.20 49.99
C GLY D 362 63.72 31.55 49.20
N TYR D 363 62.70 30.71 49.39
CA TYR D 363 61.39 30.92 48.78
C TYR D 363 60.52 31.79 49.67
N ALA D 364 59.77 32.70 49.06
CA ALA D 364 58.87 33.59 49.77
C ALA D 364 57.46 33.39 49.26
N ALA D 365 56.48 33.69 50.10
CA ALA D 365 55.08 33.37 49.80
C ALA D 365 54.35 34.56 49.18
N ASP D 366 53.26 34.25 48.47
CA ASP D 366 52.32 35.24 47.96
C ASP D 366 50.96 34.91 48.55
N LYS D 367 50.15 35.94 48.84
CA LYS D 367 48.96 35.73 49.65
C LYS D 367 47.68 36.21 48.97
N GLU D 368 47.61 37.47 48.53
CA GLU D 368 46.34 38.01 48.03
C GLU D 368 45.87 37.30 46.77
N SER D 369 46.80 36.93 45.90
CA SER D 369 46.41 36.23 44.69
C SER D 369 46.13 34.75 44.98
N THR D 370 46.96 34.16 45.86
CA THR D 370 46.83 32.73 46.14
C THR D 370 45.51 32.42 46.85
N GLN D 371 45.01 33.34 47.68
CA GLN D 371 43.72 33.09 48.32
C GLN D 371 42.58 33.27 47.33
N LYS D 372 42.67 34.28 46.46
CA LYS D 372 41.61 34.49 45.48
C LYS D 372 41.51 33.35 44.50
N ALA D 373 42.64 32.68 44.20
CA ALA D 373 42.60 31.54 43.30
C ALA D 373 41.94 30.34 43.97
N ILE D 374 42.33 30.01 45.20
CA ILE D 374 41.69 28.90 45.91
C ILE D 374 40.21 29.16 46.09
N ASP D 375 39.83 30.41 46.39
CA ASP D 375 38.43 30.75 46.58
C ASP D 375 37.61 30.50 45.31
N GLY D 376 38.22 30.75 44.15
CA GLY D 376 37.53 30.51 42.89
C GLY D 376 37.44 29.04 42.52
N VAL D 377 38.55 28.31 42.68
CA VAL D 377 38.58 26.89 42.33
C VAL D 377 37.54 26.12 43.13
N THR D 378 37.44 26.38 44.44
CA THR D 378 36.43 25.68 45.23
C THR D 378 35.02 26.08 44.85
N ASN D 379 34.80 27.34 44.46
CA ASN D 379 33.51 27.75 43.92
C ASN D 379 33.19 27.00 42.65
N LYS D 380 34.21 26.65 41.88
CA LYS D 380 33.97 25.84 40.71
C LYS D 380 33.59 24.43 41.12
N VAL D 381 34.26 23.88 42.14
CA VAL D 381 33.95 22.51 42.51
C VAL D 381 32.62 22.45 43.21
N ASN D 382 32.30 23.48 43.99
CA ASN D 382 31.03 23.48 44.70
C ASN D 382 29.85 23.77 43.80
N SER D 383 30.02 24.62 42.81
CA SER D 383 28.93 24.93 41.90
C SER D 383 28.57 23.72 41.02
N ILE D 384 29.56 22.90 40.67
CA ILE D 384 29.28 21.66 39.93
C ILE D 384 28.56 20.67 40.82
N ILE D 385 28.80 20.72 42.11
CA ILE D 385 28.18 19.76 42.99
C ILE D 385 26.77 20.21 43.41
N ASP D 386 26.56 21.51 43.61
CA ASP D 386 25.36 22.03 44.30
C ASP D 386 24.20 22.34 43.38
N LYS D 387 24.25 21.85 42.16
CA LYS D 387 23.28 22.22 41.14
C LYS D 387 22.46 21.02 40.67
N MET D 388 22.12 20.07 41.56
CA MET D 388 21.35 18.92 41.12
C MET D 388 20.79 18.17 42.31
N ASN D 389 19.57 17.61 42.14
CA ASN D 389 18.88 16.72 43.09
C ASN D 389 17.46 16.43 42.65
N THR D 390 16.91 15.32 43.17
CA THR D 390 15.53 14.88 42.99
C THR D 390 15.37 13.53 43.70
N GLN D 391 14.11 13.11 43.90
CA GLN D 391 13.78 11.80 44.48
C GLN D 391 13.10 10.93 43.42
N PHE D 392 13.34 9.61 43.50
CA PHE D 392 12.87 8.69 42.48
C PHE D 392 12.95 7.27 43.03
N GLU D 393 12.35 6.33 42.29
CA GLU D 393 12.20 4.93 42.70
C GLU D 393 12.72 4.04 41.57
N ALA D 394 14.03 4.06 41.34
CA ALA D 394 14.57 3.58 40.06
C ALA D 394 14.37 2.10 39.85
N VAL D 395 14.08 1.33 40.91
CA VAL D 395 13.80 -0.11 40.77
C VAL D 395 12.49 -0.28 40.01
N GLY D 396 12.56 -0.55 38.72
CA GLY D 396 11.37 -0.46 37.91
C GLY D 396 10.92 -1.82 37.47
N ARG D 397 11.37 -2.86 38.16
CA ARG D 397 11.15 -4.21 37.66
C ARG D 397 9.75 -4.67 38.04
N GLU D 398 8.78 -3.83 37.73
CA GLU D 398 7.40 -4.02 38.13
C GLU D 398 6.55 -4.61 37.02
N PHE D 399 7.18 -5.21 36.00
CA PHE D 399 6.48 -5.65 34.81
C PHE D 399 6.62 -7.16 34.60
N ASN D 400 5.50 -7.81 34.29
CA ASN D 400 5.39 -9.27 34.24
C ASN D 400 5.93 -9.84 32.92
N ASN D 401 5.52 -11.06 32.58
CA ASN D 401 6.03 -11.69 31.38
C ASN D 401 5.36 -11.13 30.14
N LEU D 402 4.08 -10.81 30.23
CA LEU D 402 3.38 -10.20 29.12
C LEU D 402 3.46 -8.67 29.11
N GLU D 403 4.48 -8.11 29.75
CA GLU D 403 4.66 -6.66 29.77
C GLU D 403 6.09 -6.32 29.38
N ARG D 404 6.74 -7.21 28.65
CA ARG D 404 8.14 -7.01 28.30
C ARG D 404 8.32 -5.78 27.41
N ARG D 405 7.29 -5.36 26.65
CA ARG D 405 7.49 -4.18 25.82
C ARG D 405 7.67 -2.93 26.69
N ILE D 406 6.84 -2.78 27.72
CA ILE D 406 6.99 -1.67 28.67
C ILE D 406 8.31 -1.78 29.42
N GLU D 407 8.75 -3.00 29.71
CA GLU D 407 10.05 -3.15 30.35
C GLU D 407 11.16 -2.64 29.44
N ASN D 408 11.05 -2.88 28.13
CA ASN D 408 12.04 -2.37 27.20
C ASN D 408 11.98 -0.85 27.11
N LEU D 409 10.79 -0.26 27.23
CA LEU D 409 10.67 1.19 27.27
C LEU D 409 11.41 1.77 28.48
N ASN D 410 11.21 1.18 29.68
CA ASN D 410 11.97 1.56 30.87
C ASN D 410 13.46 1.38 30.64
N LYS D 411 13.86 0.26 30.03
CA LYS D 411 15.27 0.07 29.77
C LYS D 411 15.81 1.16 28.85
N LYS D 412 15.05 1.53 27.81
CA LYS D 412 15.53 2.56 26.89
C LYS D 412 15.69 3.89 27.62
N MET D 413 14.80 4.16 28.57
CA MET D 413 14.88 5.41 29.33
C MET D 413 16.13 5.42 30.21
N GLU D 414 16.25 4.45 31.10
CA GLU D 414 17.37 4.42 32.03
C GLU D 414 18.70 4.45 31.28
N ASP D 415 18.78 3.69 30.18
CA ASP D 415 20.02 3.68 29.41
C ASP D 415 20.25 5.01 28.72
N GLY D 416 19.19 5.66 28.26
CA GLY D 416 19.35 6.97 27.66
C GLY D 416 19.88 7.96 28.66
N PHE D 417 19.26 8.03 29.83
CA PHE D 417 19.70 8.98 30.84
C PHE D 417 21.10 8.62 31.34
N LEU D 418 21.40 7.32 31.44
CA LEU D 418 22.77 6.88 31.73
C LEU D 418 23.75 7.45 30.71
N ASP D 419 23.42 7.38 29.43
CA ASP D 419 24.33 7.85 28.38
C ASP D 419 24.39 9.36 28.28
N VAL D 420 23.28 10.03 28.62
CA VAL D 420 23.31 11.49 28.68
C VAL D 420 24.21 11.92 29.82
N TRP D 421 23.94 11.41 31.01
CA TRP D 421 24.68 11.89 32.16
C TRP D 421 26.16 11.52 32.05
N THR D 422 26.48 10.32 31.55
CA THR D 422 27.87 9.88 31.52
C THR D 422 28.68 10.76 30.59
N TYR D 423 28.13 11.03 29.41
CA TYR D 423 28.81 11.88 28.44
C TYR D 423 28.93 13.30 28.98
N ASN D 424 27.85 13.84 29.55
CA ASN D 424 27.87 15.23 29.98
C ASN D 424 28.87 15.43 31.12
N ALA D 425 28.90 14.48 32.07
CA ALA D 425 29.80 14.61 33.21
C ALA D 425 31.26 14.48 32.78
N GLU D 426 31.57 13.51 31.95
CA GLU D 426 32.96 13.33 31.55
C GLU D 426 33.48 14.53 30.77
N LEU D 427 32.70 15.03 29.80
CA LEU D 427 33.12 16.21 29.04
C LEU D 427 33.23 17.44 29.93
N LEU D 428 32.30 17.60 30.88
CA LEU D 428 32.36 18.71 31.81
C LEU D 428 33.66 18.69 32.63
N VAL D 429 34.08 17.50 33.09
CA VAL D 429 35.35 17.39 33.82
C VAL D 429 36.53 17.75 32.91
N LEU D 430 36.49 17.29 31.66
CA LEU D 430 37.60 17.58 30.75
C LEU D 430 37.64 19.07 30.40
N MET D 431 36.48 19.68 30.22
CA MET D 431 36.45 21.09 29.79
C MET D 431 36.88 22.02 30.92
N GLU D 432 36.45 21.72 32.16
CA GLU D 432 36.79 22.56 33.30
C GLU D 432 38.22 22.36 33.78
N ASN D 433 38.78 21.17 33.57
CA ASN D 433 40.18 20.97 33.92
C ASN D 433 41.09 21.78 33.01
N GLU D 434 40.74 21.91 31.73
CA GLU D 434 41.57 22.73 30.86
C GLU D 434 41.53 24.18 31.31
N ARG D 435 40.35 24.68 31.66
CA ARG D 435 40.23 26.07 32.10
C ARG D 435 40.97 26.34 33.40
N THR D 436 40.96 25.38 34.33
CA THR D 436 41.65 25.56 35.60
C THR D 436 43.17 25.61 35.39
N LEU D 437 43.70 24.69 34.60
CA LEU D 437 45.15 24.63 34.43
C LEU D 437 45.67 25.86 33.69
N ASP D 438 44.87 26.41 32.76
CA ASP D 438 45.24 27.65 32.10
C ASP D 438 45.02 28.87 33.00
N PHE D 439 43.98 28.84 33.84
CA PHE D 439 43.74 29.95 34.76
C PHE D 439 44.91 30.17 35.72
N HIS D 440 45.57 29.08 36.15
CA HIS D 440 46.71 29.25 37.06
C HIS D 440 47.89 29.90 36.34
N ASP D 441 48.18 29.44 35.11
CA ASP D 441 49.25 30.06 34.31
C ASP D 441 48.98 31.55 34.08
N SER D 442 47.71 31.92 33.94
CA SER D 442 47.37 33.33 33.76
C SER D 442 47.61 34.12 35.03
N ASN D 443 47.24 33.57 36.19
CA ASN D 443 47.34 34.33 37.44
C ASN D 443 48.78 34.50 37.89
N VAL D 444 49.66 33.58 37.48
CA VAL D 444 51.09 33.76 37.70
C VAL D 444 51.63 34.91 36.86
N LYS D 445 51.17 35.04 35.60
CA LYS D 445 51.72 36.07 34.73
C LYS D 445 51.27 37.47 35.11
N ASN D 446 50.08 37.60 35.72
CA ASN D 446 49.72 38.88 36.30
C ASN D 446 50.65 39.28 37.43
N LEU D 447 51.15 38.29 38.20
CA LEU D 447 52.20 38.55 39.19
C LEU D 447 53.54 38.89 38.52
N TYR D 448 53.86 38.19 37.43
CA TYR D 448 55.11 38.43 36.73
C TYR D 448 55.12 39.77 36.00
N ASP D 449 53.98 40.15 35.40
CA ASP D 449 53.90 41.49 34.81
C ASP D 449 53.92 42.57 35.88
N LYS D 450 53.33 42.31 37.05
CA LYS D 450 53.36 43.31 38.11
C LYS D 450 54.78 43.61 38.58
N VAL D 451 55.58 42.56 38.76
CA VAL D 451 56.96 42.74 39.18
C VAL D 451 57.78 43.37 38.05
N ARG D 452 57.56 42.92 36.82
CA ARG D 452 58.29 43.47 35.68
C ARG D 452 57.92 44.94 35.46
N LEU D 453 56.63 45.28 35.60
CA LEU D 453 56.23 46.68 35.43
C LEU D 453 56.74 47.54 36.57
N GLN D 454 56.76 47.00 37.79
CA GLN D 454 57.29 47.76 38.93
C GLN D 454 58.80 47.98 38.80
N LEU D 455 59.54 46.98 38.28
CA LEU D 455 60.97 47.14 38.01
C LEU D 455 61.27 48.19 36.95
N ARG D 456 60.30 48.52 36.10
CA ARG D 456 60.45 49.58 35.10
C ARG D 456 61.65 49.32 34.18
N ASP D 457 61.88 48.04 33.88
CA ASP D 457 62.94 47.61 32.95
C ASP D 457 64.33 48.05 33.39
N ASN D 458 64.52 48.28 34.70
CA ASN D 458 65.85 48.52 35.28
C ASN D 458 66.64 47.22 35.49
N ALA D 459 66.01 46.06 35.28
CA ALA D 459 66.64 44.76 35.41
C ALA D 459 66.58 44.00 34.08
N LYS D 460 67.42 42.96 33.98
CA LYS D 460 67.47 42.11 32.79
C LYS D 460 66.73 40.80 33.11
N GLU D 461 65.49 40.69 32.63
CA GLU D 461 64.71 39.46 32.77
C GLU D 461 65.30 38.39 31.87
N LEU D 462 65.85 37.32 32.47
CA LEU D 462 66.50 36.29 31.68
C LEU D 462 65.51 35.52 30.81
N GLY D 463 64.21 35.58 31.14
CA GLY D 463 63.21 34.79 30.46
C GLY D 463 62.90 33.46 31.09
N ASN D 464 63.75 33.00 32.02
CA ASN D 464 63.51 31.78 32.78
C ASN D 464 62.53 31.99 33.92
N GLY D 465 61.66 33.00 33.80
CA GLY D 465 60.83 33.44 34.89
C GLY D 465 61.57 34.18 35.99
N CYS D 466 62.88 34.34 35.87
CA CYS D 466 63.68 34.99 36.89
C CYS D 466 64.24 36.30 36.34
N PHE D 467 64.33 37.30 37.21
CA PHE D 467 64.91 38.59 36.90
C PHE D 467 66.38 38.63 37.33
N GLU D 468 67.08 39.65 36.82
CA GLU D 468 68.47 39.93 37.19
C GLU D 468 68.60 41.43 37.32
N PHE D 469 68.64 41.92 38.55
CA PHE D 469 68.66 43.35 38.83
C PHE D 469 70.00 43.74 39.46
N TYR D 470 70.54 44.87 39.01
CA TYR D 470 71.90 45.28 39.40
C TYR D 470 71.94 45.85 40.81
N HIS D 471 70.91 46.58 41.21
CA HIS D 471 70.90 47.22 42.52
C HIS D 471 70.75 46.19 43.64
N LYS D 472 71.43 46.43 44.75
CA LYS D 472 71.44 45.52 45.90
C LYS D 472 70.18 45.74 46.74
N CYS D 473 69.19 44.83 46.58
CA CYS D 473 67.94 44.89 47.33
C CYS D 473 67.99 43.96 48.53
N ASP D 474 67.91 44.54 49.71
CA ASP D 474 67.93 43.76 50.93
C ASP D 474 66.62 42.99 51.08
N ASN D 475 66.49 42.31 52.22
CA ASN D 475 65.23 41.65 52.53
C ASN D 475 64.12 42.65 52.77
N GLU D 476 64.46 43.89 53.12
CA GLU D 476 63.45 44.93 53.26
C GLU D 476 62.98 45.43 51.91
N CYS D 477 63.85 45.43 50.90
CA CYS D 477 63.41 45.72 49.55
C CYS D 477 62.54 44.60 49.00
N MET D 478 62.86 43.34 49.33
CA MET D 478 62.07 42.23 48.81
C MET D 478 60.62 42.31 49.30
N GLU D 479 60.41 42.69 50.56
CA GLU D 479 59.06 42.90 51.05
C GLU D 479 58.38 44.06 50.31
N SER D 480 59.16 45.09 49.94
CA SER D 480 58.63 46.19 49.15
C SER D 480 58.35 45.75 47.73
N VAL D 481 58.99 44.67 47.27
CA VAL D 481 58.68 44.10 45.96
C VAL D 481 57.37 43.31 46.00
N ARG D 482 57.18 42.50 47.04
CA ARG D 482 55.91 41.78 47.19
C ARG D 482 54.74 42.73 47.42
N ASN D 483 55.01 43.91 48.00
CA ASN D 483 53.99 44.95 48.19
C ASN D 483 53.83 45.85 46.98
N GLY D 484 54.80 45.87 46.06
CA GLY D 484 54.76 46.76 44.92
C GLY D 484 54.84 48.22 45.30
N THR D 485 55.57 48.56 46.36
CA THR D 485 55.63 49.89 46.93
C THR D 485 57.01 50.52 46.72
N TYR D 486 57.58 50.38 45.52
CA TYR D 486 58.90 50.92 45.23
C TYR D 486 58.92 51.57 43.85
N ASP D 487 59.86 52.50 43.66
CA ASP D 487 60.04 53.19 42.39
C ASP D 487 61.47 53.11 41.87
N TYR D 488 62.44 52.68 42.69
CA TYR D 488 63.86 52.56 42.36
C TYR D 488 64.39 53.89 41.84
N PRO D 489 64.56 54.89 42.72
CA PRO D 489 64.84 56.24 42.24
C PRO D 489 66.22 56.38 41.61
N GLN D 490 67.28 56.12 42.37
CA GLN D 490 68.64 56.39 41.93
C GLN D 490 69.37 55.14 41.46
N TYR D 491 68.71 53.98 41.48
CA TYR D 491 69.39 52.73 41.17
C TYR D 491 69.62 52.54 39.68
N SER D 492 69.21 53.51 38.85
CA SER D 492 69.51 53.44 37.43
C SER D 492 70.92 53.91 37.12
N GLU D 493 71.54 54.67 38.02
CA GLU D 493 72.88 55.20 37.76
C GLU D 493 73.91 54.10 37.70
N GLU D 494 73.86 53.16 38.66
CA GLU D 494 74.81 52.05 38.65
C GLU D 494 74.60 51.14 37.44
N ALA D 495 73.35 51.04 36.96
CA ALA D 495 73.08 50.21 35.79
C ALA D 495 73.78 50.73 34.53
N ARG D 496 73.95 52.06 34.42
CA ARG D 496 74.70 52.63 33.30
C ARG D 496 76.17 52.24 33.34
N LEU D 497 76.74 52.08 34.55
CA LEU D 497 78.09 51.56 34.72
C LEU D 497 78.15 50.04 34.50
N LYS D 498 77.09 49.31 34.88
CA LYS D 498 77.01 47.87 34.68
C LYS D 498 76.90 47.47 33.21
N ARG D 499 76.66 48.43 32.31
CA ARG D 499 76.57 48.16 30.87
C ARG D 499 77.88 47.64 30.28
N GLU D 500 78.96 47.65 31.06
CA GLU D 500 80.24 47.07 30.66
C GLU D 500 80.08 45.59 30.28
N ASP E 1 67.49 44.45 8.50
CA ASP E 1 66.79 43.19 8.24
C ASP E 1 65.58 43.04 9.15
N GLN E 2 64.72 42.05 8.87
CA GLN E 2 63.46 41.91 9.57
C GLN E 2 63.21 40.45 9.97
N ILE E 3 62.36 40.27 10.98
CA ILE E 3 61.88 38.97 11.43
C ILE E 3 60.39 39.09 11.75
N CYS E 4 59.62 38.07 11.38
CA CYS E 4 58.17 38.12 11.51
C CYS E 4 57.66 36.87 12.23
N ILE E 5 56.42 36.96 12.72
CA ILE E 5 55.71 35.84 13.35
C ILE E 5 54.31 35.71 12.77
N GLY E 6 54.00 34.53 12.26
CA GLY E 6 52.75 34.33 11.56
C GLY E 6 52.28 32.90 11.69
N TYR E 7 51.19 32.59 11.00
CA TYR E 7 50.58 31.29 11.09
C TYR E 7 50.20 30.79 9.69
N HIS E 8 49.66 29.58 9.64
CA HIS E 8 49.42 28.89 8.39
C HIS E 8 48.14 29.40 7.74
N ALA E 9 48.14 29.44 6.40
CA ALA E 9 46.95 29.73 5.63
C ALA E 9 46.96 28.87 4.37
N ASN E 10 45.80 28.39 3.96
CA ASN E 10 45.73 27.46 2.85
C ASN E 10 44.59 27.92 1.95
N ASN E 11 44.12 27.00 1.11
CA ASN E 11 43.02 27.27 0.19
C ASN E 11 41.70 26.69 0.67
N SER E 12 41.61 26.29 1.94
CA SER E 12 40.42 25.61 2.41
C SER E 12 39.24 26.58 2.43
N THR E 13 38.10 26.09 1.97
CA THR E 13 36.86 26.84 2.03
C THR E 13 35.95 26.38 3.16
N GLU E 14 36.42 25.46 3.99
CA GLU E 14 35.61 24.95 5.10
C GLU E 14 35.34 26.03 6.13
N GLN E 15 34.07 26.16 6.54
CA GLN E 15 33.64 27.18 7.49
C GLN E 15 33.02 26.54 8.73
N VAL E 16 33.44 27.00 9.90
CA VAL E 16 32.89 26.53 11.15
C VAL E 16 32.26 27.72 11.87
N ASP E 17 31.44 27.42 12.87
CA ASP E 17 30.79 28.44 13.67
C ASP E 17 31.29 28.40 15.10
N THR E 18 31.09 29.52 15.79
CA THR E 18 31.52 29.72 17.16
C THR E 18 30.38 30.37 17.93
N ILE E 19 30.41 30.22 19.25
CA ILE E 19 29.38 30.83 20.09
C ILE E 19 29.44 32.35 19.99
N MET E 20 30.62 32.91 19.66
CA MET E 20 30.77 34.34 19.50
C MET E 20 31.02 34.77 18.07
N GLU E 21 31.27 33.83 17.15
CA GLU E 21 31.60 34.17 15.78
C GLU E 21 30.90 33.21 14.83
N LYS E 22 30.54 33.69 13.65
CA LYS E 22 29.83 32.90 12.67
C LYS E 22 30.53 32.91 11.32
N ASN E 23 30.46 31.78 10.61
CA ASN E 23 31.02 31.66 9.26
C ASN E 23 32.50 31.99 9.24
N VAL E 24 33.27 31.30 10.09
CA VAL E 24 34.72 31.54 10.17
C VAL E 24 35.43 30.46 9.36
N THR E 25 36.12 30.87 8.29
CA THR E 25 36.82 29.94 7.43
C THR E 25 38.12 29.49 8.10
N VAL E 26 38.32 28.18 8.18
CA VAL E 26 39.50 27.63 8.82
C VAL E 26 40.26 26.80 7.80
N THR E 27 41.49 26.45 8.17
CA THR E 27 42.33 25.64 7.29
C THR E 27 41.97 24.16 7.36
N HIS E 28 41.74 23.64 8.57
CA HIS E 28 41.44 22.23 8.76
C HIS E 28 40.26 22.09 9.71
N ALA E 29 39.43 21.07 9.47
CA ALA E 29 38.22 20.84 10.25
C ALA E 29 37.95 19.34 10.32
N GLN E 30 37.01 18.96 11.19
CA GLN E 30 36.57 17.57 11.30
C GLN E 30 35.10 17.55 11.69
N ASP E 31 34.26 16.83 10.93
CA ASP E 31 32.83 16.74 11.19
C ASP E 31 32.54 15.46 11.98
N ILE E 32 31.91 15.61 13.16
CA ILE E 32 31.62 14.49 14.05
C ILE E 32 30.21 13.95 13.83
N LEU E 33 29.59 14.27 12.70
CA LEU E 33 28.25 13.80 12.36
C LEU E 33 28.33 12.84 11.18
N GLU E 34 27.79 11.63 11.39
CA GLU E 34 27.76 10.61 10.34
C GLU E 34 26.46 10.78 9.57
N LYS E 35 26.58 10.88 8.23
CA LYS E 35 25.47 11.05 7.30
C LYS E 35 25.45 9.97 6.23
N THR E 36 26.29 8.94 6.35
CA THR E 36 26.41 7.90 5.35
C THR E 36 25.85 6.60 5.89
N HIS E 37 25.15 5.85 5.04
CA HIS E 37 24.76 4.48 5.32
C HIS E 37 24.93 3.67 4.04
N ASN E 38 25.10 2.33 4.18
CA ASN E 38 25.38 1.51 3.00
C ASN E 38 24.15 1.22 2.15
N GLY E 39 22.95 1.59 2.62
CA GLY E 39 21.70 1.28 1.95
C GLY E 39 21.39 -0.21 1.80
N LYS E 40 21.84 -1.03 2.75
CA LYS E 40 21.57 -2.46 2.76
C LYS E 40 21.11 -2.87 4.16
N LEU E 41 20.70 -4.12 4.29
CA LEU E 41 20.14 -4.66 5.52
C LEU E 41 21.09 -5.76 5.91
N CYS E 42 21.99 -5.48 6.84
CA CYS E 42 23.09 -6.37 7.08
C CYS E 42 22.87 -7.32 8.25
N ASP E 43 23.89 -8.11 8.52
CA ASP E 43 23.95 -8.91 9.73
C ASP E 43 24.30 -8.02 10.92
N LEU E 44 23.65 -8.29 12.05
CA LEU E 44 23.83 -7.52 13.27
C LEU E 44 24.80 -8.29 14.12
N ASN E 45 26.06 -7.87 14.12
CA ASN E 45 27.07 -8.53 14.94
C ASN E 45 27.19 -10.00 14.54
N GLY E 46 27.12 -10.25 13.23
CA GLY E 46 27.41 -11.55 12.67
C GLY E 46 26.25 -12.50 12.59
N VAL E 47 25.08 -12.07 13.03
CA VAL E 47 23.87 -12.88 12.92
C VAL E 47 23.01 -12.28 11.82
N LYS E 48 22.40 -13.14 11.06
CA LYS E 48 21.53 -12.66 10.00
C LYS E 48 20.16 -12.36 10.56
N PRO E 49 19.48 -11.36 10.02
CA PRO E 49 18.08 -11.11 10.38
C PRO E 49 17.17 -12.10 9.69
N LEU E 50 15.96 -12.22 10.26
CA LEU E 50 14.90 -13.01 9.65
C LEU E 50 14.08 -12.09 8.77
N ILE E 51 14.16 -12.29 7.47
CA ILE E 51 13.49 -11.42 6.51
C ILE E 51 12.21 -12.14 6.07
N LEU E 52 11.09 -11.74 6.68
CA LEU E 52 9.74 -12.19 6.34
C LEU E 52 9.30 -11.32 5.17
N LYS E 53 9.18 -11.88 4.01
CA LYS E 53 9.04 -11.05 2.82
C LYS E 53 7.56 -11.00 2.47
N ASP E 54 6.91 -9.88 2.73
CA ASP E 54 5.46 -9.77 2.49
C ASP E 54 4.63 -10.74 3.33
N CYS E 55 5.24 -11.44 4.29
CA CYS E 55 4.56 -12.24 5.27
C CYS E 55 4.66 -11.57 6.63
N SER E 56 3.62 -11.72 7.45
CA SER E 56 3.62 -11.21 8.80
C SER E 56 4.12 -12.28 9.75
N VAL E 57 4.43 -11.89 11.00
CA VAL E 57 4.92 -12.87 11.97
C VAL E 57 3.87 -13.94 12.23
N ALA E 58 2.59 -13.54 12.23
CA ALA E 58 1.48 -14.46 12.43
C ALA E 58 1.32 -15.43 11.24
N GLY E 59 1.48 -14.93 10.01
CA GLY E 59 1.46 -15.80 8.87
C GLY E 59 2.62 -16.77 8.85
N TRP E 60 3.81 -16.30 9.19
CA TRP E 60 4.93 -17.22 9.18
C TRP E 60 4.77 -18.26 10.29
N LEU E 61 4.37 -17.82 11.50
CA LEU E 61 4.17 -18.73 12.62
C LEU E 61 3.06 -19.73 12.38
N LEU E 62 1.83 -19.23 12.26
CA LEU E 62 0.69 -20.12 12.15
C LEU E 62 0.78 -20.96 10.89
N GLY E 63 1.72 -20.65 10.00
CA GLY E 63 1.68 -21.24 8.68
C GLY E 63 0.66 -20.52 7.81
N ASN E 64 0.88 -20.60 6.57
CA ASN E 64 0.11 -19.82 5.63
C ASN E 64 0.54 -20.29 4.28
N PRO E 65 -0.38 -20.71 3.45
CA PRO E 65 0.01 -21.45 2.26
C PRO E 65 0.96 -20.62 1.41
N MET E 66 0.86 -19.30 1.50
CA MET E 66 1.66 -18.42 0.68
C MET E 66 2.92 -17.94 1.39
N CYS E 67 3.06 -18.24 2.67
CA CYS E 67 4.29 -18.01 3.42
C CYS E 67 5.27 -19.18 3.28
N ASP E 68 6.52 -18.93 3.70
CA ASP E 68 7.60 -19.89 3.53
C ASP E 68 7.34 -21.10 4.40
N GLU E 69 7.06 -22.21 3.71
CA GLU E 69 6.69 -23.46 4.38
C GLU E 69 7.74 -23.88 5.38
N PHE E 70 9.00 -23.55 5.12
CA PHE E 70 10.09 -24.03 5.94
C PHE E 70 10.81 -22.86 6.59
N ILE E 71 11.60 -23.20 7.60
CA ILE E 71 12.53 -22.28 8.24
C ILE E 71 13.92 -22.73 7.83
N ARG E 72 14.70 -21.82 7.27
CA ARG E 72 16.07 -22.11 6.88
C ARG E 72 17.10 -21.51 7.82
N VAL E 73 16.70 -20.54 8.65
CA VAL E 73 17.57 -19.78 9.53
C VAL E 73 17.19 -20.18 10.96
N PRO E 74 18.06 -20.88 11.69
CA PRO E 74 17.72 -21.23 13.08
C PRO E 74 17.99 -20.11 14.07
N GLU E 75 18.69 -19.05 13.64
CA GLU E 75 19.12 -17.95 14.50
C GLU E 75 18.91 -16.63 13.78
N TRP E 76 18.34 -15.64 14.47
CA TRP E 76 18.25 -14.33 13.88
C TRP E 76 18.36 -13.28 14.97
N SER E 77 19.00 -12.16 14.61
CA SER E 77 19.21 -10.98 15.45
C SER E 77 18.06 -10.00 15.43
N TYR E 78 17.30 -9.97 14.35
CA TYR E 78 16.14 -9.11 14.31
C TYR E 78 15.26 -9.58 13.16
N ILE E 79 14.03 -9.09 13.15
CA ILE E 79 13.05 -9.46 12.15
C ILE E 79 12.79 -8.26 11.25
N VAL E 80 12.88 -8.48 9.95
CA VAL E 80 12.51 -7.47 8.97
C VAL E 80 11.12 -7.78 8.48
N GLU E 81 10.21 -6.85 8.67
CA GLU E 81 8.87 -7.03 8.18
C GLU E 81 8.61 -5.93 7.16
N ARG E 82 7.72 -6.19 6.20
CA ARG E 82 7.26 -5.15 5.27
C ARG E 82 6.33 -4.17 5.97
N ALA E 83 6.23 -2.96 5.41
CA ALA E 83 5.41 -1.90 5.99
C ALA E 83 3.99 -2.37 6.27
N ASN E 84 3.26 -2.81 5.23
CA ASN E 84 1.95 -3.43 5.33
C ASN E 84 2.03 -4.82 4.71
N PRO E 85 2.34 -5.85 5.50
CA PRO E 85 2.66 -7.14 4.89
C PRO E 85 1.42 -7.76 4.28
N ALA E 86 1.62 -8.41 3.14
CA ALA E 86 0.52 -8.75 2.25
C ALA E 86 -0.25 -9.98 2.68
N ASN E 87 0.42 -10.98 3.25
CA ASN E 87 -0.22 -12.27 3.52
C ASN E 87 -0.88 -12.33 4.88
N ASP E 88 -0.10 -12.44 5.96
CA ASP E 88 -0.72 -12.32 7.31
C ASP E 88 -1.74 -13.43 7.56
N LEU E 89 -2.93 -13.14 8.11
CA LEU E 89 -3.89 -14.17 8.50
C LEU E 89 -4.90 -14.35 7.37
N CYS E 90 -4.86 -15.48 6.68
CA CYS E 90 -5.66 -15.58 5.46
C CYS E 90 -7.14 -15.79 5.79
N TYR E 91 -7.42 -16.62 6.82
CA TYR E 91 -8.72 -16.69 7.48
C TYR E 91 -8.81 -15.57 8.50
N PRO E 92 -9.91 -14.84 8.56
CA PRO E 92 -9.95 -13.63 9.40
C PRO E 92 -10.01 -13.99 10.87
N GLY E 93 -9.45 -13.13 11.69
CA GLY E 93 -9.37 -13.52 13.07
C GLY E 93 -8.37 -12.66 13.79
N SER E 94 -7.58 -13.29 14.64
CA SER E 94 -6.67 -12.55 15.49
C SER E 94 -5.74 -13.54 16.14
N LEU E 95 -4.63 -13.02 16.66
CA LEU E 95 -3.65 -13.77 17.42
C LEU E 95 -3.43 -13.05 18.75
N ASN E 96 -3.72 -13.73 19.88
CA ASN E 96 -3.68 -13.08 21.18
C ASN E 96 -2.31 -12.60 21.58
N ASP E 97 -2.22 -11.39 22.13
CA ASP E 97 -0.91 -10.85 22.54
C ASP E 97 0.08 -10.88 21.38
N TYR E 98 -0.38 -10.41 20.22
CA TYR E 98 0.50 -10.50 19.07
C TYR E 98 1.77 -9.70 19.32
N GLU E 99 1.62 -8.46 19.78
CA GLU E 99 2.78 -7.59 19.95
C GLU E 99 3.78 -8.15 20.96
N GLU E 100 3.29 -8.72 22.07
CA GLU E 100 4.20 -9.39 23.00
C GLU E 100 4.87 -10.59 22.34
N LEU E 101 4.10 -11.43 21.63
CA LEU E 101 4.70 -12.55 20.88
C LEU E 101 5.77 -12.07 19.93
N LYS E 102 5.59 -10.88 19.33
CA LYS E 102 6.54 -10.43 18.33
C LYS E 102 7.81 -9.93 19.01
N HIS E 103 7.68 -9.31 20.18
CA HIS E 103 8.85 -8.91 20.95
C HIS E 103 9.67 -10.12 21.37
N LEU E 104 9.00 -11.20 21.77
CA LEU E 104 9.68 -12.42 22.14
C LEU E 104 10.52 -12.98 20.98
N LEU E 105 10.00 -12.88 19.76
CA LEU E 105 10.61 -13.55 18.62
C LEU E 105 11.58 -12.67 17.83
N SER E 106 11.77 -11.40 18.24
CA SER E 106 12.62 -10.50 17.47
C SER E 106 14.05 -11.02 17.38
N ARG E 107 14.59 -11.51 18.50
CA ARG E 107 15.90 -12.16 18.55
C ARG E 107 15.81 -13.48 19.31
N ILE E 108 15.95 -14.59 18.60
CA ILE E 108 16.04 -15.88 19.26
C ILE E 108 17.35 -16.57 18.87
N ASN E 109 17.79 -17.46 19.76
CA ASN E 109 19.01 -18.22 19.59
C ASN E 109 18.79 -19.53 18.86
N HIS E 110 17.61 -20.13 19.01
CA HIS E 110 17.35 -21.41 18.36
C HIS E 110 15.84 -21.48 18.19
N PHE E 111 15.42 -21.84 16.97
CA PHE E 111 14.03 -22.06 16.58
C PHE E 111 13.99 -23.35 15.78
N GLU E 112 13.23 -24.32 16.25
CA GLU E 112 13.09 -25.58 15.51
C GLU E 112 11.64 -26.03 15.51
N LYS E 113 11.11 -26.34 14.32
CA LYS E 113 9.72 -26.76 14.25
C LYS E 113 9.66 -28.26 14.52
N ILE E 114 8.72 -28.68 15.36
CA ILE E 114 8.55 -30.09 15.67
C ILE E 114 7.07 -30.45 15.58
N LEU E 115 6.81 -31.74 15.33
CA LEU E 115 5.46 -32.25 15.22
C LEU E 115 5.04 -32.76 16.60
N ILE E 116 4.13 -32.06 17.27
CA ILE E 116 3.76 -32.51 18.61
C ILE E 116 2.51 -33.41 18.56
N ILE E 117 1.51 -33.07 17.77
CA ILE E 117 0.30 -33.88 17.71
C ILE E 117 0.02 -34.23 16.24
N PRO E 118 0.43 -35.42 15.79
CA PRO E 118 0.25 -35.81 14.38
C PRO E 118 -1.21 -35.99 14.04
N LYS E 119 -1.47 -36.07 12.74
CA LYS E 119 -2.82 -36.30 12.25
C LYS E 119 -3.32 -37.70 12.58
N SER E 120 -2.42 -38.66 12.77
CA SER E 120 -2.82 -39.99 13.18
C SER E 120 -3.39 -40.04 14.60
N SER E 121 -3.11 -39.04 15.41
CA SER E 121 -3.62 -39.00 16.77
C SER E 121 -5.05 -38.45 16.87
N TRP E 122 -5.75 -38.23 15.78
CA TRP E 122 -7.15 -37.79 15.79
C TRP E 122 -8.01 -38.79 15.02
N PRO E 123 -8.20 -40.00 15.53
CA PRO E 123 -9.24 -40.87 14.98
C PRO E 123 -10.60 -40.35 15.44
N ASN E 124 -11.66 -40.84 14.80
CA ASN E 124 -13.01 -40.36 15.11
C ASN E 124 -13.18 -38.87 14.82
N HIS E 125 -12.28 -38.26 14.04
CA HIS E 125 -12.37 -36.87 13.60
C HIS E 125 -11.79 -36.75 12.21
N GLU E 126 -12.27 -35.77 11.47
CA GLU E 126 -11.84 -35.58 10.10
C GLU E 126 -10.78 -34.49 10.08
N THR E 127 -9.63 -34.84 9.55
CA THR E 127 -8.53 -33.92 9.48
C THR E 127 -8.29 -33.37 8.08
N SER E 128 -9.13 -33.74 7.11
CA SER E 128 -8.92 -33.35 5.71
C SER E 128 -9.88 -32.28 5.21
N LEU E 129 -10.96 -32.01 5.94
CA LEU E 129 -11.97 -31.07 5.49
C LEU E 129 -11.77 -29.66 6.02
N GLY E 130 -10.87 -29.45 6.98
CA GLY E 130 -10.71 -28.13 7.54
C GLY E 130 -9.92 -27.17 6.68
N VAL E 131 -10.55 -26.67 5.62
CA VAL E 131 -9.95 -25.84 4.57
C VAL E 131 -10.89 -24.70 4.22
N SER E 132 -10.41 -23.79 3.36
CA SER E 132 -11.09 -22.54 3.07
C SER E 132 -10.54 -21.87 1.81
N ALA E 133 -11.44 -21.21 1.08
CA ALA E 133 -11.09 -20.38 -0.07
C ALA E 133 -10.36 -19.12 0.33
N ALA E 134 -10.40 -18.73 1.60
CA ALA E 134 -9.64 -17.55 1.97
C ALA E 134 -8.18 -17.88 2.19
N CYS E 135 -7.83 -19.17 2.30
CA CYS E 135 -6.44 -19.62 2.37
C CYS E 135 -6.19 -20.54 1.19
N PRO E 136 -6.19 -20.01 -0.03
CA PRO E 136 -5.82 -20.77 -1.22
C PRO E 136 -4.37 -21.25 -1.20
N TYR E 137 -4.16 -22.41 -1.80
CA TYR E 137 -2.81 -22.89 -2.10
C TYR E 137 -2.88 -23.54 -3.47
N GLN E 138 -2.04 -23.07 -4.39
CA GLN E 138 -1.92 -23.65 -5.72
C GLN E 138 -3.28 -23.89 -6.38
N GLY E 139 -4.20 -22.98 -6.15
CA GLY E 139 -5.48 -23.03 -6.85
C GLY E 139 -6.60 -23.74 -6.14
N ALA E 140 -6.38 -24.21 -4.91
CA ALA E 140 -7.29 -25.05 -4.18
C ALA E 140 -7.42 -24.57 -2.75
N PRO E 141 -8.57 -24.77 -2.13
CA PRO E 141 -8.76 -24.34 -0.76
C PRO E 141 -7.83 -25.07 0.17
N SER E 142 -7.28 -24.32 1.11
CA SER E 142 -6.32 -24.81 2.09
C SER E 142 -6.57 -24.08 3.40
N PHE E 143 -5.52 -23.91 4.18
CA PHE E 143 -5.67 -23.48 5.55
C PHE E 143 -4.26 -23.42 6.10
N PHE E 144 -4.11 -22.70 7.20
CA PHE E 144 -2.83 -22.58 7.87
C PHE E 144 -2.16 -23.93 7.98
N ARG E 145 -0.85 -23.96 7.79
CA ARG E 145 -0.14 -25.23 7.73
C ARG E 145 0.17 -25.85 9.10
N ASN E 146 0.44 -25.07 10.17
CA ASN E 146 0.97 -25.62 11.42
C ASN E 146 -0.10 -25.89 12.48
N VAL E 147 -1.36 -25.97 12.07
CA VAL E 147 -2.46 -26.11 13.00
C VAL E 147 -3.58 -26.78 12.19
N VAL E 148 -4.44 -27.54 12.87
CA VAL E 148 -5.43 -28.40 12.22
C VAL E 148 -6.85 -28.01 12.60
N TRP E 149 -7.71 -27.84 11.58
CA TRP E 149 -9.11 -27.45 11.75
C TRP E 149 -9.97 -28.71 11.82
N LEU E 150 -10.02 -29.34 12.99
CA LEU E 150 -10.75 -30.61 13.11
C LEU E 150 -12.22 -30.44 12.81
N ILE E 151 -12.79 -31.40 12.09
CA ILE E 151 -14.20 -31.31 11.73
C ILE E 151 -14.86 -32.66 12.03
N LYS E 152 -16.20 -32.65 12.05
CA LYS E 152 -16.95 -33.82 12.47
C LYS E 152 -16.66 -34.99 11.54
N LYS E 153 -16.90 -36.21 12.03
CA LYS E 153 -16.84 -37.41 11.19
C LYS E 153 -18.02 -38.29 11.57
N ASN E 154 -18.76 -38.75 10.56
CA ASN E 154 -19.96 -39.57 10.78
C ASN E 154 -20.96 -38.82 11.65
N ASP E 155 -21.15 -37.54 11.33
CA ASP E 155 -22.07 -36.65 12.07
C ASP E 155 -21.86 -36.73 13.58
N ALA E 156 -20.61 -36.95 14.00
CA ALA E 156 -20.29 -37.10 15.41
C ALA E 156 -18.96 -36.43 15.67
N TYR E 157 -18.94 -35.61 16.72
CA TYR E 157 -17.75 -34.95 17.22
C TYR E 157 -17.57 -35.38 18.66
N PRO E 158 -16.82 -36.45 18.91
CA PRO E 158 -16.62 -36.91 20.28
C PRO E 158 -15.78 -35.91 21.05
N THR E 159 -15.96 -35.89 22.37
CA THR E 159 -15.22 -34.94 23.19
C THR E 159 -13.73 -35.29 23.15
N ILE E 160 -12.89 -34.27 22.93
CA ILE E 160 -11.45 -34.43 22.75
C ILE E 160 -10.73 -34.31 24.08
N LYS E 161 -9.83 -35.25 24.34
CA LYS E 161 -8.96 -35.24 25.52
C LYS E 161 -7.57 -35.62 25.02
N ILE E 162 -6.69 -34.64 24.87
CA ILE E 162 -5.34 -34.92 24.40
C ILE E 162 -4.38 -34.07 25.22
N SER E 163 -3.18 -34.61 25.46
CA SER E 163 -2.15 -33.92 26.23
C SER E 163 -0.79 -34.21 25.63
N TYR E 164 0.14 -33.26 25.83
CA TYR E 164 1.48 -33.34 25.27
C TYR E 164 2.50 -32.96 26.33
N ASN E 165 3.32 -33.93 26.79
CA ASN E 165 4.46 -33.64 27.65
C ASN E 165 5.56 -33.06 26.77
N ASN E 166 6.21 -32.01 27.25
CA ASN E 166 7.42 -31.52 26.61
C ASN E 166 8.59 -32.41 27.02
N THR E 167 8.88 -33.44 26.25
CA THR E 167 10.05 -34.27 26.51
C THR E 167 11.33 -33.65 25.99
N ASN E 168 11.26 -32.45 25.39
CA ASN E 168 12.43 -31.70 24.96
C ASN E 168 12.93 -30.84 26.09
N ARG E 169 14.17 -30.39 25.97
CA ARG E 169 14.80 -29.63 27.04
C ARG E 169 14.86 -28.15 26.73
N GLU E 170 14.04 -27.72 25.77
CA GLU E 170 13.85 -26.33 25.42
C GLU E 170 12.38 -25.98 25.58
N ASP E 171 12.12 -24.72 25.86
CA ASP E 171 10.74 -24.27 25.92
C ASP E 171 10.10 -24.41 24.53
N LEU E 172 8.80 -24.64 24.55
CA LEU E 172 8.01 -24.88 23.35
C LEU E 172 7.04 -23.71 23.15
N LEU E 173 6.95 -23.22 21.92
CA LEU E 173 5.89 -22.31 21.51
C LEU E 173 4.80 -23.19 20.93
N ILE E 174 3.59 -23.10 21.49
CA ILE E 174 2.45 -23.86 21.01
C ILE E 174 1.34 -22.89 20.63
N LEU E 175 0.72 -23.11 19.48
CA LEU E 175 -0.36 -22.25 19.05
C LEU E 175 -1.60 -23.09 18.78
N TRP E 176 -2.75 -22.59 19.25
CA TRP E 176 -4.04 -23.24 19.00
C TRP E 176 -5.05 -22.14 18.67
N GLY E 177 -6.26 -22.56 18.30
CA GLY E 177 -7.27 -21.58 17.99
C GLY E 177 -8.69 -22.06 18.15
N ILE E 178 -9.59 -21.09 18.24
CA ILE E 178 -11.03 -21.34 18.24
C ILE E 178 -11.63 -20.67 16.99
N HIS E 179 -12.61 -21.34 16.37
CA HIS E 179 -13.37 -20.83 15.23
C HIS E 179 -14.74 -20.37 15.71
N HIS E 180 -15.10 -19.15 15.34
CA HIS E 180 -16.41 -18.59 15.66
C HIS E 180 -17.33 -18.84 14.48
N SER E 181 -18.29 -19.74 14.66
CA SER E 181 -19.28 -20.02 13.66
C SER E 181 -20.20 -18.81 13.47
N ASN E 182 -20.97 -18.82 12.37
CA ASN E 182 -21.77 -17.66 12.02
C ASN E 182 -23.22 -17.78 12.45
N ASN E 183 -23.81 -18.96 12.41
CA ASN E 183 -25.20 -19.10 12.77
C ASN E 183 -25.40 -20.49 13.32
N ALA E 184 -26.56 -20.70 13.94
CA ALA E 184 -26.81 -21.99 14.56
C ALA E 184 -26.72 -23.15 13.56
N GLU E 185 -27.13 -22.91 12.31
CA GLU E 185 -27.10 -23.95 11.29
C GLU E 185 -25.67 -24.32 10.93
N GLU E 186 -24.85 -23.30 10.67
CA GLU E 186 -23.47 -23.55 10.30
C GLU E 186 -22.74 -24.33 11.37
N GLN E 187 -23.01 -24.03 12.64
CA GLN E 187 -22.37 -24.72 13.74
C GLN E 187 -22.63 -26.22 13.71
N THR E 188 -23.90 -26.62 13.67
CA THR E 188 -24.22 -28.03 13.60
C THR E 188 -23.59 -28.69 12.37
N ASN E 189 -23.57 -27.99 11.22
CA ASN E 189 -23.04 -28.58 9.99
C ASN E 189 -21.57 -28.97 10.13
N LEU E 190 -20.79 -28.18 10.88
CA LEU E 190 -19.38 -28.49 11.03
C LEU E 190 -19.09 -29.28 12.29
N TYR E 191 -19.84 -29.01 13.35
CA TYR E 191 -19.67 -29.67 14.64
C TYR E 191 -21.05 -29.99 15.19
N LYS E 192 -21.41 -31.28 15.25
CA LYS E 192 -22.77 -31.65 15.60
C LYS E 192 -23.22 -30.98 16.90
N ASN E 193 -22.31 -30.83 17.87
CA ASN E 193 -22.68 -30.31 19.17
C ASN E 193 -22.96 -28.82 19.07
N PRO E 194 -24.15 -28.33 19.48
CA PRO E 194 -24.46 -26.89 19.35
C PRO E 194 -23.64 -26.03 20.32
N THR E 195 -23.76 -26.27 21.62
CA THR E 195 -23.05 -25.46 22.62
C THR E 195 -21.68 -26.06 22.94
N THR E 196 -20.63 -25.32 22.61
CA THR E 196 -19.27 -25.86 22.56
C THR E 196 -18.30 -25.05 23.43
N TYR E 197 -17.18 -25.68 23.77
CA TYR E 197 -16.17 -25.12 24.65
C TYR E 197 -14.78 -25.60 24.24
N ILE E 198 -13.76 -24.87 24.70
CA ILE E 198 -12.37 -25.30 24.55
C ILE E 198 -11.62 -24.98 25.84
N SER E 199 -11.16 -26.01 26.54
CA SER E 199 -10.53 -25.82 27.84
C SER E 199 -9.04 -26.19 27.74
N VAL E 200 -8.17 -25.18 27.91
CA VAL E 200 -6.71 -25.35 27.81
C VAL E 200 -6.08 -25.07 29.17
N GLY E 201 -5.23 -26.01 29.58
CA GLY E 201 -4.64 -25.98 30.90
C GLY E 201 -3.18 -26.38 30.92
N THR E 202 -2.37 -25.64 31.66
CA THR E 202 -0.98 -26.03 31.87
C THR E 202 -0.67 -25.74 33.34
N SER E 203 0.61 -25.73 33.73
CA SER E 203 0.97 -25.42 35.11
C SER E 203 0.69 -23.96 35.44
N THR E 204 0.47 -23.12 34.43
CA THR E 204 0.32 -21.69 34.58
C THR E 204 -0.88 -21.10 33.85
N LEU E 205 -1.46 -21.81 32.88
CA LEU E 205 -2.57 -21.31 32.08
C LEU E 205 -3.84 -22.07 32.36
N ASN E 206 -4.93 -21.34 32.52
CA ASN E 206 -6.26 -21.93 32.66
C ASN E 206 -7.23 -21.03 31.91
N GLN E 207 -7.53 -21.39 30.65
CA GLN E 207 -8.40 -20.58 29.81
C GLN E 207 -9.53 -21.43 29.26
N ARG E 208 -10.69 -20.80 29.12
CA ARG E 208 -11.87 -21.46 28.57
C ARG E 208 -12.35 -20.63 27.38
N LEU E 209 -12.22 -21.18 26.18
CA LEU E 209 -12.62 -20.50 24.95
C LEU E 209 -14.02 -20.97 24.58
N VAL E 210 -14.92 -20.02 24.34
CA VAL E 210 -16.29 -20.31 23.97
C VAL E 210 -16.60 -19.57 22.67
N PRO E 211 -17.12 -20.24 21.65
CA PRO E 211 -17.36 -19.56 20.37
C PRO E 211 -18.46 -18.50 20.47
N LYS E 212 -18.27 -17.43 19.69
CA LYS E 212 -19.23 -16.34 19.57
C LYS E 212 -19.98 -16.49 18.26
N ILE E 213 -21.17 -17.10 18.33
CA ILE E 213 -22.00 -17.35 17.14
C ILE E 213 -22.90 -16.14 16.91
N ALA E 214 -22.35 -15.14 16.22
CA ALA E 214 -23.07 -13.93 15.88
C ALA E 214 -22.73 -13.51 14.45
N THR E 215 -23.50 -12.57 13.94
CA THR E 215 -23.36 -12.13 12.56
C THR E 215 -22.37 -10.97 12.53
N ARG E 216 -21.31 -11.13 11.74
CA ARG E 216 -20.29 -10.10 11.60
C ARG E 216 -20.21 -9.64 10.15
N SER E 217 -19.26 -8.76 9.86
CA SER E 217 -19.02 -8.31 8.50
C SER E 217 -18.02 -9.21 7.81
N GLN E 218 -17.96 -9.08 6.49
CA GLN E 218 -17.20 -9.99 5.65
C GLN E 218 -15.78 -9.45 5.47
N VAL E 219 -14.82 -10.29 5.79
CA VAL E 219 -13.40 -10.06 5.53
C VAL E 219 -12.87 -11.25 4.76
N ASN E 220 -12.13 -10.98 3.67
CA ASN E 220 -11.61 -12.02 2.80
C ASN E 220 -12.75 -12.96 2.40
N GLY E 221 -13.93 -12.39 2.17
CA GLY E 221 -15.06 -13.17 1.77
C GLY E 221 -15.58 -14.12 2.83
N GLN E 222 -15.10 -14.02 4.07
CA GLN E 222 -15.53 -14.89 5.14
C GLN E 222 -16.11 -14.08 6.27
N ARG E 223 -17.28 -14.49 6.76
CA ARG E 223 -17.91 -13.83 7.89
C ARG E 223 -17.58 -14.50 9.22
N GLY E 224 -17.14 -15.77 9.25
CA GLY E 224 -16.56 -16.32 10.46
C GLY E 224 -15.19 -15.72 10.82
N ARG E 225 -14.70 -16.05 12.02
CA ARG E 225 -13.42 -15.56 12.52
C ARG E 225 -12.72 -16.67 13.28
N MET E 226 -11.38 -16.68 13.24
CA MET E 226 -10.58 -17.60 14.06
C MET E 226 -9.62 -16.86 14.98
N ASP E 227 -9.87 -16.92 16.28
CA ASP E 227 -8.94 -16.32 17.25
C ASP E 227 -7.89 -17.35 17.64
N PHE E 228 -6.61 -16.97 17.51
CA PHE E 228 -5.52 -17.87 17.86
C PHE E 228 -4.89 -17.45 19.20
N PHE E 229 -4.39 -18.45 19.91
CA PHE E 229 -3.78 -18.27 21.22
C PHE E 229 -2.46 -19.02 21.27
N TRP E 230 -1.54 -18.49 22.08
CA TRP E 230 -0.28 -19.17 22.28
C TRP E 230 0.05 -19.32 23.76
N THR E 231 1.12 -20.06 24.02
CA THR E 231 1.65 -20.28 25.36
C THR E 231 3.05 -20.86 25.23
N ILE E 232 3.83 -20.72 26.28
CA ILE E 232 5.18 -21.26 26.31
C ILE E 232 5.17 -22.46 27.25
N LEU E 233 5.37 -23.64 26.70
CA LEU E 233 5.42 -24.87 27.48
C LEU E 233 6.84 -25.12 27.96
N LYS E 234 7.06 -25.10 29.29
CA LYS E 234 8.42 -25.21 29.84
C LYS E 234 8.87 -26.69 29.84
N PRO E 235 10.18 -26.96 30.02
CA PRO E 235 10.73 -28.22 29.48
C PRO E 235 10.29 -29.52 30.15
N ASP E 236 9.40 -29.55 31.14
CA ASP E 236 8.87 -30.85 31.53
C ASP E 236 7.39 -30.80 31.90
N ASP E 237 6.64 -29.88 31.30
CA ASP E 237 5.23 -29.75 31.59
C ASP E 237 4.40 -30.36 30.47
N ALA E 238 3.09 -30.32 30.65
CA ALA E 238 2.21 -30.88 29.65
C ALA E 238 1.10 -29.89 29.38
N ILE E 239 0.73 -29.78 28.11
CA ILE E 239 -0.43 -29.01 27.71
C ILE E 239 -1.60 -29.97 27.65
N HIS E 240 -2.74 -29.57 28.22
CA HIS E 240 -3.93 -30.41 28.33
C HIS E 240 -5.08 -29.74 27.60
N PHE E 241 -5.58 -30.41 26.56
CA PHE E 241 -6.62 -29.89 25.70
C PHE E 241 -7.90 -30.69 25.86
N GLU E 242 -9.04 -29.99 25.90
CA GLU E 242 -10.36 -30.63 25.92
C GLU E 242 -11.34 -29.76 25.16
N SER E 243 -12.11 -30.37 24.26
CA SER E 243 -13.08 -29.58 23.51
C SER E 243 -14.07 -30.50 22.83
N ASN E 244 -15.29 -29.99 22.63
CA ASN E 244 -16.34 -30.70 21.94
C ASN E 244 -16.67 -30.07 20.60
N GLY E 245 -16.01 -28.98 20.24
CA GLY E 245 -16.27 -28.34 18.96
C GLY E 245 -15.45 -27.07 18.80
N ASN E 246 -15.35 -26.64 17.53
CA ASN E 246 -14.77 -25.35 17.14
C ASN E 246 -13.28 -25.28 17.47
N PHE E 247 -12.61 -26.43 17.59
CA PHE E 247 -11.24 -26.47 18.08
C PHE E 247 -10.28 -26.57 16.91
N ILE E 248 -9.37 -25.59 16.80
CA ILE E 248 -8.29 -25.59 15.80
C ILE E 248 -7.02 -25.99 16.55
N ALA E 249 -6.69 -27.28 16.49
CA ALA E 249 -5.75 -28.00 17.34
C ALA E 249 -4.31 -27.84 16.85
N PRO E 250 -3.36 -27.72 17.76
CA PRO E 250 -1.96 -27.58 17.35
C PRO E 250 -1.48 -28.89 16.75
N GLU E 251 -0.77 -28.80 15.64
CA GLU E 251 -0.08 -29.95 15.06
C GLU E 251 1.42 -29.82 15.21
N TYR E 252 1.97 -28.69 14.81
CA TYR E 252 3.38 -28.44 14.96
C TYR E 252 3.58 -27.38 16.03
N ALA E 253 4.77 -27.35 16.58
CA ALA E 253 5.16 -26.39 17.58
C ALA E 253 6.61 -26.02 17.32
N TYR E 254 7.11 -25.11 18.11
CA TYR E 254 8.42 -24.55 17.88
C TYR E 254 9.23 -24.60 19.16
N LYS E 255 10.50 -25.00 19.04
CA LYS E 255 11.42 -24.98 20.18
C LYS E 255 12.12 -23.63 20.21
N ILE E 256 11.96 -22.89 21.30
CA ILE E 256 12.57 -21.56 21.37
C ILE E 256 13.72 -21.62 22.34
N VAL E 257 14.70 -20.75 22.10
CA VAL E 257 15.73 -20.44 23.07
C VAL E 257 16.04 -18.96 22.91
N LYS E 258 15.64 -18.15 23.88
CA LYS E 258 15.81 -16.70 23.80
C LYS E 258 16.83 -16.22 24.81
N LYS E 259 17.92 -15.61 24.33
CA LYS E 259 18.95 -15.10 25.22
C LYS E 259 19.09 -13.59 25.17
N GLY E 260 18.32 -12.91 24.31
CA GLY E 260 18.37 -11.48 24.18
C GLY E 260 17.19 -10.98 23.37
N ASP E 261 17.10 -9.66 23.25
CA ASP E 261 15.93 -8.99 22.71
C ASP E 261 16.34 -8.07 21.57
N SER E 262 15.37 -7.75 20.73
CA SER E 262 15.57 -6.88 19.56
C SER E 262 14.26 -6.14 19.33
N THR E 263 13.97 -5.81 18.06
CA THR E 263 12.66 -5.32 17.65
C THR E 263 12.39 -5.80 16.25
N ILE E 264 11.17 -5.55 15.79
CA ILE E 264 10.79 -5.78 14.41
C ILE E 264 11.06 -4.51 13.63
N MET E 265 11.88 -4.64 12.61
CA MET E 265 12.18 -3.51 11.74
C MET E 265 11.24 -3.56 10.55
N LYS E 266 10.74 -2.38 10.15
CA LYS E 266 9.90 -2.28 8.96
C LYS E 266 10.76 -1.58 7.89
N SER E 267 11.04 -2.30 6.80
CA SER E 267 11.92 -1.85 5.74
C SER E 267 11.71 -2.75 4.53
N GLY E 268 11.84 -2.16 3.34
CA GLY E 268 11.89 -2.89 2.10
C GLY E 268 13.25 -3.07 1.45
N VAL E 269 14.37 -2.68 2.12
CA VAL E 269 15.70 -2.78 1.51
C VAL E 269 16.14 -4.24 1.38
N GLU E 270 17.15 -4.50 0.55
CA GLU E 270 17.60 -5.87 0.32
C GLU E 270 18.75 -6.22 1.28
N TYR E 271 19.10 -7.52 1.33
CA TYR E 271 19.98 -8.01 2.38
C TYR E 271 21.41 -7.52 2.16
N GLY E 272 21.98 -7.75 1.00
CA GLY E 272 23.28 -7.11 0.88
C GLY E 272 24.48 -7.81 1.50
N HIS E 273 24.30 -8.96 2.14
CA HIS E 273 25.38 -9.86 2.55
C HIS E 273 26.55 -9.11 3.19
N CYS E 274 26.26 -8.48 4.32
CA CYS E 274 27.18 -7.61 5.02
C CYS E 274 26.93 -7.81 6.52
N ASN E 275 27.72 -7.11 7.31
CA ASN E 275 27.61 -7.17 8.76
C ASN E 275 27.71 -5.73 9.26
N THR E 276 27.13 -5.48 10.42
CA THR E 276 27.18 -4.16 11.05
C THR E 276 26.99 -4.29 12.55
N LYS E 277 27.35 -3.24 13.27
CA LYS E 277 26.96 -3.11 14.67
C LYS E 277 25.75 -2.19 14.85
N CYS E 278 25.30 -1.57 13.75
CA CYS E 278 24.18 -0.64 13.75
C CYS E 278 23.41 -0.75 12.45
N GLN E 279 22.08 -0.88 12.58
CA GLN E 279 21.20 -1.07 11.43
C GLN E 279 20.03 -0.10 11.51
N THR E 280 19.81 0.65 10.44
CA THR E 280 18.64 1.49 10.30
C THR E 280 17.77 0.91 9.20
N PRO E 281 16.48 1.28 9.11
CA PRO E 281 15.65 0.81 7.98
C PRO E 281 16.19 1.22 6.60
N VAL E 282 16.86 2.35 6.54
CA VAL E 282 17.48 2.81 5.31
C VAL E 282 18.80 2.11 4.99
N GLY E 283 19.48 1.55 5.99
CA GLY E 283 20.78 0.96 5.72
C GLY E 283 21.60 0.89 6.99
N ALA E 284 22.80 0.36 6.83
CA ALA E 284 23.68 0.09 7.94
C ALA E 284 24.71 1.21 8.10
N ILE E 285 24.99 1.55 9.35
CA ILE E 285 26.01 2.54 9.69
C ILE E 285 27.27 1.80 10.17
N ASN E 286 28.40 2.13 9.58
CA ASN E 286 29.74 1.75 10.05
C ASN E 286 30.45 3.03 10.43
N SER E 287 30.22 3.51 11.65
CA SER E 287 30.83 4.78 12.05
C SER E 287 31.31 4.73 13.52
N SER E 288 32.29 5.59 13.83
CA SER E 288 32.74 5.83 15.20
C SER E 288 32.32 7.18 15.74
N MET E 289 31.65 7.98 14.93
CA MET E 289 31.30 9.32 15.35
C MET E 289 30.24 9.28 16.45
N PRO E 290 30.18 10.31 17.28
CA PRO E 290 29.23 10.29 18.39
C PRO E 290 27.81 10.60 17.96
N PHE E 291 27.61 11.16 16.77
CA PHE E 291 26.27 11.53 16.38
C PHE E 291 26.01 11.11 14.94
N HIS E 292 24.72 10.97 14.60
CA HIS E 292 24.29 10.60 13.25
C HIS E 292 22.94 11.25 12.98
N ASN E 293 22.54 11.29 11.70
CA ASN E 293 21.22 11.82 11.34
C ASN E 293 20.50 10.92 10.37
N ILE E 294 20.80 9.62 10.37
CA ILE E 294 20.30 8.74 9.30
C ILE E 294 18.82 8.42 9.48
N HIS E 295 18.40 8.14 10.69
CA HIS E 295 17.07 7.55 10.91
C HIS E 295 16.87 7.27 12.39
N PRO E 296 15.67 7.49 12.91
CA PRO E 296 15.47 7.29 14.36
C PRO E 296 15.38 5.83 14.76
N LEU E 297 14.77 4.99 13.92
CA LEU E 297 14.45 3.61 14.32
C LEU E 297 15.64 2.70 14.06
N THR E 298 16.65 2.82 14.91
CA THR E 298 17.85 2.01 14.74
C THR E 298 17.83 0.80 15.66
N ILE E 299 18.67 -0.18 15.33
CA ILE E 299 18.86 -1.38 16.15
C ILE E 299 20.35 -1.63 16.24
N GLY E 300 20.88 -1.64 17.47
CA GLY E 300 22.29 -1.87 17.67
C GLY E 300 23.08 -0.80 18.43
N GLU E 301 24.39 -0.93 18.42
CA GLU E 301 25.22 0.01 19.16
C GLU E 301 25.45 1.21 18.26
N CYS E 302 24.54 2.16 18.32
CA CYS E 302 24.53 3.20 17.29
C CYS E 302 24.99 4.54 17.86
N PRO E 303 25.37 5.49 17.01
CA PRO E 303 25.61 6.85 17.48
C PRO E 303 24.29 7.50 17.88
N LYS E 304 24.38 8.66 18.51
CA LYS E 304 23.18 9.33 18.99
C LYS E 304 22.55 10.15 17.86
N TYR E 305 21.26 9.92 17.62
CA TYR E 305 20.53 10.61 16.56
C TYR E 305 20.32 12.05 17.00
N VAL E 306 20.56 12.99 16.09
CA VAL E 306 20.43 14.42 16.35
C VAL E 306 19.69 15.07 15.19
N LYS E 307 19.11 16.23 15.46
CA LYS E 307 18.46 17.04 14.43
C LYS E 307 19.45 18.05 13.87
N SER E 308 20.51 17.55 13.23
CA SER E 308 21.56 18.42 12.75
C SER E 308 22.05 17.93 11.40
N ASN E 309 22.33 18.87 10.48
CA ASN E 309 22.87 18.49 9.19
C ASN E 309 24.40 18.53 9.15
N LYS E 310 25.03 19.27 10.06
CA LYS E 310 26.48 19.30 10.18
C LYS E 310 26.85 19.74 11.60
N LEU E 311 27.92 19.09 12.14
CA LEU E 311 28.55 19.37 13.45
C LEU E 311 30.08 19.41 13.21
N VAL E 312 30.57 20.53 12.67
CA VAL E 312 31.97 20.67 12.27
C VAL E 312 32.79 21.29 13.40
N LEU E 313 33.89 20.62 13.76
CA LEU E 313 34.84 21.09 14.76
C LEU E 313 36.09 21.64 14.07
N ALA E 314 36.55 22.79 14.53
CA ALA E 314 37.72 23.42 13.92
C ALA E 314 38.97 22.73 14.42
N THR E 315 39.75 22.16 13.49
CA THR E 315 41.01 21.51 13.81
C THR E 315 42.20 22.27 13.25
N GLY E 316 42.06 23.57 13.00
CA GLY E 316 43.14 24.33 12.39
C GLY E 316 43.04 25.81 12.67
N LEU E 317 43.58 26.65 11.78
CA LEU E 317 43.72 28.09 11.96
C LEU E 317 42.74 28.88 11.09
N ARG E 318 42.49 30.14 11.50
CA ARG E 318 41.68 31.00 10.66
C ARG E 318 42.46 31.33 9.39
N ASN E 319 41.84 31.10 8.23
CA ASN E 319 42.50 31.32 6.96
C ASN E 319 41.99 32.61 6.33
N SER E 320 42.89 33.38 5.73
CA SER E 320 42.52 34.62 5.03
C SER E 320 42.27 34.42 3.53
N ALA E 336 42.68 43.06 17.60
CA ALA E 336 44.13 43.10 17.45
C ALA E 336 44.57 42.32 16.22
N GLY E 337 44.99 43.05 15.19
CA GLY E 337 45.46 42.45 13.95
C GLY E 337 46.95 42.62 13.70
N PHE E 338 47.71 42.76 14.79
CA PHE E 338 49.17 42.88 14.70
C PHE E 338 49.77 41.73 13.88
N ILE E 339 49.50 40.49 14.29
CA ILE E 339 49.78 39.34 13.45
C ILE E 339 48.87 39.47 12.23
N GLU E 340 49.47 39.73 11.07
CA GLU E 340 48.71 39.87 9.83
C GLU E 340 48.01 38.57 9.45
N GLY E 341 47.25 38.59 8.36
CA GLY E 341 46.62 37.38 7.86
C GLY E 341 47.64 36.29 7.64
N GLY E 342 47.25 35.04 7.89
CA GLY E 342 48.21 33.95 7.84
C GLY E 342 48.91 33.86 6.50
N TRP E 343 50.18 33.43 6.53
CA TRP E 343 50.99 33.33 5.33
C TRP E 343 50.62 32.08 4.53
N GLN E 344 50.17 32.29 3.29
CA GLN E 344 49.93 31.16 2.40
C GLN E 344 51.23 30.49 1.99
N GLY E 345 52.37 31.16 2.20
CA GLY E 345 53.65 30.61 1.77
C GLY E 345 54.17 29.48 2.65
N MET E 346 53.85 29.50 3.93
CA MET E 346 54.29 28.42 4.81
C MET E 346 53.63 27.11 4.41
N VAL E 347 54.44 26.12 4.06
CA VAL E 347 53.96 24.79 3.68
C VAL E 347 54.42 23.71 4.64
N ASP E 348 55.25 24.05 5.63
CA ASP E 348 55.83 23.04 6.51
C ASP E 348 54.98 22.79 7.75
N GLY E 349 54.64 23.86 8.50
CA GLY E 349 53.90 23.71 9.74
C GLY E 349 52.91 24.83 9.94
N TRP E 350 52.28 24.82 11.12
CA TRP E 350 51.28 25.81 11.46
C TRP E 350 51.90 27.10 11.99
N TYR E 351 52.90 26.98 12.86
CA TYR E 351 53.59 28.12 13.45
C TYR E 351 54.99 28.25 12.85
N GLY E 352 55.40 29.48 12.59
CA GLY E 352 56.73 29.69 12.06
C GLY E 352 57.07 31.16 11.96
N TYR E 353 58.22 31.42 11.36
CA TYR E 353 58.73 32.77 11.17
C TYR E 353 59.07 32.98 9.71
N HIS E 354 59.22 34.26 9.34
CA HIS E 354 59.66 34.68 8.01
C HIS E 354 60.65 35.81 8.15
N HIS E 355 61.72 35.75 7.37
CA HIS E 355 62.77 36.75 7.38
C HIS E 355 63.00 37.28 5.98
N SER E 356 63.44 38.52 5.92
CA SER E 356 63.83 39.16 4.66
C SER E 356 65.20 39.79 4.87
N ASN E 357 66.22 38.94 4.95
CA ASN E 357 67.56 39.38 5.29
C ASN E 357 68.36 39.72 4.02
N GLU E 358 69.60 40.16 4.22
CA GLU E 358 70.47 40.51 3.09
C GLU E 358 70.91 39.27 2.31
N GLN E 359 71.26 38.20 3.02
CA GLN E 359 71.75 36.99 2.35
C GLN E 359 70.64 36.20 1.68
N GLY E 360 69.43 36.25 2.21
CA GLY E 360 68.33 35.52 1.61
C GLY E 360 67.05 35.75 2.37
N SER E 361 65.96 35.29 1.78
CA SER E 361 64.64 35.42 2.37
C SER E 361 63.93 34.07 2.22
N GLY E 362 63.24 33.64 3.28
CA GLY E 362 62.53 32.38 3.24
C GLY E 362 61.62 32.21 4.44
N TYR E 363 60.83 31.13 4.38
CA TYR E 363 59.88 30.73 5.42
C TYR E 363 60.44 29.57 6.25
N ALA E 364 60.10 29.55 7.53
CA ALA E 364 60.50 28.46 8.41
C ALA E 364 59.35 28.12 9.34
N ALA E 365 59.37 26.90 9.85
CA ALA E 365 58.35 26.40 10.77
C ALA E 365 59.01 25.94 12.07
N ASP E 366 58.19 25.73 13.10
CA ASP E 366 58.67 25.43 14.46
C ASP E 366 58.07 24.12 14.94
N LYS E 367 58.89 23.07 14.99
CA LYS E 367 58.49 21.83 15.66
C LYS E 367 58.47 22.06 17.17
N GLU E 368 57.86 21.12 17.89
CA GLU E 368 57.60 21.17 19.32
C GLU E 368 56.62 22.31 19.67
N SER E 369 56.20 23.08 18.70
CA SER E 369 55.19 24.13 18.80
C SER E 369 53.98 23.82 17.93
N THR E 370 54.22 23.48 16.67
CA THR E 370 53.15 22.96 15.83
C THR E 370 52.65 21.64 16.35
N GLN E 371 53.59 20.72 16.67
CA GLN E 371 53.18 19.40 17.13
C GLN E 371 52.37 19.50 18.41
N LYS E 372 52.78 20.36 19.33
CA LYS E 372 52.00 20.53 20.57
C LYS E 372 50.58 21.02 20.28
N ALA E 373 50.36 21.72 19.17
CA ALA E 373 49.02 22.14 18.81
C ALA E 373 48.23 21.06 18.08
N ILE E 374 48.85 20.34 17.14
CA ILE E 374 48.14 19.26 16.47
C ILE E 374 47.90 18.08 17.40
N ASP E 375 48.79 17.85 18.38
CA ASP E 375 48.52 16.76 19.33
C ASP E 375 47.38 17.14 20.26
N GLY E 376 47.30 18.43 20.60
CA GLY E 376 46.25 18.88 21.50
C GLY E 376 44.90 18.96 20.82
N VAL E 377 44.88 19.52 19.60
CA VAL E 377 43.63 19.60 18.84
C VAL E 377 43.11 18.21 18.50
N THR E 378 43.99 17.32 18.03
CA THR E 378 43.61 15.92 17.83
C THR E 378 43.05 15.31 19.12
N ASN E 379 43.66 15.63 20.25
CA ASN E 379 43.13 15.11 21.51
C ASN E 379 41.74 15.66 21.81
N LYS E 380 41.45 16.90 21.39
CA LYS E 380 40.09 17.42 21.52
C LYS E 380 39.13 16.56 20.72
N VAL E 381 39.43 16.38 19.44
CA VAL E 381 38.53 15.64 18.56
C VAL E 381 38.33 14.22 19.08
N ASN E 382 39.41 13.54 19.46
CA ASN E 382 39.27 12.15 19.86
C ASN E 382 38.56 12.02 21.20
N SER E 383 38.76 12.97 22.13
CA SER E 383 38.04 12.96 23.41
C SER E 383 36.52 13.05 23.20
N ILE E 384 36.06 13.96 22.33
CA ILE E 384 34.63 14.15 22.09
C ILE E 384 34.04 12.92 21.41
N ILE E 385 34.84 12.19 20.66
CA ILE E 385 34.36 10.98 20.00
C ILE E 385 34.42 9.81 20.97
N ASP E 386 35.54 9.68 21.69
CA ASP E 386 35.82 8.47 22.47
C ASP E 386 34.99 8.41 23.74
N LYS E 387 34.66 9.55 24.33
CA LYS E 387 33.90 9.57 25.57
C LYS E 387 32.43 9.22 25.37
N MET E 388 32.00 8.80 24.18
CA MET E 388 30.59 8.44 23.97
C MET E 388 30.36 6.99 24.44
N ASN E 389 29.34 6.81 25.31
CA ASN E 389 28.89 5.49 25.73
C ASN E 389 27.86 4.98 24.74
N THR E 390 28.13 3.85 24.13
CA THR E 390 27.24 3.31 23.11
C THR E 390 26.69 1.99 23.63
N GLN E 391 25.41 1.97 23.96
CA GLN E 391 24.71 0.76 24.38
C GLN E 391 23.82 0.22 23.26
N PHE E 392 23.73 -1.10 23.19
CA PHE E 392 22.82 -1.74 22.27
C PHE E 392 21.39 -1.35 22.61
N GLU E 393 20.72 -0.71 21.65
CA GLU E 393 19.32 -0.34 21.82
C GLU E 393 18.58 -0.68 20.53
N ALA E 394 17.40 -1.27 20.67
CA ALA E 394 16.51 -1.62 19.56
C ALA E 394 15.29 -0.71 19.67
N VAL E 395 15.17 0.21 18.71
CA VAL E 395 14.11 1.20 18.68
C VAL E 395 13.05 0.75 17.69
N GLY E 396 11.81 0.67 18.15
CA GLY E 396 10.72 0.29 17.28
C GLY E 396 9.39 0.69 17.88
N ARG E 397 8.36 0.53 17.07
CA ARG E 397 6.98 0.85 17.42
C ARG E 397 6.23 -0.47 17.53
N GLU E 398 6.03 -0.94 18.76
CA GLU E 398 5.37 -2.23 18.92
C GLU E 398 4.02 -2.12 19.59
N PHE E 399 3.46 -0.92 19.67
CA PHE E 399 2.18 -0.69 20.35
C PHE E 399 1.01 -0.62 19.36
N ASN E 400 -0.10 -1.28 19.70
CA ASN E 400 -1.26 -1.38 18.82
C ASN E 400 -2.17 -0.14 18.94
N ASN E 401 -3.37 -0.23 18.33
CA ASN E 401 -4.25 0.94 18.20
C ASN E 401 -4.92 1.34 19.52
N LEU E 402 -5.11 0.39 20.43
CA LEU E 402 -5.59 0.69 21.76
C LEU E 402 -4.46 0.92 22.74
N GLU E 403 -3.24 1.13 22.22
CA GLU E 403 -2.07 1.38 23.06
C GLU E 403 -1.45 2.73 22.75
N ARG E 404 -2.26 3.66 22.22
CA ARG E 404 -1.73 4.93 21.74
C ARG E 404 -1.15 5.78 22.86
N ARG E 405 -1.59 5.56 24.11
CA ARG E 405 -1.04 6.31 25.23
C ARG E 405 0.41 5.97 25.48
N ILE E 406 0.73 4.67 25.56
CA ILE E 406 2.11 4.21 25.72
C ILE E 406 2.98 4.66 24.56
N GLU E 407 2.47 4.57 23.33
CA GLU E 407 3.20 5.03 22.15
C GLU E 407 3.57 6.50 22.27
N ASN E 408 2.66 7.32 22.80
CA ASN E 408 2.97 8.73 23.05
C ASN E 408 4.10 8.87 24.04
N LEU E 409 4.05 8.09 25.13
CA LEU E 409 5.17 8.04 26.04
C LEU E 409 6.46 7.68 25.29
N ASN E 410 6.44 6.60 24.49
CA ASN E 410 7.64 6.26 23.73
C ASN E 410 8.11 7.46 22.90
N LYS E 411 7.15 8.23 22.36
CA LYS E 411 7.47 9.41 21.56
C LYS E 411 8.11 10.50 22.40
N LYS E 412 7.47 10.85 23.53
CA LYS E 412 7.99 11.93 24.36
C LYS E 412 9.46 11.73 24.65
N MET E 413 9.86 10.51 25.10
CA MET E 413 11.26 10.33 25.47
C MET E 413 12.18 10.34 24.25
N GLU E 414 11.78 9.66 23.17
CA GLU E 414 12.60 9.71 21.97
C GLU E 414 12.76 11.15 21.50
N ASP E 415 11.70 11.95 21.57
CA ASP E 415 11.82 13.36 21.21
C ASP E 415 12.64 14.11 22.26
N GLY E 416 12.36 13.88 23.54
CA GLY E 416 13.16 14.48 24.59
C GLY E 416 14.65 14.23 24.42
N PHE E 417 15.05 12.96 24.27
CA PHE E 417 16.48 12.65 24.14
C PHE E 417 17.06 13.22 22.85
N LEU E 418 16.22 13.39 21.81
CA LEU E 418 16.72 13.98 20.59
C LEU E 418 17.05 15.45 20.84
N ASP E 419 16.18 16.17 21.55
CA ASP E 419 16.46 17.58 21.82
C ASP E 419 17.65 17.75 22.76
N VAL E 420 17.82 16.83 23.70
CA VAL E 420 18.97 16.92 24.59
C VAL E 420 20.26 16.77 23.80
N TRP E 421 20.38 15.70 23.02
CA TRP E 421 21.60 15.45 22.28
C TRP E 421 21.85 16.55 21.24
N THR E 422 20.82 16.97 20.51
CA THR E 422 21.00 18.07 19.56
C THR E 422 21.53 19.32 20.23
N TYR E 423 20.85 19.79 21.29
CA TYR E 423 21.29 21.02 21.94
C TYR E 423 22.72 20.90 22.47
N ASN E 424 23.03 19.77 23.12
CA ASN E 424 24.35 19.59 23.72
C ASN E 424 25.43 19.56 22.65
N ALA E 425 25.27 18.72 21.63
CA ALA E 425 26.23 18.68 20.53
C ALA E 425 26.42 20.05 19.90
N GLU E 426 25.31 20.69 19.49
CA GLU E 426 25.41 21.98 18.82
C GLU E 426 26.14 23.00 19.68
N LEU E 427 25.74 23.15 20.94
CA LEU E 427 26.42 24.07 21.82
C LEU E 427 27.88 23.67 22.08
N LEU E 428 28.16 22.36 22.19
CA LEU E 428 29.51 21.89 22.45
C LEU E 428 30.47 22.21 21.30
N VAL E 429 30.00 22.16 20.05
CA VAL E 429 30.90 22.56 18.98
C VAL E 429 31.05 24.07 18.94
N LEU E 430 29.99 24.81 19.25
CA LEU E 430 30.14 26.26 19.26
C LEU E 430 31.14 26.68 20.32
N MET E 431 31.04 26.08 21.51
CA MET E 431 31.87 26.49 22.64
C MET E 431 33.31 26.04 22.44
N GLU E 432 33.49 24.78 22.06
CA GLU E 432 34.82 24.22 21.95
C GLU E 432 35.53 24.71 20.69
N ASN E 433 34.80 25.32 19.76
CA ASN E 433 35.51 25.94 18.66
C ASN E 433 36.14 27.25 19.11
N GLU E 434 35.46 27.99 19.99
CA GLU E 434 36.08 29.22 20.48
C GLU E 434 37.36 28.88 21.24
N ARG E 435 37.32 27.85 22.08
CA ARG E 435 38.52 27.46 22.84
C ARG E 435 39.63 26.99 21.92
N THR E 436 39.28 26.47 20.73
CA THR E 436 40.30 26.00 19.80
C THR E 436 40.96 27.17 19.08
N LEU E 437 40.19 28.19 18.70
CA LEU E 437 40.78 29.34 18.02
C LEU E 437 41.56 30.23 18.99
N ASP E 438 41.05 30.40 20.22
CA ASP E 438 41.80 31.15 21.22
C ASP E 438 43.08 30.43 21.60
N PHE E 439 43.05 29.09 21.59
CA PHE E 439 44.26 28.32 21.85
C PHE E 439 45.32 28.56 20.79
N HIS E 440 44.89 28.78 19.55
CA HIS E 440 45.83 29.10 18.49
C HIS E 440 46.33 30.54 18.61
N ASP E 441 45.42 31.50 18.90
CA ASP E 441 45.85 32.88 19.03
C ASP E 441 46.82 33.03 20.20
N SER E 442 46.56 32.32 21.30
CA SER E 442 47.43 32.45 22.47
C SER E 442 48.81 31.86 22.21
N ASN E 443 48.89 30.85 21.35
CA ASN E 443 50.16 30.19 21.06
C ASN E 443 51.06 31.07 20.20
N VAL E 444 50.49 31.76 19.21
CA VAL E 444 51.28 32.63 18.34
C VAL E 444 51.80 33.82 19.13
N LYS E 445 50.93 34.45 19.92
CA LYS E 445 51.32 35.60 20.72
C LYS E 445 52.39 35.27 21.73
N ASN E 446 52.47 34.00 22.17
CA ASN E 446 53.55 33.61 23.07
C ASN E 446 54.90 33.63 22.34
N LEU E 447 54.92 33.25 21.07
CA LEU E 447 56.16 33.32 20.31
C LEU E 447 56.56 34.77 20.05
N TYR E 448 55.58 35.62 19.79
CA TYR E 448 55.84 37.06 19.68
C TYR E 448 56.47 37.61 20.97
N ASP E 449 56.07 37.08 22.14
CA ASP E 449 56.70 37.47 23.40
C ASP E 449 58.08 36.84 23.56
N LYS E 450 58.27 35.63 23.03
CA LYS E 450 59.56 34.95 23.16
C LYS E 450 60.68 35.76 22.53
N VAL E 451 60.46 36.18 21.27
CA VAL E 451 61.47 36.99 20.59
C VAL E 451 61.58 38.36 21.24
N ARG E 452 60.47 38.95 21.67
CA ARG E 452 60.55 40.18 22.46
C ARG E 452 61.37 39.94 23.71
N LEU E 453 61.16 38.79 24.36
CA LEU E 453 61.95 38.43 25.53
C LEU E 453 63.40 38.12 25.14
N GLN E 454 63.58 37.40 24.04
CA GLN E 454 64.93 37.08 23.57
C GLN E 454 65.66 38.35 23.11
N LEU E 455 65.10 39.07 22.12
CA LEU E 455 65.70 40.28 21.56
C LEU E 455 64.93 41.49 22.09
N ARG E 456 65.53 42.25 22.99
CA ARG E 456 64.81 43.33 23.65
C ARG E 456 65.20 44.71 23.13
N ASP E 457 66.49 45.08 23.23
CA ASP E 457 66.94 46.40 22.82
C ASP E 457 67.41 46.40 21.36
N ASN E 458 67.84 45.26 20.84
CA ASN E 458 68.37 45.23 19.48
C ASN E 458 67.31 45.55 18.44
N ALA E 459 66.05 45.19 18.70
CA ALA E 459 64.98 45.35 17.72
C ALA E 459 63.92 46.32 18.25
N LYS E 460 62.95 46.60 17.38
CA LYS E 460 61.87 47.53 17.66
C LYS E 460 60.55 46.92 17.18
N GLU E 461 59.47 47.15 17.93
CA GLU E 461 58.15 46.71 17.53
C GLU E 461 57.56 47.72 16.54
N LEU E 462 57.05 47.20 15.41
CA LEU E 462 56.49 48.03 14.35
C LEU E 462 54.97 48.19 14.45
N GLY E 463 54.37 47.74 15.56
CA GLY E 463 52.94 47.73 15.70
C GLY E 463 52.27 46.51 15.11
N ASN E 464 52.95 45.80 14.21
CA ASN E 464 52.48 44.54 13.66
C ASN E 464 53.34 43.41 14.22
N GLY E 465 53.10 42.18 13.71
CA GLY E 465 53.81 41.02 14.21
C GLY E 465 55.27 40.92 13.84
N CYS E 466 55.80 41.86 13.06
CA CYS E 466 57.17 41.80 12.60
C CYS E 466 58.06 42.72 13.43
N PHE E 467 59.34 42.36 13.49
CA PHE E 467 60.37 43.15 14.17
C PHE E 467 61.45 43.55 13.18
N GLU E 468 61.90 44.80 13.26
CA GLU E 468 63.04 45.29 12.48
C GLU E 468 64.20 45.48 13.45
N PHE E 469 65.15 44.55 13.42
CA PHE E 469 66.35 44.63 14.23
C PHE E 469 67.44 45.34 13.44
N TYR E 470 68.06 46.35 14.08
CA TYR E 470 69.06 47.18 13.41
C TYR E 470 70.33 46.40 13.09
N HIS E 471 70.59 45.32 13.84
CA HIS E 471 71.79 44.51 13.64
C HIS E 471 71.70 43.71 12.35
N LYS E 472 72.86 43.44 11.75
CA LYS E 472 72.95 42.63 10.53
C LYS E 472 73.14 41.17 10.93
N CYS E 473 72.06 40.39 10.82
CA CYS E 473 72.07 38.99 11.22
C CYS E 473 72.35 38.10 10.01
N ASP E 474 73.26 37.14 10.19
CA ASP E 474 73.51 36.09 9.21
C ASP E 474 72.43 35.02 9.30
N ASN E 475 72.44 34.09 8.33
CA ASN E 475 71.52 32.97 8.39
C ASN E 475 71.86 32.02 9.54
N GLU E 476 73.06 32.14 10.12
CA GLU E 476 73.44 31.30 11.26
C GLU E 476 72.74 31.76 12.53
N CYS E 477 72.59 33.08 12.72
CA CYS E 477 71.86 33.61 13.87
C CYS E 477 70.35 33.62 13.64
N MET E 478 69.91 33.62 12.38
CA MET E 478 68.50 33.41 12.10
C MET E 478 68.07 32.01 12.55
N GLU E 479 68.85 30.99 12.17
CA GLU E 479 68.63 29.65 12.70
C GLU E 479 68.95 29.57 14.20
N SER E 480 69.71 30.52 14.72
CA SER E 480 69.98 30.58 16.14
C SER E 480 68.87 31.28 16.92
N VAL E 481 68.04 32.10 16.25
CA VAL E 481 66.80 32.55 16.89
C VAL E 481 65.96 31.34 17.24
N ARG E 482 65.91 30.36 16.34
CA ARG E 482 65.50 29.01 16.70
C ARG E 482 66.53 28.41 17.65
N ASN E 483 66.05 27.66 18.63
CA ASN E 483 66.78 27.22 19.81
C ASN E 483 67.07 28.39 20.76
N GLY E 484 66.66 29.61 20.40
CA GLY E 484 66.70 30.74 21.31
C GLY E 484 68.09 31.19 21.69
N THR E 485 69.07 30.95 20.83
CA THR E 485 70.47 31.30 21.10
C THR E 485 70.77 32.65 20.46
N TYR E 486 71.00 33.65 21.31
CA TYR E 486 71.39 34.98 20.87
C TYR E 486 72.13 35.65 22.02
N ASP E 487 73.07 36.55 21.69
CA ASP E 487 73.83 37.30 22.67
C ASP E 487 73.75 38.78 22.32
N TYR E 488 73.00 39.55 23.13
CA TYR E 488 72.84 40.97 22.83
C TYR E 488 74.16 41.74 22.91
N PRO E 489 75.02 41.56 23.92
CA PRO E 489 76.31 42.27 23.90
C PRO E 489 77.18 41.91 22.70
N GLN E 490 77.10 40.68 22.20
CA GLN E 490 77.85 40.28 21.01
C GLN E 490 77.38 41.00 19.75
N TYR E 491 76.14 41.49 19.74
CA TYR E 491 75.56 42.12 18.57
C TYR E 491 74.89 43.45 18.93
N SER E 492 75.51 44.21 19.84
CA SER E 492 75.08 45.57 20.15
C SER E 492 75.53 46.59 19.12
N GLU E 493 75.99 46.10 17.98
CA GLU E 493 76.50 46.97 16.94
C GLU E 493 75.36 47.71 16.24
N GLU E 494 75.69 48.89 15.70
CA GLU E 494 74.80 49.69 14.86
C GLU E 494 73.60 50.24 15.63
N ALA E 495 73.37 49.77 16.86
CA ALA E 495 72.34 50.39 17.67
C ALA E 495 72.76 51.79 18.11
N ARG E 496 74.06 52.01 18.30
CA ARG E 496 74.56 53.35 18.60
C ARG E 496 74.41 54.27 17.39
N LEU E 497 74.69 53.75 16.18
CA LEU E 497 74.57 54.57 14.98
C LEU E 497 73.10 54.87 14.64
N LYS E 498 72.18 53.97 14.99
CA LYS E 498 70.76 54.15 14.68
C LYS E 498 70.05 55.14 15.60
N ARG E 499 70.73 55.60 16.63
CA ARG E 499 70.21 56.68 17.46
C ARG E 499 70.14 57.97 16.65
N GLU E 500 68.98 58.63 16.71
CA GLU E 500 68.77 59.86 15.96
C GLU E 500 68.58 61.05 16.90
N ASP F 1 50.73 63.08 31.11
CA ASP F 1 49.95 63.16 29.89
C ASP F 1 49.33 61.81 29.66
N GLN F 2 48.22 61.57 30.36
CA GLN F 2 47.66 60.24 30.48
C GLN F 2 46.66 59.93 29.37
N ILE F 3 46.87 58.80 28.71
CA ILE F 3 45.82 58.20 27.90
C ILE F 3 45.31 57.01 28.69
N CYS F 4 44.28 57.23 29.50
CA CYS F 4 43.80 56.19 30.40
C CYS F 4 42.86 55.23 29.67
N ILE F 5 43.04 53.93 29.89
CA ILE F 5 42.22 52.89 29.27
C ILE F 5 41.33 52.30 30.36
N GLY F 6 40.01 52.39 30.14
CA GLY F 6 39.04 51.91 31.10
C GLY F 6 37.81 51.37 30.40
N TYR F 7 36.91 50.79 31.18
CA TYR F 7 35.69 50.20 30.68
C TYR F 7 34.48 50.94 31.24
N HIS F 8 33.33 50.70 30.64
CA HIS F 8 32.12 51.44 30.99
C HIS F 8 31.50 50.92 32.28
N ALA F 9 31.03 51.84 33.13
CA ALA F 9 30.23 51.51 34.30
C ALA F 9 28.92 52.27 34.20
N ASN F 10 27.87 51.72 34.80
CA ASN F 10 26.53 52.26 34.60
C ASN F 10 25.76 52.21 35.91
N ASN F 11 24.44 52.47 35.84
CA ASN F 11 23.54 52.44 36.99
C ASN F 11 22.93 51.06 37.22
N SER F 12 23.36 50.03 36.49
CA SER F 12 22.77 48.70 36.63
C SER F 12 23.08 48.08 37.98
N THR F 13 22.06 47.46 38.58
CA THR F 13 22.23 46.70 39.81
C THR F 13 22.26 45.21 39.57
N GLU F 14 21.94 44.77 38.36
CA GLU F 14 21.87 43.34 38.03
C GLU F 14 23.23 42.69 38.20
N GLN F 15 23.25 41.50 38.75
CA GLN F 15 24.49 40.78 38.95
C GLN F 15 24.33 39.35 38.44
N VAL F 16 25.47 38.71 38.20
CA VAL F 16 25.50 37.36 37.67
C VAL F 16 26.44 36.51 38.53
N ASP F 17 26.22 35.20 38.46
CA ASP F 17 27.08 34.22 39.10
C ASP F 17 27.82 33.45 38.01
N THR F 18 29.14 33.41 38.11
CA THR F 18 29.98 32.68 37.17
C THR F 18 30.35 31.34 37.80
N ILE F 19 31.22 30.59 37.12
CA ILE F 19 31.61 29.30 37.65
C ILE F 19 32.52 29.43 38.88
N MET F 20 33.35 30.48 38.93
CA MET F 20 34.30 30.68 40.03
C MET F 20 33.92 31.82 40.96
N GLU F 21 33.03 32.72 40.56
CA GLU F 21 32.63 33.87 41.36
C GLU F 21 31.10 33.92 41.44
N LYS F 22 30.59 34.51 42.52
CA LYS F 22 29.14 34.61 42.75
C LYS F 22 28.75 36.05 43.03
N ASN F 23 27.56 36.45 42.53
CA ASN F 23 27.01 37.80 42.69
C ASN F 23 27.98 38.87 42.18
N VAL F 24 28.29 38.78 40.89
CA VAL F 24 29.20 39.68 40.20
C VAL F 24 28.35 40.70 39.43
N THR F 25 28.36 41.95 39.87
CA THR F 25 27.58 42.98 39.19
C THR F 25 28.13 43.28 37.80
N VAL F 26 27.23 43.45 36.83
CA VAL F 26 27.57 43.67 35.43
C VAL F 26 26.73 44.81 34.86
N THR F 27 27.24 45.43 33.79
CA THR F 27 26.55 46.57 33.19
C THR F 27 25.26 46.16 32.50
N HIS F 28 25.29 45.05 31.75
CA HIS F 28 24.11 44.56 31.05
C HIS F 28 24.05 43.05 31.15
N ALA F 29 22.83 42.52 31.11
CA ALA F 29 22.64 41.08 31.17
C ALA F 29 21.27 40.76 30.55
N GLN F 30 21.06 39.48 30.26
CA GLN F 30 19.78 39.01 29.76
C GLN F 30 19.43 37.68 30.41
N ASP F 31 18.13 37.47 30.67
CA ASP F 31 17.62 36.27 31.33
C ASP F 31 17.01 35.35 30.27
N ILE F 32 17.56 34.14 30.13
CA ILE F 32 17.10 33.20 29.11
C ILE F 32 16.02 32.27 29.68
N LEU F 33 15.47 32.61 30.84
CA LEU F 33 14.34 31.89 31.42
C LEU F 33 13.08 32.75 31.26
N GLU F 34 11.99 32.13 30.80
CA GLU F 34 10.73 32.85 30.62
C GLU F 34 9.83 32.57 31.80
N LYS F 35 9.41 33.63 32.50
CA LYS F 35 8.55 33.52 33.67
C LYS F 35 7.19 34.16 33.47
N THR F 36 6.95 34.74 32.30
CA THR F 36 5.69 35.44 32.02
C THR F 36 4.74 34.52 31.25
N HIS F 37 3.49 34.48 31.69
CA HIS F 37 2.41 33.79 31.01
C HIS F 37 1.19 34.70 31.02
N ASN F 38 0.49 34.76 29.89
CA ASN F 38 -0.61 35.70 29.73
C ASN F 38 -1.80 35.37 30.63
N GLY F 39 -1.77 34.23 31.32
CA GLY F 39 -2.80 33.89 32.29
C GLY F 39 -4.16 33.60 31.69
N LYS F 40 -4.19 33.21 30.42
CA LYS F 40 -5.44 32.98 29.69
C LYS F 40 -5.26 31.77 28.78
N LEU F 41 -6.32 30.98 28.63
CA LEU F 41 -6.29 29.88 27.67
C LEU F 41 -6.38 30.46 26.27
N CYS F 42 -5.50 30.02 25.40
CA CYS F 42 -5.44 30.58 24.06
C CYS F 42 -5.66 29.48 23.02
N ASP F 43 -5.76 29.89 21.76
CA ASP F 43 -5.75 28.94 20.66
C ASP F 43 -4.35 28.40 20.48
N LEU F 44 -4.27 27.19 19.96
CA LEU F 44 -3.01 26.54 19.64
C LEU F 44 -2.88 26.51 18.12
N ASN F 45 -2.05 27.41 17.60
CA ASN F 45 -1.76 27.50 16.17
C ASN F 45 -3.05 27.66 15.37
N GLY F 46 -3.93 28.51 15.88
CA GLY F 46 -5.12 28.94 15.16
C GLY F 46 -6.37 28.11 15.38
N VAL F 47 -6.29 27.04 16.17
CA VAL F 47 -7.45 26.20 16.47
C VAL F 47 -7.84 26.38 17.93
N LYS F 48 -9.11 26.73 18.15
CA LYS F 48 -9.59 26.96 19.49
C LYS F 48 -9.89 25.63 20.18
N PRO F 49 -9.56 25.51 21.47
CA PRO F 49 -9.80 24.27 22.20
C PRO F 49 -11.27 23.97 22.43
N LEU F 50 -11.54 22.70 22.73
CA LEU F 50 -12.89 22.27 23.10
C LEU F 50 -12.97 22.40 24.62
N ILE F 51 -13.51 23.52 25.09
CA ILE F 51 -13.51 23.85 26.51
C ILE F 51 -14.80 23.28 27.10
N LEU F 52 -14.76 22.00 27.44
CA LEU F 52 -15.84 21.38 28.20
C LEU F 52 -15.88 21.94 29.63
N LYS F 53 -16.93 22.68 29.96
CA LYS F 53 -17.04 23.34 31.26
C LYS F 53 -17.82 22.43 32.22
N ASP F 54 -17.12 21.89 33.21
CA ASP F 54 -17.71 20.97 34.21
C ASP F 54 -18.39 19.78 33.55
N CYS F 55 -17.87 19.39 32.39
CA CYS F 55 -18.41 18.29 31.60
C CYS F 55 -17.31 17.26 31.36
N SER F 56 -17.58 16.03 31.74
CA SER F 56 -16.63 14.97 31.44
C SER F 56 -16.66 14.64 29.96
N VAL F 57 -15.50 14.21 29.43
CA VAL F 57 -15.43 13.82 28.04
C VAL F 57 -16.51 12.80 27.74
N ALA F 58 -16.76 11.87 28.68
CA ALA F 58 -17.80 10.88 28.45
C ALA F 58 -19.18 11.50 28.51
N GLY F 59 -19.36 12.54 29.34
CA GLY F 59 -20.65 13.21 29.42
C GLY F 59 -21.02 13.93 28.13
N TRP F 60 -20.10 14.76 27.61
CA TRP F 60 -20.37 15.49 26.38
C TRP F 60 -20.53 14.50 25.22
N LEU F 61 -19.79 13.39 25.26
CA LEU F 61 -19.90 12.40 24.19
C LEU F 61 -21.23 11.66 24.28
N LEU F 62 -21.52 11.09 25.44
CA LEU F 62 -22.74 10.31 25.58
C LEU F 62 -23.97 11.17 25.69
N GLY F 63 -23.81 12.49 25.84
CA GLY F 63 -24.95 13.36 25.97
C GLY F 63 -25.65 13.30 27.32
N ASN F 64 -24.93 13.62 28.39
CA ASN F 64 -25.56 13.83 29.70
C ASN F 64 -26.61 14.93 29.63
N PRO F 65 -27.70 14.80 30.38
CA PRO F 65 -28.73 15.84 30.34
C PRO F 65 -28.22 17.24 30.66
N MET F 66 -27.35 17.39 31.65
CA MET F 66 -26.86 18.70 32.04
C MET F 66 -25.62 19.11 31.28
N CYS F 67 -25.09 18.26 30.42
CA CYS F 67 -23.87 18.54 29.69
C CYS F 67 -24.09 19.11 28.29
N ASP F 68 -25.28 18.95 27.70
CA ASP F 68 -25.50 19.36 26.30
C ASP F 68 -25.69 20.88 26.20
N GLU F 69 -24.66 21.60 26.66
CA GLU F 69 -24.64 23.06 26.48
C GLU F 69 -24.61 23.42 24.99
N PHE F 70 -23.97 22.59 24.17
CA PHE F 70 -23.94 22.75 22.73
C PHE F 70 -23.99 21.36 22.11
N ILE F 71 -24.03 21.33 20.78
CA ILE F 71 -23.96 20.06 20.06
C ILE F 71 -22.88 20.04 19.01
N ARG F 72 -22.41 21.21 18.55
CA ARG F 72 -21.52 21.30 17.40
C ARG F 72 -20.30 22.13 17.79
N VAL F 73 -19.13 21.48 17.71
CA VAL F 73 -17.84 22.15 17.76
C VAL F 73 -16.98 21.53 16.65
N PRO F 74 -16.58 22.30 15.64
CA PRO F 74 -15.94 21.71 14.45
C PRO F 74 -14.58 21.06 14.70
N GLU F 75 -13.63 21.82 15.25
CA GLU F 75 -12.26 21.37 15.46
C GLU F 75 -11.75 21.85 16.82
N TRP F 76 -10.89 21.06 17.43
CA TRP F 76 -10.23 21.44 18.65
C TRP F 76 -8.78 21.01 18.55
N SER F 77 -7.89 21.89 19.00
CA SER F 77 -6.49 21.50 19.17
C SER F 77 -6.28 20.71 20.46
N TYR F 78 -7.05 21.01 21.51
CA TYR F 78 -6.97 20.29 22.77
C TYR F 78 -8.28 20.43 23.51
N ILE F 79 -8.53 19.52 24.46
CA ILE F 79 -9.75 19.54 25.24
C ILE F 79 -9.42 20.05 26.64
N VAL F 80 -10.25 20.96 27.15
CA VAL F 80 -10.11 21.49 28.50
C VAL F 80 -11.18 20.84 29.38
N GLU F 81 -10.76 20.08 30.38
CA GLU F 81 -11.70 19.38 31.26
C GLU F 81 -11.44 19.90 32.67
N ARG F 82 -12.52 20.13 33.42
CA ARG F 82 -12.30 20.63 34.77
C ARG F 82 -11.55 19.59 35.60
N ALA F 83 -10.90 20.07 36.67
CA ALA F 83 -10.11 19.21 37.54
C ALA F 83 -10.89 17.95 37.90
N ASN F 84 -11.98 18.12 38.64
CA ASN F 84 -12.95 17.05 38.88
C ASN F 84 -14.24 17.31 38.11
N PRO F 85 -14.53 16.59 37.01
CA PRO F 85 -15.71 16.91 36.21
C PRO F 85 -16.99 16.70 37.02
N ALA F 86 -17.91 17.64 36.92
CA ALA F 86 -19.05 17.69 37.83
C ALA F 86 -20.11 16.67 37.46
N ASN F 87 -20.34 16.46 36.16
CA ASN F 87 -21.44 15.62 35.71
C ASN F 87 -21.01 14.20 35.37
N ASP F 88 -20.36 14.01 34.23
CA ASP F 88 -19.90 12.67 33.83
C ASP F 88 -21.10 11.75 33.69
N LEU F 89 -21.11 10.56 34.29
CA LEU F 89 -22.17 9.57 34.12
C LEU F 89 -23.23 9.77 35.19
N CYS F 90 -24.41 10.26 34.79
CA CYS F 90 -25.49 10.40 35.75
C CYS F 90 -25.88 9.03 36.30
N TYR F 91 -26.10 8.08 35.40
CA TYR F 91 -26.32 6.71 35.81
C TYR F 91 -24.96 6.04 36.05
N PRO F 92 -24.82 5.22 37.11
CA PRO F 92 -23.57 4.51 37.36
C PRO F 92 -23.17 3.65 36.17
N GLY F 93 -21.87 3.49 35.99
CA GLY F 93 -21.38 2.67 34.90
C GLY F 93 -19.98 3.11 34.50
N SER F 94 -19.61 2.72 33.28
CA SER F 94 -18.24 2.88 32.81
C SER F 94 -18.23 3.06 31.30
N LEU F 95 -17.08 3.46 30.78
CA LEU F 95 -16.86 3.59 29.35
C LEU F 95 -15.55 2.86 29.06
N ASN F 96 -15.64 1.69 28.40
CA ASN F 96 -14.42 0.90 28.19
C ASN F 96 -13.38 1.68 27.41
N ASP F 97 -12.10 1.49 27.78
CA ASP F 97 -10.98 2.18 27.15
C ASP F 97 -11.21 3.69 27.13
N TYR F 98 -11.65 4.22 28.26
CA TYR F 98 -12.01 5.63 28.30
C TYR F 98 -10.78 6.50 28.03
N GLU F 99 -9.68 6.18 28.68
CA GLU F 99 -8.51 7.04 28.55
C GLU F 99 -7.95 6.99 27.14
N GLU F 100 -8.02 5.83 26.46
CA GLU F 100 -7.61 5.75 25.07
C GLU F 100 -8.51 6.59 24.15
N LEU F 101 -9.82 6.60 24.43
CA LEU F 101 -10.75 7.44 23.68
C LEU F 101 -10.44 8.91 23.89
N LYS F 102 -10.17 9.31 25.14
CA LYS F 102 -9.76 10.70 25.35
C LYS F 102 -8.55 11.05 24.51
N HIS F 103 -7.57 10.14 24.42
CA HIS F 103 -6.44 10.43 23.54
C HIS F 103 -6.89 10.56 22.09
N LEU F 104 -7.84 9.73 21.64
CA LEU F 104 -8.30 9.87 20.26
C LEU F 104 -8.95 11.23 20.07
N LEU F 105 -9.91 11.57 20.93
CA LEU F 105 -10.67 12.84 20.84
C LEU F 105 -9.89 13.99 21.32
N SER F 106 -8.62 13.77 21.59
CA SER F 106 -7.78 14.86 22.06
C SER F 106 -7.63 15.95 21.00
N ARG F 107 -7.58 15.57 19.73
CA ARG F 107 -7.54 16.52 18.61
C ARG F 107 -8.28 15.90 17.43
N ILE F 108 -9.35 16.55 17.00
CA ILE F 108 -10.14 16.04 15.89
C ILE F 108 -10.23 17.16 14.88
N ASN F 109 -9.89 16.84 13.62
CA ASN F 109 -9.96 17.85 12.56
C ASN F 109 -11.40 18.12 12.17
N HIS F 110 -12.23 17.08 12.11
CA HIS F 110 -13.65 17.28 11.86
C HIS F 110 -14.46 16.36 12.75
N PHE F 111 -15.38 16.96 13.50
CA PHE F 111 -16.27 16.21 14.40
C PHE F 111 -17.68 16.69 14.10
N GLU F 112 -18.58 15.75 13.82
CA GLU F 112 -19.96 16.10 13.55
C GLU F 112 -20.87 14.99 14.03
N LYS F 113 -21.98 15.35 14.66
CA LYS F 113 -22.93 14.36 15.12
C LYS F 113 -23.92 14.05 14.01
N ILE F 114 -24.22 12.76 13.81
CA ILE F 114 -25.20 12.32 12.84
C ILE F 114 -26.07 11.23 13.48
N LEU F 115 -27.25 11.01 12.91
CA LEU F 115 -28.21 10.02 13.40
C LEU F 115 -28.17 8.78 12.52
N ILE F 116 -27.87 7.62 13.12
CA ILE F 116 -27.63 6.39 12.39
C ILE F 116 -28.77 5.38 12.57
N ILE F 117 -29.29 5.20 13.78
CA ILE F 117 -30.43 4.30 14.01
C ILE F 117 -31.67 5.05 14.46
N PRO F 118 -32.61 5.31 13.54
CA PRO F 118 -33.83 6.04 13.90
C PRO F 118 -34.57 5.36 15.04
N LYS F 119 -35.22 6.18 15.84
CA LYS F 119 -35.97 5.67 16.98
C LYS F 119 -37.10 4.77 16.51
N SER F 120 -37.64 5.05 15.34
CA SER F 120 -38.71 4.22 14.83
C SER F 120 -38.24 2.83 14.44
N SER F 121 -36.92 2.61 14.34
CA SER F 121 -36.44 1.35 13.80
C SER F 121 -36.74 0.16 14.70
N TRP F 122 -37.22 0.38 15.94
CA TRP F 122 -37.54 -0.71 16.83
C TRP F 122 -39.04 -0.85 16.95
N PRO F 123 -39.68 -1.79 16.23
CA PRO F 123 -41.15 -1.83 16.21
C PRO F 123 -41.71 -2.21 17.56
N ASN F 124 -41.17 -3.29 18.15
CA ASN F 124 -41.71 -3.85 19.38
C ASN F 124 -40.96 -3.37 20.62
N HIS F 125 -40.49 -2.12 20.61
CA HIS F 125 -39.75 -1.58 21.73
C HIS F 125 -40.19 -0.15 21.99
N GLU F 126 -39.83 0.36 23.17
CA GLU F 126 -40.21 1.70 23.59
C GLU F 126 -38.96 2.54 23.81
N THR F 127 -39.05 3.84 23.47
CA THR F 127 -37.92 4.76 23.55
C THR F 127 -38.05 5.68 24.77
N SER F 128 -38.97 6.65 24.71
CA SER F 128 -39.08 7.67 25.74
C SER F 128 -39.49 7.11 27.09
N LEU F 129 -40.10 5.93 27.13
CA LEU F 129 -40.55 5.30 28.36
C LEU F 129 -39.43 4.54 29.07
N GLY F 130 -38.23 4.47 28.47
CA GLY F 130 -37.21 3.55 28.95
C GLY F 130 -36.63 3.89 30.31
N VAL F 131 -36.49 5.18 30.62
CA VAL F 131 -35.83 5.60 31.86
C VAL F 131 -36.55 5.02 33.07
N SER F 132 -35.81 4.27 33.90
CA SER F 132 -36.36 3.72 35.14
C SER F 132 -36.40 4.75 36.25
N ALA F 133 -35.33 5.52 36.43
CA ALA F 133 -35.31 6.52 37.50
C ALA F 133 -34.20 7.53 37.25
N ALA F 134 -34.33 8.70 37.88
CA ALA F 134 -33.30 9.74 37.99
C ALA F 134 -32.64 10.16 36.68
N CYS F 135 -31.40 10.70 36.82
CA CYS F 135 -30.66 11.32 35.75
C CYS F 135 -31.51 12.35 34.99
N PRO F 136 -31.77 13.51 35.58
CA PRO F 136 -32.83 14.39 35.06
C PRO F 136 -32.34 15.47 34.12
N TYR F 137 -33.28 15.95 33.29
CA TYR F 137 -33.07 17.06 32.36
C TYR F 137 -33.88 18.28 32.76
N GLN F 138 -35.19 18.15 32.93
CA GLN F 138 -36.04 19.23 33.43
C GLN F 138 -36.45 19.00 34.88
N GLY F 139 -35.65 18.25 35.64
CA GLY F 139 -36.07 17.72 36.92
C GLY F 139 -36.96 16.50 36.82
N ALA F 140 -37.29 16.04 35.58
CA ALA F 140 -38.05 14.87 35.16
C ALA F 140 -37.10 13.72 34.82
N PRO F 141 -37.51 12.48 35.09
CA PRO F 141 -36.64 11.33 34.79
C PRO F 141 -36.22 11.33 33.33
N SER F 142 -34.91 11.20 33.10
CA SER F 142 -34.40 11.30 31.75
C SER F 142 -33.20 10.38 31.62
N PHE F 143 -32.54 10.44 30.46
CA PHE F 143 -31.46 9.53 30.09
C PHE F 143 -30.39 10.33 29.36
N PHE F 144 -29.44 9.62 28.75
CA PHE F 144 -28.46 10.27 27.90
C PHE F 144 -29.09 10.65 26.56
N ARG F 145 -28.50 11.68 25.94
CA ARG F 145 -29.09 12.24 24.74
C ARG F 145 -28.85 11.33 23.53
N ASN F 146 -27.60 10.95 23.31
CA ASN F 146 -27.22 10.31 22.07
C ASN F 146 -27.33 8.79 22.11
N VAL F 147 -28.15 8.24 23.01
CA VAL F 147 -28.32 6.81 23.12
C VAL F 147 -29.74 6.54 23.58
N VAL F 148 -30.22 5.33 23.34
CA VAL F 148 -31.60 4.94 23.59
C VAL F 148 -31.63 3.75 24.55
N TRP F 149 -32.29 3.93 25.69
CA TRP F 149 -32.56 2.81 26.59
C TRP F 149 -33.83 2.09 26.15
N LEU F 150 -33.70 0.81 25.83
CA LEU F 150 -34.82 0.04 25.30
C LEU F 150 -35.49 -0.76 26.40
N ILE F 151 -36.80 -0.58 26.53
CA ILE F 151 -37.58 -1.32 27.51
C ILE F 151 -38.62 -2.16 26.77
N LYS F 152 -39.06 -3.24 27.41
CA LYS F 152 -39.93 -4.21 26.78
C LYS F 152 -41.29 -3.60 26.41
N LYS F 153 -41.91 -4.16 25.37
CA LYS F 153 -43.27 -3.82 24.99
C LYS F 153 -44.19 -5.03 25.19
N ASN F 154 -45.39 -4.79 25.74
CA ASN F 154 -46.31 -5.83 26.19
C ASN F 154 -45.61 -6.66 27.25
N ASP F 155 -45.40 -7.96 27.08
CA ASP F 155 -44.67 -8.81 28.00
C ASP F 155 -43.64 -9.65 27.27
N ALA F 156 -42.94 -9.04 26.32
CA ALA F 156 -41.98 -9.79 25.53
C ALA F 156 -40.93 -8.83 25.00
N TYR F 157 -39.73 -9.34 24.83
CA TYR F 157 -38.62 -8.58 24.24
C TYR F 157 -38.14 -9.30 23.01
N PRO F 158 -38.36 -8.75 21.81
CA PRO F 158 -38.03 -9.48 20.59
C PRO F 158 -36.56 -9.35 20.29
N THR F 159 -35.96 -10.45 19.81
CA THR F 159 -34.54 -10.49 19.47
C THR F 159 -34.21 -9.44 18.40
N ILE F 160 -33.37 -8.48 18.76
CA ILE F 160 -33.06 -7.36 17.86
C ILE F 160 -31.97 -7.78 16.89
N LYS F 161 -32.15 -7.38 15.62
CA LYS F 161 -31.21 -7.62 14.55
C LYS F 161 -31.18 -6.36 13.70
N ILE F 162 -30.08 -5.62 13.77
CA ILE F 162 -29.96 -4.36 13.06
C ILE F 162 -28.52 -4.22 12.58
N SER F 163 -28.32 -3.38 11.56
CA SER F 163 -26.99 -3.08 11.03
C SER F 163 -27.01 -1.65 10.48
N TYR F 164 -25.89 -0.95 10.64
CA TYR F 164 -25.70 0.36 10.04
C TYR F 164 -24.44 0.35 9.17
N ASN F 165 -24.60 0.56 7.86
CA ASN F 165 -23.50 0.59 6.90
C ASN F 165 -22.98 2.00 6.74
N ASN F 166 -21.71 2.23 7.07
CA ASN F 166 -21.19 3.59 7.11
C ASN F 166 -21.09 4.21 5.72
N THR F 167 -22.18 4.85 5.25
CA THR F 167 -22.23 5.40 3.90
C THR F 167 -21.24 6.56 3.73
N ASN F 168 -20.97 7.30 4.82
CA ASN F 168 -20.07 8.44 4.75
C ASN F 168 -18.63 8.00 4.50
N ARG F 169 -17.88 8.86 3.81
CA ARG F 169 -16.48 8.62 3.49
C ARG F 169 -15.60 8.96 4.69
N GLU F 170 -16.16 8.84 5.90
CA GLU F 170 -15.53 9.40 7.09
C GLU F 170 -15.62 8.38 8.23
N ASP F 171 -14.52 8.18 8.96
CA ASP F 171 -14.56 7.22 10.06
C ASP F 171 -15.58 7.66 11.10
N LEU F 172 -16.31 6.70 11.67
CA LEU F 172 -17.48 7.05 12.46
C LEU F 172 -17.39 6.40 13.86
N LEU F 173 -17.62 7.20 14.92
CA LEU F 173 -17.62 6.74 16.31
C LEU F 173 -19.02 6.33 16.73
N ILE F 174 -19.19 5.08 17.14
CA ILE F 174 -20.47 4.52 17.54
C ILE F 174 -20.34 4.05 18.97
N LEU F 175 -21.31 4.40 19.82
CA LEU F 175 -21.26 4.00 21.22
C LEU F 175 -22.54 3.26 21.57
N TRP F 176 -22.39 2.08 22.17
CA TRP F 176 -23.51 1.27 22.66
C TRP F 176 -23.22 0.83 24.09
N GLY F 177 -24.27 0.37 24.77
CA GLY F 177 -24.11 -0.01 26.17
C GLY F 177 -24.89 -1.26 26.53
N ILE F 178 -24.62 -1.72 27.75
CA ILE F 178 -25.34 -2.82 28.38
C ILE F 178 -25.74 -2.35 29.76
N HIS F 179 -26.88 -2.85 30.24
CA HIS F 179 -27.40 -2.50 31.56
C HIS F 179 -27.41 -3.72 32.47
N HIS F 180 -26.98 -3.53 33.73
CA HIS F 180 -26.90 -4.59 34.74
C HIS F 180 -28.02 -4.43 35.75
N SER F 181 -28.87 -5.45 35.85
CA SER F 181 -30.03 -5.48 36.72
C SER F 181 -29.63 -5.86 38.15
N ASN F 182 -30.51 -5.51 39.09
CA ASN F 182 -30.29 -5.75 40.51
C ASN F 182 -30.80 -7.11 40.98
N ASN F 183 -31.98 -7.52 40.52
CA ASN F 183 -32.59 -8.78 40.94
C ASN F 183 -33.10 -9.56 39.75
N ALA F 184 -33.22 -10.88 39.93
CA ALA F 184 -33.79 -11.70 38.88
C ALA F 184 -35.21 -11.26 38.53
N GLU F 185 -35.96 -10.76 39.52
CA GLU F 185 -37.29 -10.25 39.25
C GLU F 185 -37.26 -8.91 38.52
N GLU F 186 -36.25 -8.07 38.81
CA GLU F 186 -36.07 -6.86 38.04
C GLU F 186 -35.85 -7.16 36.58
N GLN F 187 -35.16 -8.28 36.28
CA GLN F 187 -34.98 -8.68 34.90
C GLN F 187 -36.33 -8.95 34.23
N THR F 188 -37.19 -9.74 34.87
CA THR F 188 -38.48 -10.05 34.25
C THR F 188 -39.36 -8.83 34.12
N ASN F 189 -39.24 -7.88 35.05
CA ASN F 189 -40.08 -6.69 35.03
C ASN F 189 -39.68 -5.75 33.90
N LEU F 190 -38.43 -5.83 33.45
CA LEU F 190 -37.89 -4.89 32.45
C LEU F 190 -37.72 -5.51 31.07
N TYR F 191 -37.23 -6.74 30.98
CA TYR F 191 -36.96 -7.34 29.67
C TYR F 191 -37.60 -8.71 29.48
N LYS F 192 -38.31 -9.21 30.49
CA LYS F 192 -39.00 -10.50 30.44
C LYS F 192 -38.02 -11.67 30.40
N ASN F 193 -37.14 -11.73 29.41
CA ASN F 193 -36.30 -12.91 29.25
C ASN F 193 -35.35 -13.07 30.44
N PRO F 194 -35.22 -14.28 31.03
CA PRO F 194 -34.27 -14.50 32.14
C PRO F 194 -32.81 -14.41 31.74
N THR F 195 -32.41 -15.14 30.69
CA THR F 195 -31.04 -15.16 30.18
C THR F 195 -30.88 -14.18 29.01
N THR F 196 -29.81 -13.37 29.05
CA THR F 196 -29.67 -12.19 28.20
C THR F 196 -28.28 -12.18 27.58
N TYR F 197 -28.18 -11.63 26.37
CA TYR F 197 -26.88 -11.44 25.72
C TYR F 197 -27.02 -10.32 24.71
N ILE F 198 -25.94 -9.57 24.53
CA ILE F 198 -25.78 -8.63 23.43
C ILE F 198 -24.60 -9.11 22.60
N SER F 199 -24.74 -9.08 21.28
CA SER F 199 -23.67 -9.52 20.37
C SER F 199 -23.47 -8.45 19.32
N VAL F 200 -22.30 -7.81 19.34
CA VAL F 200 -21.94 -6.73 18.43
C VAL F 200 -20.76 -7.17 17.57
N GLY F 201 -20.84 -6.92 16.27
CA GLY F 201 -19.74 -7.33 15.41
C GLY F 201 -19.59 -6.53 14.14
N THR F 202 -18.35 -6.16 13.82
CA THR F 202 -18.02 -5.45 12.59
C THR F 202 -17.02 -6.26 11.82
N SER F 203 -16.15 -5.61 11.06
CA SER F 203 -15.08 -6.36 10.42
C SER F 203 -14.00 -6.71 11.42
N THR F 204 -13.87 -5.93 12.50
CA THR F 204 -12.82 -6.16 13.50
C THR F 204 -13.39 -6.44 14.88
N LEU F 205 -14.68 -6.68 14.99
CA LEU F 205 -15.29 -6.76 16.31
C LEU F 205 -16.03 -8.07 16.47
N ASN F 206 -15.93 -8.65 17.66
CA ASN F 206 -16.70 -9.83 17.99
C ASN F 206 -17.00 -9.87 19.50
N GLN F 207 -17.93 -9.02 19.96
CA GLN F 207 -18.31 -8.92 21.37
C GLN F 207 -19.46 -9.86 21.71
N ARG F 208 -19.51 -10.31 22.97
CA ARG F 208 -20.67 -11.02 23.50
C ARG F 208 -20.85 -10.55 24.94
N LEU F 209 -21.59 -9.45 25.11
CA LEU F 209 -21.77 -8.87 26.43
C LEU F 209 -22.97 -9.53 27.09
N VAL F 210 -22.72 -10.23 28.20
CA VAL F 210 -23.75 -10.93 28.95
C VAL F 210 -23.94 -10.20 30.28
N PRO F 211 -25.15 -9.75 30.61
CA PRO F 211 -25.38 -9.03 31.86
C PRO F 211 -25.16 -9.90 33.07
N LYS F 212 -24.59 -9.29 34.12
CA LYS F 212 -24.37 -9.95 35.39
C LYS F 212 -25.31 -9.37 36.43
N ILE F 213 -26.19 -10.20 36.96
CA ILE F 213 -27.22 -9.75 37.90
C ILE F 213 -26.75 -10.09 39.31
N ALA F 214 -26.44 -9.06 40.09
CA ALA F 214 -25.99 -9.25 41.46
C ALA F 214 -26.27 -7.97 42.25
N THR F 215 -26.05 -8.06 43.57
CA THR F 215 -26.25 -6.93 44.46
C THR F 215 -25.03 -6.00 44.38
N ARG F 216 -25.30 -4.69 44.39
CA ARG F 216 -24.31 -3.64 44.32
C ARG F 216 -24.77 -2.47 45.17
N SER F 217 -23.83 -1.58 45.47
CA SER F 217 -24.05 -0.42 46.33
C SER F 217 -24.75 0.71 45.57
N GLN F 218 -25.34 1.65 46.34
CA GLN F 218 -26.07 2.78 45.78
C GLN F 218 -25.09 3.86 45.30
N VAL F 219 -25.08 4.12 43.99
CA VAL F 219 -24.33 5.25 43.43
C VAL F 219 -25.33 6.12 42.68
N ASN F 220 -25.37 7.41 43.04
CA ASN F 220 -26.37 8.37 42.53
C ASN F 220 -27.79 7.82 42.64
N GLY F 221 -28.03 7.01 43.68
CA GLY F 221 -29.35 6.52 43.99
C GLY F 221 -29.75 5.20 43.35
N GLN F 222 -28.85 4.55 42.61
CA GLN F 222 -29.17 3.33 41.88
C GLN F 222 -28.10 2.27 42.12
N ARG F 223 -28.54 1.05 42.41
CA ARG F 223 -27.65 -0.11 42.45
C ARG F 223 -27.14 -0.48 41.07
N GLY F 224 -28.05 -0.51 40.08
CA GLY F 224 -27.67 -0.96 38.75
C GLY F 224 -26.67 -0.03 38.09
N ARG F 225 -25.94 -0.59 37.14
CA ARG F 225 -24.92 0.17 36.43
C ARG F 225 -25.06 -0.12 34.94
N MET F 226 -24.59 0.82 34.12
CA MET F 226 -24.62 0.67 32.67
C MET F 226 -23.22 0.91 32.12
N ASP F 227 -22.62 -0.17 31.61
CA ASP F 227 -21.30 -0.13 31.01
C ASP F 227 -21.43 0.13 29.52
N PHE F 228 -20.77 1.19 29.05
CA PHE F 228 -20.80 1.61 27.65
C PHE F 228 -19.52 1.20 26.94
N PHE F 229 -19.65 0.92 25.66
CA PHE F 229 -18.53 0.50 24.83
C PHE F 229 -18.52 1.32 23.55
N TRP F 230 -17.39 1.31 22.87
CA TRP F 230 -17.24 2.12 21.67
C TRP F 230 -16.33 1.43 20.67
N THR F 231 -16.57 1.75 19.39
CA THR F 231 -15.79 1.27 18.26
C THR F 231 -15.72 2.34 17.18
N ILE F 232 -14.78 2.15 16.26
CA ILE F 232 -14.62 3.04 15.11
C ILE F 232 -15.02 2.25 13.87
N LEU F 233 -16.16 2.59 13.30
CA LEU F 233 -16.65 1.93 12.09
C LEU F 233 -16.00 2.58 10.87
N LYS F 234 -15.11 1.86 10.18
CA LYS F 234 -14.47 2.41 9.00
C LYS F 234 -15.49 2.59 7.86
N PRO F 235 -15.17 3.43 6.87
CA PRO F 235 -16.06 3.57 5.72
C PRO F 235 -16.34 2.23 5.05
N ASP F 236 -17.61 1.99 4.73
CA ASP F 236 -18.09 0.82 3.99
C ASP F 236 -17.99 -0.46 4.83
N ASP F 237 -18.08 -0.34 6.15
CA ASP F 237 -18.22 -1.50 7.02
C ASP F 237 -19.57 -1.37 7.74
N ALA F 238 -19.95 -2.40 8.49
CA ALA F 238 -21.26 -2.41 9.14
C ALA F 238 -21.13 -2.79 10.60
N ILE F 239 -22.10 -2.38 11.41
CA ILE F 239 -21.97 -2.54 12.83
C ILE F 239 -22.62 -3.83 13.36
N HIS F 240 -23.73 -4.30 12.77
CA HIS F 240 -24.32 -5.61 13.09
C HIS F 240 -24.57 -5.79 14.60
N PHE F 241 -25.41 -4.93 15.17
CA PHE F 241 -25.87 -5.12 16.53
C PHE F 241 -26.84 -6.30 16.61
N GLU F 242 -26.92 -6.92 17.79
CA GLU F 242 -27.93 -7.94 18.07
C GLU F 242 -28.04 -8.10 19.57
N SER F 243 -29.27 -8.28 20.07
CA SER F 243 -29.43 -8.35 21.51
C SER F 243 -30.74 -9.03 21.88
N ASN F 244 -30.67 -9.94 22.86
CA ASN F 244 -31.85 -10.53 23.45
C ASN F 244 -32.50 -9.64 24.52
N GLY F 245 -31.76 -8.69 25.07
CA GLY F 245 -32.30 -7.83 26.11
C GLY F 245 -31.17 -6.99 26.68
N ASN F 246 -31.54 -6.11 27.59
CA ASN F 246 -30.56 -5.30 28.33
C ASN F 246 -29.71 -4.43 27.41
N PHE F 247 -30.27 -4.01 26.28
CA PHE F 247 -29.51 -3.29 25.27
C PHE F 247 -29.74 -1.79 25.40
N ILE F 248 -28.65 -1.04 25.41
CA ILE F 248 -28.67 0.41 25.30
C ILE F 248 -28.24 0.83 23.91
N ALA F 249 -29.16 0.72 22.94
CA ALA F 249 -28.82 0.87 21.54
C ALA F 249 -28.50 2.33 21.20
N PRO F 250 -27.57 2.56 20.27
CA PRO F 250 -27.24 3.93 19.85
C PRO F 250 -28.32 4.48 18.94
N GLU F 251 -28.34 5.81 18.79
CA GLU F 251 -29.16 6.39 17.74
C GLU F 251 -28.40 7.52 17.06
N TYR F 252 -27.82 8.44 17.84
CA TYR F 252 -26.89 9.40 17.27
C TYR F 252 -25.48 8.81 17.31
N ALA F 253 -24.61 9.29 16.41
CA ALA F 253 -23.20 8.88 16.38
C ALA F 253 -22.36 10.05 15.84
N TYR F 254 -21.05 9.91 15.92
CA TYR F 254 -20.14 11.01 15.65
C TYR F 254 -19.22 10.68 14.47
N LYS F 255 -19.19 11.58 13.50
CA LYS F 255 -18.23 11.46 12.40
C LYS F 255 -16.87 12.04 12.80
N ILE F 256 -15.81 11.24 12.63
CA ILE F 256 -14.47 11.58 13.11
C ILE F 256 -13.50 11.68 11.95
N VAL F 257 -12.73 12.77 11.90
CA VAL F 257 -11.55 12.88 11.05
C VAL F 257 -10.37 13.16 11.96
N LYS F 258 -9.41 12.23 12.00
CA LYS F 258 -8.33 12.27 12.98
C LYS F 258 -7.01 12.54 12.27
N LYS F 259 -6.37 13.65 12.63
CA LYS F 259 -5.03 13.95 12.12
C LYS F 259 -4.32 14.79 13.18
N GLY F 260 -3.39 14.17 13.89
CA GLY F 260 -2.76 14.87 15.00
C GLY F 260 -3.32 14.44 16.34
N ASP F 261 -2.47 14.49 17.37
CA ASP F 261 -2.87 14.18 18.73
C ASP F 261 -2.36 15.27 19.65
N SER F 262 -3.07 15.48 20.76
CA SER F 262 -2.68 16.46 21.76
C SER F 262 -3.59 16.29 22.97
N THR F 263 -3.02 15.89 24.11
CA THR F 263 -3.82 15.40 25.24
C THR F 263 -4.72 16.49 25.85
N ILE F 264 -5.55 16.05 26.80
CA ILE F 264 -6.47 16.86 27.58
C ILE F 264 -5.73 17.68 28.63
N MET F 265 -6.19 18.92 28.84
CA MET F 265 -5.58 19.86 29.79
C MET F 265 -6.57 20.12 30.92
N LYS F 266 -6.24 19.65 32.12
CA LYS F 266 -7.07 19.96 33.28
C LYS F 266 -6.77 21.41 33.69
N SER F 267 -7.74 22.29 33.53
CA SER F 267 -7.53 23.68 33.93
C SER F 267 -8.88 24.35 34.19
N GLY F 268 -8.82 25.43 34.95
CA GLY F 268 -10.00 26.24 35.25
C GLY F 268 -9.98 27.62 34.62
N VAL F 269 -8.87 27.98 33.96
CA VAL F 269 -8.73 29.32 33.37
C VAL F 269 -9.71 29.49 32.21
N GLU F 270 -10.03 30.73 31.92
CA GLU F 270 -11.00 31.00 30.86
C GLU F 270 -10.28 31.30 29.54
N TYR F 271 -11.02 31.13 28.46
CA TYR F 271 -10.52 31.49 27.14
C TYR F 271 -10.29 33.00 27.08
N GLY F 272 -9.22 33.39 26.38
CA GLY F 272 -8.82 34.78 26.27
C GLY F 272 -8.82 35.35 24.87
N HIS F 273 -9.39 34.62 23.92
CA HIS F 273 -9.47 35.06 22.52
C HIS F 273 -8.10 35.46 22.00
N CYS F 274 -7.15 34.55 22.15
CA CYS F 274 -5.78 34.77 21.76
C CYS F 274 -5.31 33.53 21.02
N ASN F 275 -4.07 33.56 20.56
CA ASN F 275 -3.44 32.41 19.93
C ASN F 275 -2.04 32.24 20.52
N THR F 276 -1.56 30.99 20.61
CA THR F 276 -0.23 30.74 21.14
C THR F 276 0.33 29.46 20.56
N LYS F 277 1.68 29.37 20.50
CA LYS F 277 2.37 28.12 20.17
C LYS F 277 2.43 27.21 21.39
N CYS F 278 2.27 27.78 22.58
CA CYS F 278 2.51 27.02 23.79
C CYS F 278 1.42 27.36 24.79
N GLN F 279 0.79 26.33 25.35
CA GLN F 279 -0.27 26.52 26.33
C GLN F 279 0.03 25.73 27.60
N THR F 280 -0.20 26.35 28.76
CA THR F 280 -0.08 25.73 30.07
C THR F 280 -1.35 25.93 30.86
N PRO F 281 -1.61 25.09 31.88
CA PRO F 281 -2.87 25.24 32.64
C PRO F 281 -3.01 26.58 33.36
N VAL F 282 -1.89 27.26 33.66
CA VAL F 282 -1.95 28.56 34.33
C VAL F 282 -2.13 29.68 33.31
N GLY F 283 -1.47 29.57 32.16
CA GLY F 283 -1.50 30.62 31.15
C GLY F 283 -0.77 30.14 29.92
N ALA F 284 -0.80 30.98 28.90
CA ALA F 284 -0.19 30.70 27.61
C ALA F 284 1.10 31.49 27.47
N ILE F 285 2.15 30.85 26.99
CA ILE F 285 3.46 31.47 26.87
C ILE F 285 3.72 31.78 25.41
N ASN F 286 4.02 33.04 25.12
CA ASN F 286 4.60 33.43 23.84
C ASN F 286 6.03 33.85 24.13
N SER F 287 6.98 32.99 23.75
CA SER F 287 8.37 33.24 24.09
C SER F 287 9.27 32.58 23.07
N SER F 288 10.44 33.20 22.89
CA SER F 288 11.53 32.64 22.13
C SER F 288 12.62 32.00 23.01
N MET F 289 12.62 32.28 24.32
CA MET F 289 13.68 31.80 25.18
C MET F 289 13.63 30.27 25.26
N PRO F 290 14.75 29.63 25.60
CA PRO F 290 14.79 28.16 25.62
C PRO F 290 14.20 27.48 26.87
N PHE F 291 14.03 28.18 27.98
CA PHE F 291 13.65 27.55 29.24
C PHE F 291 12.59 28.37 29.97
N HIS F 292 11.70 27.65 30.63
CA HIS F 292 10.60 28.26 31.37
C HIS F 292 10.43 27.54 32.71
N ASN F 293 9.63 28.15 33.60
CA ASN F 293 9.41 27.61 34.93
C ASN F 293 7.93 27.68 35.32
N ILE F 294 7.02 27.80 34.35
CA ILE F 294 5.60 28.05 34.63
C ILE F 294 4.89 26.79 35.08
N HIS F 295 4.84 25.76 34.25
CA HIS F 295 4.07 24.56 34.57
C HIS F 295 4.68 23.39 33.82
N PRO F 296 4.77 22.22 34.45
CA PRO F 296 5.25 21.04 33.71
C PRO F 296 4.30 20.59 32.59
N LEU F 297 2.99 20.68 32.79
CA LEU F 297 2.03 20.06 31.88
C LEU F 297 1.64 21.01 30.74
N THR F 298 2.57 21.18 29.80
CA THR F 298 2.38 22.10 28.68
C THR F 298 1.89 21.34 27.44
N ILE F 299 1.37 22.11 26.48
CA ILE F 299 0.92 21.60 25.19
C ILE F 299 1.38 22.56 24.11
N GLY F 300 2.14 22.05 23.14
CA GLY F 300 2.57 22.88 22.04
C GLY F 300 4.08 22.95 21.91
N GLU F 301 4.57 23.93 21.14
CA GLU F 301 6.00 24.16 21.04
C GLU F 301 6.42 25.00 22.24
N CYS F 302 7.00 24.36 23.25
CA CYS F 302 7.28 25.06 24.48
C CYS F 302 8.76 24.99 24.81
N PRO F 303 9.26 25.99 25.53
CA PRO F 303 10.59 25.88 26.12
C PRO F 303 10.67 24.72 27.11
N LYS F 304 11.91 24.28 27.36
CA LYS F 304 12.11 23.17 28.27
C LYS F 304 11.87 23.63 29.71
N TYR F 305 11.28 22.74 30.49
CA TYR F 305 10.97 23.01 31.90
C TYR F 305 12.23 22.81 32.76
N VAL F 306 12.47 23.76 33.65
CA VAL F 306 13.62 23.68 34.56
C VAL F 306 13.18 24.18 35.92
N LYS F 307 13.87 23.72 36.95
CA LYS F 307 13.58 24.12 38.32
C LYS F 307 14.25 25.43 38.72
N SER F 308 14.98 26.06 37.82
CA SER F 308 15.64 27.34 38.11
C SER F 308 14.62 28.45 38.30
N ASN F 309 14.92 29.38 39.19
CA ASN F 309 14.05 30.55 39.33
C ASN F 309 14.54 31.70 38.49
N LYS F 310 15.82 31.70 38.13
CA LYS F 310 16.38 32.71 37.25
C LYS F 310 17.61 32.12 36.56
N LEU F 311 17.87 32.56 35.32
CA LEU F 311 19.05 32.15 34.54
C LEU F 311 19.60 33.38 33.82
N VAL F 312 20.48 34.13 34.48
CA VAL F 312 20.93 35.43 33.99
C VAL F 312 22.28 35.28 33.29
N LEU F 313 22.33 35.65 32.01
CA LEU F 313 23.53 35.55 31.19
C LEU F 313 24.22 36.90 31.13
N ALA F 314 25.50 36.93 31.49
CA ALA F 314 26.24 38.18 31.47
C ALA F 314 26.48 38.63 30.03
N THR F 315 26.02 39.82 29.70
CA THR F 315 26.25 40.43 28.40
C THR F 315 27.14 41.66 28.43
N GLY F 316 27.15 42.40 29.53
CA GLY F 316 27.98 43.58 29.63
C GLY F 316 29.34 43.35 30.26
N LEU F 317 29.66 44.11 31.30
CA LEU F 317 30.93 43.92 31.99
C LEU F 317 30.79 44.39 33.43
N ARG F 318 31.76 44.00 34.27
CA ARG F 318 31.74 44.30 35.69
C ARG F 318 31.53 45.79 35.97
N ASN F 319 30.69 46.09 36.96
CA ASN F 319 30.27 47.45 37.26
C ASN F 319 30.61 47.78 38.71
N SER F 320 31.23 48.95 38.93
CA SER F 320 31.64 49.35 40.27
C SER F 320 30.45 49.88 41.06
N ILE F 335 42.07 45.31 43.54
CA ILE F 335 43.43 44.88 43.85
C ILE F 335 44.02 44.09 42.67
N ALA F 336 45.29 44.35 42.37
CA ALA F 336 46.02 43.67 41.29
C ALA F 336 45.36 43.89 39.92
N GLY F 337 44.97 45.13 39.65
CA GLY F 337 44.37 45.51 38.37
C GLY F 337 44.80 46.90 37.90
N PHE F 338 45.31 47.00 36.67
CA PHE F 338 45.83 48.27 36.18
C PHE F 338 44.72 49.32 36.06
N ILE F 339 43.54 48.93 35.58
CA ILE F 339 42.36 49.77 35.62
C ILE F 339 41.48 49.23 36.75
N GLU F 340 41.41 49.96 37.86
CA GLU F 340 40.79 49.42 39.07
C GLU F 340 39.28 49.27 38.93
N GLY F 341 38.63 50.19 38.23
CA GLY F 341 37.20 50.06 38.06
C GLY F 341 36.68 50.77 36.82
N GLY F 342 35.35 50.82 36.73
CA GLY F 342 34.71 51.52 35.64
C GLY F 342 34.70 53.02 35.86
N TRP F 343 34.61 53.73 34.74
CA TRP F 343 34.62 55.18 34.79
C TRP F 343 33.26 55.75 35.14
N GLN F 344 32.18 55.14 34.64
CA GLN F 344 30.81 55.60 34.86
C GLN F 344 30.54 56.93 34.16
N GLY F 345 31.59 57.56 33.65
CA GLY F 345 31.44 58.77 32.86
C GLY F 345 31.58 58.42 31.39
N MET F 346 32.11 57.24 31.14
CA MET F 346 32.22 56.73 29.78
C MET F 346 30.85 56.32 29.27
N VAL F 347 30.45 56.88 28.12
CA VAL F 347 29.14 56.59 27.55
C VAL F 347 29.24 56.29 26.06
N ASP F 348 30.36 56.66 25.43
CA ASP F 348 30.51 56.46 23.98
C ASP F 348 30.69 54.99 23.61
N GLY F 349 31.40 54.23 24.43
CA GLY F 349 31.62 52.83 24.13
C GLY F 349 31.77 52.02 25.39
N TRP F 350 31.81 50.71 25.21
CA TRP F 350 32.01 49.81 26.34
C TRP F 350 33.44 49.92 26.86
N TYR F 351 34.42 49.87 25.97
CA TYR F 351 35.80 50.21 26.29
C TYR F 351 36.04 51.67 25.90
N GLY F 352 37.13 52.24 26.41
CA GLY F 352 37.35 53.65 26.17
C GLY F 352 38.77 54.11 26.42
N TYR F 353 39.06 55.30 25.90
CA TYR F 353 40.29 56.05 26.10
C TYR F 353 40.02 57.25 27.01
N HIS F 354 41.04 58.07 27.23
CA HIS F 354 40.92 59.20 28.13
C HIS F 354 42.04 60.18 27.84
N HIS F 355 41.78 61.46 28.11
CA HIS F 355 42.75 62.54 27.92
C HIS F 355 43.09 63.16 29.27
N SER F 356 44.36 63.56 29.43
CA SER F 356 44.81 64.18 30.68
C SER F 356 46.06 65.00 30.35
N ASN F 357 45.85 66.27 30.00
CA ASN F 357 46.94 67.20 29.73
C ASN F 357 46.37 68.62 29.86
N GLU F 358 47.27 69.61 29.75
CA GLU F 358 46.85 71.01 29.74
C GLU F 358 45.91 71.31 28.57
N GLN F 359 46.09 70.59 27.44
CA GLN F 359 45.28 70.82 26.24
C GLN F 359 43.86 70.28 26.39
N GLY F 360 43.67 69.22 27.16
CA GLY F 360 42.32 68.75 27.41
C GLY F 360 42.34 67.60 28.38
N SER F 361 41.14 67.28 28.88
CA SER F 361 40.93 66.15 29.77
C SER F 361 39.54 65.59 29.51
N GLY F 362 39.47 64.34 29.06
CA GLY F 362 38.18 63.75 28.77
C GLY F 362 38.27 62.25 28.64
N TYR F 363 37.26 61.69 27.95
CA TYR F 363 37.17 60.27 27.67
C TYR F 363 36.93 60.06 26.19
N ALA F 364 37.53 59.02 25.62
CA ALA F 364 37.29 58.68 24.23
C ALA F 364 36.89 57.20 24.15
N ALA F 365 36.78 56.65 22.94
CA ALA F 365 36.41 55.25 22.82
C ALA F 365 36.82 54.74 21.44
N ASP F 366 37.09 53.45 21.37
CA ASP F 366 37.41 52.77 20.11
C ASP F 366 36.12 52.12 19.64
N LYS F 367 35.43 52.78 18.70
CA LYS F 367 34.16 52.26 18.22
C LYS F 367 34.32 50.87 17.60
N GLU F 368 35.47 50.58 16.99
CA GLU F 368 35.70 49.28 16.39
C GLU F 368 35.66 48.16 17.43
N SER F 369 36.49 48.28 18.46
CA SER F 369 36.58 47.23 19.47
C SER F 369 35.29 47.10 20.27
N THR F 370 34.58 48.22 20.50
CA THR F 370 33.36 48.17 21.28
C THR F 370 32.26 47.39 20.55
N GLN F 371 31.93 47.81 19.32
CA GLN F 371 30.90 47.10 18.57
C GLN F 371 31.27 45.65 18.34
N LYS F 372 32.57 45.34 18.17
CA LYS F 372 33.00 43.97 18.02
C LYS F 372 32.64 43.14 19.26
N ALA F 373 32.72 43.77 20.43
CA ALA F 373 32.36 43.10 21.67
C ALA F 373 30.85 42.97 21.83
N ILE F 374 30.10 44.01 21.47
CA ILE F 374 28.65 43.94 21.57
C ILE F 374 28.09 42.91 20.60
N ASP F 375 28.71 42.81 19.41
CA ASP F 375 28.25 41.85 18.42
C ASP F 375 28.59 40.42 18.82
N GLY F 376 29.71 40.23 19.52
CA GLY F 376 30.08 38.88 19.94
C GLY F 376 29.22 38.38 21.09
N VAL F 377 29.01 39.22 22.10
CA VAL F 377 28.19 38.80 23.24
C VAL F 377 26.74 38.60 22.82
N THR F 378 26.25 39.43 21.89
CA THR F 378 24.90 39.24 21.37
C THR F 378 24.82 37.98 20.52
N ASN F 379 25.89 37.67 19.79
CA ASN F 379 25.98 36.38 19.11
C ASN F 379 26.03 35.23 20.10
N LYS F 380 26.67 35.43 21.26
CA LYS F 380 26.70 34.36 22.26
C LYS F 380 25.29 34.11 22.80
N VAL F 381 24.60 35.16 23.24
CA VAL F 381 23.26 34.96 23.80
C VAL F 381 22.31 34.48 22.71
N ASN F 382 22.49 34.94 21.48
CA ASN F 382 21.57 34.52 20.42
C ASN F 382 21.77 33.04 20.08
N SER F 383 23.02 32.60 20.03
CA SER F 383 23.33 31.20 19.72
C SER F 383 22.72 30.26 20.76
N ILE F 384 22.73 30.66 22.03
CA ILE F 384 22.18 29.82 23.09
C ILE F 384 20.67 29.71 22.97
N ILE F 385 20.02 30.78 22.50
CA ILE F 385 18.58 30.72 22.29
C ILE F 385 18.23 30.00 20.99
N ASP F 386 19.00 30.26 19.92
CA ASP F 386 18.63 29.81 18.58
C ASP F 386 18.78 28.31 18.43
N LYS F 387 19.88 27.76 18.95
CA LYS F 387 20.22 26.35 18.68
C LYS F 387 19.25 25.38 19.33
N MET F 388 18.36 25.84 20.21
CA MET F 388 17.41 24.95 20.86
C MET F 388 16.35 24.49 19.87
N ASN F 389 16.15 23.18 19.81
CA ASN F 389 15.13 22.54 18.97
C ASN F 389 13.92 22.27 19.85
N THR F 390 13.02 23.25 19.90
CA THR F 390 11.79 23.10 20.67
C THR F 390 10.62 22.73 19.79
N GLN F 391 10.87 22.37 18.54
CA GLN F 391 9.80 22.30 17.56
C GLN F 391 8.79 21.19 17.85
N PHE F 392 9.01 20.37 18.86
CA PHE F 392 8.13 19.23 19.07
C PHE F 392 6.91 19.64 19.89
N GLU F 393 5.77 19.05 19.55
CA GLU F 393 4.54 19.23 20.31
C GLU F 393 4.52 18.45 21.63
N ALA F 394 3.80 18.98 22.63
CA ALA F 394 3.87 18.50 24.00
C ALA F 394 2.59 17.80 24.46
N VAL F 395 2.64 17.29 25.70
CA VAL F 395 1.60 16.42 26.27
C VAL F 395 1.66 16.49 27.82
N GLY F 396 0.54 16.10 28.45
CA GLY F 396 0.32 16.06 29.89
C GLY F 396 0.14 14.64 30.41
N ARG F 397 -0.86 14.44 31.28
CA ARG F 397 -1.01 13.23 32.11
C ARG F 397 -2.32 12.51 31.82
N GLU F 398 -2.27 11.19 31.60
CA GLU F 398 -3.42 10.47 31.02
C GLU F 398 -3.45 9.00 31.44
N PHE F 399 -3.56 8.70 32.73
CA PHE F 399 -3.53 7.30 33.11
C PHE F 399 -4.52 7.02 34.24
N ASN F 400 -4.99 5.78 34.31
CA ASN F 400 -6.03 5.48 35.25
C ASN F 400 -5.44 4.94 36.55
N ASN F 401 -6.33 4.59 37.48
CA ASN F 401 -5.91 4.16 38.81
C ASN F 401 -5.14 2.85 38.75
N LEU F 402 -5.47 1.99 37.78
CA LEU F 402 -4.82 0.69 37.69
C LEU F 402 -3.65 0.69 36.71
N GLU F 403 -3.19 1.86 36.32
CA GLU F 403 -2.04 2.00 35.43
C GLU F 403 -0.95 2.84 36.12
N ARG F 404 -0.82 2.73 37.45
CA ARG F 404 0.09 3.62 38.17
C ARG F 404 1.54 3.22 38.03
N ARG F 405 1.84 1.97 37.66
CA ARG F 405 3.23 1.66 37.30
C ARG F 405 3.67 2.46 36.08
N ILE F 406 2.82 2.52 35.06
CA ILE F 406 3.14 3.27 33.86
C ILE F 406 3.14 4.77 34.15
N GLU F 407 2.22 5.22 35.00
CA GLU F 407 2.20 6.61 35.40
C GLU F 407 3.51 7.02 36.07
N ASN F 408 4.12 6.09 36.84
CA ASN F 408 5.43 6.35 37.45
C ASN F 408 6.51 6.44 36.38
N LEU F 409 6.39 5.63 35.34
CA LEU F 409 7.34 5.70 34.23
C LEU F 409 7.34 7.08 33.58
N ASN F 410 6.14 7.63 33.29
CA ASN F 410 6.04 9.01 32.80
C ASN F 410 6.70 9.98 33.78
N LYS F 411 6.44 9.83 35.09
CA LYS F 411 7.02 10.73 36.09
C LYS F 411 8.54 10.67 36.08
N LYS F 412 9.10 9.45 36.05
CA LYS F 412 10.55 9.31 35.98
C LYS F 412 11.09 9.97 34.72
N MET F 413 10.35 9.87 33.62
CA MET F 413 10.78 10.47 32.36
C MET F 413 10.75 12.01 32.44
N GLU F 414 9.64 12.57 32.94
CA GLU F 414 9.51 14.02 33.03
C GLU F 414 10.60 14.60 33.88
N ASP F 415 10.74 14.11 35.12
CA ASP F 415 11.72 14.64 36.04
C ASP F 415 13.14 14.26 35.66
N GLY F 416 13.35 13.10 35.06
CA GLY F 416 14.65 12.81 34.47
C GLY F 416 15.13 13.92 33.54
N PHE F 417 14.25 14.35 32.62
CA PHE F 417 14.58 15.44 31.71
C PHE F 417 14.68 16.79 32.42
N LEU F 418 13.88 16.98 33.47
CA LEU F 418 13.98 18.18 34.28
C LEU F 418 15.38 18.31 34.89
N ASP F 419 15.93 17.19 35.38
CA ASP F 419 17.29 17.24 35.90
C ASP F 419 18.29 17.55 34.80
N VAL F 420 18.11 16.95 33.61
CA VAL F 420 19.13 17.12 32.59
C VAL F 420 19.13 18.55 32.09
N TRP F 421 17.95 19.13 31.92
CA TRP F 421 17.86 20.49 31.38
C TRP F 421 18.28 21.54 32.41
N THR F 422 17.89 21.34 33.68
CA THR F 422 18.24 22.30 34.74
C THR F 422 19.74 22.32 35.00
N TYR F 423 20.35 21.15 35.15
CA TYR F 423 21.78 21.14 35.45
C TYR F 423 22.57 21.63 34.24
N ASN F 424 22.20 21.20 33.04
CA ASN F 424 22.94 21.63 31.85
C ASN F 424 22.81 23.12 31.63
N ALA F 425 21.58 23.65 31.66
CA ALA F 425 21.38 25.09 31.49
C ALA F 425 22.10 25.89 32.57
N GLU F 426 22.00 25.47 33.84
CA GLU F 426 22.57 26.28 34.92
C GLU F 426 24.08 26.37 34.81
N LEU F 427 24.73 25.25 34.49
CA LEU F 427 26.18 25.26 34.34
C LEU F 427 26.60 25.94 33.06
N LEU F 428 25.81 25.80 31.99
CA LEU F 428 26.12 26.50 30.75
C LEU F 428 26.18 28.01 30.97
N VAL F 429 25.20 28.55 31.70
CA VAL F 429 25.20 29.98 31.99
C VAL F 429 26.46 30.35 32.79
N LEU F 430 26.88 29.48 33.72
CA LEU F 430 28.04 29.81 34.54
C LEU F 430 29.31 29.88 33.71
N MET F 431 29.67 28.78 33.02
CA MET F 431 30.94 28.78 32.29
C MET F 431 30.96 29.79 31.16
N GLU F 432 29.80 30.11 30.60
CA GLU F 432 29.77 31.15 29.58
C GLU F 432 29.81 32.56 30.18
N ASN F 433 29.26 32.76 31.38
CA ASN F 433 29.42 34.03 32.07
C ASN F 433 30.87 34.30 32.40
N GLU F 434 31.64 33.25 32.71
CA GLU F 434 33.05 33.47 32.98
C GLU F 434 33.79 33.81 31.70
N ARG F 435 33.60 33.02 30.65
CA ARG F 435 34.26 33.32 29.39
C ARG F 435 33.88 34.70 28.86
N THR F 436 32.62 35.12 29.04
CA THR F 436 32.19 36.44 28.62
C THR F 436 33.03 37.54 29.27
N LEU F 437 33.22 37.45 30.59
CA LEU F 437 33.95 38.48 31.32
C LEU F 437 35.46 38.37 31.09
N ASP F 438 36.00 37.16 31.01
CA ASP F 438 37.46 37.00 30.95
C ASP F 438 38.04 37.55 29.66
N PHE F 439 37.27 37.58 28.57
CA PHE F 439 37.79 38.17 27.35
C PHE F 439 37.41 39.63 27.19
N HIS F 440 36.42 40.11 27.96
CA HIS F 440 36.31 41.56 28.15
C HIS F 440 37.61 42.13 28.68
N ASP F 441 38.23 41.43 29.65
CA ASP F 441 39.50 41.84 30.20
C ASP F 441 40.63 41.68 29.19
N SER F 442 40.57 40.60 28.39
CA SER F 442 41.60 40.38 27.37
C SER F 442 41.54 41.46 26.29
N ASN F 443 40.32 41.88 25.91
CA ASN F 443 40.21 42.93 24.90
C ASN F 443 40.76 44.25 25.41
N VAL F 444 40.53 44.56 26.68
CA VAL F 444 41.07 45.81 27.23
C VAL F 444 42.58 45.79 27.20
N LYS F 445 43.19 44.66 27.56
CA LYS F 445 44.65 44.58 27.56
C LYS F 445 45.23 44.72 26.15
N ASN F 446 44.49 44.27 25.12
CA ASN F 446 44.95 44.40 23.75
C ASN F 446 44.91 45.85 23.30
N LEU F 447 43.83 46.58 23.65
CA LEU F 447 43.77 48.01 23.39
C LEU F 447 44.83 48.77 24.19
N TYR F 448 45.11 48.31 25.41
CA TYR F 448 46.22 48.86 26.19
C TYR F 448 47.55 48.65 25.50
N ASP F 449 47.78 47.43 25.00
CA ASP F 449 49.05 47.14 24.34
C ASP F 449 49.18 47.89 23.02
N LYS F 450 48.07 48.18 22.32
CA LYS F 450 48.14 48.93 21.06
C LYS F 450 48.92 50.22 21.25
N VAL F 451 48.59 50.96 22.31
CA VAL F 451 49.31 52.20 22.58
C VAL F 451 50.75 51.92 23.00
N ARG F 452 50.97 50.82 23.71
CA ARG F 452 52.29 50.48 24.23
C ARG F 452 53.24 49.98 23.14
N LEU F 453 52.71 49.57 21.98
CA LEU F 453 53.57 49.00 20.94
C LEU F 453 54.65 49.98 20.50
N GLN F 454 54.30 51.25 20.30
CA GLN F 454 55.21 52.25 19.72
C GLN F 454 55.48 53.41 20.67
N LEU F 455 55.28 53.22 21.97
CA LEU F 455 55.52 54.28 22.94
C LEU F 455 56.53 53.86 24.00
N ARG F 456 57.53 53.08 23.61
CA ARG F 456 58.51 52.56 24.57
C ARG F 456 59.40 53.67 25.11
N ASP F 457 60.13 54.35 24.22
CA ASP F 457 60.99 55.44 24.66
C ASP F 457 60.19 56.70 24.97
N ASN F 458 59.08 56.93 24.26
CA ASN F 458 58.31 58.15 24.42
C ASN F 458 57.59 58.18 25.77
N ALA F 459 57.10 57.04 26.23
CA ALA F 459 56.29 56.99 27.43
C ALA F 459 56.85 55.98 28.41
N LYS F 460 56.43 56.09 29.66
CA LYS F 460 56.77 55.16 30.72
C LYS F 460 55.52 54.41 31.18
N GLU F 461 55.73 53.31 31.89
CA GLU F 461 54.63 52.48 32.38
C GLU F 461 54.14 53.06 33.70
N LEU F 462 52.94 53.66 33.68
CA LEU F 462 52.32 54.13 34.91
C LEU F 462 51.80 52.97 35.75
N GLY F 463 51.24 51.94 35.10
CA GLY F 463 50.54 50.89 35.80
C GLY F 463 49.22 51.29 36.42
N ASN F 464 48.78 52.53 36.19
CA ASN F 464 47.54 53.08 36.74
C ASN F 464 46.38 52.95 35.77
N GLY F 465 46.43 51.96 34.88
CA GLY F 465 45.54 51.97 33.75
C GLY F 465 45.75 53.13 32.80
N CYS F 466 46.87 53.86 32.94
CA CYS F 466 47.15 55.04 32.15
C CYS F 466 48.61 54.97 31.70
N PHE F 467 48.99 55.86 30.79
CA PHE F 467 50.35 55.89 30.26
C PHE F 467 51.07 57.16 30.68
N GLU F 468 52.39 57.04 30.91
CA GLU F 468 53.23 58.13 31.40
C GLU F 468 54.00 58.75 30.23
N PHE F 469 53.35 59.68 29.55
CA PHE F 469 53.94 60.35 28.41
C PHE F 469 54.89 61.45 28.89
N TYR F 470 56.17 61.34 28.55
CA TYR F 470 57.14 62.34 28.96
C TYR F 470 56.81 63.71 28.36
N HIS F 471 56.55 63.75 27.06
CA HIS F 471 56.33 64.99 26.33
C HIS F 471 54.86 65.39 26.36
N LYS F 472 54.57 66.57 25.83
CA LYS F 472 53.21 67.08 25.79
C LYS F 472 52.67 66.99 24.37
N CYS F 473 51.35 66.92 24.26
CA CYS F 473 50.70 66.81 22.97
C CYS F 473 49.33 67.47 23.01
N ASP F 474 48.89 67.94 21.84
CA ASP F 474 47.62 68.65 21.73
C ASP F 474 46.45 67.68 21.87
N ASN F 475 45.23 68.23 21.78
CA ASN F 475 44.05 67.39 21.78
C ASN F 475 44.06 66.45 20.59
N GLU F 476 44.56 66.93 19.44
CA GLU F 476 44.60 66.10 18.25
C GLU F 476 45.71 65.06 18.30
N CYS F 477 46.84 65.37 18.96
CA CYS F 477 47.91 64.39 19.08
C CYS F 477 47.52 63.23 19.99
N MET F 478 46.57 63.44 20.92
CA MET F 478 46.02 62.34 21.70
C MET F 478 45.28 61.35 20.79
N GLU F 479 44.57 61.87 19.80
CA GLU F 479 43.89 61.00 18.85
C GLU F 479 44.81 60.43 17.79
N SER F 480 46.13 60.50 18.01
CA SER F 480 47.09 59.98 17.02
C SER F 480 46.97 58.47 16.89
N VAL F 481 46.50 57.77 17.93
CA VAL F 481 46.29 56.33 17.84
C VAL F 481 45.18 56.03 16.84
N ARG F 482 44.06 56.75 16.97
CA ARG F 482 42.95 56.58 16.02
C ARG F 482 43.37 56.95 14.61
N ASN F 483 44.04 58.10 14.45
CA ASN F 483 44.47 58.59 13.14
C ASN F 483 45.68 57.83 12.59
N GLY F 484 46.24 56.89 13.34
CA GLY F 484 47.30 56.04 12.83
C GLY F 484 48.67 56.67 12.75
N THR F 485 48.95 57.68 13.55
CA THR F 485 50.25 58.35 13.57
C THR F 485 50.94 58.04 14.89
N TYR F 486 52.11 57.39 14.80
CA TYR F 486 52.92 57.04 15.96
C TYR F 486 54.32 57.60 15.76
N ASP F 487 54.69 58.57 16.59
CA ASP F 487 55.98 59.24 16.49
C ASP F 487 56.77 58.98 17.77
N TYR F 488 57.45 57.83 17.81
CA TYR F 488 58.33 57.47 18.92
C TYR F 488 59.74 58.07 18.77
N PRO F 489 60.36 58.09 17.55
CA PRO F 489 61.69 58.72 17.44
C PRO F 489 61.61 60.21 17.12
N GLN F 490 60.51 60.65 16.52
CA GLN F 490 60.32 62.06 16.21
C GLN F 490 60.23 62.90 17.47
N TYR F 491 59.52 62.42 18.48
CA TYR F 491 59.44 63.09 19.77
C TYR F 491 60.42 62.54 20.78
N SER F 492 61.28 61.59 20.38
CA SER F 492 62.21 60.97 21.33
C SER F 492 63.18 62.00 21.89
N GLU F 493 63.65 62.92 21.05
CA GLU F 493 64.60 63.94 21.46
C GLU F 493 63.97 65.01 22.34
N GLU F 494 62.68 64.95 22.64
CA GLU F 494 62.03 66.02 23.39
C GLU F 494 62.39 65.98 24.87
N ALA F 495 62.55 64.79 25.46
CA ALA F 495 62.87 64.70 26.89
C ALA F 495 63.57 63.38 27.15
N ARG F 496 64.80 63.26 26.61
CA ARG F 496 65.59 62.04 26.83
C ARG F 496 66.10 61.96 28.26
N LEU F 497 66.54 63.07 28.84
CA LEU F 497 67.08 63.09 30.18
C LEU F 497 66.13 63.74 31.18
N LYS F 498 64.82 63.61 30.92
CA LYS F 498 63.79 64.05 31.88
C LYS F 498 63.66 62.97 32.95
N ARG F 499 64.71 62.87 33.77
CA ARG F 499 64.88 61.80 34.75
C ARG F 499 64.99 62.38 36.15
N GLU F 500 64.87 61.49 37.14
CA GLU F 500 65.10 61.82 38.55
C GLU F 500 66.59 61.81 38.86
#